data_5M1G
#
_entry.id   5M1G
#
_entity_poly.entity_id   1
_entity_poly.type   'polypeptide(L)'
_entity_poly.pdbx_seq_one_letter_code
;RTHGTFPMHQLGNVIKGIVDQEGVATAYTLGMMLSGQNYQLVSGIIRGYLPGQAVVTALQQRLDQEIDDQTRAETFIQHL
NAVYEILGLNARGQSIRLE
;
_entity_poly.pdbx_strand_id   A,B
#
# COMPACT_ATOMS: atom_id res chain seq x y z
N ARG A 1 -12.53 16.52 3.32
CA ARG A 1 -12.65 15.05 3.28
C ARG A 1 -11.27 14.40 3.23
N THR A 2 -11.02 13.46 4.13
CA THR A 2 -9.73 12.80 4.21
C THR A 2 -9.87 11.27 4.22
N HIS A 3 -10.95 10.76 4.82
CA HIS A 3 -11.14 9.32 4.91
C HIS A 3 -12.58 8.94 5.24
N GLY A 4 -12.94 7.71 4.91
CA GLY A 4 -14.25 7.19 5.21
C GLY A 4 -14.19 5.76 5.71
N THR A 5 -13.38 4.95 5.06
CA THR A 5 -13.21 3.56 5.46
C THR A 5 -11.96 3.39 6.31
N PHE A 6 -10.81 3.81 5.77
CA PHE A 6 -9.54 3.70 6.48
C PHE A 6 -9.46 4.80 7.54
N PRO A 7 -9.13 4.42 8.78
CA PRO A 7 -8.94 5.35 9.91
C PRO A 7 -7.73 6.27 9.75
N MET A 8 -7.78 7.12 8.73
CA MET A 8 -6.76 8.11 8.44
C MET A 8 -6.74 9.20 9.52
N HIS A 9 -5.67 10.00 9.58
CA HIS A 9 -5.64 11.17 10.46
C HIS A 9 -6.69 12.18 9.99
N GLN A 10 -6.54 13.42 10.40
CA GLN A 10 -7.37 14.49 9.85
C GLN A 10 -6.95 14.78 8.40
N LEU A 11 -5.96 14.03 7.90
CA LEU A 11 -5.45 14.25 6.56
C LEU A 11 -4.80 13.00 5.94
N GLY A 12 -3.71 12.49 6.54
CA GLY A 12 -2.98 11.41 5.91
C GLY A 12 -2.11 10.60 6.87
N ASN A 13 -2.75 9.76 7.67
CA ASN A 13 -2.02 8.88 8.61
C ASN A 13 -1.19 7.89 7.84
N VAL A 14 -1.81 7.37 6.79
CA VAL A 14 -1.14 6.41 5.97
C VAL A 14 0.11 7.07 5.46
N ILE A 15 -0.02 8.30 5.00
CA ILE A 15 1.08 8.96 4.39
C ILE A 15 2.29 9.06 5.28
N LYS A 16 2.22 9.56 6.52
CA LYS A 16 3.46 9.69 7.32
C LYS A 16 4.11 8.35 7.57
N GLY A 17 3.31 7.42 8.06
CA GLY A 17 3.83 6.14 8.43
C GLY A 17 4.60 5.52 7.30
N ILE A 18 4.01 5.61 6.13
CA ILE A 18 4.59 5.04 4.93
C ILE A 18 5.80 5.81 4.43
N VAL A 19 5.85 7.13 4.59
CA VAL A 19 6.96 7.88 4.00
C VAL A 19 8.25 7.41 4.65
N ASP A 20 8.20 7.18 5.96
CA ASP A 20 9.34 6.65 6.68
C ASP A 20 9.63 5.18 6.36
N GLN A 21 8.58 4.38 6.18
CA GLN A 21 8.74 2.93 6.06
C GLN A 21 8.98 2.49 4.62
N GLU A 22 8.19 3.01 3.70
CA GLU A 22 8.20 2.55 2.33
C GLU A 22 8.55 3.68 1.37
N GLY A 23 8.38 4.91 1.82
CA GLY A 23 8.70 6.06 1.01
C GLY A 23 7.48 6.77 0.48
N VAL A 24 7.69 8.01 0.05
CA VAL A 24 6.62 8.88 -0.40
C VAL A 24 5.75 8.29 -1.49
N ALA A 25 6.33 7.67 -2.50
CA ALA A 25 5.51 7.12 -3.59
C ALA A 25 4.58 6.00 -3.12
N THR A 26 4.98 5.24 -2.10
CA THR A 26 4.06 4.25 -1.53
C THR A 26 3.06 4.94 -0.63
N ALA A 27 3.51 5.90 0.17
CA ALA A 27 2.63 6.68 1.03
C ALA A 27 1.60 7.38 0.18
N TYR A 28 2.07 7.81 -0.97
CA TYR A 28 1.26 8.43 -1.98
C TYR A 28 0.27 7.44 -2.54
N THR A 29 0.78 6.28 -2.96
CA THR A 29 -0.03 5.20 -3.50
C THR A 29 -1.13 4.77 -2.54
N LEU A 30 -0.78 4.57 -1.29
CA LEU A 30 -1.72 4.07 -0.31
C LEU A 30 -2.73 5.14 0.05
N GLY A 31 -2.26 6.38 0.09
CA GLY A 31 -3.17 7.49 0.25
C GLY A 31 -4.20 7.52 -0.86
N MET A 32 -3.77 7.12 -2.06
CA MET A 32 -4.65 7.06 -3.22
C MET A 32 -5.68 5.94 -3.08
N MET A 33 -5.25 4.73 -2.71
CA MET A 33 -6.21 3.64 -2.61
C MET A 33 -7.15 3.81 -1.42
N LEU A 34 -6.59 4.22 -0.30
CA LEU A 34 -7.37 4.36 0.94
C LEU A 34 -8.28 5.58 0.96
N SER A 35 -7.75 6.73 0.58
CA SER A 35 -8.51 7.97 0.70
C SER A 35 -9.38 8.17 -0.52
N GLY A 36 -9.05 7.43 -1.55
CA GLY A 36 -9.68 7.63 -2.82
C GLY A 36 -8.72 8.30 -3.77
N GLN A 37 -9.17 8.59 -4.96
CA GLN A 37 -8.31 9.13 -5.99
C GLN A 37 -8.11 10.63 -5.80
N ASN A 38 -8.28 11.07 -4.56
CA ASN A 38 -8.18 12.47 -4.18
C ASN A 38 -6.73 12.96 -4.26
N TYR A 39 -6.28 13.18 -5.48
CA TYR A 39 -4.96 13.71 -5.78
C TYR A 39 -4.66 14.95 -4.96
N GLN A 40 -5.66 15.81 -4.81
CA GLN A 40 -5.51 17.03 -4.03
C GLN A 40 -5.03 16.72 -2.62
N LEU A 41 -5.64 15.73 -2.00
CA LEU A 41 -5.31 15.39 -0.64
C LEU A 41 -3.92 14.80 -0.54
N VAL A 42 -3.61 13.82 -1.40
CA VAL A 42 -2.33 13.14 -1.30
C VAL A 42 -1.19 14.08 -1.62
N SER A 43 -1.37 14.90 -2.63
CA SER A 43 -0.34 15.83 -3.04
C SER A 43 -0.12 16.87 -1.96
N GLY A 44 -1.21 17.31 -1.35
CA GLY A 44 -1.10 18.25 -0.26
C GLY A 44 -0.43 17.63 0.96
N ILE A 45 -0.77 16.37 1.22
CA ILE A 45 -0.26 15.68 2.39
C ILE A 45 1.21 15.32 2.23
N ILE A 46 1.57 14.64 1.13
CA ILE A 46 2.91 14.10 0.94
C ILE A 46 3.89 15.21 0.64
N ARG A 47 3.38 16.32 0.12
CA ARG A 47 4.22 17.46 -0.27
C ARG A 47 5.08 17.93 0.88
N GLY A 48 4.55 17.78 2.07
CA GLY A 48 5.29 18.16 3.25
C GLY A 48 6.20 17.05 3.70
N TYR A 49 6.00 15.86 3.14
CA TYR A 49 6.71 14.67 3.58
C TYR A 49 7.63 14.20 2.47
N LEU A 50 7.61 14.95 1.38
CA LEU A 50 8.45 14.69 0.23
C LEU A 50 9.91 14.92 0.62
N PRO A 51 10.79 13.93 0.31
CA PRO A 51 12.24 13.96 0.59
C PRO A 51 12.84 15.36 0.74
N GLY A 52 12.75 16.14 -0.32
CA GLY A 52 13.22 17.50 -0.31
C GLY A 52 12.43 18.32 -1.30
N GLN A 53 12.86 19.55 -1.56
CA GLN A 53 12.14 20.40 -2.50
C GLN A 53 12.24 19.83 -3.91
N ALA A 54 13.31 19.09 -4.17
CA ALA A 54 13.55 18.53 -5.49
C ALA A 54 12.49 17.49 -5.87
N VAL A 55 12.13 16.61 -4.94
CA VAL A 55 11.19 15.54 -5.23
C VAL A 55 9.79 16.12 -5.49
N VAL A 56 9.40 17.10 -4.68
CA VAL A 56 8.14 17.81 -4.88
C VAL A 56 8.18 18.65 -6.14
N THR A 57 9.36 19.13 -6.48
CA THR A 57 9.52 19.93 -7.66
C THR A 57 9.28 19.07 -8.87
N ALA A 58 9.97 17.95 -8.91
CA ALA A 58 9.81 16.99 -9.95
C ALA A 58 8.40 16.49 -10.06
N LEU A 59 7.74 16.30 -8.93
CA LEU A 59 6.39 15.81 -8.93
C LEU A 59 5.48 16.90 -9.47
N GLN A 60 5.68 18.08 -8.96
CA GLN A 60 4.98 19.26 -9.44
C GLN A 60 5.21 19.47 -10.92
N GLN A 61 6.43 19.22 -11.35
CA GLN A 61 6.81 19.24 -12.74
C GLN A 61 5.91 18.33 -13.58
N ARG A 62 5.76 17.11 -13.10
CA ARG A 62 4.81 16.16 -13.67
C ARG A 62 3.39 16.72 -13.68
N LEU A 63 3.01 17.41 -12.61
CA LEU A 63 1.68 18.00 -12.51
C LEU A 63 1.55 19.18 -13.46
N ASP A 64 2.65 19.87 -13.64
CA ASP A 64 2.74 20.96 -14.60
C ASP A 64 2.46 20.47 -16.00
N GLN A 65 2.94 19.27 -16.28
CA GLN A 65 2.70 18.63 -17.56
C GLN A 65 1.26 18.17 -17.67
N GLU A 66 0.66 17.85 -16.51
CA GLU A 66 -0.78 17.52 -16.37
C GLU A 66 -1.38 16.83 -17.60
N ILE A 67 -1.47 15.50 -17.57
CA ILE A 67 -2.07 14.76 -18.68
C ILE A 67 -3.56 15.08 -18.78
N ASP A 68 -4.17 15.25 -17.63
CA ASP A 68 -5.58 15.54 -17.47
C ASP A 68 -5.77 16.00 -16.05
N ASP A 69 -7.00 16.18 -15.60
CA ASP A 69 -7.22 16.51 -14.21
C ASP A 69 -7.09 15.25 -13.36
N GLN A 70 -7.95 14.27 -13.62
CA GLN A 70 -7.88 12.98 -12.92
C GLN A 70 -6.64 12.16 -13.30
N THR A 71 -6.10 12.37 -14.50
CA THR A 71 -4.98 11.55 -14.95
C THR A 71 -3.71 11.91 -14.17
N ARG A 72 -3.68 13.13 -13.61
CA ARG A 72 -2.61 13.49 -12.68
C ARG A 72 -2.56 12.42 -11.62
N ALA A 73 -3.71 12.21 -11.00
CA ALA A 73 -3.90 11.16 -10.00
C ALA A 73 -3.57 9.77 -10.54
N GLU A 74 -4.12 9.45 -11.69
CA GLU A 74 -3.94 8.13 -12.32
C GLU A 74 -2.48 7.75 -12.42
N THR A 75 -1.64 8.74 -12.67
CA THR A 75 -0.22 8.51 -12.86
C THR A 75 0.60 9.25 -11.79
N PHE A 76 -0.07 9.66 -10.72
CA PHE A 76 0.55 10.54 -9.72
C PHE A 76 1.82 9.92 -9.14
N ILE A 77 1.73 8.66 -8.76
CA ILE A 77 2.86 7.96 -8.17
C ILE A 77 3.86 7.54 -9.25
N GLN A 78 3.35 7.23 -10.43
CA GLN A 78 4.22 6.98 -11.57
C GLN A 78 5.07 8.22 -11.82
N HIS A 79 4.47 9.36 -11.58
CA HIS A 79 5.13 10.64 -11.70
C HIS A 79 6.11 10.85 -10.55
N LEU A 80 5.81 10.26 -9.40
CA LEU A 80 6.68 10.36 -8.22
C LEU A 80 7.92 9.50 -8.43
N ASN A 81 7.73 8.40 -9.11
CA ASN A 81 8.83 7.51 -9.46
C ASN A 81 9.65 8.17 -10.56
N ALA A 82 8.94 8.82 -11.46
CA ALA A 82 9.54 9.69 -12.46
C ALA A 82 10.38 10.76 -11.77
N VAL A 83 9.91 11.17 -10.62
CA VAL A 83 10.62 12.11 -9.79
C VAL A 83 11.94 11.50 -9.41
N TYR A 84 11.85 10.27 -8.91
CA TYR A 84 13.01 9.49 -8.53
C TYR A 84 14.02 9.41 -9.69
N GLU A 85 13.50 9.49 -10.91
CA GLU A 85 14.35 9.38 -12.10
C GLU A 85 14.99 10.73 -12.38
N ILE A 86 14.20 11.76 -12.20
CA ILE A 86 14.62 13.14 -12.35
C ILE A 86 15.79 13.50 -11.42
N LEU A 87 15.61 13.27 -10.13
CA LEU A 87 16.60 13.72 -9.14
C LEU A 87 17.51 12.61 -8.62
N GLY A 88 17.22 11.35 -8.92
CA GLY A 88 18.08 10.28 -8.43
C GLY A 88 17.61 9.68 -7.10
N LEU A 89 16.31 9.64 -6.86
CA LEU A 89 15.79 8.98 -5.65
C LEU A 89 15.50 7.52 -5.92
N ASN A 90 15.37 6.75 -4.85
CA ASN A 90 14.92 5.37 -4.93
C ASN A 90 13.45 5.27 -4.52
N ALA A 91 12.89 4.07 -4.54
CA ALA A 91 11.47 3.89 -4.24
C ALA A 91 11.10 4.33 -2.83
N ARG A 92 12.08 4.39 -1.95
CA ARG A 92 11.84 4.63 -0.53
C ARG A 92 11.82 6.12 -0.22
N GLY A 93 11.88 6.95 -1.25
CA GLY A 93 11.92 8.39 -1.04
C GLY A 93 13.28 8.82 -0.53
N GLN A 94 14.24 7.92 -0.62
CA GLN A 94 15.61 8.18 -0.21
C GLN A 94 16.45 8.49 -1.43
N SER A 95 17.51 9.26 -1.25
CA SER A 95 18.40 9.55 -2.35
C SER A 95 19.52 8.53 -2.41
N ILE A 96 19.67 7.93 -3.56
CA ILE A 96 20.68 6.91 -3.78
C ILE A 96 22.00 7.54 -4.21
N ARG A 97 21.96 8.85 -4.35
CA ARG A 97 23.14 9.62 -4.70
C ARG A 97 23.39 10.70 -3.66
N LEU A 98 24.57 11.29 -3.68
CA LEU A 98 24.90 12.36 -2.75
C LEU A 98 25.07 13.67 -3.51
N GLU A 99 24.52 14.73 -2.96
CA GLU A 99 24.61 16.05 -3.58
C GLU A 99 25.70 16.86 -2.91
N ARG B 1 3.45 -7.01 19.47
CA ARG B 1 3.94 -5.92 18.60
C ARG B 1 3.07 -5.83 17.35
N THR B 2 2.58 -4.63 17.07
CA THR B 2 1.70 -4.41 15.92
C THR B 2 2.19 -3.24 15.06
N HIS B 3 2.79 -2.22 15.69
CA HIS B 3 3.23 -1.05 14.94
C HIS B 3 4.22 -0.21 15.73
N GLY B 4 4.99 0.59 15.00
CA GLY B 4 5.94 1.50 15.62
C GLY B 4 5.94 2.84 14.95
N THR B 5 5.93 2.84 13.62
CA THR B 5 5.90 4.07 12.86
C THR B 5 4.48 4.42 12.42
N PHE B 6 3.83 3.48 11.74
CA PHE B 6 2.46 3.68 11.27
C PHE B 6 1.49 3.52 12.43
N PRO B 7 0.59 4.49 12.62
CA PRO B 7 -0.46 4.47 13.66
C PRO B 7 -1.52 3.37 13.42
N MET B 8 -1.08 2.13 13.48
CA MET B 8 -1.93 0.95 13.35
C MET B 8 -2.86 0.82 14.56
N HIS B 9 -3.91 -0.01 14.44
CA HIS B 9 -4.75 -0.33 15.60
C HIS B 9 -3.92 -1.10 16.62
N GLN B 10 -4.59 -1.81 17.52
CA GLN B 10 -3.88 -2.73 18.40
C GLN B 10 -3.41 -3.95 17.60
N LEU B 11 -3.67 -3.96 16.29
CA LEU B 11 -3.33 -5.10 15.46
C LEU B 11 -3.14 -4.70 13.98
N GLY B 12 -4.20 -4.23 13.31
CA GLY B 12 -4.11 -4.01 11.88
C GLY B 12 -5.15 -3.02 11.34
N ASN B 13 -4.93 -1.73 11.59
CA ASN B 13 -5.83 -0.69 11.08
C ASN B 13 -5.75 -0.65 9.58
N VAL B 14 -4.52 -0.76 9.10
CA VAL B 14 -4.29 -0.73 7.67
C VAL B 14 -5.12 -1.85 7.09
N ILE B 15 -5.05 -3.02 7.71
CA ILE B 15 -5.68 -4.17 7.16
C ILE B 15 -7.16 -3.98 6.94
N LYS B 16 -7.99 -3.55 7.91
CA LYS B 16 -9.43 -3.46 7.65
C LYS B 16 -9.75 -2.48 6.55
N GLY B 17 -9.19 -1.29 6.70
CA GLY B 17 -9.51 -0.23 5.77
C GLY B 17 -9.25 -0.68 4.36
N ILE B 18 -8.13 -1.32 4.17
CA ILE B 18 -7.71 -1.80 2.89
C ILE B 18 -8.53 -2.97 2.38
N VAL B 19 -8.99 -3.87 3.26
CA VAL B 19 -9.66 -5.06 2.77
C VAL B 19 -10.91 -4.65 2.02
N ASP B 20 -11.61 -3.65 2.57
CA ASP B 20 -12.78 -3.08 1.92
C ASP B 20 -12.44 -2.27 0.68
N GLN B 21 -11.33 -1.53 0.71
CA GLN B 21 -11.02 -0.57 -0.35
C GLN B 21 -10.24 -1.20 -1.50
N GLU B 22 -9.22 -1.96 -1.16
CA GLU B 22 -8.29 -2.49 -2.14
C GLU B 22 -8.25 -4.01 -2.13
N GLY B 23 -8.70 -4.59 -1.03
CA GLY B 23 -8.74 -6.03 -0.91
C GLY B 23 -7.67 -6.58 0.00
N VAL B 24 -7.88 -7.81 0.43
CA VAL B 24 -7.01 -8.48 1.39
C VAL B 24 -5.54 -8.49 0.99
N ALA B 25 -5.22 -8.82 -0.25
CA ALA B 25 -3.82 -8.88 -0.65
C ALA B 25 -3.12 -7.53 -0.55
N THR B 26 -3.84 -6.43 -0.76
CA THR B 26 -3.25 -5.11 -0.54
C THR B 26 -3.19 -4.82 0.95
N ALA B 27 -4.25 -5.14 1.66
CA ALA B 27 -4.29 -4.96 3.11
C ALA B 27 -3.17 -5.75 3.74
N TYR B 28 -2.94 -6.91 3.15
CA TYR B 28 -1.88 -7.79 3.52
C TYR B 28 -0.54 -7.15 3.21
N THR B 29 -0.40 -6.68 1.97
CA THR B 29 0.81 -6.02 1.52
C THR B 29 1.19 -4.82 2.39
N LEU B 30 0.22 -3.98 2.67
CA LEU B 30 0.47 -2.77 3.41
C LEU B 30 0.76 -3.09 4.86
N GLY B 31 0.08 -4.11 5.38
CA GLY B 31 0.40 -4.59 6.70
C GLY B 31 1.85 -5.05 6.77
N MET B 32 2.32 -5.61 5.67
CA MET B 32 3.70 -6.07 5.58
C MET B 32 4.68 -4.90 5.56
N MET B 33 4.44 -3.89 4.72
CA MET B 33 5.38 -2.77 4.67
C MET B 33 5.34 -1.92 5.93
N LEU B 34 4.15 -1.66 6.42
CA LEU B 34 3.96 -0.80 7.59
C LEU B 34 4.32 -1.46 8.91
N SER B 35 3.88 -2.68 9.13
CA SER B 35 4.07 -3.34 10.41
C SER B 35 5.41 -4.02 10.44
N GLY B 36 5.97 -4.20 9.27
CA GLY B 36 7.16 -4.99 9.13
C GLY B 36 6.82 -6.32 8.51
N GLN B 37 7.81 -7.16 8.35
CA GLN B 37 7.65 -8.43 7.66
C GLN B 37 7.01 -9.46 8.58
N ASN B 38 6.28 -8.97 9.57
CA ASN B 38 5.63 -9.80 10.58
C ASN B 38 4.45 -10.56 9.98
N TYR B 39 4.79 -11.61 9.23
CA TYR B 39 3.82 -12.51 8.62
C TYR B 39 2.80 -13.01 9.64
N GLN B 40 3.26 -13.29 10.84
CA GLN B 40 2.37 -13.75 11.91
C GLN B 40 1.24 -12.76 12.13
N LEU B 41 1.58 -11.49 12.20
CA LEU B 41 0.60 -10.47 12.47
C LEU B 41 -0.37 -10.31 11.32
N VAL B 42 0.14 -10.20 10.09
CA VAL B 42 -0.72 -9.95 8.95
C VAL B 42 -1.63 -11.14 8.70
N SER B 43 -1.08 -12.34 8.82
CA SER B 43 -1.85 -13.53 8.57
C SER B 43 -2.93 -13.67 9.62
N GLY B 44 -2.58 -13.35 10.86
CA GLY B 44 -3.55 -13.39 11.93
C GLY B 44 -4.62 -12.34 11.75
N ILE B 45 -4.22 -11.16 11.30
CA ILE B 45 -5.14 -10.04 11.15
C ILE B 45 -6.07 -10.25 9.96
N ILE B 46 -5.52 -10.53 8.77
CA ILE B 46 -6.29 -10.57 7.55
C ILE B 46 -7.13 -11.84 7.50
N ARG B 47 -6.71 -12.85 8.23
CA ARG B 47 -7.39 -14.15 8.24
C ARG B 47 -8.85 -13.99 8.61
N GLY B 48 -9.13 -13.00 9.42
CA GLY B 48 -10.49 -12.73 9.81
C GLY B 48 -11.19 -11.85 8.79
N TYR B 49 -10.39 -11.27 7.89
CA TYR B 49 -10.90 -10.30 6.94
C TYR B 49 -10.82 -10.88 5.55
N LEU B 50 -10.34 -12.11 5.49
CA LEU B 50 -10.22 -12.84 4.24
C LEU B 50 -11.63 -13.13 3.70
N PRO B 51 -11.88 -12.82 2.41
CA PRO B 51 -13.14 -13.02 1.70
C PRO B 51 -14.04 -14.11 2.29
N GLY B 52 -13.52 -15.33 2.30
CA GLY B 52 -14.23 -16.45 2.87
C GLY B 52 -13.25 -17.48 3.35
N GLN B 53 -13.72 -18.65 3.74
CA GLN B 53 -12.83 -19.68 4.24
C GLN B 53 -11.91 -20.18 3.11
N ALA B 54 -12.39 -20.06 1.88
CA ALA B 54 -11.63 -20.52 0.73
C ALA B 54 -10.35 -19.73 0.51
N VAL B 55 -10.42 -18.40 0.64
CA VAL B 55 -9.26 -17.56 0.40
C VAL B 55 -8.18 -17.81 1.46
N VAL B 56 -8.61 -17.92 2.72
CA VAL B 56 -7.71 -18.25 3.82
C VAL B 56 -7.19 -19.68 3.68
N THR B 57 -8.00 -20.54 3.09
CA THR B 57 -7.62 -21.92 2.92
C THR B 57 -6.50 -21.97 1.92
N ALA B 58 -6.73 -21.34 0.79
CA ALA B 58 -5.74 -21.24 -0.24
C ALA B 58 -4.47 -20.59 0.24
N LEU B 59 -4.61 -19.57 1.07
CA LEU B 59 -3.45 -18.88 1.58
C LEU B 59 -2.71 -19.79 2.53
N GLN B 60 -3.45 -20.40 3.41
CA GLN B 60 -2.92 -21.40 4.33
C GLN B 60 -2.28 -22.53 3.57
N GLN B 61 -2.88 -22.92 2.47
CA GLN B 61 -2.34 -23.90 1.55
C GLN B 61 -0.94 -23.51 1.11
N ARG B 62 -0.80 -22.27 0.67
CA ARG B 62 0.51 -21.69 0.36
C ARG B 62 1.46 -21.77 1.56
N LEU B 63 0.93 -21.52 2.75
CA LEU B 63 1.74 -21.55 3.96
C LEU B 63 2.11 -22.99 4.30
N ASP B 64 1.21 -23.90 3.98
CA ASP B 64 1.44 -25.32 4.13
C ASP B 64 2.62 -25.76 3.29
N GLN B 65 2.72 -25.16 2.12
CA GLN B 65 3.82 -25.44 1.21
C GLN B 65 5.11 -24.79 1.73
N GLU B 66 4.94 -23.68 2.47
CA GLU B 66 6.04 -23.00 3.20
C GLU B 66 7.41 -23.10 2.51
N ILE B 67 7.78 -22.08 1.75
CA ILE B 67 9.09 -22.07 1.08
C ILE B 67 10.21 -22.00 2.12
N ASP B 68 9.93 -21.25 3.17
CA ASP B 68 10.85 -21.01 4.27
C ASP B 68 10.03 -20.42 5.39
N ASP B 69 10.65 -19.97 6.46
CA ASP B 69 9.91 -19.28 7.50
C ASP B 69 9.61 -17.85 7.07
N GLN B 70 10.66 -17.07 6.83
CA GLN B 70 10.51 -15.71 6.33
C GLN B 70 9.99 -15.65 4.89
N THR B 71 10.24 -16.69 4.10
CA THR B 71 9.85 -16.64 2.69
C THR B 71 8.34 -16.74 2.55
N ARG B 72 7.68 -17.29 3.57
CA ARG B 72 6.23 -17.25 3.62
C ARG B 72 5.81 -15.81 3.46
N ALA B 73 6.37 -14.97 4.32
CA ALA B 73 6.18 -13.53 4.29
C ALA B 73 6.59 -12.91 2.94
N GLU B 74 7.79 -13.26 2.49
CA GLU B 74 8.35 -12.72 1.25
C GLU B 74 7.39 -12.87 0.09
N THR B 75 6.66 -13.97 0.08
CA THR B 75 5.74 -14.27 -1.00
C THR B 75 4.31 -14.35 -0.50
N PHE B 76 4.06 -13.83 0.69
CA PHE B 76 2.78 -14.00 1.38
C PHE B 76 1.61 -13.50 0.52
N ILE B 77 1.76 -12.30 -0.02
CA ILE B 77 0.72 -11.70 -0.84
C ILE B 77 0.71 -12.31 -2.24
N GLN B 78 1.88 -12.69 -2.72
CA GLN B 78 1.97 -13.44 -3.97
C GLN B 78 1.17 -14.73 -3.83
N HIS B 79 1.19 -15.27 -2.63
CA HIS B 79 0.44 -16.46 -2.30
C HIS B 79 -1.04 -16.15 -2.16
N LEU B 80 -1.35 -14.91 -1.79
CA LEU B 80 -2.75 -14.46 -1.64
C LEU B 80 -3.35 -14.27 -3.03
N ASN B 81 -2.52 -13.83 -3.95
CA ASN B 81 -2.95 -13.67 -5.33
C ASN B 81 -3.07 -15.04 -5.98
N ALA B 82 -2.15 -15.92 -5.59
CA ALA B 82 -2.22 -17.33 -5.90
C ALA B 82 -3.53 -17.91 -5.40
N VAL B 83 -3.97 -17.36 -4.27
CA VAL B 83 -5.24 -17.73 -3.70
C VAL B 83 -6.33 -17.37 -4.68
N TYR B 84 -6.25 -16.13 -5.15
CA TYR B 84 -7.17 -15.60 -6.15
C TYR B 84 -7.22 -16.51 -7.37
N GLU B 85 -6.11 -17.21 -7.63
CA GLU B 85 -6.02 -18.10 -8.79
C GLU B 85 -6.68 -19.43 -8.47
N ILE B 86 -6.43 -19.87 -7.26
CA ILE B 86 -7.01 -21.10 -6.72
C ILE B 86 -8.55 -21.07 -6.74
N LEU B 87 -9.13 -20.06 -6.12
CA LEU B 87 -10.58 -20.01 -5.94
C LEU B 87 -11.32 -19.08 -6.91
N GLY B 88 -10.60 -18.27 -7.67
CA GLY B 88 -11.28 -17.38 -8.61
C GLY B 88 -11.58 -15.99 -8.05
N LEU B 89 -10.72 -15.49 -7.17
CA LEU B 89 -10.88 -14.13 -6.66
C LEU B 89 -10.14 -13.13 -7.54
N ASN B 90 -10.49 -11.86 -7.40
CA ASN B 90 -9.75 -10.79 -8.04
C ASN B 90 -8.86 -10.09 -7.01
N ALA B 91 -8.13 -9.07 -7.44
CA ALA B 91 -7.18 -8.39 -6.56
C ALA B 91 -7.85 -7.74 -5.35
N ARG B 92 -9.14 -7.48 -5.46
CA ARG B 92 -9.86 -6.71 -4.44
C ARG B 92 -10.40 -7.62 -3.35
N GLY B 93 -10.04 -8.89 -3.39
CA GLY B 93 -10.55 -9.83 -2.42
C GLY B 93 -12.00 -10.19 -2.70
N GLN B 94 -12.45 -9.81 -3.88
CA GLN B 94 -13.80 -10.08 -4.32
C GLN B 94 -13.80 -11.29 -5.24
N SER B 95 -14.91 -12.01 -5.30
CA SER B 95 -14.99 -13.12 -6.22
C SER B 95 -15.56 -12.68 -7.55
N ILE B 96 -14.83 -13.01 -8.60
CA ILE B 96 -15.22 -12.64 -9.95
C ILE B 96 -16.13 -13.71 -10.55
N ARG B 97 -16.33 -14.76 -9.79
CA ARG B 97 -17.21 -15.83 -10.19
C ARG B 97 -18.29 -16.05 -9.13
N LEU B 98 -19.32 -16.80 -9.48
CA LEU B 98 -20.39 -17.09 -8.55
C LEU B 98 -20.40 -18.57 -8.20
N GLU B 99 -20.55 -18.87 -6.92
CA GLU B 99 -20.59 -20.25 -6.48
C GLU B 99 -22.03 -20.70 -6.30
N ARG A 1 -12.72 16.36 1.81
CA ARG A 1 -12.69 14.94 2.26
C ARG A 1 -11.26 14.48 2.45
N THR A 2 -11.01 13.74 3.51
CA THR A 2 -9.68 13.26 3.82
C THR A 2 -9.57 11.75 3.73
N HIS A 3 -10.65 11.03 4.02
CA HIS A 3 -10.56 9.59 4.13
C HIS A 3 -11.87 8.90 3.78
N GLY A 4 -11.79 7.62 3.48
CA GLY A 4 -12.98 6.82 3.31
C GLY A 4 -13.13 5.82 4.43
N THR A 5 -13.06 4.54 4.10
CA THR A 5 -13.17 3.48 5.09
C THR A 5 -12.02 3.52 6.09
N PHE A 6 -10.84 3.84 5.59
CA PHE A 6 -9.63 3.92 6.41
C PHE A 6 -9.60 5.25 7.17
N PRO A 7 -9.38 5.21 8.50
CA PRO A 7 -9.35 6.40 9.38
C PRO A 7 -8.45 7.56 8.86
N MET A 8 -7.13 7.37 8.93
CA MET A 8 -6.17 8.31 8.34
C MET A 8 -6.04 9.63 9.14
N HIS A 9 -5.85 9.52 10.46
CA HIS A 9 -5.79 10.67 11.38
C HIS A 9 -6.95 11.62 11.12
N GLN A 10 -6.66 12.68 10.38
CA GLN A 10 -7.66 13.62 9.93
C GLN A 10 -7.27 14.16 8.57
N LEU A 11 -6.33 13.46 7.92
CA LEU A 11 -5.69 14.01 6.74
C LEU A 11 -4.83 12.97 5.99
N GLY A 12 -3.95 12.27 6.69
CA GLY A 12 -3.00 11.42 6.01
C GLY A 12 -2.10 10.62 6.93
N ASN A 13 -2.68 9.92 7.92
CA ASN A 13 -1.90 9.06 8.83
C ASN A 13 -1.09 8.07 8.02
N VAL A 14 -1.73 7.55 6.98
CA VAL A 14 -1.06 6.58 6.14
C VAL A 14 0.19 7.22 5.60
N ILE A 15 0.08 8.45 5.12
CA ILE A 15 1.22 9.08 4.51
C ILE A 15 2.41 9.18 5.43
N LYS A 16 2.31 9.72 6.65
CA LYS A 16 3.52 9.91 7.46
C LYS A 16 4.20 8.60 7.79
N GLY A 17 3.41 7.66 8.29
CA GLY A 17 3.95 6.39 8.68
C GLY A 17 4.72 5.76 7.55
N ILE A 18 4.13 5.82 6.38
CA ILE A 18 4.69 5.22 5.19
C ILE A 18 5.91 5.96 4.65
N VAL A 19 5.95 7.30 4.77
CA VAL A 19 7.06 8.01 4.16
C VAL A 19 8.34 7.59 4.84
N ASP A 20 8.26 7.44 6.16
CA ASP A 20 9.38 6.93 6.94
C ASP A 20 9.74 5.49 6.60
N GLN A 21 8.75 4.64 6.40
CA GLN A 21 9.00 3.21 6.29
C GLN A 21 9.19 2.75 4.85
N GLU A 22 8.29 3.16 3.98
CA GLU A 22 8.24 2.66 2.62
C GLU A 22 8.57 3.76 1.61
N GLY A 23 8.43 5.00 2.04
CA GLY A 23 8.76 6.13 1.19
C GLY A 23 7.54 6.83 0.63
N VAL A 24 7.76 8.05 0.15
CA VAL A 24 6.70 8.92 -0.35
C VAL A 24 5.82 8.30 -1.42
N ALA A 25 6.39 7.62 -2.40
CA ALA A 25 5.57 7.09 -3.48
C ALA A 25 4.61 5.99 -2.99
N THR A 26 5.00 5.24 -1.97
CA THR A 26 4.07 4.27 -1.38
C THR A 26 3.07 4.98 -0.49
N ALA A 27 3.54 5.93 0.30
CA ALA A 27 2.66 6.74 1.14
C ALA A 27 1.65 7.43 0.27
N TYR A 28 2.14 7.85 -0.87
CA TYR A 28 1.33 8.49 -1.89
C TYR A 28 0.32 7.50 -2.45
N THR A 29 0.81 6.34 -2.87
CA THR A 29 -0.03 5.28 -3.40
C THR A 29 -1.13 4.86 -2.42
N LEU A 30 -0.78 4.66 -1.17
CA LEU A 30 -1.73 4.18 -0.20
C LEU A 30 -2.73 5.27 0.14
N GLY A 31 -2.25 6.51 0.19
CA GLY A 31 -3.17 7.61 0.34
C GLY A 31 -4.17 7.65 -0.79
N MET A 32 -3.72 7.25 -1.98
CA MET A 32 -4.59 7.17 -3.15
C MET A 32 -5.65 6.08 -3.00
N MET A 33 -5.27 4.88 -2.59
CA MET A 33 -6.28 3.84 -2.45
C MET A 33 -7.19 4.08 -1.24
N LEU A 34 -6.58 4.39 -0.11
CA LEU A 34 -7.30 4.55 1.17
C LEU A 34 -8.22 5.78 1.19
N SER A 35 -7.73 6.91 0.72
CA SER A 35 -8.52 8.13 0.78
C SER A 35 -9.43 8.23 -0.44
N GLY A 36 -9.01 7.54 -1.48
CA GLY A 36 -9.65 7.70 -2.76
C GLY A 36 -8.73 8.41 -3.71
N GLN A 37 -9.21 8.70 -4.89
CA GLN A 37 -8.38 9.24 -5.94
C GLN A 37 -8.15 10.74 -5.76
N ASN A 38 -8.26 11.16 -4.51
CA ASN A 38 -8.10 12.56 -4.12
C ASN A 38 -6.64 12.98 -4.21
N TYR A 39 -6.18 13.20 -5.43
CA TYR A 39 -4.81 13.64 -5.69
C TYR A 39 -4.46 14.90 -4.92
N GLN A 40 -5.42 15.82 -4.84
CA GLN A 40 -5.21 17.07 -4.10
C GLN A 40 -4.79 16.80 -2.67
N LEU A 41 -5.44 15.84 -2.04
CA LEU A 41 -5.16 15.53 -0.65
C LEU A 41 -3.78 14.92 -0.51
N VAL A 42 -3.47 13.92 -1.33
CA VAL A 42 -2.19 13.23 -1.22
C VAL A 42 -1.05 14.15 -1.57
N SER A 43 -1.25 14.97 -2.59
CA SER A 43 -0.21 15.88 -3.03
C SER A 43 0.04 16.91 -1.96
N GLY A 44 -1.03 17.38 -1.33
CA GLY A 44 -0.90 18.31 -0.24
C GLY A 44 -0.26 17.68 0.98
N ILE A 45 -0.61 16.43 1.26
CA ILE A 45 -0.11 15.75 2.44
C ILE A 45 1.37 15.37 2.27
N ILE A 46 1.70 14.70 1.16
CA ILE A 46 3.04 14.14 0.95
C ILE A 46 4.01 15.25 0.64
N ARG A 47 3.51 16.37 0.14
CA ARG A 47 4.34 17.51 -0.22
C ARG A 47 5.19 17.93 0.99
N GLY A 48 4.65 17.72 2.16
CA GLY A 48 5.36 18.05 3.37
C GLY A 48 6.26 16.91 3.81
N TYR A 49 6.20 15.79 3.09
CA TYR A 49 7.00 14.63 3.42
C TYR A 49 7.89 14.26 2.26
N LEU A 50 7.80 15.05 1.20
CA LEU A 50 8.60 14.82 0.03
C LEU A 50 10.07 15.05 0.38
N PRO A 51 10.94 14.06 0.08
CA PRO A 51 12.38 14.08 0.33
C PRO A 51 12.99 15.47 0.48
N GLY A 52 13.07 16.18 -0.63
CA GLY A 52 13.55 17.55 -0.63
C GLY A 52 12.69 18.40 -1.52
N GLN A 53 13.14 19.60 -1.83
CA GLN A 53 12.37 20.47 -2.71
C GLN A 53 12.38 19.91 -4.13
N ALA A 54 13.42 19.18 -4.46
CA ALA A 54 13.60 18.65 -5.81
C ALA A 54 12.56 17.58 -6.15
N VAL A 55 12.23 16.72 -5.19
CA VAL A 55 11.28 15.63 -5.44
C VAL A 55 9.87 16.19 -5.66
N VAL A 56 9.47 17.14 -4.82
CA VAL A 56 8.20 17.82 -4.98
C VAL A 56 8.21 18.64 -6.25
N THR A 57 9.39 19.12 -6.61
CA THR A 57 9.56 19.93 -7.78
C THR A 57 9.29 19.10 -8.99
N ALA A 58 9.97 17.98 -9.07
CA ALA A 58 9.81 17.04 -10.13
C ALA A 58 8.39 16.51 -10.23
N LEU A 59 7.77 16.28 -9.09
CA LEU A 59 6.42 15.76 -9.07
C LEU A 59 5.50 16.83 -9.62
N GLN A 60 5.66 18.02 -9.08
CA GLN A 60 4.94 19.19 -9.55
C GLN A 60 5.21 19.46 -11.02
N GLN A 61 6.43 19.18 -11.41
CA GLN A 61 6.91 19.42 -12.75
C GLN A 61 6.01 18.74 -13.78
N ARG A 62 5.71 17.46 -13.58
CA ARG A 62 4.78 16.80 -14.48
C ARG A 62 3.32 17.17 -14.21
N LEU A 63 3.00 17.60 -12.98
CA LEU A 63 1.64 18.07 -12.70
C LEU A 63 1.34 19.31 -13.52
N ASP A 64 2.38 20.13 -13.69
CA ASP A 64 2.31 21.30 -14.56
C ASP A 64 1.91 20.91 -15.97
N GLN A 65 2.43 19.76 -16.39
CA GLN A 65 2.09 19.22 -17.69
C GLN A 65 0.69 18.61 -17.71
N GLU A 66 0.22 18.18 -16.52
CA GLU A 66 -1.14 17.64 -16.30
C GLU A 66 -1.76 16.97 -17.54
N ILE A 67 -1.68 15.64 -17.60
CA ILE A 67 -2.20 14.89 -18.76
C ILE A 67 -3.70 15.13 -18.91
N ASP A 68 -4.36 15.26 -17.77
CA ASP A 68 -5.80 15.42 -17.69
C ASP A 68 -6.11 15.93 -16.30
N ASP A 69 -7.36 15.82 -15.87
CA ASP A 69 -7.73 16.12 -14.50
C ASP A 69 -7.42 14.92 -13.61
N GLN A 70 -8.19 13.85 -13.78
CA GLN A 70 -7.98 12.61 -13.03
C GLN A 70 -6.67 11.90 -13.38
N THR A 71 -6.13 12.13 -14.57
CA THR A 71 -4.97 11.38 -15.01
C THR A 71 -3.73 11.80 -14.22
N ARG A 72 -3.77 13.00 -13.67
CA ARG A 72 -2.73 13.44 -12.74
C ARG A 72 -2.62 12.40 -11.65
N ALA A 73 -3.76 12.13 -11.03
CA ALA A 73 -3.90 11.09 -10.01
C ALA A 73 -3.54 9.70 -10.55
N GLU A 74 -4.07 9.37 -11.72
CA GLU A 74 -3.86 8.06 -12.34
C GLU A 74 -2.38 7.70 -12.39
N THR A 75 -1.57 8.70 -12.67
CA THR A 75 -0.16 8.50 -12.86
C THR A 75 0.65 9.25 -11.80
N PHE A 76 -0.01 9.67 -10.73
CA PHE A 76 0.59 10.54 -9.73
C PHE A 76 1.86 9.94 -9.13
N ILE A 77 1.79 8.69 -8.71
CA ILE A 77 2.93 7.99 -8.13
C ILE A 77 3.92 7.59 -9.21
N GLN A 78 3.41 7.28 -10.40
CA GLN A 78 4.26 7.06 -11.55
C GLN A 78 5.11 8.30 -11.80
N HIS A 79 4.49 9.44 -11.55
CA HIS A 79 5.16 10.73 -11.66
C HIS A 79 6.17 10.92 -10.54
N LEU A 80 5.89 10.30 -9.39
CA LEU A 80 6.78 10.40 -8.22
C LEU A 80 8.02 9.54 -8.48
N ASN A 81 7.81 8.45 -9.16
CA ASN A 81 8.90 7.58 -9.56
C ASN A 81 9.69 8.24 -10.67
N ALA A 82 8.96 8.90 -11.55
CA ALA A 82 9.54 9.77 -12.56
C ALA A 82 10.40 10.82 -11.90
N VAL A 83 9.97 11.20 -10.71
CA VAL A 83 10.70 12.16 -9.92
C VAL A 83 12.03 11.54 -9.57
N TYR A 84 11.97 10.32 -9.04
CA TYR A 84 13.16 9.55 -8.68
C TYR A 84 14.11 9.45 -9.87
N GLU A 85 13.56 9.53 -11.08
CA GLU A 85 14.36 9.39 -12.29
C GLU A 85 14.98 10.74 -12.63
N ILE A 86 14.19 11.76 -12.46
CA ILE A 86 14.61 13.15 -12.64
C ILE A 86 15.82 13.50 -11.76
N LEU A 87 15.68 13.30 -10.45
CA LEU A 87 16.69 13.77 -9.50
C LEU A 87 17.61 12.67 -8.95
N GLY A 88 17.29 11.40 -9.20
CA GLY A 88 18.15 10.34 -8.68
C GLY A 88 17.72 9.78 -7.32
N LEU A 89 16.42 9.76 -7.03
CA LEU A 89 15.94 9.19 -5.77
C LEU A 89 15.65 7.69 -5.91
N ASN A 90 15.56 7.02 -4.77
CA ASN A 90 15.16 5.61 -4.73
C ASN A 90 13.72 5.50 -4.22
N ALA A 91 13.25 4.28 -4.02
CA ALA A 91 11.87 4.02 -3.63
C ALA A 91 11.56 4.54 -2.22
N ARG A 92 12.60 4.78 -1.43
CA ARG A 92 12.41 5.19 -0.04
C ARG A 92 12.28 6.70 0.08
N GLY A 93 12.36 7.39 -1.04
CA GLY A 93 12.39 8.83 -1.01
C GLY A 93 13.75 9.34 -0.58
N GLN A 94 14.74 8.44 -0.64
CA GLN A 94 16.11 8.77 -0.31
C GLN A 94 16.91 8.98 -1.59
N SER A 95 17.93 9.80 -1.53
CA SER A 95 18.74 10.09 -2.70
C SER A 95 19.91 9.12 -2.80
N ILE A 96 20.04 8.49 -3.97
CA ILE A 96 21.11 7.54 -4.21
C ILE A 96 22.25 8.22 -4.96
N ARG A 97 22.16 9.53 -5.05
CA ARG A 97 23.14 10.34 -5.75
C ARG A 97 24.40 10.52 -4.91
N LEU A 98 25.31 11.37 -5.35
CA LEU A 98 26.53 11.62 -4.62
C LEU A 98 26.27 12.60 -3.49
N GLU A 99 25.50 13.64 -3.79
CA GLU A 99 25.15 14.64 -2.81
C GLU A 99 23.72 15.13 -3.05
N ARG B 1 4.54 -7.81 18.76
CA ARG B 1 4.60 -6.49 18.08
C ARG B 1 3.51 -6.39 17.02
N THR B 2 2.86 -5.24 16.95
CA THR B 2 1.78 -5.03 16.00
C THR B 2 2.13 -3.99 14.95
N HIS B 3 2.97 -3.01 15.30
CA HIS B 3 3.18 -1.89 14.40
C HIS B 3 4.55 -1.28 14.58
N GLY B 4 4.99 -0.54 13.58
CA GLY B 4 6.20 0.24 13.69
C GLY B 4 5.89 1.72 13.72
N THR B 5 6.37 2.45 12.71
CA THR B 5 6.13 3.89 12.62
C THR B 5 4.63 4.18 12.45
N PHE B 6 3.95 3.34 11.70
CA PHE B 6 2.53 3.49 11.44
C PHE B 6 1.71 2.98 12.64
N PRO B 7 0.76 3.79 13.14
CA PRO B 7 -0.09 3.44 14.31
C PRO B 7 -0.75 2.06 14.23
N MET B 8 -1.75 1.90 13.36
CA MET B 8 -2.36 0.59 13.07
C MET B 8 -3.26 0.08 14.23
N HIS B 9 -4.18 0.94 14.69
CA HIS B 9 -5.06 0.65 15.85
C HIS B 9 -4.24 0.06 17.00
N GLN B 10 -4.30 -1.25 17.12
CA GLN B 10 -3.50 -1.98 18.09
C GLN B 10 -3.11 -3.32 17.50
N LEU B 11 -3.27 -3.45 16.17
CA LEU B 11 -3.18 -4.75 15.54
C LEU B 11 -3.13 -4.66 14.01
N GLY B 12 -4.06 -3.93 13.40
CA GLY B 12 -4.14 -3.95 11.94
C GLY B 12 -5.18 -3.01 11.37
N ASN B 13 -5.16 -1.74 11.78
CA ASN B 13 -6.08 -0.72 11.23
C ASN B 13 -5.99 -0.70 9.73
N VAL B 14 -4.74 -0.79 9.26
CA VAL B 14 -4.50 -0.77 7.84
C VAL B 14 -5.31 -1.89 7.21
N ILE B 15 -5.23 -3.07 7.80
CA ILE B 15 -5.89 -4.20 7.22
C ILE B 15 -7.37 -4.01 7.02
N LYS B 16 -8.16 -3.61 8.03
CA LYS B 16 -9.61 -3.56 7.84
C LYS B 16 -10.00 -2.55 6.78
N GLY B 17 -9.45 -1.35 6.91
CA GLY B 17 -9.79 -0.29 6.00
C GLY B 17 -9.55 -0.72 4.57
N ILE B 18 -8.40 -1.35 4.38
CA ILE B 18 -7.98 -1.79 3.06
C ILE B 18 -8.76 -2.97 2.54
N VAL B 19 -9.21 -3.90 3.39
CA VAL B 19 -9.86 -5.09 2.87
C VAL B 19 -11.14 -4.67 2.18
N ASP B 20 -11.83 -3.71 2.80
CA ASP B 20 -13.02 -3.13 2.21
C ASP B 20 -12.74 -2.37 0.93
N GLN B 21 -11.65 -1.61 0.89
CA GLN B 21 -11.42 -0.68 -0.22
C GLN B 21 -10.59 -1.29 -1.35
N GLU B 22 -9.48 -1.91 -0.98
CA GLU B 22 -8.50 -2.38 -1.95
C GLU B 22 -8.43 -3.90 -1.97
N GLY B 23 -8.89 -4.53 -0.90
CA GLY B 23 -8.90 -5.97 -0.82
C GLY B 23 -7.82 -6.53 0.07
N VAL B 24 -8.00 -7.79 0.46
CA VAL B 24 -7.11 -8.49 1.39
C VAL B 24 -5.65 -8.47 1.00
N ALA B 25 -5.33 -8.73 -0.26
CA ALA B 25 -3.93 -8.80 -0.65
C ALA B 25 -3.22 -7.45 -0.51
N THR B 26 -3.94 -6.35 -0.71
CA THR B 26 -3.35 -5.03 -0.45
C THR B 26 -3.29 -4.75 1.04
N ALA B 27 -4.36 -5.08 1.75
CA ALA B 27 -4.39 -4.93 3.19
C ALA B 27 -3.27 -5.75 3.80
N TYR B 28 -3.05 -6.89 3.20
CA TYR B 28 -2.00 -7.80 3.55
C TYR B 28 -0.65 -7.16 3.28
N THR B 29 -0.48 -6.69 2.05
CA THR B 29 0.74 -6.03 1.62
C THR B 29 1.11 -4.83 2.50
N LEU B 30 0.13 -3.99 2.80
CA LEU B 30 0.40 -2.79 3.56
C LEU B 30 0.68 -3.14 5.00
N GLY B 31 -0.01 -4.13 5.52
CA GLY B 31 0.30 -4.64 6.83
C GLY B 31 1.75 -5.12 6.88
N MET B 32 2.22 -5.68 5.77
CA MET B 32 3.59 -6.14 5.66
C MET B 32 4.58 -4.98 5.68
N MET B 33 4.34 -3.92 4.91
CA MET B 33 5.28 -2.81 4.94
C MET B 33 5.20 -2.00 6.24
N LEU B 34 3.98 -1.67 6.64
CA LEU B 34 3.73 -0.83 7.80
C LEU B 34 4.11 -1.48 9.14
N SER B 35 3.74 -2.74 9.32
CA SER B 35 4.00 -3.42 10.58
C SER B 35 5.39 -4.02 10.57
N GLY B 36 5.87 -4.27 9.38
CA GLY B 36 7.08 -5.02 9.21
C GLY B 36 6.77 -6.37 8.63
N GLN B 37 7.78 -7.21 8.51
CA GLN B 37 7.64 -8.48 7.81
C GLN B 37 6.98 -9.53 8.71
N ASN B 38 6.21 -9.03 9.67
CA ASN B 38 5.51 -9.86 10.64
C ASN B 38 4.34 -10.59 9.98
N TYR B 39 4.66 -11.63 9.22
CA TYR B 39 3.67 -12.46 8.54
C TYR B 39 2.63 -13.00 9.52
N GLN B 40 3.08 -13.39 10.70
CA GLN B 40 2.17 -13.90 11.72
C GLN B 40 1.06 -12.91 12.02
N LEU B 41 1.41 -11.65 12.14
CA LEU B 41 0.45 -10.63 12.47
C LEU B 41 -0.53 -10.43 11.32
N VAL B 42 -0.03 -10.27 10.10
CA VAL B 42 -0.90 -10.01 8.97
C VAL B 42 -1.79 -11.20 8.68
N SER B 43 -1.23 -12.39 8.81
CA SER B 43 -1.99 -13.59 8.53
C SER B 43 -3.08 -13.76 9.56
N GLY B 44 -2.75 -13.44 10.80
CA GLY B 44 -3.74 -13.48 11.86
C GLY B 44 -4.79 -12.41 11.70
N ILE B 45 -4.38 -11.22 11.27
CA ILE B 45 -5.30 -10.10 11.13
C ILE B 45 -6.23 -10.30 9.92
N ILE B 46 -5.65 -10.58 8.75
CA ILE B 46 -6.40 -10.63 7.50
C ILE B 46 -7.24 -11.89 7.44
N ARG B 47 -6.83 -12.89 8.20
CA ARG B 47 -7.55 -14.17 8.24
C ARG B 47 -9.00 -13.95 8.59
N GLY B 48 -9.25 -12.92 9.38
CA GLY B 48 -10.60 -12.58 9.76
C GLY B 48 -11.26 -11.69 8.73
N TYR B 49 -10.50 -11.30 7.72
CA TYR B 49 -11.02 -10.43 6.67
C TYR B 49 -10.92 -11.10 5.32
N LEU B 50 -10.41 -12.33 5.34
CA LEU B 50 -10.26 -13.08 4.12
C LEU B 50 -11.66 -13.39 3.56
N PRO B 51 -11.89 -13.07 2.27
CA PRO B 51 -13.14 -13.29 1.55
C PRO B 51 -14.04 -14.38 2.13
N GLY B 52 -13.61 -15.63 1.97
CA GLY B 52 -14.31 -16.75 2.53
C GLY B 52 -13.33 -17.73 3.13
N GLN B 53 -13.79 -18.92 3.46
CA GLN B 53 -12.89 -19.93 4.03
C GLN B 53 -11.92 -20.40 2.97
N ALA B 54 -12.33 -20.32 1.71
CA ALA B 54 -11.53 -20.81 0.59
C ALA B 54 -10.27 -19.97 0.38
N VAL B 55 -10.38 -18.65 0.53
CA VAL B 55 -9.23 -17.77 0.29
C VAL B 55 -8.17 -17.97 1.37
N VAL B 56 -8.60 -18.04 2.62
CA VAL B 56 -7.71 -18.34 3.73
C VAL B 56 -7.15 -19.75 3.58
N THR B 57 -7.96 -20.61 3.00
CA THR B 57 -7.59 -21.98 2.84
C THR B 57 -6.45 -22.05 1.87
N ALA B 58 -6.64 -21.45 0.71
CA ALA B 58 -5.64 -21.37 -0.31
C ALA B 58 -4.38 -20.70 0.17
N LEU B 59 -4.54 -19.66 0.96
CA LEU B 59 -3.39 -18.93 1.45
C LEU B 59 -2.62 -19.82 2.40
N GLN B 60 -3.36 -20.41 3.31
CA GLN B 60 -2.82 -21.39 4.24
C GLN B 60 -2.23 -22.57 3.51
N GLN B 61 -2.85 -22.92 2.40
CA GLN B 61 -2.47 -24.05 1.60
C GLN B 61 -1.00 -23.97 1.20
N ARG B 62 -0.58 -22.82 0.67
CA ARG B 62 0.83 -22.66 0.36
C ARG B 62 1.69 -22.41 1.61
N LEU B 63 1.11 -21.88 2.69
CA LEU B 63 1.85 -21.71 3.94
C LEU B 63 2.25 -23.08 4.48
N ASP B 64 1.37 -24.06 4.28
CA ASP B 64 1.64 -25.44 4.61
C ASP B 64 2.90 -25.93 3.90
N GLN B 65 3.04 -25.47 2.67
CA GLN B 65 4.21 -25.79 1.87
C GLN B 65 5.43 -25.01 2.33
N GLU B 66 5.19 -23.83 2.93
CA GLU B 66 6.23 -22.95 3.52
C GLU B 66 7.61 -23.08 2.85
N ILE B 67 7.92 -22.15 1.94
CA ILE B 67 9.19 -22.19 1.21
C ILE B 67 10.36 -22.08 2.17
N ASP B 68 10.16 -21.31 3.22
CA ASP B 68 11.16 -21.03 4.23
C ASP B 68 10.45 -20.45 5.43
N ASP B 69 11.17 -19.80 6.33
CA ASP B 69 10.55 -19.07 7.43
C ASP B 69 10.07 -17.70 6.93
N GLN B 70 11.03 -16.82 6.64
CA GLN B 70 10.73 -15.48 6.12
C GLN B 70 10.12 -15.51 4.72
N THR B 71 10.38 -16.56 3.94
CA THR B 71 9.92 -16.56 2.55
C THR B 71 8.41 -16.69 2.47
N ARG B 72 7.81 -17.22 3.53
CA ARG B 72 6.36 -17.23 3.63
C ARG B 72 5.88 -15.80 3.47
N ALA B 73 6.44 -14.94 4.30
CA ALA B 73 6.21 -13.50 4.24
C ALA B 73 6.59 -12.90 2.89
N GLU B 74 7.78 -13.25 2.41
CA GLU B 74 8.31 -12.70 1.16
C GLU B 74 7.31 -12.86 0.02
N THR B 75 6.61 -13.97 0.02
CA THR B 75 5.69 -14.28 -1.04
C THR B 75 4.25 -14.37 -0.54
N PHE B 76 4.02 -13.86 0.67
CA PHE B 76 2.74 -14.03 1.36
C PHE B 76 1.57 -13.53 0.52
N ILE B 77 1.68 -12.31 0.00
CA ILE B 77 0.64 -11.72 -0.83
C ILE B 77 0.64 -12.35 -2.23
N GLN B 78 1.80 -12.73 -2.71
CA GLN B 78 1.90 -13.49 -3.94
C GLN B 78 1.11 -14.78 -3.79
N HIS B 79 1.13 -15.31 -2.59
CA HIS B 79 0.38 -16.51 -2.24
C HIS B 79 -1.11 -16.20 -2.16
N LEU B 80 -1.43 -14.96 -1.80
CA LEU B 80 -2.83 -14.53 -1.69
C LEU B 80 -3.41 -14.36 -3.08
N ASN B 81 -2.57 -13.91 -3.98
CA ASN B 81 -2.95 -13.79 -5.39
C ASN B 81 -3.05 -15.17 -6.01
N ALA B 82 -2.12 -16.03 -5.60
CA ALA B 82 -2.18 -17.45 -5.90
C ALA B 82 -3.49 -18.03 -5.43
N VAL B 83 -3.98 -17.46 -4.34
CA VAL B 83 -5.25 -17.86 -3.79
C VAL B 83 -6.32 -17.51 -4.79
N TYR B 84 -6.27 -16.26 -5.25
CA TYR B 84 -7.20 -15.77 -6.26
C TYR B 84 -7.20 -16.67 -7.49
N GLU B 85 -6.07 -17.34 -7.72
CA GLU B 85 -5.93 -18.19 -8.88
C GLU B 85 -6.52 -19.56 -8.59
N ILE B 86 -6.27 -20.02 -7.39
CA ILE B 86 -6.84 -21.25 -6.87
C ILE B 86 -8.37 -21.26 -6.92
N LEU B 87 -8.99 -20.27 -6.32
CA LEU B 87 -10.45 -20.27 -6.15
C LEU B 87 -11.21 -19.35 -7.11
N GLY B 88 -10.51 -18.48 -7.83
CA GLY B 88 -11.20 -17.59 -8.76
C GLY B 88 -11.55 -16.22 -8.18
N LEU B 89 -10.72 -15.70 -7.26
CA LEU B 89 -10.97 -14.37 -6.69
C LEU B 89 -10.30 -13.28 -7.52
N ASN B 90 -10.75 -12.04 -7.32
CA ASN B 90 -10.10 -10.88 -7.93
C ASN B 90 -9.29 -10.12 -6.89
N ALA B 91 -8.75 -8.97 -7.28
CA ALA B 91 -7.87 -8.19 -6.41
C ALA B 91 -8.60 -7.61 -5.19
N ARG B 92 -9.93 -7.56 -5.26
CA ARG B 92 -10.72 -6.95 -4.19
C ARG B 92 -11.06 -7.96 -3.12
N GLY B 93 -10.63 -9.19 -3.31
CA GLY B 93 -11.02 -10.25 -2.42
C GLY B 93 -12.45 -10.68 -2.69
N GLN B 94 -12.94 -10.31 -3.87
CA GLN B 94 -14.27 -10.70 -4.31
C GLN B 94 -14.16 -11.85 -5.30
N SER B 95 -15.19 -12.66 -5.37
CA SER B 95 -15.17 -13.80 -6.27
C SER B 95 -15.75 -13.45 -7.63
N ILE B 96 -15.00 -13.75 -8.67
CA ILE B 96 -15.44 -13.46 -10.04
C ILE B 96 -16.03 -14.71 -10.68
N ARG B 97 -16.22 -15.72 -9.84
CA ARG B 97 -16.76 -17.00 -10.28
C ARG B 97 -18.27 -16.91 -10.49
N LEU B 98 -18.90 -18.04 -10.73
CA LEU B 98 -20.34 -18.08 -10.94
C LEU B 98 -21.06 -18.04 -9.60
N GLU B 99 -20.55 -18.80 -8.64
CA GLU B 99 -21.11 -18.85 -7.31
C GLU B 99 -19.99 -19.01 -6.28
N ARG A 1 -12.33 16.21 2.08
CA ARG A 1 -12.39 14.83 2.59
C ARG A 1 -10.99 14.24 2.67
N THR A 2 -10.75 13.44 3.70
CA THR A 2 -9.43 12.90 3.94
C THR A 2 -9.38 11.38 3.81
N HIS A 3 -10.46 10.72 4.20
CA HIS A 3 -10.43 9.27 4.29
C HIS A 3 -11.74 8.65 3.85
N GLY A 4 -11.67 7.43 3.39
CA GLY A 4 -12.88 6.67 3.15
C GLY A 4 -13.11 5.66 4.24
N THR A 5 -12.93 4.39 3.94
CA THR A 5 -13.08 3.34 4.93
C THR A 5 -11.88 3.30 5.89
N PHE A 6 -10.71 3.68 5.39
CA PHE A 6 -9.50 3.69 6.19
C PHE A 6 -9.49 4.88 7.14
N PRO A 7 -9.33 4.60 8.43
CA PRO A 7 -9.20 5.62 9.49
C PRO A 7 -7.85 6.37 9.47
N MET A 8 -7.89 7.65 9.12
CA MET A 8 -6.68 8.47 9.13
C MET A 8 -6.68 9.37 10.36
N HIS A 9 -5.57 10.07 10.59
CA HIS A 9 -5.51 11.04 11.68
C HIS A 9 -6.61 12.07 11.50
N GLN A 10 -6.52 12.78 10.38
CA GLN A 10 -7.54 13.71 9.94
C GLN A 10 -7.15 14.25 8.58
N LEU A 11 -6.27 13.51 7.89
CA LEU A 11 -5.59 14.04 6.72
C LEU A 11 -4.82 12.96 5.95
N GLY A 12 -3.91 12.25 6.61
CA GLY A 12 -3.07 11.31 5.91
C GLY A 12 -2.18 10.48 6.83
N ASN A 13 -2.79 9.81 7.81
CA ASN A 13 -2.05 8.93 8.73
C ASN A 13 -1.24 7.93 7.95
N VAL A 14 -1.87 7.40 6.91
CA VAL A 14 -1.22 6.41 6.08
C VAL A 14 0.07 7.01 5.56
N ILE A 15 -0.01 8.24 5.08
CA ILE A 15 1.14 8.85 4.47
C ILE A 15 2.31 8.92 5.39
N LYS A 16 2.22 9.46 6.63
CA LYS A 16 3.42 9.63 7.43
C LYS A 16 4.09 8.32 7.74
N GLY A 17 3.29 7.37 8.19
CA GLY A 17 3.83 6.07 8.54
C GLY A 17 4.60 5.48 7.39
N ILE A 18 4.01 5.57 6.22
CA ILE A 18 4.60 5.00 5.03
C ILE A 18 5.83 5.73 4.54
N VAL A 19 5.90 7.05 4.68
CA VAL A 19 7.03 7.76 4.12
C VAL A 19 8.29 7.28 4.80
N ASP A 20 8.20 7.07 6.11
CA ASP A 20 9.30 6.51 6.88
C ASP A 20 9.55 5.03 6.59
N GLN A 21 8.49 4.27 6.31
CA GLN A 21 8.61 2.81 6.18
C GLN A 21 8.92 2.38 4.75
N GLU A 22 8.17 2.93 3.80
CA GLU A 22 8.22 2.46 2.42
C GLU A 22 8.61 3.59 1.45
N GLY A 23 8.44 4.83 1.90
CA GLY A 23 8.79 5.97 1.08
C GLY A 23 7.57 6.69 0.53
N VAL A 24 7.80 7.93 0.09
CA VAL A 24 6.74 8.81 -0.38
C VAL A 24 5.86 8.22 -1.47
N ALA A 25 6.43 7.60 -2.47
CA ALA A 25 5.62 7.07 -3.57
C ALA A 25 4.68 5.96 -3.11
N THR A 26 5.06 5.19 -2.10
CA THR A 26 4.13 4.21 -1.53
C THR A 26 3.12 4.90 -0.63
N ALA A 27 3.58 5.84 0.19
CA ALA A 27 2.69 6.61 1.04
C ALA A 27 1.68 7.33 0.19
N TYR A 28 2.17 7.77 -0.95
CA TYR A 28 1.39 8.43 -1.96
C TYR A 28 0.38 7.46 -2.53
N THR A 29 0.89 6.29 -2.95
CA THR A 29 0.07 5.23 -3.51
C THR A 29 -1.06 4.81 -2.58
N LEU A 30 -0.74 4.61 -1.32
CA LEU A 30 -1.71 4.09 -0.38
C LEU A 30 -2.74 5.15 -0.05
N GLY A 31 -2.28 6.40 0.04
CA GLY A 31 -3.22 7.48 0.21
C GLY A 31 -4.21 7.53 -0.94
N MET A 32 -3.72 7.17 -2.13
CA MET A 32 -4.55 7.11 -3.33
C MET A 32 -5.62 6.03 -3.22
N MET A 33 -5.27 4.84 -2.75
CA MET A 33 -6.31 3.81 -2.60
C MET A 33 -7.26 4.15 -1.45
N LEU A 34 -6.70 4.32 -0.28
CA LEU A 34 -7.45 4.46 0.97
C LEU A 34 -8.37 5.68 1.01
N SER A 35 -7.87 6.82 0.56
CA SER A 35 -8.65 8.04 0.60
C SER A 35 -9.52 8.11 -0.63
N GLY A 36 -9.12 7.38 -1.64
CA GLY A 36 -9.71 7.52 -2.94
C GLY A 36 -8.77 8.29 -3.83
N GLN A 37 -9.22 8.61 -5.01
CA GLN A 37 -8.38 9.19 -6.04
C GLN A 37 -8.16 10.69 -5.80
N ASN A 38 -8.31 11.07 -4.54
CA ASN A 38 -8.13 12.45 -4.09
C ASN A 38 -6.65 12.84 -4.14
N TYR A 39 -6.15 13.03 -5.35
CA TYR A 39 -4.77 13.42 -5.56
C TYR A 39 -4.44 14.71 -4.81
N GLN A 40 -5.41 15.62 -4.75
CA GLN A 40 -5.22 16.87 -4.03
C GLN A 40 -4.82 16.60 -2.59
N LEU A 41 -5.46 15.63 -1.96
CA LEU A 41 -5.16 15.32 -0.57
C LEU A 41 -3.76 14.73 -0.43
N VAL A 42 -3.44 13.73 -1.26
CA VAL A 42 -2.16 13.06 -1.14
C VAL A 42 -1.02 14.00 -1.49
N SER A 43 -1.22 14.82 -2.49
CA SER A 43 -0.19 15.75 -2.92
C SER A 43 0.06 16.78 -1.85
N GLY A 44 -1.01 17.23 -1.21
CA GLY A 44 -0.88 18.16 -0.11
C GLY A 44 -0.25 17.53 1.11
N ILE A 45 -0.60 16.27 1.36
CA ILE A 45 -0.09 15.56 2.53
C ILE A 45 1.38 15.20 2.35
N ILE A 46 1.72 14.54 1.24
CA ILE A 46 3.05 13.99 1.02
C ILE A 46 4.04 15.12 0.73
N ARG A 47 3.51 16.24 0.26
CA ARG A 47 4.33 17.41 -0.06
C ARG A 47 5.19 17.79 1.14
N GLY A 48 4.65 17.57 2.31
CA GLY A 48 5.36 17.87 3.53
C GLY A 48 6.28 16.74 3.94
N TYR A 49 6.19 15.62 3.21
CA TYR A 49 7.01 14.45 3.51
C TYR A 49 7.89 14.13 2.35
N LEU A 50 7.80 14.93 1.30
CA LEU A 50 8.60 14.74 0.13
C LEU A 50 10.06 14.99 0.49
N PRO A 51 10.95 14.02 0.16
CA PRO A 51 12.40 14.07 0.42
C PRO A 51 12.97 15.47 0.57
N GLY A 52 12.94 16.23 -0.50
CA GLY A 52 13.38 17.60 -0.49
C GLY A 52 12.49 18.43 -1.38
N GLN A 53 12.87 19.66 -1.65
CA GLN A 53 12.08 20.49 -2.55
C GLN A 53 12.19 19.97 -3.98
N ALA A 54 13.31 19.30 -4.27
CA ALA A 54 13.54 18.76 -5.61
C ALA A 54 12.52 17.70 -5.99
N VAL A 55 12.19 16.81 -5.05
CA VAL A 55 11.25 15.72 -5.34
C VAL A 55 9.84 16.26 -5.55
N VAL A 56 9.43 17.19 -4.71
CA VAL A 56 8.13 17.86 -4.87
C VAL A 56 8.12 18.69 -6.14
N THR A 57 9.28 19.22 -6.49
CA THR A 57 9.41 20.05 -7.65
C THR A 57 9.15 19.20 -8.87
N ALA A 58 9.87 18.10 -8.95
CA ALA A 58 9.73 17.15 -10.02
C ALA A 58 8.31 16.63 -10.11
N LEU A 59 7.71 16.36 -8.98
CA LEU A 59 6.37 15.82 -8.96
C LEU A 59 5.41 16.87 -9.49
N GLN A 60 5.55 18.06 -8.94
CA GLN A 60 4.80 19.22 -9.39
C GLN A 60 5.05 19.51 -10.85
N GLN A 61 6.28 19.27 -11.26
CA GLN A 61 6.72 19.52 -12.62
C GLN A 61 5.84 18.81 -13.62
N ARG A 62 5.57 17.53 -13.42
CA ARG A 62 4.64 16.84 -14.31
C ARG A 62 3.17 17.17 -14.00
N LEU A 63 2.86 17.61 -12.78
CA LEU A 63 1.50 18.05 -12.48
C LEU A 63 1.17 19.28 -13.30
N ASP A 64 2.18 20.12 -13.49
CA ASP A 64 2.07 21.28 -14.37
C ASP A 64 1.67 20.86 -15.77
N GLN A 65 2.22 19.73 -16.18
CA GLN A 65 1.91 19.15 -17.48
C GLN A 65 0.52 18.53 -17.50
N GLU A 66 0.05 18.10 -16.31
CA GLU A 66 -1.30 17.55 -16.08
C GLU A 66 -1.94 16.90 -17.32
N ILE A 67 -1.89 15.57 -17.38
CA ILE A 67 -2.43 14.84 -18.52
C ILE A 67 -3.93 15.04 -18.65
N ASP A 68 -4.58 15.15 -17.50
CA ASP A 68 -6.03 15.31 -17.41
C ASP A 68 -6.34 15.79 -16.01
N ASP A 69 -7.59 15.66 -15.59
CA ASP A 69 -7.95 15.93 -14.21
C ASP A 69 -7.58 14.74 -13.33
N GLN A 70 -8.31 13.65 -13.49
CA GLN A 70 -8.05 12.41 -12.74
C GLN A 70 -6.72 11.75 -13.14
N THR A 71 -6.23 11.99 -14.34
CA THR A 71 -5.05 11.29 -14.82
C THR A 71 -3.81 11.74 -14.05
N ARG A 72 -3.87 12.95 -13.48
CA ARG A 72 -2.82 13.41 -12.58
C ARG A 72 -2.66 12.34 -11.52
N ALA A 73 -3.77 12.02 -10.88
CA ALA A 73 -3.87 10.95 -9.89
C ALA A 73 -3.47 9.59 -10.46
N GLU A 74 -4.04 9.25 -11.62
CA GLU A 74 -3.80 7.96 -12.27
C GLU A 74 -2.31 7.64 -12.36
N THR A 75 -1.53 8.66 -12.61
CA THR A 75 -0.11 8.50 -12.82
C THR A 75 0.70 9.24 -11.77
N PHE A 76 0.02 9.64 -10.69
CA PHE A 76 0.62 10.53 -9.68
C PHE A 76 1.91 9.93 -9.10
N ILE A 77 1.85 8.66 -8.72
CA ILE A 77 3.01 7.98 -8.16
C ILE A 77 3.99 7.60 -9.25
N GLN A 78 3.49 7.30 -10.43
CA GLN A 78 4.34 7.10 -11.59
C GLN A 78 5.16 8.36 -11.83
N HIS A 79 4.53 9.48 -11.53
CA HIS A 79 5.15 10.79 -11.63
C HIS A 79 6.15 10.99 -10.51
N LEU A 80 5.91 10.36 -9.37
CA LEU A 80 6.79 10.46 -8.21
C LEU A 80 8.04 9.63 -8.48
N ASN A 81 7.85 8.53 -9.18
CA ASN A 81 8.96 7.69 -9.60
C ASN A 81 9.72 8.38 -10.71
N ALA A 82 8.97 9.05 -11.57
CA ALA A 82 9.53 9.96 -12.56
C ALA A 82 10.38 11.00 -11.87
N VAL A 83 9.96 11.36 -10.68
CA VAL A 83 10.70 12.30 -9.86
C VAL A 83 12.02 11.67 -9.52
N TYR A 84 11.96 10.43 -9.02
CA TYR A 84 13.13 9.66 -8.67
C TYR A 84 14.10 9.58 -9.85
N GLU A 85 13.56 9.71 -11.06
CA GLU A 85 14.38 9.61 -12.27
C GLU A 85 14.99 10.97 -12.57
N ILE A 86 14.18 11.98 -12.39
CA ILE A 86 14.59 13.38 -12.54
C ILE A 86 15.79 13.72 -11.64
N LEU A 87 15.65 13.49 -10.35
CA LEU A 87 16.67 13.92 -9.39
C LEU A 87 17.58 12.80 -8.87
N GLY A 88 17.25 11.55 -9.14
CA GLY A 88 18.11 10.46 -8.67
C GLY A 88 17.69 9.87 -7.32
N LEU A 89 16.39 9.86 -7.02
CA LEU A 89 15.90 9.26 -5.77
C LEU A 89 15.60 7.78 -5.94
N ASN A 90 15.53 7.07 -4.82
CA ASN A 90 15.11 5.67 -4.80
C ASN A 90 13.69 5.55 -4.28
N ALA A 91 13.20 4.31 -4.17
CA ALA A 91 11.83 4.05 -3.75
C ALA A 91 11.52 4.60 -2.35
N ARG A 92 12.55 4.80 -1.55
CA ARG A 92 12.37 5.17 -0.14
C ARG A 92 12.26 6.67 0.04
N GLY A 93 12.33 7.41 -1.06
CA GLY A 93 12.36 8.85 -0.98
C GLY A 93 13.73 9.35 -0.57
N GLN A 94 14.69 8.44 -0.61
CA GLN A 94 16.07 8.77 -0.28
C GLN A 94 16.87 8.95 -1.56
N SER A 95 17.91 9.75 -1.52
CA SER A 95 18.71 10.00 -2.69
C SER A 95 19.83 8.99 -2.83
N ILE A 96 19.93 8.40 -3.99
CA ILE A 96 20.99 7.44 -4.27
C ILE A 96 22.16 8.15 -4.93
N ARG A 97 21.98 9.43 -5.17
CA ARG A 97 23.02 10.29 -5.66
C ARG A 97 24.02 10.60 -4.54
N LEU A 98 25.05 9.77 -4.43
CA LEU A 98 26.04 9.94 -3.37
C LEU A 98 27.08 10.98 -3.76
N GLU A 99 26.58 12.15 -4.16
CA GLU A 99 27.44 13.24 -4.58
C GLU A 99 26.81 14.57 -4.17
N ARG B 1 4.12 -7.62 18.55
CA ARG B 1 4.20 -6.26 17.97
C ARG B 1 3.22 -6.13 16.81
N THR B 2 2.63 -4.95 16.67
CA THR B 2 1.61 -4.73 15.67
C THR B 2 2.03 -3.70 14.64
N HIS B 3 2.79 -2.69 15.05
CA HIS B 3 3.07 -1.58 14.18
C HIS B 3 4.48 -1.07 14.35
N GLY B 4 5.01 -0.45 13.31
CA GLY B 4 6.25 0.24 13.43
C GLY B 4 6.02 1.74 13.50
N THR B 5 6.38 2.44 12.43
CA THR B 5 6.16 3.88 12.37
C THR B 5 4.69 4.21 12.11
N PHE B 6 4.01 3.31 11.39
CA PHE B 6 2.59 3.51 11.08
C PHE B 6 1.72 3.21 12.30
N PRO B 7 0.89 4.20 12.68
CA PRO B 7 -0.08 4.06 13.77
C PRO B 7 -1.28 3.16 13.43
N MET B 8 -1.37 2.01 14.07
CA MET B 8 -2.48 1.10 13.87
C MET B 8 -3.45 1.20 15.04
N HIS B 9 -4.61 0.55 14.94
CA HIS B 9 -5.55 0.50 16.06
C HIS B 9 -4.85 -0.11 17.27
N GLN B 10 -4.42 -1.35 17.09
CA GLN B 10 -3.61 -2.07 18.07
C GLN B 10 -3.23 -3.42 17.48
N LEU B 11 -3.32 -3.51 16.16
CA LEU B 11 -3.25 -4.81 15.49
C LEU B 11 -3.12 -4.68 13.97
N GLY B 12 -4.03 -3.96 13.32
CA GLY B 12 -4.02 -3.91 11.87
C GLY B 12 -5.04 -2.95 11.28
N ASN B 13 -4.99 -1.69 11.71
CA ASN B 13 -5.90 -0.65 11.19
C ASN B 13 -5.80 -0.59 9.68
N VAL B 14 -4.56 -0.69 9.21
CA VAL B 14 -4.31 -0.64 7.79
C VAL B 14 -5.13 -1.73 7.14
N ILE B 15 -5.09 -2.93 7.70
CA ILE B 15 -5.75 -4.05 7.09
C ILE B 15 -7.23 -3.82 6.89
N LYS B 16 -8.01 -3.43 7.90
CA LYS B 16 -9.46 -3.34 7.71
C LYS B 16 -9.83 -2.34 6.63
N GLY B 17 -9.25 -1.16 6.75
CA GLY B 17 -9.55 -0.12 5.80
C GLY B 17 -9.31 -0.59 4.39
N ILE B 18 -8.18 -1.24 4.20
CA ILE B 18 -7.76 -1.71 2.90
C ILE B 18 -8.59 -2.87 2.38
N VAL B 19 -9.06 -3.77 3.24
CA VAL B 19 -9.77 -4.94 2.71
C VAL B 19 -11.01 -4.46 1.99
N ASP B 20 -11.68 -3.47 2.59
CA ASP B 20 -12.83 -2.86 1.96
C ASP B 20 -12.48 -2.01 0.74
N GLN B 21 -11.33 -1.34 0.76
CA GLN B 21 -10.98 -0.38 -0.29
C GLN B 21 -10.25 -1.03 -1.46
N GLU B 22 -9.25 -1.84 -1.15
CA GLU B 22 -8.34 -2.37 -2.16
C GLU B 22 -8.34 -3.89 -2.17
N GLY B 23 -8.77 -4.49 -1.08
CA GLY B 23 -8.84 -5.94 -0.98
C GLY B 23 -7.77 -6.52 -0.08
N VAL B 24 -7.97 -7.76 0.34
CA VAL B 24 -7.10 -8.45 1.28
C VAL B 24 -5.64 -8.47 0.90
N ALA B 25 -5.32 -8.78 -0.34
CA ALA B 25 -3.92 -8.87 -0.74
C ALA B 25 -3.20 -7.52 -0.64
N THR B 26 -3.90 -6.41 -0.83
CA THR B 26 -3.30 -5.09 -0.61
C THR B 26 -3.23 -4.80 0.88
N ALA B 27 -4.30 -5.09 1.60
CA ALA B 27 -4.34 -4.91 3.04
C ALA B 27 -3.22 -5.73 3.67
N TYR B 28 -3.03 -6.89 3.08
CA TYR B 28 -2.00 -7.80 3.45
C TYR B 28 -0.63 -7.19 3.16
N THR B 29 -0.49 -6.72 1.92
CA THR B 29 0.73 -6.08 1.47
C THR B 29 1.15 -4.90 2.35
N LEU B 30 0.20 -4.05 2.65
CA LEU B 30 0.50 -2.83 3.38
C LEU B 30 0.82 -3.16 4.82
N GLY B 31 0.11 -4.14 5.39
CA GLY B 31 0.45 -4.60 6.70
C GLY B 31 1.88 -5.10 6.74
N MET B 32 2.31 -5.70 5.63
CA MET B 32 3.68 -6.20 5.49
C MET B 32 4.70 -5.06 5.51
N MET B 33 4.44 -3.97 4.79
CA MET B 33 5.39 -2.87 4.85
C MET B 33 5.36 -2.16 6.20
N LEU B 34 4.18 -1.69 6.56
CA LEU B 34 3.98 -0.83 7.73
C LEU B 34 4.34 -1.49 9.05
N SER B 35 3.95 -2.72 9.24
CA SER B 35 4.23 -3.41 10.50
C SER B 35 5.60 -4.02 10.45
N GLY B 36 6.09 -4.20 9.24
CA GLY B 36 7.27 -4.97 9.02
C GLY B 36 6.90 -6.33 8.50
N GLN B 37 7.87 -7.19 8.38
CA GLN B 37 7.71 -8.47 7.72
C GLN B 37 7.03 -9.49 8.64
N ASN B 38 6.29 -8.95 9.61
CA ASN B 38 5.54 -9.73 10.59
C ASN B 38 4.35 -10.42 9.92
N TYR B 39 4.65 -11.45 9.13
CA TYR B 39 3.62 -12.21 8.45
C TYR B 39 2.61 -12.77 9.43
N GLN B 40 3.07 -13.18 10.60
CA GLN B 40 2.20 -13.70 11.64
C GLN B 40 1.09 -12.70 11.96
N LEU B 41 1.44 -11.42 12.04
CA LEU B 41 0.47 -10.41 12.36
C LEU B 41 -0.54 -10.23 11.22
N VAL B 42 -0.04 -10.08 10.00
CA VAL B 42 -0.92 -9.83 8.87
C VAL B 42 -1.82 -11.03 8.60
N SER B 43 -1.26 -12.21 8.74
CA SER B 43 -2.02 -13.42 8.49
C SER B 43 -3.11 -13.59 9.52
N GLY B 44 -2.78 -13.25 10.76
CA GLY B 44 -3.77 -13.30 11.82
C GLY B 44 -4.82 -12.22 11.67
N ILE B 45 -4.41 -11.04 11.21
CA ILE B 45 -5.31 -9.92 11.05
C ILE B 45 -6.24 -10.13 9.85
N ILE B 46 -5.66 -10.42 8.68
CA ILE B 46 -6.42 -10.48 7.43
C ILE B 46 -7.27 -11.73 7.41
N ARG B 47 -6.87 -12.73 8.19
CA ARG B 47 -7.58 -14.00 8.25
C ARG B 47 -9.05 -13.76 8.59
N GLY B 48 -9.28 -12.72 9.36
CA GLY B 48 -10.63 -12.37 9.74
C GLY B 48 -11.30 -11.50 8.69
N TYR B 49 -10.53 -11.11 7.67
CA TYR B 49 -11.04 -10.26 6.61
C TYR B 49 -10.93 -10.97 5.28
N LEU B 50 -10.43 -12.19 5.33
CA LEU B 50 -10.30 -12.98 4.13
C LEU B 50 -11.68 -13.31 3.60
N PRO B 51 -11.93 -13.02 2.30
CA PRO B 51 -13.19 -13.26 1.59
C PRO B 51 -14.07 -14.34 2.20
N GLY B 52 -13.58 -15.56 2.15
CA GLY B 52 -14.27 -16.68 2.75
C GLY B 52 -13.27 -17.62 3.36
N GLN B 53 -13.70 -18.81 3.77
CA GLN B 53 -12.76 -19.78 4.31
C GLN B 53 -11.86 -20.31 3.19
N ALA B 54 -12.37 -20.28 1.96
CA ALA B 54 -11.62 -20.77 0.82
C ALA B 54 -10.35 -19.97 0.57
N VAL B 55 -10.43 -18.64 0.69
CA VAL B 55 -9.28 -17.78 0.42
C VAL B 55 -8.20 -17.96 1.49
N VAL B 56 -8.63 -18.03 2.75
CA VAL B 56 -7.72 -18.29 3.86
C VAL B 56 -7.16 -19.70 3.75
N THR B 57 -7.95 -20.60 3.21
CA THR B 57 -7.57 -21.97 3.07
C THR B 57 -6.43 -22.04 2.09
N ALA B 58 -6.66 -21.45 0.93
CA ALA B 58 -5.68 -21.38 -0.12
C ALA B 58 -4.41 -20.70 0.34
N LEU B 59 -4.56 -19.64 1.12
CA LEU B 59 -3.42 -18.90 1.57
C LEU B 59 -2.63 -19.76 2.55
N GLN B 60 -3.36 -20.34 3.48
CA GLN B 60 -2.81 -21.28 4.43
C GLN B 60 -2.20 -22.48 3.73
N GLN B 61 -2.81 -22.86 2.63
CA GLN B 61 -2.41 -24.00 1.85
C GLN B 61 -0.95 -23.88 1.42
N ARG B 62 -0.55 -22.75 0.88
CA ARG B 62 0.84 -22.55 0.57
C ARG B 62 1.70 -22.24 1.80
N LEU B 63 1.10 -21.72 2.87
CA LEU B 63 1.85 -21.52 4.12
C LEU B 63 2.28 -22.87 4.67
N ASP B 64 1.43 -23.86 4.49
CA ASP B 64 1.75 -25.24 4.85
C ASP B 64 2.99 -25.70 4.11
N GLN B 65 3.10 -25.25 2.87
CA GLN B 65 4.25 -25.57 2.04
C GLN B 65 5.48 -24.77 2.49
N GLU B 66 5.23 -23.59 3.09
CA GLU B 66 6.27 -22.70 3.67
C GLU B 66 7.65 -22.83 3.01
N ILE B 67 7.97 -21.89 2.13
CA ILE B 67 9.25 -21.93 1.41
C ILE B 67 10.42 -21.77 2.38
N ASP B 68 10.20 -20.98 3.41
CA ASP B 68 11.21 -20.68 4.41
C ASP B 68 10.50 -20.09 5.62
N ASP B 69 11.23 -19.42 6.49
CA ASP B 69 10.60 -18.66 7.58
C ASP B 69 10.09 -17.33 7.03
N GLN B 70 11.01 -16.43 6.72
CA GLN B 70 10.67 -15.13 6.16
C GLN B 70 10.06 -15.21 4.76
N THR B 71 10.35 -16.26 4.02
CA THR B 71 9.90 -16.32 2.63
C THR B 71 8.39 -16.51 2.55
N ARG B 72 7.80 -17.03 3.63
CA ARG B 72 6.35 -17.06 3.74
C ARG B 72 5.84 -15.65 3.52
N ALA B 73 6.40 -14.73 4.30
CA ALA B 73 6.14 -13.30 4.18
C ALA B 73 6.52 -12.75 2.81
N GLU B 74 7.73 -13.09 2.36
CA GLU B 74 8.25 -12.60 1.08
C GLU B 74 7.25 -12.79 -0.05
N THR B 75 6.55 -13.91 -0.01
CA THR B 75 5.64 -14.26 -1.07
C THR B 75 4.21 -14.36 -0.55
N PHE B 76 3.97 -13.81 0.64
CA PHE B 76 2.70 -13.98 1.34
C PHE B 76 1.52 -13.50 0.49
N ILE B 77 1.66 -12.32 -0.08
CA ILE B 77 0.61 -11.75 -0.92
C ILE B 77 0.60 -12.39 -2.29
N GLN B 78 1.78 -12.78 -2.77
CA GLN B 78 1.86 -13.58 -3.98
C GLN B 78 1.07 -14.86 -3.79
N HIS B 79 1.10 -15.34 -2.57
CA HIS B 79 0.36 -16.53 -2.18
C HIS B 79 -1.14 -16.23 -2.09
N LEU B 80 -1.47 -14.99 -1.76
CA LEU B 80 -2.86 -14.56 -1.65
C LEU B 80 -3.45 -14.43 -3.05
N ASN B 81 -2.61 -14.01 -3.97
CA ASN B 81 -3.00 -13.92 -5.36
C ASN B 81 -3.09 -15.31 -5.95
N ALA B 82 -2.17 -16.15 -5.52
CA ALA B 82 -2.23 -17.58 -5.80
C ALA B 82 -3.55 -18.15 -5.30
N VAL B 83 -4.03 -17.56 -4.22
CA VAL B 83 -5.31 -17.93 -3.66
C VAL B 83 -6.37 -17.59 -4.67
N TYR B 84 -6.31 -16.34 -5.15
CA TYR B 84 -7.22 -15.84 -6.17
C TYR B 84 -7.23 -16.77 -7.38
N GLU B 85 -6.13 -17.47 -7.59
CA GLU B 85 -6.00 -18.36 -8.75
C GLU B 85 -6.62 -19.71 -8.42
N ILE B 86 -6.36 -20.15 -7.20
CA ILE B 86 -6.93 -21.37 -6.66
C ILE B 86 -8.47 -21.37 -6.70
N LEU B 87 -9.09 -20.34 -6.12
CA LEU B 87 -10.54 -20.33 -5.97
C LEU B 87 -11.27 -19.40 -6.96
N GLY B 88 -10.55 -18.56 -7.68
CA GLY B 88 -11.22 -17.68 -8.64
C GLY B 88 -11.55 -16.29 -8.08
N LEU B 89 -10.74 -15.78 -7.16
CA LEU B 89 -10.98 -14.43 -6.62
C LEU B 89 -10.27 -13.36 -7.45
N ASN B 90 -10.71 -12.12 -7.28
CA ASN B 90 -10.05 -10.98 -7.90
C ASN B 90 -9.25 -10.19 -6.87
N ALA B 91 -8.66 -9.09 -7.29
CA ALA B 91 -7.79 -8.29 -6.42
C ALA B 91 -8.53 -7.75 -5.19
N ARG B 92 -9.84 -7.65 -5.27
CA ARG B 92 -10.64 -7.00 -4.24
C ARG B 92 -11.03 -7.98 -3.14
N GLY B 93 -10.60 -9.23 -3.28
CA GLY B 93 -11.03 -10.25 -2.35
C GLY B 93 -12.45 -10.70 -2.65
N GLN B 94 -12.93 -10.31 -3.82
CA GLN B 94 -14.25 -10.69 -4.26
C GLN B 94 -14.14 -11.81 -5.28
N SER B 95 -15.17 -12.64 -5.37
CA SER B 95 -15.14 -13.76 -6.28
C SER B 95 -15.66 -13.38 -7.65
N ILE B 96 -14.88 -13.70 -8.67
CA ILE B 96 -15.29 -13.42 -10.05
C ILE B 96 -15.96 -14.65 -10.64
N ARG B 97 -16.00 -15.70 -9.83
CA ARG B 97 -16.72 -16.91 -10.17
C ARG B 97 -18.22 -16.68 -10.02
N LEU B 98 -18.87 -16.27 -11.09
CA LEU B 98 -20.30 -15.97 -11.05
C LEU B 98 -21.10 -17.26 -11.20
N GLU B 99 -20.78 -18.24 -10.38
CA GLU B 99 -21.46 -19.53 -10.41
C GLU B 99 -21.53 -20.10 -9.00
N ARG A 1 -12.91 16.33 2.66
CA ARG A 1 -12.85 14.86 2.56
C ARG A 1 -11.41 14.37 2.68
N THR A 2 -11.18 13.49 3.64
CA THR A 2 -9.86 12.92 3.85
C THR A 2 -9.84 11.42 3.60
N HIS A 3 -10.97 10.76 3.78
CA HIS A 3 -10.98 9.30 3.68
C HIS A 3 -12.38 8.76 3.46
N GLY A 4 -12.45 7.52 2.99
CA GLY A 4 -13.71 6.80 2.97
C GLY A 4 -13.69 5.75 4.05
N THR A 5 -13.03 4.64 3.77
CA THR A 5 -12.70 3.66 4.80
C THR A 5 -11.26 3.94 5.24
N PHE A 6 -10.82 3.31 6.35
CA PHE A 6 -9.48 3.54 6.91
C PHE A 6 -9.41 4.92 7.58
N PRO A 7 -9.26 4.97 8.92
CA PRO A 7 -9.27 6.22 9.72
C PRO A 7 -8.48 7.37 9.08
N MET A 8 -7.15 7.24 9.07
CA MET A 8 -6.25 8.19 8.38
C MET A 8 -6.05 9.51 9.17
N HIS A 9 -6.13 9.42 10.50
CA HIS A 9 -6.03 10.60 11.41
C HIS A 9 -7.16 11.59 11.12
N GLN A 10 -6.95 12.41 10.12
CA GLN A 10 -7.92 13.38 9.66
C GLN A 10 -7.47 13.94 8.32
N LEU A 11 -6.52 13.26 7.70
CA LEU A 11 -5.83 13.83 6.56
C LEU A 11 -4.95 12.82 5.82
N GLY A 12 -4.12 12.08 6.56
CA GLY A 12 -3.15 11.24 5.90
C GLY A 12 -2.24 10.47 6.83
N ASN A 13 -2.82 9.80 7.84
CA ASN A 13 -2.04 8.93 8.74
C ASN A 13 -1.27 7.93 7.91
N VAL A 14 -1.92 7.43 6.88
CA VAL A 14 -1.31 6.46 6.01
C VAL A 14 -0.04 7.08 5.48
N ILE A 15 -0.14 8.31 4.99
CA ILE A 15 1.00 8.92 4.36
C ILE A 15 2.22 8.99 5.25
N LYS A 16 2.15 9.54 6.47
CA LYS A 16 3.37 9.74 7.23
C LYS A 16 4.02 8.42 7.62
N GLY A 17 3.20 7.52 8.14
CA GLY A 17 3.68 6.24 8.55
C GLY A 17 4.46 5.58 7.43
N ILE A 18 3.88 5.64 6.24
CA ILE A 18 4.46 5.03 5.06
C ILE A 18 5.70 5.76 4.56
N VAL A 19 5.78 7.09 4.69
CA VAL A 19 6.91 7.79 4.10
C VAL A 19 8.17 7.30 4.78
N ASP A 20 8.08 7.10 6.10
CA ASP A 20 9.18 6.54 6.85
C ASP A 20 9.44 5.05 6.58
N GLN A 21 8.38 4.28 6.31
CA GLN A 21 8.51 2.83 6.18
C GLN A 21 8.81 2.39 4.74
N GLU A 22 8.05 2.94 3.81
CA GLU A 22 8.10 2.47 2.42
C GLU A 22 8.50 3.59 1.48
N GLY A 23 8.33 4.82 1.92
CA GLY A 23 8.70 5.97 1.10
C GLY A 23 7.48 6.70 0.57
N VAL A 24 7.72 7.93 0.13
CA VAL A 24 6.67 8.82 -0.34
C VAL A 24 5.78 8.24 -1.43
N ALA A 25 6.35 7.61 -2.43
CA ALA A 25 5.53 7.10 -3.53
C ALA A 25 4.58 5.99 -3.05
N THR A 26 4.95 5.23 -2.03
CA THR A 26 4.03 4.27 -1.45
C THR A 26 3.03 4.97 -0.56
N ALA A 27 3.51 5.91 0.24
CA ALA A 27 2.63 6.71 1.09
C ALA A 27 1.62 7.42 0.23
N TYR A 28 2.10 7.82 -0.92
CA TYR A 28 1.30 8.43 -1.94
C TYR A 28 0.30 7.44 -2.49
N THR A 29 0.80 6.28 -2.89
CA THR A 29 -0.02 5.21 -3.43
C THR A 29 -1.14 4.80 -2.47
N LEU A 30 -0.78 4.60 -1.22
CA LEU A 30 -1.72 4.10 -0.24
C LEU A 30 -2.72 5.19 0.10
N GLY A 31 -2.25 6.43 0.15
CA GLY A 31 -3.16 7.54 0.32
C GLY A 31 -4.17 7.58 -0.81
N MET A 32 -3.73 7.20 -2.01
CA MET A 32 -4.60 7.15 -3.17
C MET A 32 -5.65 6.04 -3.04
N MET A 33 -5.23 4.83 -2.68
CA MET A 33 -6.21 3.75 -2.60
C MET A 33 -7.16 3.92 -1.41
N LEU A 34 -6.61 4.29 -0.26
CA LEU A 34 -7.40 4.44 0.96
C LEU A 34 -8.33 5.65 0.96
N SER A 35 -7.81 6.80 0.54
CA SER A 35 -8.59 8.03 0.58
C SER A 35 -9.47 8.16 -0.64
N GLY A 36 -9.03 7.50 -1.69
CA GLY A 36 -9.64 7.67 -2.97
C GLY A 36 -8.70 8.38 -3.89
N GLN A 37 -9.17 8.69 -5.06
CA GLN A 37 -8.33 9.23 -6.11
C GLN A 37 -8.10 10.73 -5.92
N ASN A 38 -8.24 11.17 -4.67
CA ASN A 38 -8.08 12.56 -4.29
C ASN A 38 -6.60 12.96 -4.34
N TYR A 39 -6.12 13.18 -5.55
CA TYR A 39 -4.73 13.61 -5.76
C TYR A 39 -4.41 14.87 -4.98
N GLN A 40 -5.36 15.78 -4.91
CA GLN A 40 -5.16 17.03 -4.16
C GLN A 40 -4.78 16.74 -2.71
N LEU A 41 -5.46 15.79 -2.10
CA LEU A 41 -5.21 15.46 -0.72
C LEU A 41 -3.83 14.83 -0.55
N VAL A 42 -3.51 13.84 -1.38
CA VAL A 42 -2.24 13.15 -1.25
C VAL A 42 -1.08 14.08 -1.56
N SER A 43 -1.26 14.91 -2.58
CA SER A 43 -0.21 15.81 -2.98
C SER A 43 0.01 16.86 -1.90
N GLY A 44 -1.07 17.32 -1.31
CA GLY A 44 -0.96 18.26 -0.20
C GLY A 44 -0.33 17.62 1.02
N ILE A 45 -0.68 16.36 1.29
CA ILE A 45 -0.18 15.67 2.46
C ILE A 45 1.30 15.30 2.30
N ILE A 46 1.64 14.63 1.20
CA ILE A 46 2.98 14.07 1.01
C ILE A 46 3.98 15.17 0.73
N ARG A 47 3.49 16.29 0.23
CA ARG A 47 4.33 17.43 -0.13
C ARG A 47 5.20 17.85 1.04
N GLY A 48 4.70 17.63 2.24
CA GLY A 48 5.44 17.97 3.43
C GLY A 48 6.35 16.84 3.85
N TYR A 49 6.16 15.68 3.26
CA TYR A 49 6.92 14.49 3.61
C TYR A 49 7.80 14.09 2.46
N LEU A 50 7.67 14.86 1.38
CA LEU A 50 8.45 14.67 0.19
C LEU A 50 9.90 14.97 0.51
N PRO A 51 10.81 14.10 0.04
CA PRO A 51 12.24 14.11 0.38
C PRO A 51 12.85 15.50 0.56
N GLY A 52 12.89 16.25 -0.51
CA GLY A 52 13.37 17.62 -0.46
C GLY A 52 12.55 18.49 -1.38
N GLN A 53 13.04 19.67 -1.72
CA GLN A 53 12.31 20.54 -2.64
C GLN A 53 12.35 19.96 -4.05
N ALA A 54 13.39 19.21 -4.35
CA ALA A 54 13.59 18.67 -5.69
C ALA A 54 12.53 17.62 -6.04
N VAL A 55 12.14 16.79 -5.08
CA VAL A 55 11.17 15.74 -5.33
C VAL A 55 9.79 16.33 -5.58
N VAL A 56 9.40 17.30 -4.75
CA VAL A 56 8.14 18.02 -4.94
C VAL A 56 8.18 18.82 -6.22
N THR A 57 9.37 19.24 -6.61
CA THR A 57 9.53 20.02 -7.80
C THR A 57 9.29 19.13 -8.98
N ALA A 58 9.98 18.02 -9.00
CA ALA A 58 9.82 17.04 -10.04
C ALA A 58 8.41 16.55 -10.13
N LEU A 59 7.76 16.37 -8.98
CA LEU A 59 6.40 15.88 -8.97
C LEU A 59 5.49 16.96 -9.52
N GLN A 60 5.68 18.16 -9.03
CA GLN A 60 4.96 19.32 -9.53
C GLN A 60 5.20 19.50 -11.02
N GLN A 61 6.42 19.27 -11.45
CA GLN A 61 6.80 19.28 -12.84
C GLN A 61 5.90 18.35 -13.66
N ARG A 62 5.75 17.12 -13.17
CA ARG A 62 4.79 16.18 -13.73
C ARG A 62 3.37 16.74 -13.74
N LEU A 63 2.99 17.45 -12.69
CA LEU A 63 1.66 18.02 -12.59
C LEU A 63 1.50 19.19 -13.54
N ASP A 64 2.60 19.90 -13.76
CA ASP A 64 2.67 20.97 -14.75
C ASP A 64 2.34 20.43 -16.13
N GLN A 65 2.81 19.23 -16.38
CA GLN A 65 2.54 18.54 -17.64
C GLN A 65 1.11 18.04 -17.69
N GLU A 66 0.53 17.76 -16.50
CA GLU A 66 -0.86 17.29 -16.32
C GLU A 66 -1.51 16.70 -17.57
N ILE A 67 -1.55 15.37 -17.64
CA ILE A 67 -2.19 14.69 -18.76
C ILE A 67 -3.68 15.06 -18.83
N ASP A 68 -4.26 15.26 -17.67
CA ASP A 68 -5.67 15.59 -17.51
C ASP A 68 -5.86 16.15 -16.12
N ASP A 69 -7.07 16.07 -15.59
CA ASP A 69 -7.30 16.37 -14.19
C ASP A 69 -7.12 15.11 -13.36
N GLN A 70 -7.99 14.13 -13.60
CA GLN A 70 -7.91 12.85 -12.89
C GLN A 70 -6.68 12.04 -13.29
N THR A 71 -6.17 12.24 -14.50
CA THR A 71 -5.04 11.44 -14.96
C THR A 71 -3.77 11.81 -14.22
N ARG A 72 -3.74 13.03 -13.66
CA ARG A 72 -2.64 13.40 -12.77
C ARG A 72 -2.56 12.36 -11.69
N ALA A 73 -3.70 12.15 -11.02
CA ALA A 73 -3.86 11.11 -10.01
C ALA A 73 -3.53 9.72 -10.54
N GLU A 74 -4.10 9.39 -11.69
CA GLU A 74 -3.91 8.07 -12.32
C GLU A 74 -2.44 7.70 -12.42
N THR A 75 -1.62 8.72 -12.65
CA THR A 75 -0.21 8.51 -12.85
C THR A 75 0.62 9.25 -11.80
N PHE A 76 -0.04 9.65 -10.72
CA PHE A 76 0.58 10.53 -9.71
C PHE A 76 1.85 9.91 -9.14
N ILE A 77 1.77 8.65 -8.74
CA ILE A 77 2.92 7.95 -8.17
C ILE A 77 3.89 7.54 -9.26
N GLN A 78 3.38 7.25 -10.43
CA GLN A 78 4.22 7.01 -11.59
C GLN A 78 5.08 8.24 -11.83
N HIS A 79 4.49 9.38 -11.56
CA HIS A 79 5.15 10.66 -11.68
C HIS A 79 6.13 10.88 -10.53
N LEU A 80 5.84 10.28 -9.37
CA LEU A 80 6.72 10.39 -8.20
C LEU A 80 7.96 9.55 -8.42
N ASN A 81 7.76 8.44 -9.09
CA ASN A 81 8.87 7.55 -9.43
C ASN A 81 9.67 8.19 -10.53
N ALA A 82 8.95 8.83 -11.44
CA ALA A 82 9.56 9.70 -12.44
C ALA A 82 10.39 10.78 -11.76
N VAL A 83 9.90 11.20 -10.61
CA VAL A 83 10.62 12.15 -9.80
C VAL A 83 11.94 11.53 -9.40
N TYR A 84 11.85 10.31 -8.87
CA TYR A 84 13.02 9.53 -8.48
C TYR A 84 14.02 9.44 -9.62
N GLU A 85 13.52 9.50 -10.85
CA GLU A 85 14.36 9.36 -12.03
C GLU A 85 14.99 10.70 -12.37
N ILE A 86 14.17 11.73 -12.26
CA ILE A 86 14.59 13.11 -12.46
C ILE A 86 15.77 13.50 -11.56
N LEU A 87 15.61 13.33 -10.26
CA LEU A 87 16.60 13.82 -9.30
C LEU A 87 17.52 12.73 -8.74
N GLY A 88 17.23 11.47 -8.98
CA GLY A 88 18.10 10.42 -8.46
C GLY A 88 17.66 9.85 -7.11
N LEU A 89 16.35 9.82 -6.85
CA LEU A 89 15.85 9.23 -5.60
C LEU A 89 15.60 7.74 -5.77
N ASN A 90 15.51 7.04 -4.64
CA ASN A 90 15.11 5.64 -4.63
C ASN A 90 13.67 5.51 -4.14
N ALA A 91 13.18 4.29 -4.01
CA ALA A 91 11.79 4.06 -3.63
C ALA A 91 11.46 4.61 -2.25
N ARG A 92 12.48 4.82 -1.42
CA ARG A 92 12.27 5.20 -0.03
C ARG A 92 12.14 6.71 0.12
N GLY A 93 12.27 7.43 -0.98
CA GLY A 93 12.29 8.88 -0.90
C GLY A 93 13.65 9.37 -0.46
N GLN A 94 14.62 8.49 -0.51
CA GLN A 94 15.99 8.82 -0.15
C GLN A 94 16.79 9.04 -1.42
N SER A 95 17.78 9.91 -1.36
CA SER A 95 18.60 10.22 -2.52
C SER A 95 19.78 9.26 -2.63
N ILE A 96 19.91 8.64 -3.79
CA ILE A 96 21.00 7.70 -4.04
C ILE A 96 22.12 8.37 -4.80
N ARG A 97 21.93 9.66 -5.03
CA ARG A 97 22.87 10.48 -5.79
C ARG A 97 24.26 10.48 -5.17
N LEU A 98 25.23 10.00 -5.92
CA LEU A 98 26.63 10.08 -5.51
C LEU A 98 27.16 11.48 -5.75
N GLU A 99 26.39 12.26 -6.50
CA GLU A 99 26.75 13.62 -6.81
C GLU A 99 25.48 14.46 -6.97
N ARG B 1 4.15 -7.24 19.29
CA ARG B 1 4.53 -6.23 18.27
C ARG B 1 3.50 -6.15 17.17
N THR B 2 2.97 -4.95 16.95
CA THR B 2 1.99 -4.73 15.91
C THR B 2 2.49 -3.77 14.84
N HIS B 3 3.42 -2.89 15.20
CA HIS B 3 3.86 -1.87 14.25
C HIS B 3 5.19 -1.27 14.64
N GLY B 4 5.83 -0.63 13.68
CA GLY B 4 6.98 0.21 13.98
C GLY B 4 6.60 1.66 13.86
N THR B 5 6.54 2.14 12.62
CA THR B 5 5.93 3.41 12.33
C THR B 5 4.49 3.14 11.85
N PHE B 6 3.66 4.19 11.76
CA PHE B 6 2.25 4.05 11.37
C PHE B 6 1.44 3.43 12.52
N PRO B 7 0.51 4.19 13.14
CA PRO B 7 -0.27 3.77 14.32
C PRO B 7 -0.78 2.33 14.24
N MET B 8 -1.76 2.09 13.37
CA MET B 8 -2.26 0.74 13.07
C MET B 8 -3.23 0.21 14.16
N HIS B 9 -3.95 1.12 14.84
CA HIS B 9 -4.85 0.79 15.96
C HIS B 9 -4.06 0.16 17.11
N GLN B 10 -3.84 -1.14 16.99
CA GLN B 10 -3.07 -1.90 17.96
C GLN B 10 -2.76 -3.26 17.37
N LEU B 11 -2.94 -3.38 16.06
CA LEU B 11 -2.92 -4.69 15.43
C LEU B 11 -2.91 -4.62 13.90
N GLY B 12 -3.79 -3.81 13.31
CA GLY B 12 -3.92 -3.85 11.86
C GLY B 12 -4.97 -2.91 11.31
N ASN B 13 -4.97 -1.64 11.74
CA ASN B 13 -5.88 -0.63 11.18
C ASN B 13 -5.72 -0.59 9.67
N VAL B 14 -4.47 -0.71 9.25
CA VAL B 14 -4.17 -0.69 7.85
C VAL B 14 -4.98 -1.79 7.20
N ILE B 15 -4.93 -2.98 7.77
CA ILE B 15 -5.57 -4.12 7.16
C ILE B 15 -7.05 -3.89 6.92
N LYS B 16 -7.86 -3.52 7.90
CA LYS B 16 -9.30 -3.49 7.68
C LYS B 16 -9.69 -2.44 6.67
N GLY B 17 -9.14 -1.25 6.86
CA GLY B 17 -9.44 -0.16 5.97
C GLY B 17 -9.19 -0.57 4.53
N ILE B 18 -8.05 -1.21 4.33
CA ILE B 18 -7.64 -1.64 3.01
C ILE B 18 -8.46 -2.80 2.47
N VAL B 19 -8.93 -3.71 3.32
CA VAL B 19 -9.63 -4.89 2.77
C VAL B 19 -10.86 -4.40 2.05
N ASP B 20 -11.53 -3.41 2.64
CA ASP B 20 -12.68 -2.78 2.01
C ASP B 20 -12.32 -1.92 0.79
N GLN B 21 -11.18 -1.26 0.82
CA GLN B 21 -10.83 -0.30 -0.23
C GLN B 21 -10.09 -0.96 -1.41
N GLU B 22 -9.09 -1.76 -1.08
CA GLU B 22 -8.18 -2.29 -2.09
C GLU B 22 -8.21 -3.81 -2.12
N GLY B 23 -8.66 -4.41 -1.02
CA GLY B 23 -8.74 -5.85 -0.93
C GLY B 23 -7.68 -6.43 -0.02
N VAL B 24 -7.91 -7.68 0.39
CA VAL B 24 -7.05 -8.36 1.35
C VAL B 24 -5.58 -8.40 0.96
N ALA B 25 -5.25 -8.71 -0.27
CA ALA B 25 -3.85 -8.81 -0.65
C ALA B 25 -3.13 -7.47 -0.54
N THR B 26 -3.83 -6.36 -0.72
CA THR B 26 -3.23 -5.05 -0.47
C THR B 26 -3.18 -4.77 1.01
N ALA B 27 -4.27 -5.08 1.71
CA ALA B 27 -4.30 -4.92 3.17
C ALA B 27 -3.19 -5.73 3.78
N TYR B 28 -2.96 -6.87 3.16
CA TYR B 28 -1.91 -7.77 3.52
C TYR B 28 -0.57 -7.13 3.23
N THR B 29 -0.42 -6.64 2.00
CA THR B 29 0.80 -5.99 1.56
C THR B 29 1.18 -4.81 2.45
N LEU B 30 0.21 -3.97 2.74
CA LEU B 30 0.47 -2.76 3.49
C LEU B 30 0.75 -3.10 4.93
N GLY B 31 0.05 -4.11 5.45
CA GLY B 31 0.36 -4.60 6.77
C GLY B 31 1.80 -5.08 6.84
N MET B 32 2.27 -5.65 5.73
CA MET B 32 3.65 -6.13 5.65
C MET B 32 4.64 -4.98 5.64
N MET B 33 4.41 -3.96 4.83
CA MET B 33 5.38 -2.86 4.78
C MET B 33 5.35 -2.01 6.05
N LEU B 34 4.16 -1.70 6.53
CA LEU B 34 3.99 -0.86 7.71
C LEU B 34 4.38 -1.53 9.01
N SER B 35 3.96 -2.78 9.21
CA SER B 35 4.20 -3.46 10.47
C SER B 35 5.56 -4.11 10.47
N GLY B 36 6.03 -4.39 9.27
CA GLY B 36 7.22 -5.15 9.12
C GLY B 36 6.88 -6.50 8.53
N GLN B 37 7.86 -7.34 8.40
CA GLN B 37 7.70 -8.60 7.71
C GLN B 37 7.04 -9.65 8.61
N ASN B 38 6.29 -9.15 9.59
CA ASN B 38 5.57 -9.98 10.55
C ASN B 38 4.39 -10.68 9.88
N TYR B 39 4.67 -11.72 9.12
CA TYR B 39 3.65 -12.51 8.46
C TYR B 39 2.62 -13.03 9.43
N GLN B 40 3.07 -13.43 10.62
CA GLN B 40 2.16 -13.92 11.65
C GLN B 40 1.07 -12.90 11.96
N LEU B 41 1.47 -11.65 12.08
CA LEU B 41 0.52 -10.61 12.42
C LEU B 41 -0.46 -10.37 11.28
N VAL B 42 0.04 -10.24 10.06
CA VAL B 42 -0.83 -9.96 8.93
C VAL B 42 -1.75 -11.13 8.65
N SER B 43 -1.22 -12.34 8.77
CA SER B 43 -2.00 -13.52 8.51
C SER B 43 -3.09 -13.66 9.56
N GLY B 44 -2.73 -13.36 10.81
CA GLY B 44 -3.71 -13.38 11.87
C GLY B 44 -4.77 -12.31 11.70
N ILE B 45 -4.33 -11.12 11.26
CA ILE B 45 -5.24 -10.00 11.13
C ILE B 45 -6.18 -10.18 9.93
N ILE B 46 -5.61 -10.48 8.74
CA ILE B 46 -6.38 -10.50 7.50
C ILE B 46 -7.25 -11.74 7.45
N ARG B 47 -6.87 -12.76 8.20
CA ARG B 47 -7.58 -14.04 8.21
C ARG B 47 -9.05 -13.82 8.55
N GLY B 48 -9.33 -12.79 9.30
CA GLY B 48 -10.69 -12.47 9.67
C GLY B 48 -11.35 -11.60 8.63
N TYR B 49 -10.55 -11.06 7.71
CA TYR B 49 -11.04 -10.15 6.70
C TYR B 49 -10.91 -10.80 5.34
N LEU B 50 -10.37 -12.00 5.37
CA LEU B 50 -10.21 -12.81 4.19
C LEU B 50 -11.59 -13.18 3.66
N PRO B 51 -11.76 -13.06 2.34
CA PRO B 51 -13.06 -13.19 1.65
C PRO B 51 -13.98 -14.26 2.25
N GLY B 52 -13.56 -15.51 2.15
CA GLY B 52 -14.30 -16.61 2.73
C GLY B 52 -13.35 -17.62 3.31
N GLN B 53 -13.83 -18.83 3.59
CA GLN B 53 -12.94 -19.86 4.11
C GLN B 53 -11.98 -20.32 3.03
N ALA B 54 -12.40 -20.22 1.77
CA ALA B 54 -11.61 -20.70 0.65
C ALA B 54 -10.34 -19.89 0.46
N VAL B 55 -10.41 -18.57 0.64
CA VAL B 55 -9.24 -17.71 0.45
C VAL B 55 -8.20 -17.98 1.53
N VAL B 56 -8.64 -18.08 2.78
CA VAL B 56 -7.76 -18.42 3.88
C VAL B 56 -7.22 -19.83 3.72
N THR B 57 -8.01 -20.67 3.08
CA THR B 57 -7.62 -22.04 2.87
C THR B 57 -6.50 -22.06 1.87
N ALA B 58 -6.72 -21.41 0.76
CA ALA B 58 -5.74 -21.30 -0.29
C ALA B 58 -4.48 -20.65 0.21
N LEU B 59 -4.63 -19.64 1.07
CA LEU B 59 -3.48 -18.93 1.58
C LEU B 59 -2.73 -19.85 2.53
N GLN B 60 -3.48 -20.48 3.41
CA GLN B 60 -2.93 -21.48 4.30
C GLN B 60 -2.26 -22.61 3.54
N GLN B 61 -2.87 -22.99 2.45
CA GLN B 61 -2.33 -23.97 1.52
C GLN B 61 -0.92 -23.57 1.08
N ARG B 62 -0.79 -22.32 0.65
CA ARG B 62 0.51 -21.74 0.35
C ARG B 62 1.45 -21.82 1.55
N LEU B 63 0.93 -21.59 2.75
CA LEU B 63 1.75 -21.62 3.95
C LEU B 63 2.14 -23.05 4.30
N ASP B 64 1.24 -23.98 3.97
CA ASP B 64 1.52 -25.40 4.09
C ASP B 64 2.73 -25.79 3.26
N GLN B 65 2.83 -25.17 2.11
CA GLN B 65 3.96 -25.38 1.21
C GLN B 65 5.22 -24.69 1.74
N GLU B 66 5.01 -23.60 2.50
CA GLU B 66 6.08 -22.79 3.15
C GLU B 66 7.47 -22.99 2.54
N ILE B 67 7.88 -22.04 1.69
CA ILE B 67 9.21 -22.08 1.09
C ILE B 67 10.29 -22.03 2.17
N ASP B 68 9.98 -21.31 3.23
CA ASP B 68 10.88 -21.10 4.36
C ASP B 68 10.06 -20.60 5.53
N ASP B 69 10.69 -19.91 6.46
CA ASP B 69 9.95 -19.21 7.50
C ASP B 69 9.64 -17.79 7.02
N GLN B 70 10.68 -17.00 6.81
CA GLN B 70 10.52 -15.63 6.32
C GLN B 70 10.03 -15.59 4.88
N THR B 71 10.31 -16.62 4.09
CA THR B 71 9.93 -16.59 2.68
C THR B 71 8.43 -16.71 2.52
N ARG B 72 7.76 -17.27 3.54
CA ARG B 72 6.30 -17.27 3.56
C ARG B 72 5.85 -15.82 3.41
N ALA B 73 6.38 -14.98 4.28
CA ALA B 73 6.16 -13.54 4.25
C ALA B 73 6.58 -12.92 2.93
N GLU B 74 7.78 -13.26 2.48
CA GLU B 74 8.35 -12.73 1.23
C GLU B 74 7.38 -12.89 0.07
N THR B 75 6.63 -13.97 0.08
CA THR B 75 5.74 -14.29 -0.99
C THR B 75 4.30 -14.37 -0.51
N PHE B 76 4.04 -13.84 0.69
CA PHE B 76 2.75 -14.02 1.36
C PHE B 76 1.59 -13.51 0.50
N ILE B 77 1.73 -12.30 -0.03
CA ILE B 77 0.70 -11.71 -0.86
C ILE B 77 0.71 -12.33 -2.25
N GLN B 78 1.88 -12.71 -2.73
CA GLN B 78 1.99 -13.48 -3.96
C GLN B 78 1.17 -14.75 -3.82
N HIS B 79 1.17 -15.28 -2.62
CA HIS B 79 0.41 -16.47 -2.28
C HIS B 79 -1.08 -16.15 -2.15
N LEU B 80 -1.40 -14.90 -1.78
CA LEU B 80 -2.79 -14.47 -1.65
C LEU B 80 -3.39 -14.28 -3.03
N ASN B 81 -2.56 -13.83 -3.95
CA ASN B 81 -2.97 -13.66 -5.32
C ASN B 81 -3.09 -15.03 -5.97
N ALA B 82 -2.16 -15.90 -5.58
CA ALA B 82 -2.25 -17.31 -5.90
C ALA B 82 -3.55 -17.88 -5.39
N VAL B 83 -3.99 -17.36 -4.26
CA VAL B 83 -5.26 -17.73 -3.69
C VAL B 83 -6.33 -17.35 -4.68
N TYR B 84 -6.28 -16.09 -5.11
CA TYR B 84 -7.20 -15.55 -6.10
C TYR B 84 -7.26 -16.45 -7.34
N GLU B 85 -6.16 -17.14 -7.61
CA GLU B 85 -6.07 -17.98 -8.79
C GLU B 85 -6.67 -19.34 -8.50
N ILE B 86 -6.39 -19.83 -7.31
CA ILE B 86 -6.93 -21.07 -6.81
C ILE B 86 -8.45 -21.09 -6.82
N LEU B 87 -9.07 -20.11 -6.18
CA LEU B 87 -10.53 -20.12 -5.99
C LEU B 87 -11.29 -19.19 -6.94
N GLY B 88 -10.60 -18.34 -7.69
CA GLY B 88 -11.31 -17.45 -8.60
C GLY B 88 -11.63 -16.08 -8.01
N LEU B 89 -10.79 -15.56 -7.12
CA LEU B 89 -11.00 -14.22 -6.56
C LEU B 89 -10.32 -13.16 -7.42
N ASN B 90 -10.76 -11.93 -7.23
CA ASN B 90 -10.11 -10.78 -7.86
C ASN B 90 -9.27 -10.03 -6.83
N ALA B 91 -8.67 -8.92 -7.23
CA ALA B 91 -7.77 -8.17 -6.35
C ALA B 91 -8.48 -7.62 -5.11
N ARG B 92 -9.80 -7.51 -5.18
CA ARG B 92 -10.58 -6.87 -4.12
C ARG B 92 -10.95 -7.87 -3.03
N GLY B 93 -10.58 -9.12 -3.21
CA GLY B 93 -11.00 -10.14 -2.28
C GLY B 93 -12.43 -10.56 -2.55
N GLN B 94 -12.92 -10.17 -3.72
CA GLN B 94 -14.25 -10.54 -4.16
C GLN B 94 -14.17 -11.70 -5.14
N SER B 95 -15.18 -12.55 -5.16
CA SER B 95 -15.18 -13.70 -6.03
C SER B 95 -15.76 -13.34 -7.40
N ILE B 96 -15.02 -13.66 -8.45
CA ILE B 96 -15.45 -13.38 -9.82
C ILE B 96 -16.03 -14.64 -10.45
N ARG B 97 -16.09 -15.68 -9.65
CA ARG B 97 -16.56 -16.98 -10.08
C ARG B 97 -17.98 -16.93 -10.60
N LEU B 98 -18.15 -17.30 -11.86
CA LEU B 98 -19.48 -17.44 -12.44
C LEU B 98 -20.10 -18.76 -12.01
N GLU B 99 -19.27 -19.62 -11.44
CA GLU B 99 -19.69 -20.92 -10.96
C GLU B 99 -18.85 -21.31 -9.75
N ARG A 1 -12.79 16.54 3.84
CA ARG A 1 -12.58 15.48 2.82
C ARG A 1 -11.18 14.90 2.94
N THR A 2 -11.08 13.70 3.50
CA THR A 2 -9.80 13.05 3.67
C THR A 2 -9.88 11.53 3.44
N HIS A 3 -10.60 10.82 4.30
CA HIS A 3 -10.53 9.35 4.27
C HIS A 3 -11.89 8.71 4.03
N GLY A 4 -11.86 7.40 3.81
CA GLY A 4 -13.07 6.63 3.68
C GLY A 4 -13.15 5.55 4.75
N THR A 5 -13.03 4.30 4.34
CA THR A 5 -13.09 3.18 5.26
C THR A 5 -11.86 3.16 6.18
N PHE A 6 -10.69 3.44 5.59
CA PHE A 6 -9.45 3.48 6.34
C PHE A 6 -9.42 4.72 7.25
N PRO A 7 -9.18 4.52 8.56
CA PRO A 7 -9.25 5.59 9.58
C PRO A 7 -8.52 6.88 9.19
N MET A 8 -7.18 6.83 9.10
CA MET A 8 -6.38 7.99 8.67
C MET A 8 -6.47 9.14 9.69
N HIS A 9 -5.52 10.08 9.65
CA HIS A 9 -5.60 11.27 10.49
C HIS A 9 -6.69 12.18 9.95
N GLN A 10 -6.61 13.47 10.21
CA GLN A 10 -7.52 14.41 9.58
C GLN A 10 -7.07 14.70 8.15
N LEU A 11 -6.09 13.93 7.67
CA LEU A 11 -5.52 14.17 6.34
C LEU A 11 -4.79 12.94 5.78
N GLY A 12 -3.87 12.35 6.53
CA GLY A 12 -3.06 11.28 5.97
C GLY A 12 -2.18 10.55 6.98
N ASN A 13 -2.78 9.72 7.84
CA ASN A 13 -2.01 8.90 8.79
C ASN A 13 -1.21 7.89 8.01
N VAL A 14 -1.85 7.42 6.96
CA VAL A 14 -1.24 6.47 6.06
C VAL A 14 0.03 7.10 5.56
N ILE A 15 -0.08 8.34 5.09
CA ILE A 15 1.05 8.96 4.49
C ILE A 15 2.25 9.05 5.39
N LYS A 16 2.17 9.59 6.63
CA LYS A 16 3.41 9.76 7.41
C LYS A 16 4.09 8.44 7.70
N GLY A 17 3.29 7.51 8.19
CA GLY A 17 3.84 6.24 8.58
C GLY A 17 4.63 5.61 7.46
N ILE A 18 4.04 5.68 6.28
CA ILE A 18 4.63 5.12 5.09
C ILE A 18 5.84 5.89 4.60
N VAL A 19 5.86 7.23 4.74
CA VAL A 19 6.96 7.99 4.14
C VAL A 19 8.25 7.56 4.80
N ASP A 20 8.19 7.36 6.12
CA ASP A 20 9.32 6.85 6.87
C ASP A 20 9.71 5.45 6.48
N GLN A 21 8.73 4.58 6.32
CA GLN A 21 9.01 3.14 6.21
C GLN A 21 9.17 2.69 4.77
N GLU A 22 8.24 3.07 3.92
CA GLU A 22 8.21 2.58 2.55
C GLU A 22 8.53 3.69 1.56
N GLY A 23 8.40 4.92 2.03
CA GLY A 23 8.74 6.06 1.21
C GLY A 23 7.52 6.77 0.66
N VAL A 24 7.74 8.01 0.25
CA VAL A 24 6.68 8.89 -0.22
C VAL A 24 5.83 8.30 -1.32
N ALA A 25 6.43 7.69 -2.33
CA ALA A 25 5.64 7.15 -3.43
C ALA A 25 4.68 6.03 -2.98
N THR A 26 5.06 5.25 -1.97
CA THR A 26 4.12 4.27 -1.42
C THR A 26 3.10 4.96 -0.53
N ALA A 27 3.55 5.92 0.28
CA ALA A 27 2.65 6.70 1.11
C ALA A 27 1.65 7.40 0.23
N TYR A 28 2.15 7.83 -0.91
CA TYR A 28 1.38 8.47 -1.92
C TYR A 28 0.39 7.48 -2.52
N THR A 29 0.90 6.33 -2.93
CA THR A 29 0.10 5.24 -3.47
C THR A 29 -1.04 4.84 -2.55
N LEU A 30 -0.72 4.64 -1.29
CA LEU A 30 -1.69 4.17 -0.34
C LEU A 30 -2.69 5.26 -0.03
N GLY A 31 -2.20 6.50 -0.02
CA GLY A 31 -3.09 7.63 0.07
C GLY A 31 -4.08 7.64 -1.10
N MET A 32 -3.63 7.18 -2.25
CA MET A 32 -4.50 7.08 -3.41
C MET A 32 -5.57 6.01 -3.21
N MET A 33 -5.20 4.82 -2.77
CA MET A 33 -6.20 3.78 -2.56
C MET A 33 -7.09 4.05 -1.35
N LEU A 34 -6.48 4.38 -0.23
CA LEU A 34 -7.20 4.55 1.03
C LEU A 34 -8.09 5.78 1.07
N SER A 35 -7.57 6.91 0.64
CA SER A 35 -8.29 8.16 0.77
C SER A 35 -9.00 8.49 -0.53
N GLY A 36 -9.01 7.54 -1.43
CA GLY A 36 -9.63 7.75 -2.70
C GLY A 36 -8.70 8.41 -3.69
N GLN A 37 -9.19 8.67 -4.87
CA GLN A 37 -8.38 9.17 -5.96
C GLN A 37 -8.15 10.67 -5.83
N ASN A 38 -8.29 11.16 -4.59
CA ASN A 38 -8.10 12.56 -4.28
C ASN A 38 -6.61 12.91 -4.36
N TYR A 39 -6.11 13.02 -5.58
CA TYR A 39 -4.73 13.40 -5.82
C TYR A 39 -4.41 14.72 -5.17
N GLN A 40 -5.38 15.63 -5.19
CA GLN A 40 -5.23 16.91 -4.51
C GLN A 40 -4.88 16.70 -3.05
N LEU A 41 -5.53 15.74 -2.41
CA LEU A 41 -5.26 15.48 -1.02
C LEU A 41 -3.85 14.91 -0.84
N VAL A 42 -3.52 13.85 -1.57
CA VAL A 42 -2.24 13.17 -1.37
C VAL A 42 -1.08 14.10 -1.67
N SER A 43 -1.24 14.91 -2.67
CA SER A 43 -0.20 15.85 -3.03
C SER A 43 -0.07 16.91 -1.95
N GLY A 44 -1.19 17.26 -1.35
CA GLY A 44 -1.20 18.18 -0.24
C GLY A 44 -0.57 17.57 1.01
N ILE A 45 -0.88 16.31 1.29
CA ILE A 45 -0.34 15.63 2.46
C ILE A 45 1.15 15.31 2.29
N ILE A 46 1.53 14.67 1.17
CA ILE A 46 2.88 14.14 0.99
C ILE A 46 3.87 15.26 0.69
N ARG A 47 3.37 16.38 0.18
CA ARG A 47 4.23 17.51 -0.20
C ARG A 47 5.11 17.94 0.96
N GLY A 48 4.57 17.82 2.15
CA GLY A 48 5.31 18.20 3.32
C GLY A 48 6.21 17.08 3.79
N TYR A 49 5.97 15.89 3.25
CA TYR A 49 6.67 14.69 3.69
C TYR A 49 7.60 14.24 2.58
N LEU A 50 7.52 14.98 1.48
CA LEU A 50 8.37 14.76 0.33
C LEU A 50 9.81 15.06 0.71
N PRO A 51 10.75 14.23 0.24
CA PRO A 51 12.17 14.27 0.60
C PRO A 51 12.72 15.69 0.75
N GLY A 52 12.75 16.42 -0.34
CA GLY A 52 13.19 17.81 -0.33
C GLY A 52 12.37 18.62 -1.30
N GLN A 53 12.84 19.80 -1.67
CA GLN A 53 12.11 20.61 -2.64
C GLN A 53 12.23 20.00 -4.04
N ALA A 54 13.31 19.27 -4.28
CA ALA A 54 13.56 18.68 -5.60
C ALA A 54 12.52 17.61 -5.94
N VAL A 55 12.16 16.78 -4.96
CA VAL A 55 11.20 15.70 -5.20
C VAL A 55 9.81 16.27 -5.51
N VAL A 56 9.40 17.27 -4.74
CA VAL A 56 8.13 17.95 -4.96
C VAL A 56 8.17 18.70 -6.28
N THR A 57 9.36 19.16 -6.64
CA THR A 57 9.53 19.92 -7.84
C THR A 57 9.29 19.01 -9.01
N ALA A 58 9.99 17.89 -9.01
CA ALA A 58 9.85 16.88 -10.01
C ALA A 58 8.44 16.36 -10.10
N LEU A 59 7.80 16.16 -8.97
CA LEU A 59 6.45 15.63 -8.97
C LEU A 59 5.53 16.68 -9.57
N GLN A 60 5.68 17.89 -9.08
CA GLN A 60 4.93 19.02 -9.60
C GLN A 60 5.20 19.24 -11.07
N GLN A 61 6.43 19.04 -11.47
CA GLN A 61 6.85 19.14 -12.86
C GLN A 61 5.98 18.27 -13.75
N ARG A 62 5.87 17.01 -13.37
CA ARG A 62 4.98 16.08 -14.06
C ARG A 62 3.53 16.51 -14.01
N LEU A 63 3.14 17.12 -12.90
CA LEU A 63 1.76 17.60 -12.74
C LEU A 63 1.49 18.77 -13.67
N ASP A 64 2.51 19.61 -13.86
CA ASP A 64 2.43 20.71 -14.82
C ASP A 64 2.11 20.19 -16.20
N GLN A 65 2.66 19.03 -16.50
CA GLN A 65 2.43 18.36 -17.77
C GLN A 65 1.03 17.72 -17.81
N GLU A 66 0.50 17.38 -16.62
CA GLU A 66 -0.86 16.82 -16.42
C GLU A 66 -1.50 16.22 -17.68
N ILE A 67 -1.51 14.89 -17.75
CA ILE A 67 -2.12 14.19 -18.88
C ILE A 67 -3.62 14.51 -18.97
N ASP A 68 -4.23 14.68 -17.80
CA ASP A 68 -5.65 14.96 -17.67
C ASP A 68 -5.87 15.51 -16.28
N ASP A 69 -7.09 15.43 -15.78
CA ASP A 69 -7.35 15.76 -14.38
C ASP A 69 -7.11 14.52 -13.53
N GLN A 70 -7.96 13.52 -13.69
CA GLN A 70 -7.84 12.26 -12.96
C GLN A 70 -6.57 11.49 -13.35
N THR A 71 -6.07 11.72 -14.56
CA THR A 71 -4.90 10.97 -15.01
C THR A 71 -3.65 11.42 -14.27
N ARG A 72 -3.68 12.64 -13.72
CA ARG A 72 -2.60 13.07 -12.84
C ARG A 72 -2.48 12.05 -11.73
N ALA A 73 -3.61 11.80 -11.08
CA ALA A 73 -3.73 10.77 -10.05
C ALA A 73 -3.34 9.38 -10.56
N GLU A 74 -3.87 9.02 -11.73
CA GLU A 74 -3.60 7.71 -12.34
C GLU A 74 -2.11 7.42 -12.43
N THR A 75 -1.35 8.47 -12.64
CA THR A 75 0.08 8.33 -12.83
C THR A 75 0.86 9.09 -11.77
N PHE A 76 0.17 9.52 -10.72
CA PHE A 76 0.76 10.42 -9.72
C PHE A 76 2.02 9.83 -9.11
N ILE A 77 1.95 8.58 -8.68
CA ILE A 77 3.08 7.90 -8.08
C ILE A 77 4.08 7.47 -9.14
N GLN A 78 3.60 7.16 -10.33
CA GLN A 78 4.47 6.93 -11.45
C GLN A 78 5.34 8.15 -11.68
N HIS A 79 4.73 9.30 -11.44
CA HIS A 79 5.40 10.58 -11.58
C HIS A 79 6.35 10.79 -10.41
N LEU A 80 6.03 10.21 -9.25
CA LEU A 80 6.87 10.34 -8.06
C LEU A 80 8.12 9.47 -8.22
N ASN A 81 7.94 8.35 -8.87
CA ASN A 81 9.05 7.45 -9.14
C ASN A 81 9.89 8.06 -10.26
N ALA A 82 9.20 8.68 -11.19
CA ALA A 82 9.81 9.51 -12.21
C ALA A 82 10.62 10.61 -11.55
N VAL A 83 10.11 11.08 -10.43
CA VAL A 83 10.80 12.06 -9.63
C VAL A 83 12.11 11.46 -9.20
N TYR A 84 12.01 10.25 -8.65
CA TYR A 84 13.18 9.48 -8.22
C TYR A 84 14.18 9.36 -9.36
N GLU A 85 13.69 9.40 -10.60
CA GLU A 85 14.56 9.25 -11.76
C GLU A 85 15.20 10.60 -12.09
N ILE A 86 14.38 11.62 -12.00
CA ILE A 86 14.80 13.00 -12.21
C ILE A 86 15.95 13.41 -11.28
N LEU A 87 15.74 13.26 -9.98
CA LEU A 87 16.71 13.75 -8.99
C LEU A 87 17.63 12.68 -8.40
N GLY A 88 17.34 11.40 -8.65
CA GLY A 88 18.20 10.36 -8.11
C GLY A 88 17.74 9.79 -6.77
N LEU A 89 16.43 9.74 -6.54
CA LEU A 89 15.90 9.13 -5.32
C LEU A 89 15.67 7.64 -5.52
N ASN A 90 15.51 6.93 -4.40
CA ASN A 90 15.15 5.53 -4.42
C ASN A 90 13.69 5.34 -4.01
N ALA A 91 13.23 4.09 -3.98
CA ALA A 91 11.84 3.79 -3.67
C ALA A 91 11.42 4.29 -2.27
N ARG A 92 12.39 4.47 -1.40
CA ARG A 92 12.12 4.78 0.00
C ARG A 92 11.97 6.28 0.21
N GLY A 93 12.07 7.04 -0.88
CA GLY A 93 11.98 8.48 -0.76
C GLY A 93 13.29 9.08 -0.27
N GLN A 94 14.30 8.23 -0.24
CA GLN A 94 15.64 8.65 0.14
C GLN A 94 16.49 8.83 -1.12
N SER A 95 17.55 9.61 -1.03
CA SER A 95 18.38 9.83 -2.20
C SER A 95 19.55 8.85 -2.21
N ILE A 96 19.91 8.42 -3.41
CA ILE A 96 21.00 7.46 -3.59
C ILE A 96 22.21 8.15 -4.18
N ARG A 97 22.16 9.47 -4.18
CA ARG A 97 23.26 10.29 -4.66
C ARG A 97 24.55 9.95 -3.95
N LEU A 98 25.49 9.37 -4.70
CA LEU A 98 26.79 8.98 -4.17
C LEU A 98 26.65 7.92 -3.06
N GLU A 99 25.66 7.05 -3.23
CA GLU A 99 25.41 5.95 -2.29
C GLU A 99 25.06 6.47 -0.90
N ARG B 1 3.31 -6.65 19.91
CA ARG B 1 4.03 -6.56 18.62
C ARG B 1 3.03 -6.40 17.47
N THR B 2 2.93 -5.19 16.95
CA THR B 2 2.01 -4.92 15.85
C THR B 2 2.60 -3.93 14.85
N HIS B 3 2.80 -2.68 15.25
CA HIS B 3 3.13 -1.63 14.28
C HIS B 3 4.47 -0.96 14.56
N GLY B 4 4.91 -0.14 13.62
CA GLY B 4 6.10 0.66 13.81
C GLY B 4 5.80 2.14 13.72
N THR B 5 6.25 2.77 12.65
CA THR B 5 6.02 4.20 12.45
C THR B 5 4.54 4.48 12.17
N PHE B 6 3.94 3.62 11.35
CA PHE B 6 2.53 3.74 11.01
C PHE B 6 1.66 3.39 12.22
N PRO B 7 0.74 4.29 12.61
CA PRO B 7 -0.08 4.15 13.82
C PRO B 7 -0.73 2.77 13.99
N MET B 8 -1.68 2.42 13.12
CA MET B 8 -2.32 1.10 13.16
C MET B 8 -3.15 0.91 14.44
N HIS B 9 -4.08 -0.05 14.44
CA HIS B 9 -4.83 -0.38 15.65
C HIS B 9 -3.89 -1.12 16.60
N GLN B 10 -4.43 -1.92 17.49
CA GLN B 10 -3.61 -2.80 18.30
C GLN B 10 -3.17 -4.02 17.50
N LEU B 11 -3.43 -4.00 16.19
CA LEU B 11 -3.11 -5.14 15.34
C LEU B 11 -3.02 -4.77 13.85
N GLY B 12 -4.05 -4.10 13.30
CA GLY B 12 -4.06 -3.86 11.87
C GLY B 12 -5.15 -2.90 11.39
N ASN B 13 -4.99 -1.62 11.66
CA ASN B 13 -5.94 -0.60 11.17
C ASN B 13 -5.84 -0.54 9.67
N VAL B 14 -4.60 -0.69 9.23
CA VAL B 14 -4.30 -0.70 7.83
C VAL B 14 -5.11 -1.80 7.19
N ILE B 15 -5.07 -2.97 7.81
CA ILE B 15 -5.71 -4.10 7.22
C ILE B 15 -7.20 -3.90 7.02
N LYS B 16 -8.01 -3.50 8.01
CA LYS B 16 -9.46 -3.45 7.77
C LYS B 16 -9.82 -2.47 6.69
N GLY B 17 -9.28 -1.27 6.82
CA GLY B 17 -9.62 -0.22 5.89
C GLY B 17 -9.38 -0.66 4.47
N ILE B 18 -8.24 -1.30 4.28
CA ILE B 18 -7.85 -1.77 2.98
C ILE B 18 -8.67 -2.95 2.49
N VAL B 19 -9.10 -3.86 3.38
CA VAL B 19 -9.76 -5.07 2.91
C VAL B 19 -11.04 -4.66 2.19
N ASP B 20 -11.73 -3.69 2.77
CA ASP B 20 -12.92 -3.12 2.14
C ASP B 20 -12.63 -2.41 0.83
N GLN B 21 -11.57 -1.63 0.79
CA GLN B 21 -11.36 -0.71 -0.32
C GLN B 21 -10.51 -1.31 -1.42
N GLU B 22 -9.39 -1.90 -1.05
CA GLU B 22 -8.42 -2.37 -2.02
C GLU B 22 -8.36 -3.89 -2.02
N GLY B 23 -8.84 -4.49 -0.94
CA GLY B 23 -8.88 -5.93 -0.84
C GLY B 23 -7.81 -6.48 0.07
N VAL B 24 -8.03 -7.71 0.49
CA VAL B 24 -7.17 -8.39 1.45
C VAL B 24 -5.71 -8.44 1.03
N ALA B 25 -5.41 -8.75 -0.21
CA ALA B 25 -4.01 -8.85 -0.63
C ALA B 25 -3.28 -7.50 -0.54
N THR B 26 -3.97 -6.40 -0.73
CA THR B 26 -3.36 -5.09 -0.50
C THR B 26 -3.29 -4.78 0.98
N ALA B 27 -4.35 -5.10 1.71
CA ALA B 27 -4.35 -4.93 3.16
C ALA B 27 -3.24 -5.75 3.77
N TYR B 28 -3.04 -6.90 3.16
CA TYR B 28 -2.01 -7.82 3.51
C TYR B 28 -0.65 -7.22 3.18
N THR B 29 -0.51 -6.74 1.94
CA THR B 29 0.70 -6.09 1.48
C THR B 29 1.11 -4.93 2.37
N LEU B 30 0.17 -4.07 2.68
CA LEU B 30 0.46 -2.89 3.44
C LEU B 30 0.76 -3.25 4.88
N GLY B 31 0.07 -4.28 5.37
CA GLY B 31 0.41 -4.84 6.65
C GLY B 31 1.86 -5.33 6.67
N MET B 32 2.32 -5.82 5.53
CA MET B 32 3.70 -6.25 5.41
C MET B 32 4.67 -5.07 5.49
N MET B 33 4.41 -4.01 4.74
CA MET B 33 5.31 -2.86 4.79
C MET B 33 5.20 -2.07 6.10
N LEU B 34 3.98 -1.77 6.50
CA LEU B 34 3.72 -0.93 7.67
C LEU B 34 4.08 -1.59 8.99
N SER B 35 3.66 -2.83 9.17
CA SER B 35 3.82 -3.49 10.44
C SER B 35 5.05 -4.37 10.43
N GLY B 36 5.84 -4.23 9.39
CA GLY B 36 7.02 -5.03 9.25
C GLY B 36 6.73 -6.36 8.61
N GLN B 37 7.75 -7.17 8.48
CA GLN B 37 7.66 -8.43 7.76
C GLN B 37 7.03 -9.51 8.63
N ASN B 38 6.28 -9.07 9.63
CA ASN B 38 5.59 -9.96 10.55
C ASN B 38 4.42 -10.63 9.85
N TYR B 39 4.75 -11.60 9.01
CA TYR B 39 3.76 -12.37 8.29
C TYR B 39 2.79 -13.03 9.26
N GLN B 40 3.31 -13.47 10.39
CA GLN B 40 2.47 -14.03 11.45
C GLN B 40 1.38 -13.05 11.83
N LEU B 41 1.73 -11.78 11.94
CA LEU B 41 0.76 -10.78 12.31
C LEU B 41 -0.27 -10.60 11.21
N VAL B 42 0.17 -10.36 9.98
CA VAL B 42 -0.76 -10.05 8.89
C VAL B 42 -1.68 -11.21 8.62
N SER B 43 -1.17 -12.41 8.73
CA SER B 43 -1.99 -13.58 8.51
C SER B 43 -2.99 -13.71 9.64
N GLY B 44 -2.58 -13.32 10.83
CA GLY B 44 -3.48 -13.31 11.96
C GLY B 44 -4.56 -12.24 11.83
N ILE B 45 -4.17 -11.05 11.37
CA ILE B 45 -5.10 -9.96 11.20
C ILE B 45 -6.05 -10.19 10.03
N ILE B 46 -5.51 -10.51 8.85
CA ILE B 46 -6.30 -10.57 7.61
C ILE B 46 -7.15 -11.83 7.58
N ARG B 47 -6.75 -12.86 8.31
CA ARG B 47 -7.46 -14.14 8.31
C ARG B 47 -8.93 -13.96 8.64
N GLY B 48 -9.20 -12.99 9.49
CA GLY B 48 -10.56 -12.71 9.87
C GLY B 48 -11.25 -11.82 8.86
N TYR B 49 -10.44 -11.22 7.99
CA TYR B 49 -10.95 -10.24 7.05
C TYR B 49 -10.87 -10.83 5.65
N LEU B 50 -10.35 -12.04 5.60
CA LEU B 50 -10.24 -12.81 4.39
C LEU B 50 -11.65 -13.16 3.91
N PRO B 51 -11.86 -13.07 2.58
CA PRO B 51 -13.18 -13.23 1.93
C PRO B 51 -14.05 -14.32 2.57
N GLY B 52 -13.59 -15.56 2.47
CA GLY B 52 -14.27 -16.68 3.08
C GLY B 52 -13.27 -17.69 3.58
N GLN B 53 -13.69 -18.91 3.87
CA GLN B 53 -12.75 -19.93 4.32
C GLN B 53 -11.86 -20.38 3.17
N ALA B 54 -12.37 -20.27 1.94
CA ALA B 54 -11.63 -20.71 0.76
C ALA B 54 -10.37 -19.87 0.53
N VAL B 55 -10.47 -18.56 0.73
CA VAL B 55 -9.33 -17.68 0.51
C VAL B 55 -8.22 -17.94 1.55
N VAL B 56 -8.62 -18.09 2.81
CA VAL B 56 -7.69 -18.42 3.87
C VAL B 56 -7.11 -19.81 3.65
N THR B 57 -7.92 -20.67 3.06
CA THR B 57 -7.51 -22.02 2.83
C THR B 57 -6.41 -22.02 1.81
N ALA B 58 -6.67 -21.37 0.70
CA ALA B 58 -5.71 -21.22 -0.35
C ALA B 58 -4.45 -20.54 0.11
N LEU B 59 -4.59 -19.52 0.95
CA LEU B 59 -3.44 -18.80 1.42
C LEU B 59 -2.64 -19.71 2.32
N GLN B 60 -3.34 -20.33 3.24
CA GLN B 60 -2.75 -21.31 4.13
C GLN B 60 -2.11 -22.47 3.37
N GLN B 61 -2.77 -22.86 2.30
CA GLN B 61 -2.29 -23.91 1.43
C GLN B 61 -0.87 -23.61 0.97
N ARG B 62 -0.69 -22.41 0.43
CA ARG B 62 0.62 -21.94 0.02
C ARG B 62 1.59 -21.87 1.19
N LEU B 63 1.08 -21.52 2.37
CA LEU B 63 1.91 -21.43 3.57
C LEU B 63 2.38 -22.81 4.01
N ASP B 64 1.51 -23.80 3.83
CA ASP B 64 1.87 -25.19 4.08
C ASP B 64 3.08 -25.58 3.25
N GLN B 65 3.12 -25.06 2.05
CA GLN B 65 4.22 -25.29 1.13
C GLN B 65 5.47 -24.51 1.55
N GLU B 66 5.24 -23.37 2.24
CA GLU B 66 6.30 -22.51 2.81
C GLU B 66 7.70 -22.67 2.18
N ILE B 67 8.07 -21.74 1.33
CA ILE B 67 9.38 -21.77 0.69
C ILE B 67 10.50 -21.70 1.74
N ASP B 68 10.22 -20.95 2.79
CA ASP B 68 11.17 -20.71 3.89
C ASP B 68 10.37 -20.20 5.06
N ASP B 69 11.01 -19.52 6.00
CA ASP B 69 10.28 -18.82 7.05
C ASP B 69 9.90 -17.42 6.56
N GLN B 70 10.90 -16.58 6.36
CA GLN B 70 10.67 -15.22 5.87
C GLN B 70 10.13 -15.22 4.43
N THR B 71 10.41 -16.26 3.67
CA THR B 71 9.98 -16.28 2.27
C THR B 71 8.48 -16.46 2.18
N ARG B 72 7.86 -17.02 3.23
CA ARG B 72 6.42 -17.06 3.30
C ARG B 72 5.91 -15.64 3.14
N ALA B 73 6.44 -14.76 3.99
CA ALA B 73 6.17 -13.33 3.93
C ALA B 73 6.53 -12.72 2.58
N GLU B 74 7.72 -13.05 2.08
CA GLU B 74 8.21 -12.53 0.81
C GLU B 74 7.21 -12.74 -0.32
N THR B 75 6.48 -13.84 -0.23
CA THR B 75 5.54 -14.22 -1.27
C THR B 75 4.13 -14.31 -0.73
N PHE B 76 3.91 -13.79 0.48
CA PHE B 76 2.65 -13.98 1.20
C PHE B 76 1.46 -13.47 0.37
N ILE B 77 1.58 -12.27 -0.15
CA ILE B 77 0.53 -11.67 -0.95
C ILE B 77 0.49 -12.26 -2.35
N GLN B 78 1.66 -12.66 -2.84
CA GLN B 78 1.73 -13.40 -4.08
C GLN B 78 0.90 -14.68 -3.94
N HIS B 79 0.93 -15.22 -2.75
CA HIS B 79 0.19 -16.41 -2.41
C HIS B 79 -1.29 -16.09 -2.27
N LEU B 80 -1.60 -14.85 -1.86
CA LEU B 80 -2.98 -14.41 -1.68
C LEU B 80 -3.62 -14.18 -3.05
N ASN B 81 -2.81 -13.71 -3.97
CA ASN B 81 -3.26 -13.51 -5.33
C ASN B 81 -3.39 -14.85 -6.01
N ALA B 82 -2.45 -15.73 -5.68
CA ALA B 82 -2.52 -17.13 -6.04
C ALA B 82 -3.80 -17.73 -5.50
N VAL B 83 -4.21 -17.25 -4.34
CA VAL B 83 -5.46 -17.64 -3.75
C VAL B 83 -6.57 -17.26 -4.69
N TYR B 84 -6.53 -15.99 -5.11
CA TYR B 84 -7.46 -15.45 -6.07
C TYR B 84 -7.52 -16.33 -7.32
N GLU B 85 -6.42 -17.01 -7.63
CA GLU B 85 -6.34 -17.84 -8.82
C GLU B 85 -6.97 -19.20 -8.52
N ILE B 86 -6.65 -19.70 -7.34
CA ILE B 86 -7.18 -20.95 -6.84
C ILE B 86 -8.72 -20.96 -6.81
N LEU B 87 -9.31 -19.99 -6.12
CA LEU B 87 -10.76 -19.98 -5.90
C LEU B 87 -11.54 -19.05 -6.83
N GLY B 88 -10.86 -18.19 -7.59
CA GLY B 88 -11.59 -17.30 -8.48
C GLY B 88 -11.88 -15.92 -7.88
N LEU B 89 -11.02 -15.41 -7.01
CA LEU B 89 -11.19 -14.06 -6.47
C LEU B 89 -10.53 -13.02 -7.36
N ASN B 90 -10.90 -11.77 -7.15
CA ASN B 90 -10.27 -10.65 -7.83
C ASN B 90 -9.35 -9.89 -6.87
N ALA B 91 -8.71 -8.83 -7.36
CA ALA B 91 -7.76 -8.05 -6.55
C ALA B 91 -8.40 -7.45 -5.30
N ARG B 92 -9.71 -7.28 -5.32
CA ARG B 92 -10.42 -6.57 -4.26
C ARG B 92 -10.80 -7.51 -3.13
N GLY B 93 -10.41 -8.77 -3.25
CA GLY B 93 -10.78 -9.75 -2.25
C GLY B 93 -12.21 -10.21 -2.42
N GLN B 94 -12.80 -9.82 -3.53
CA GLN B 94 -14.15 -10.23 -3.89
C GLN B 94 -14.07 -11.35 -4.90
N SER B 95 -15.13 -12.15 -5.01
CA SER B 95 -15.13 -13.25 -5.95
C SER B 95 -15.75 -12.82 -7.27
N ILE B 96 -15.21 -13.35 -8.36
CA ILE B 96 -15.69 -13.02 -9.70
C ILE B 96 -16.43 -14.19 -10.30
N ARG B 97 -16.72 -15.15 -9.44
CA ARG B 97 -17.47 -16.35 -9.81
C ARG B 97 -18.81 -15.96 -10.45
N LEU B 98 -18.93 -16.24 -11.75
CA LEU B 98 -20.13 -15.94 -12.52
C LEU B 98 -20.43 -14.44 -12.53
N GLU B 99 -19.36 -13.65 -12.57
CA GLU B 99 -19.45 -12.19 -12.63
C GLU B 99 -20.14 -11.62 -11.39
N ARG A 1 -12.19 16.15 2.07
CA ARG A 1 -12.34 14.81 2.68
C ARG A 1 -10.97 14.16 2.87
N THR A 2 -10.82 13.38 3.93
CA THR A 2 -9.53 12.80 4.26
C THR A 2 -9.54 11.28 4.16
N HIS A 3 -10.72 10.67 4.23
CA HIS A 3 -10.79 9.21 4.28
C HIS A 3 -12.18 8.70 3.94
N GLY A 4 -12.24 7.44 3.56
CA GLY A 4 -13.50 6.77 3.41
C GLY A 4 -13.68 5.69 4.44
N THR A 5 -13.44 4.44 4.04
CA THR A 5 -13.51 3.33 4.99
C THR A 5 -12.30 3.31 5.92
N PHE A 6 -11.13 3.55 5.37
CA PHE A 6 -9.90 3.57 6.15
C PHE A 6 -9.90 4.76 7.10
N PRO A 7 -9.76 4.52 8.42
CA PRO A 7 -9.81 5.57 9.43
C PRO A 7 -8.98 6.82 9.09
N MET A 8 -7.64 6.66 9.01
CA MET A 8 -6.75 7.79 8.65
C MET A 8 -6.75 8.85 9.76
N HIS A 9 -5.73 9.72 9.79
CA HIS A 9 -5.76 10.87 10.70
C HIS A 9 -6.80 11.86 10.21
N GLN A 10 -6.70 13.10 10.66
CA GLN A 10 -7.57 14.14 10.13
C GLN A 10 -7.12 14.52 8.70
N LEU A 11 -6.16 13.76 8.15
CA LEU A 11 -5.61 14.10 6.86
C LEU A 11 -4.89 12.92 6.19
N GLY A 12 -3.80 12.42 6.77
CA GLY A 12 -2.97 11.45 6.07
C GLY A 12 -2.11 10.59 6.98
N ASN A 13 -2.74 9.84 7.89
CA ASN A 13 -2.02 8.95 8.81
C ASN A 13 -1.15 8.00 8.01
N VAL A 14 -1.74 7.48 6.96
CA VAL A 14 -1.06 6.53 6.15
C VAL A 14 0.20 7.17 5.62
N ILE A 15 0.09 8.41 5.14
CA ILE A 15 1.22 9.04 4.54
C ILE A 15 2.40 9.13 5.46
N LYS A 16 2.30 9.66 6.69
CA LYS A 16 3.50 9.80 7.51
C LYS A 16 4.14 8.46 7.81
N GLY A 17 3.30 7.55 8.27
CA GLY A 17 3.80 6.25 8.63
C GLY A 17 4.56 5.61 7.49
N ILE A 18 3.98 5.69 6.30
CA ILE A 18 4.57 5.08 5.13
C ILE A 18 5.81 5.81 4.63
N VAL A 19 5.88 7.14 4.76
CA VAL A 19 7.02 7.85 4.18
C VAL A 19 8.28 7.38 4.87
N ASP A 20 8.18 7.19 6.18
CA ASP A 20 9.29 6.63 6.94
C ASP A 20 9.56 5.17 6.62
N GLN A 21 8.50 4.39 6.43
CA GLN A 21 8.64 2.94 6.32
C GLN A 21 8.95 2.48 4.90
N GLU A 22 8.20 2.98 3.94
CA GLU A 22 8.27 2.49 2.58
C GLU A 22 8.65 3.61 1.61
N GLY A 23 8.42 4.86 2.01
CA GLY A 23 8.77 5.99 1.19
C GLY A 23 7.56 6.71 0.63
N VAL A 24 7.78 7.92 0.17
CA VAL A 24 6.73 8.81 -0.33
C VAL A 24 5.84 8.20 -1.39
N ALA A 25 6.41 7.54 -2.37
CA ALA A 25 5.59 7.00 -3.45
C ALA A 25 4.63 5.91 -2.95
N THR A 26 5.00 5.16 -1.93
CA THR A 26 4.06 4.21 -1.35
C THR A 26 3.08 4.93 -0.44
N ALA A 27 3.56 5.89 0.33
CA ALA A 27 2.69 6.70 1.19
C ALA A 27 1.67 7.40 0.32
N TYR A 28 2.15 7.79 -0.83
CA TYR A 28 1.37 8.40 -1.85
C TYR A 28 0.35 7.42 -2.38
N THR A 29 0.84 6.24 -2.78
CA THR A 29 0.00 5.17 -3.30
C THR A 29 -1.12 4.79 -2.35
N LEU A 30 -0.77 4.60 -1.09
CA LEU A 30 -1.71 4.13 -0.11
C LEU A 30 -2.68 5.23 0.26
N GLY A 31 -2.19 6.45 0.32
CA GLY A 31 -3.07 7.57 0.49
C GLY A 31 -4.07 7.65 -0.65
N MET A 32 -3.63 7.27 -1.84
CA MET A 32 -4.50 7.25 -3.01
C MET A 32 -5.57 6.19 -2.88
N MET A 33 -5.21 4.97 -2.54
CA MET A 33 -6.23 3.92 -2.50
C MET A 33 -7.18 4.09 -1.32
N LEU A 34 -6.64 4.37 -0.15
CA LEU A 34 -7.42 4.48 1.09
C LEU A 34 -8.28 5.73 1.17
N SER A 35 -7.70 6.87 0.80
CA SER A 35 -8.39 8.13 0.97
C SER A 35 -9.28 8.39 -0.23
N GLY A 36 -8.97 7.68 -1.29
CA GLY A 36 -9.61 7.93 -2.55
C GLY A 36 -8.67 8.62 -3.49
N GLN A 37 -9.14 8.88 -4.68
CA GLN A 37 -8.32 9.44 -5.75
C GLN A 37 -8.12 10.94 -5.55
N ASN A 38 -8.23 11.36 -4.31
CA ASN A 38 -8.02 12.74 -3.90
C ASN A 38 -6.56 13.11 -4.01
N TYR A 39 -6.09 13.26 -5.25
CA TYR A 39 -4.74 13.71 -5.53
C TYR A 39 -4.41 14.98 -4.77
N GLN A 40 -5.40 15.86 -4.66
CA GLN A 40 -5.25 17.08 -3.88
C GLN A 40 -4.78 16.79 -2.47
N LEU A 41 -5.41 15.82 -1.83
CA LEU A 41 -5.07 15.48 -0.47
C LEU A 41 -3.69 14.86 -0.37
N VAL A 42 -3.40 13.87 -1.21
CA VAL A 42 -2.13 13.17 -1.11
C VAL A 42 -0.98 14.07 -1.45
N SER A 43 -1.16 14.90 -2.47
CA SER A 43 -0.11 15.78 -2.91
C SER A 43 0.15 16.84 -1.85
N GLY A 44 -0.92 17.31 -1.23
CA GLY A 44 -0.77 18.27 -0.16
C GLY A 44 -0.15 17.65 1.08
N ILE A 45 -0.50 16.39 1.36
CA ILE A 45 0.00 15.71 2.54
C ILE A 45 1.46 15.32 2.36
N ILE A 46 1.79 14.65 1.25
CA ILE A 46 3.13 14.09 1.05
C ILE A 46 4.12 15.19 0.72
N ARG A 47 3.62 16.30 0.23
CA ARG A 47 4.46 17.44 -0.15
C ARG A 47 5.33 17.86 1.02
N GLY A 48 4.81 17.65 2.22
CA GLY A 48 5.55 17.97 3.41
C GLY A 48 6.43 16.82 3.86
N TYR A 49 6.32 15.69 3.17
CA TYR A 49 7.09 14.51 3.50
C TYR A 49 7.97 14.12 2.34
N LEU A 50 7.87 14.89 1.27
CA LEU A 50 8.65 14.66 0.08
C LEU A 50 10.12 14.91 0.42
N PRO A 51 11.00 13.94 0.08
CA PRO A 51 12.45 14.00 0.31
C PRO A 51 13.01 15.41 0.42
N GLY A 52 13.00 16.13 -0.68
CA GLY A 52 13.42 17.51 -0.69
C GLY A 52 12.59 18.32 -1.64
N GLN A 53 13.01 19.53 -1.99
CA GLN A 53 12.25 20.34 -2.91
C GLN A 53 12.30 19.75 -4.32
N ALA A 54 13.37 19.02 -4.61
CA ALA A 54 13.55 18.44 -5.94
C ALA A 54 12.51 17.37 -6.25
N VAL A 55 12.17 16.54 -5.27
CA VAL A 55 11.21 15.46 -5.49
C VAL A 55 9.80 16.03 -5.73
N VAL A 56 9.42 17.00 -4.89
CA VAL A 56 8.15 17.70 -5.07
C VAL A 56 8.14 18.48 -6.38
N THR A 57 9.31 18.94 -6.78
CA THR A 57 9.44 19.71 -7.98
C THR A 57 9.17 18.82 -9.16
N ALA A 58 9.87 17.71 -9.19
CA ALA A 58 9.71 16.73 -10.21
C ALA A 58 8.31 16.21 -10.26
N LEU A 59 7.68 16.06 -9.11
CA LEU A 59 6.33 15.54 -9.05
C LEU A 59 5.39 16.59 -9.60
N GLN A 60 5.58 17.80 -9.11
CA GLN A 60 4.84 18.96 -9.61
C GLN A 60 5.04 19.14 -11.09
N GLN A 61 6.24 18.90 -11.56
CA GLN A 61 6.58 18.89 -12.96
C GLN A 61 5.64 17.95 -13.74
N ARG A 62 5.52 16.74 -13.23
CA ARG A 62 4.56 15.76 -13.75
C ARG A 62 3.14 16.31 -13.74
N LEU A 63 2.79 17.04 -12.68
CA LEU A 63 1.44 17.58 -12.53
C LEU A 63 1.22 18.72 -13.51
N ASP A 64 2.28 19.50 -13.71
CA ASP A 64 2.31 20.56 -14.71
C ASP A 64 2.03 20.01 -16.10
N GLN A 65 2.55 18.83 -16.33
CA GLN A 65 2.34 18.13 -17.59
C GLN A 65 0.92 17.60 -17.69
N GLU A 66 0.32 17.33 -16.53
CA GLU A 66 -1.10 16.95 -16.37
C GLU A 66 -1.72 16.20 -17.56
N ILE A 67 -1.90 14.88 -17.41
CA ILE A 67 -2.63 14.10 -18.39
C ILE A 67 -4.10 14.54 -18.40
N ASP A 68 -4.55 14.94 -17.22
CA ASP A 68 -5.93 15.35 -16.99
C ASP A 68 -5.96 16.02 -15.63
N ASP A 69 -7.10 16.00 -14.98
CA ASP A 69 -7.16 16.32 -13.58
C ASP A 69 -6.98 15.05 -12.78
N GLN A 70 -7.91 14.11 -12.96
CA GLN A 70 -7.90 12.87 -12.20
C GLN A 70 -6.79 11.92 -12.66
N THR A 71 -6.35 12.04 -13.90
CA THR A 71 -5.30 11.16 -14.39
C THR A 71 -3.96 11.52 -13.78
N ARG A 72 -3.82 12.75 -13.29
CA ARG A 72 -2.64 13.09 -12.52
C ARG A 72 -2.56 12.11 -11.37
N ALA A 73 -3.69 11.92 -10.70
CA ALA A 73 -3.87 10.89 -9.68
C ALA A 73 -3.58 9.50 -10.22
N GLU A 74 -4.18 9.17 -11.37
CA GLU A 74 -4.02 7.86 -12.02
C GLU A 74 -2.56 7.46 -12.07
N THR A 75 -1.72 8.43 -12.32
CA THR A 75 -0.32 8.17 -12.55
C THR A 75 0.54 8.92 -11.55
N PHE A 76 -0.08 9.40 -10.47
CA PHE A 76 0.57 10.29 -9.51
C PHE A 76 1.85 9.68 -8.96
N ILE A 77 1.77 8.43 -8.56
CA ILE A 77 2.91 7.73 -8.01
C ILE A 77 3.88 7.30 -9.10
N GLN A 78 3.34 6.94 -10.26
CA GLN A 78 4.16 6.66 -11.42
C GLN A 78 5.01 7.89 -11.73
N HIS A 79 4.41 9.04 -11.50
CA HIS A 79 5.05 10.32 -11.67
C HIS A 79 6.06 10.56 -10.55
N LEU A 80 5.80 9.99 -9.38
CA LEU A 80 6.70 10.13 -8.23
C LEU A 80 7.93 9.27 -8.46
N ASN A 81 7.71 8.16 -9.12
CA ASN A 81 8.81 7.26 -9.48
C ASN A 81 9.60 7.89 -10.62
N ALA A 82 8.87 8.52 -11.52
CA ALA A 82 9.44 9.37 -12.54
C ALA A 82 10.30 10.45 -11.89
N VAL A 83 9.83 10.90 -10.74
CA VAL A 83 10.57 11.86 -9.95
C VAL A 83 11.89 11.24 -9.59
N TYR A 84 11.81 10.04 -9.05
CA TYR A 84 12.98 9.26 -8.66
C TYR A 84 13.96 9.14 -9.82
N GLU A 85 13.44 9.18 -11.04
CA GLU A 85 14.27 9.00 -12.22
C GLU A 85 14.89 10.34 -12.61
N ILE A 86 14.08 11.36 -12.48
CA ILE A 86 14.51 12.75 -12.68
C ILE A 86 15.70 13.13 -11.79
N LEU A 87 15.55 12.96 -10.49
CA LEU A 87 16.55 13.43 -9.54
C LEU A 87 17.47 12.33 -8.97
N GLY A 88 17.16 11.06 -9.21
CA GLY A 88 18.02 10.01 -8.70
C GLY A 88 17.59 9.47 -7.33
N LEU A 89 16.30 9.45 -7.05
CA LEU A 89 15.79 8.87 -5.80
C LEU A 89 15.50 7.38 -5.96
N ASN A 90 15.38 6.69 -4.83
CA ASN A 90 14.91 5.31 -4.81
C ASN A 90 13.48 5.25 -4.29
N ALA A 91 12.93 4.05 -4.16
CA ALA A 91 11.54 3.88 -3.76
C ALA A 91 11.25 4.46 -2.37
N ARG A 92 12.30 4.59 -1.56
CA ARG A 92 12.13 4.95 -0.15
C ARG A 92 12.12 6.45 0.04
N GLY A 93 12.21 7.19 -1.06
CA GLY A 93 12.27 8.63 -0.97
C GLY A 93 13.65 9.12 -0.58
N GLN A 94 14.60 8.21 -0.63
CA GLN A 94 15.99 8.53 -0.34
C GLN A 94 16.76 8.67 -1.65
N SER A 95 17.79 9.49 -1.64
CA SER A 95 18.60 9.68 -2.83
C SER A 95 19.72 8.67 -2.88
N ILE A 96 19.82 7.98 -4.00
CA ILE A 96 20.80 6.92 -4.18
C ILE A 96 22.08 7.46 -4.79
N ARG A 97 22.00 8.65 -5.37
CA ARG A 97 23.15 9.27 -5.98
C ARG A 97 23.81 10.26 -5.02
N LEU A 98 24.69 11.10 -5.54
CA LEU A 98 25.35 12.12 -4.73
C LEU A 98 24.32 12.95 -3.98
N GLU A 99 24.45 12.99 -2.66
CA GLU A 99 23.49 13.69 -1.83
C GLU A 99 23.98 15.10 -1.52
N ARG B 1 4.01 -7.64 18.45
CA ARG B 1 4.09 -6.23 18.00
C ARG B 1 3.10 -5.99 16.86
N THR B 2 2.55 -4.79 16.81
CA THR B 2 1.52 -4.46 15.85
C THR B 2 1.98 -3.40 14.86
N HIS B 3 2.98 -2.60 15.22
CA HIS B 3 3.37 -1.48 14.37
C HIS B 3 4.76 -0.98 14.71
N GLY B 4 5.35 -0.26 13.77
CA GLY B 4 6.58 0.44 14.04
C GLY B 4 6.38 1.94 13.98
N THR B 5 6.72 2.55 12.86
CA THR B 5 6.51 3.99 12.69
C THR B 5 5.03 4.29 12.41
N PHE B 6 4.41 3.47 11.58
CA PHE B 6 3.00 3.65 11.25
C PHE B 6 2.13 3.36 12.46
N PRO B 7 1.30 4.33 12.90
CA PRO B 7 0.46 4.19 14.09
C PRO B 7 -0.28 2.85 14.20
N MET B 8 -1.21 2.59 13.27
CA MET B 8 -1.96 1.32 13.26
C MET B 8 -2.89 1.22 14.48
N HIS B 9 -3.90 0.35 14.42
CA HIS B 9 -4.71 0.08 15.60
C HIS B 9 -3.88 -0.71 16.60
N GLN B 10 -4.53 -1.36 17.54
CA GLN B 10 -3.83 -2.26 18.44
C GLN B 10 -3.41 -3.53 17.70
N LEU B 11 -3.61 -3.56 16.37
CA LEU B 11 -3.34 -4.76 15.61
C LEU B 11 -3.19 -4.48 14.09
N GLY B 12 -4.25 -4.01 13.43
CA GLY B 12 -4.21 -3.93 11.98
C GLY B 12 -5.20 -2.94 11.38
N ASN B 13 -5.07 -1.67 11.75
CA ASN B 13 -5.94 -0.62 11.21
C ASN B 13 -5.90 -0.62 9.71
N VAL B 14 -4.68 -0.76 9.21
CA VAL B 14 -4.48 -0.73 7.79
C VAL B 14 -5.29 -1.84 7.18
N ILE B 15 -5.22 -3.02 7.78
CA ILE B 15 -5.88 -4.16 7.20
C ILE B 15 -7.36 -3.94 7.00
N LYS B 16 -8.15 -3.53 8.00
CA LYS B 16 -9.59 -3.43 7.79
C LYS B 16 -9.92 -2.40 6.73
N GLY B 17 -9.32 -1.23 6.88
CA GLY B 17 -9.59 -0.16 5.95
C GLY B 17 -9.34 -0.60 4.52
N ILE B 18 -8.20 -1.25 4.33
CA ILE B 18 -7.79 -1.69 3.02
C ILE B 18 -8.62 -2.84 2.47
N VAL B 19 -9.09 -3.76 3.32
CA VAL B 19 -9.78 -4.92 2.79
C VAL B 19 -11.04 -4.46 2.09
N ASP B 20 -11.70 -3.48 2.68
CA ASP B 20 -12.85 -2.86 2.06
C ASP B 20 -12.51 -2.04 0.82
N GLN B 21 -11.38 -1.32 0.88
CA GLN B 21 -11.06 -0.35 -0.17
C GLN B 21 -10.34 -0.99 -1.35
N GLU B 22 -9.31 -1.77 -1.06
CA GLU B 22 -8.44 -2.28 -2.11
C GLU B 22 -8.42 -3.81 -2.12
N GLY B 23 -8.81 -4.41 -1.00
CA GLY B 23 -8.86 -5.86 -0.91
C GLY B 23 -7.79 -6.44 -0.01
N VAL B 24 -7.99 -7.69 0.37
CA VAL B 24 -7.12 -8.39 1.31
C VAL B 24 -5.65 -8.38 0.93
N ALA B 25 -5.32 -8.65 -0.31
CA ALA B 25 -3.92 -8.72 -0.70
C ALA B 25 -3.20 -7.37 -0.56
N THR B 26 -3.92 -6.27 -0.75
CA THR B 26 -3.31 -4.97 -0.48
C THR B 26 -3.28 -4.69 1.02
N ALA B 27 -4.36 -5.04 1.72
CA ALA B 27 -4.41 -4.88 3.16
C ALA B 27 -3.30 -5.69 3.78
N TYR B 28 -3.07 -6.83 3.16
CA TYR B 28 -2.01 -7.72 3.51
C TYR B 28 -0.67 -7.06 3.24
N THR B 29 -0.51 -6.56 2.02
CA THR B 29 0.71 -5.91 1.59
C THR B 29 1.08 -4.74 2.50
N LEU B 30 0.12 -3.90 2.80
CA LEU B 30 0.36 -2.70 3.55
C LEU B 30 0.61 -3.05 5.00
N GLY B 31 -0.11 -4.04 5.51
CA GLY B 31 0.17 -4.54 6.82
C GLY B 31 1.60 -5.06 6.90
N MET B 32 2.06 -5.64 5.80
CA MET B 32 3.42 -6.15 5.71
C MET B 32 4.44 -5.02 5.77
N MET B 33 4.27 -3.98 4.96
CA MET B 33 5.28 -2.93 4.94
C MET B 33 5.25 -2.07 6.21
N LEU B 34 4.07 -1.70 6.64
CA LEU B 34 3.90 -0.82 7.80
C LEU B 34 4.20 -1.48 9.13
N SER B 35 3.68 -2.68 9.32
CA SER B 35 3.79 -3.34 10.61
C SER B 35 5.12 -4.07 10.68
N GLY B 36 5.70 -4.29 9.52
CA GLY B 36 6.88 -5.09 9.44
C GLY B 36 6.55 -6.42 8.84
N GLN B 37 7.56 -7.26 8.69
CA GLN B 37 7.43 -8.53 8.01
C GLN B 37 6.77 -9.56 8.91
N ASN B 38 6.01 -9.06 9.87
CA ASN B 38 5.27 -9.90 10.81
C ASN B 38 4.12 -10.59 10.11
N TYR B 39 4.47 -11.60 9.30
CA TYR B 39 3.49 -12.44 8.63
C TYR B 39 2.47 -12.99 9.61
N GLN B 40 2.93 -13.32 10.81
CA GLN B 40 2.04 -13.78 11.87
C GLN B 40 0.92 -12.79 12.12
N LEU B 41 1.26 -11.51 12.19
CA LEU B 41 0.28 -10.50 12.48
C LEU B 41 -0.69 -10.33 11.31
N VAL B 42 -0.15 -10.19 10.10
CA VAL B 42 -1.00 -9.92 8.95
C VAL B 42 -1.90 -11.09 8.65
N SER B 43 -1.35 -12.29 8.76
CA SER B 43 -2.12 -13.48 8.46
C SER B 43 -3.22 -13.64 9.49
N GLY B 44 -2.90 -13.36 10.75
CA GLY B 44 -3.89 -13.43 11.80
C GLY B 44 -4.94 -12.35 11.66
N ILE B 45 -4.52 -11.16 11.23
CA ILE B 45 -5.43 -10.04 11.08
C ILE B 45 -6.35 -10.23 9.87
N ILE B 46 -5.77 -10.51 8.70
CA ILE B 46 -6.52 -10.54 7.44
C ILE B 46 -7.36 -11.80 7.38
N ARG B 47 -6.96 -12.82 8.12
CA ARG B 47 -7.67 -14.10 8.14
C ARG B 47 -9.13 -13.89 8.47
N GLY B 48 -9.39 -12.86 9.26
CA GLY B 48 -10.76 -12.52 9.62
C GLY B 48 -11.41 -11.61 8.59
N TYR B 49 -10.62 -11.19 7.60
CA TYR B 49 -11.11 -10.30 6.56
C TYR B 49 -11.00 -10.96 5.21
N LEU B 50 -10.46 -12.17 5.22
CA LEU B 50 -10.29 -12.93 4.01
C LEU B 50 -11.67 -13.28 3.46
N PRO B 51 -11.90 -12.98 2.16
CA PRO B 51 -13.15 -13.25 1.44
C PRO B 51 -14.01 -14.35 2.03
N GLY B 52 -13.52 -15.58 1.94
CA GLY B 52 -14.19 -16.71 2.55
C GLY B 52 -13.18 -17.69 3.08
N GLN B 53 -13.60 -18.90 3.40
CA GLN B 53 -12.67 -19.90 3.91
C GLN B 53 -11.73 -20.36 2.80
N ALA B 54 -12.18 -20.25 1.55
CA ALA B 54 -11.38 -20.71 0.41
C ALA B 54 -10.13 -19.86 0.22
N VAL B 55 -10.24 -18.55 0.40
CA VAL B 55 -9.10 -17.65 0.18
C VAL B 55 -8.04 -17.87 1.26
N VAL B 56 -8.48 -17.97 2.51
CA VAL B 56 -7.59 -18.29 3.63
C VAL B 56 -7.00 -19.68 3.46
N THR B 57 -7.77 -20.56 2.85
CA THR B 57 -7.35 -21.92 2.65
C THR B 57 -6.22 -21.93 1.67
N ALA B 58 -6.45 -21.30 0.54
CA ALA B 58 -5.47 -21.17 -0.49
C ALA B 58 -4.24 -20.47 0.00
N LEU B 59 -4.41 -19.48 0.86
CA LEU B 59 -3.29 -18.73 1.38
C LEU B 59 -2.51 -19.62 2.32
N GLN B 60 -3.26 -20.26 3.21
CA GLN B 60 -2.69 -21.24 4.12
C GLN B 60 -1.99 -22.35 3.37
N GLN B 61 -2.58 -22.76 2.27
CA GLN B 61 -1.98 -23.72 1.37
C GLN B 61 -0.58 -23.28 0.94
N ARG B 62 -0.48 -22.04 0.52
CA ARG B 62 0.80 -21.40 0.23
C ARG B 62 1.74 -21.45 1.43
N LEU B 63 1.20 -21.23 2.62
CA LEU B 63 2.00 -21.21 3.83
C LEU B 63 2.46 -22.62 4.19
N ASP B 64 1.58 -23.58 3.94
CA ASP B 64 1.88 -25.00 4.09
C ASP B 64 3.06 -25.39 3.23
N GLN B 65 3.11 -24.78 2.04
CA GLN B 65 4.19 -25.02 1.11
C GLN B 65 5.47 -24.33 1.58
N GLU B 66 5.31 -23.25 2.36
CA GLU B 66 6.39 -22.52 3.05
C GLU B 66 7.76 -22.56 2.35
N ILE B 67 8.13 -21.45 1.71
CA ILE B 67 9.48 -21.30 1.17
C ILE B 67 10.49 -21.27 2.32
N ASP B 68 10.04 -20.71 3.43
CA ASP B 68 10.84 -20.53 4.63
C ASP B 68 9.88 -20.17 5.75
N ASP B 69 10.37 -19.46 6.74
CA ASP B 69 9.49 -18.82 7.69
C ASP B 69 9.19 -17.41 7.18
N GLN B 70 10.24 -16.61 7.07
CA GLN B 70 10.10 -15.22 6.66
C GLN B 70 9.76 -15.07 5.18
N THR B 71 10.14 -16.05 4.37
CA THR B 71 9.85 -15.96 2.94
C THR B 71 8.38 -16.17 2.66
N ARG B 72 7.68 -16.82 3.59
CA ARG B 72 6.23 -16.87 3.48
C ARG B 72 5.73 -15.45 3.40
N ALA B 73 6.25 -14.61 4.31
CA ALA B 73 6.02 -13.17 4.28
C ALA B 73 6.48 -12.54 2.96
N GLU B 74 7.71 -12.88 2.55
CA GLU B 74 8.29 -12.36 1.31
C GLU B 74 7.32 -12.45 0.16
N THR B 75 6.58 -13.54 0.12
CA THR B 75 5.71 -13.84 -0.99
C THR B 75 4.27 -13.98 -0.53
N PHE B 76 3.99 -13.49 0.68
CA PHE B 76 2.69 -13.72 1.33
C PHE B 76 1.54 -13.24 0.44
N ILE B 77 1.68 -12.04 -0.08
CA ILE B 77 0.66 -11.46 -0.93
C ILE B 77 0.68 -12.05 -2.33
N GLN B 78 1.87 -12.38 -2.80
CA GLN B 78 2.01 -13.11 -4.05
C GLN B 78 1.24 -14.43 -3.94
N HIS B 79 1.28 -14.98 -2.76
CA HIS B 79 0.56 -16.19 -2.43
C HIS B 79 -0.94 -15.93 -2.32
N LEU B 80 -1.30 -14.70 -1.94
CA LEU B 80 -2.70 -14.31 -1.81
C LEU B 80 -3.28 -14.12 -3.21
N ASN B 81 -2.44 -13.65 -4.10
CA ASN B 81 -2.84 -13.50 -5.49
C ASN B 81 -2.92 -14.87 -6.14
N ALA B 82 -1.97 -15.71 -5.76
CA ALA B 82 -2.03 -17.13 -6.10
C ALA B 82 -3.32 -17.73 -5.61
N VAL B 83 -3.78 -17.22 -4.48
CA VAL B 83 -5.05 -17.62 -3.92
C VAL B 83 -6.12 -17.26 -4.91
N TYR B 84 -6.08 -16.00 -5.34
CA TYR B 84 -7.01 -15.48 -6.33
C TYR B 84 -7.03 -16.37 -7.57
N GLU B 85 -5.91 -17.02 -7.86
CA GLU B 85 -5.79 -17.83 -9.05
C GLU B 85 -6.37 -19.22 -8.78
N ILE B 86 -6.10 -19.70 -7.59
CA ILE B 86 -6.64 -20.96 -7.10
C ILE B 86 -8.17 -20.97 -7.13
N LEU B 87 -8.79 -19.99 -6.48
CA LEU B 87 -10.26 -19.99 -6.32
C LEU B 87 -11.01 -19.05 -7.26
N GLY B 88 -10.32 -18.19 -7.98
CA GLY B 88 -11.01 -17.30 -8.90
C GLY B 88 -11.36 -15.94 -8.31
N LEU B 89 -10.54 -15.43 -7.40
CA LEU B 89 -10.76 -14.10 -6.83
C LEU B 89 -10.06 -13.03 -7.66
N ASN B 90 -10.48 -11.79 -7.46
CA ASN B 90 -9.79 -10.63 -8.03
C ASN B 90 -8.99 -9.90 -6.95
N ALA B 91 -8.34 -8.81 -7.31
CA ALA B 91 -7.48 -8.08 -6.38
C ALA B 91 -8.24 -7.57 -5.14
N ARG B 92 -9.55 -7.41 -5.29
CA ARG B 92 -10.37 -6.75 -4.26
C ARG B 92 -10.85 -7.75 -3.21
N GLY B 93 -10.44 -9.00 -3.35
CA GLY B 93 -10.89 -10.02 -2.44
C GLY B 93 -12.30 -10.48 -2.78
N GLN B 94 -12.77 -10.07 -3.94
CA GLN B 94 -14.08 -10.48 -4.42
C GLN B 94 -13.93 -11.58 -5.45
N SER B 95 -14.92 -12.45 -5.55
CA SER B 95 -14.87 -13.53 -6.52
C SER B 95 -15.44 -13.09 -7.86
N ILE B 96 -14.66 -13.30 -8.90
CA ILE B 96 -15.04 -12.88 -10.24
C ILE B 96 -15.80 -13.98 -10.98
N ARG B 97 -15.67 -15.19 -10.47
CA ARG B 97 -16.34 -16.33 -11.08
C ARG B 97 -17.68 -16.61 -10.40
N LEU B 98 -18.25 -17.78 -10.65
CA LEU B 98 -19.49 -18.18 -10.01
C LEU B 98 -19.37 -18.06 -8.49
N GLU B 99 -20.27 -17.31 -7.88
CA GLU B 99 -20.21 -17.08 -6.45
C GLU B 99 -21.11 -18.05 -5.71
N ARG A 1 -12.89 15.39 0.89
CA ARG A 1 -12.79 14.10 1.62
C ARG A 1 -11.34 13.79 1.95
N THR A 2 -11.10 13.39 3.18
CA THR A 2 -9.77 13.01 3.61
C THR A 2 -9.61 11.49 3.62
N HIS A 3 -10.71 10.76 3.75
CA HIS A 3 -10.63 9.32 3.86
C HIS A 3 -11.99 8.66 3.70
N GLY A 4 -11.96 7.38 3.37
CA GLY A 4 -13.17 6.59 3.33
C GLY A 4 -13.22 5.59 4.47
N THR A 5 -13.10 4.30 4.14
CA THR A 5 -13.15 3.24 5.13
C THR A 5 -11.96 3.33 6.10
N PHE A 6 -10.81 3.72 5.56
CA PHE A 6 -9.59 3.85 6.35
C PHE A 6 -9.59 5.20 7.08
N PRO A 7 -9.37 5.17 8.42
CA PRO A 7 -9.40 6.35 9.33
C PRO A 7 -8.50 7.53 8.91
N MET A 8 -7.22 7.27 8.65
CA MET A 8 -6.35 8.22 7.95
C MET A 8 -5.89 9.42 8.82
N HIS A 9 -6.04 9.34 10.15
CA HIS A 9 -5.72 10.49 11.04
C HIS A 9 -6.65 11.66 10.75
N GLN A 10 -7.64 11.42 9.90
CA GLN A 10 -8.50 12.47 9.35
C GLN A 10 -7.71 13.42 8.44
N LEU A 11 -6.61 12.92 7.86
CA LEU A 11 -5.90 13.68 6.82
C LEU A 11 -4.91 12.80 6.04
N GLY A 12 -4.01 12.11 6.72
CA GLY A 12 -3.01 11.31 6.01
C GLY A 12 -2.12 10.48 6.91
N ASN A 13 -2.71 9.72 7.83
CA ASN A 13 -1.94 8.83 8.74
C ASN A 13 -1.08 7.90 7.92
N VAL A 14 -1.68 7.39 6.88
CA VAL A 14 -1.00 6.44 6.02
C VAL A 14 0.25 7.11 5.52
N ILE A 15 0.09 8.35 5.06
CA ILE A 15 1.20 9.03 4.47
C ILE A 15 2.40 9.13 5.37
N LYS A 16 2.30 9.62 6.61
CA LYS A 16 3.51 9.79 7.41
C LYS A 16 4.19 8.47 7.71
N GLY A 17 3.39 7.53 8.20
CA GLY A 17 3.94 6.26 8.58
C GLY A 17 4.71 5.63 7.43
N ILE A 18 4.12 5.70 6.26
CA ILE A 18 4.70 5.12 5.07
C ILE A 18 5.91 5.88 4.56
N VAL A 19 5.95 7.21 4.69
CA VAL A 19 7.05 7.95 4.09
C VAL A 19 8.34 7.54 4.75
N ASP A 20 8.28 7.35 6.06
CA ASP A 20 9.41 6.86 6.82
C ASP A 20 9.78 5.42 6.47
N GLN A 21 8.79 4.56 6.30
CA GLN A 21 9.03 3.13 6.20
C GLN A 21 9.22 2.66 4.76
N GLU A 22 8.34 3.09 3.88
CA GLU A 22 8.32 2.60 2.50
C GLU A 22 8.64 3.72 1.51
N GLY A 23 8.48 4.95 1.95
CA GLY A 23 8.80 6.08 1.12
C GLY A 23 7.58 6.79 0.57
N VAL A 24 7.80 8.02 0.12
CA VAL A 24 6.74 8.89 -0.37
C VAL A 24 5.87 8.28 -1.44
N ALA A 25 6.43 7.59 -2.40
CA ALA A 25 5.63 7.07 -3.49
C ALA A 25 4.70 5.94 -3.03
N THR A 26 5.08 5.19 -2.00
CA THR A 26 4.15 4.22 -1.42
C THR A 26 3.13 4.93 -0.54
N ALA A 27 3.60 5.88 0.26
CA ALA A 27 2.72 6.68 1.10
C ALA A 27 1.70 7.39 0.23
N TYR A 28 2.19 7.81 -0.92
CA TYR A 28 1.40 8.45 -1.93
C TYR A 28 0.39 7.47 -2.49
N THR A 29 0.88 6.31 -2.89
CA THR A 29 0.06 5.25 -3.43
C THR A 29 -1.07 4.83 -2.49
N LEU A 30 -0.73 4.62 -1.23
CA LEU A 30 -1.68 4.13 -0.26
C LEU A 30 -2.68 5.22 0.08
N GLY A 31 -2.20 6.45 0.13
CA GLY A 31 -3.10 7.56 0.28
C GLY A 31 -4.11 7.60 -0.85
N MET A 32 -3.66 7.21 -2.05
CA MET A 32 -4.53 7.17 -3.22
C MET A 32 -5.60 6.09 -3.08
N MET A 33 -5.23 4.87 -2.69
CA MET A 33 -6.24 3.83 -2.57
C MET A 33 -7.18 4.07 -1.38
N LEU A 34 -6.60 4.36 -0.23
CA LEU A 34 -7.36 4.53 1.01
C LEU A 34 -8.24 5.78 1.05
N SER A 35 -7.69 6.91 0.61
CA SER A 35 -8.41 8.16 0.69
C SER A 35 -9.29 8.34 -0.52
N GLY A 36 -8.90 7.67 -1.59
CA GLY A 36 -9.57 7.86 -2.84
C GLY A 36 -8.64 8.52 -3.82
N GLN A 37 -9.13 8.81 -4.98
CA GLN A 37 -8.31 9.30 -6.07
C GLN A 37 -8.05 10.80 -5.93
N ASN A 38 -8.18 11.29 -4.71
CA ASN A 38 -7.98 12.69 -4.38
C ASN A 38 -6.49 13.05 -4.42
N TYR A 39 -5.96 13.15 -5.63
CA TYR A 39 -4.56 13.51 -5.86
C TYR A 39 -4.22 14.82 -5.16
N GLN A 40 -5.16 15.75 -5.15
CA GLN A 40 -4.97 17.04 -4.47
C GLN A 40 -4.60 16.82 -3.01
N LEU A 41 -5.32 15.93 -2.35
CA LEU A 41 -5.11 15.68 -0.95
C LEU A 41 -3.76 14.99 -0.71
N VAL A 42 -3.45 13.94 -1.47
CA VAL A 42 -2.20 13.23 -1.27
C VAL A 42 -1.01 14.12 -1.60
N SER A 43 -1.14 14.92 -2.64
CA SER A 43 -0.06 15.79 -3.04
C SER A 43 0.16 16.85 -1.98
N GLY A 44 -0.94 17.32 -1.41
CA GLY A 44 -0.86 18.27 -0.32
C GLY A 44 -0.26 17.66 0.94
N ILE A 45 -0.63 16.40 1.22
CA ILE A 45 -0.15 15.72 2.41
C ILE A 45 1.32 15.34 2.28
N ILE A 46 1.67 14.65 1.19
CA ILE A 46 3.01 14.09 1.01
C ILE A 46 3.99 15.21 0.74
N ARG A 47 3.48 16.34 0.27
CA ARG A 47 4.31 17.49 -0.06
C ARG A 47 5.16 17.89 1.13
N GLY A 48 4.64 17.66 2.32
CA GLY A 48 5.37 17.96 3.52
C GLY A 48 6.32 16.84 3.90
N TYR A 49 6.15 15.70 3.24
CA TYR A 49 6.94 14.52 3.56
C TYR A 49 7.81 14.15 2.39
N LEU A 50 7.73 14.96 1.35
CA LEU A 50 8.56 14.75 0.19
C LEU A 50 10.02 14.97 0.57
N PRO A 51 10.89 14.00 0.25
CA PRO A 51 12.33 14.01 0.53
C PRO A 51 12.93 15.41 0.74
N GLY A 52 13.04 16.14 -0.35
CA GLY A 52 13.49 17.51 -0.29
C GLY A 52 12.58 18.39 -1.09
N GLN A 53 13.00 19.60 -1.39
CA GLN A 53 12.20 20.49 -2.21
C GLN A 53 12.19 20.01 -3.66
N ALA A 54 13.26 19.33 -4.06
CA ALA A 54 13.41 18.93 -5.44
C ALA A 54 12.43 17.82 -5.84
N VAL A 55 12.15 16.90 -4.93
CA VAL A 55 11.25 15.78 -5.24
C VAL A 55 9.83 16.28 -5.46
N VAL A 56 9.40 17.22 -4.62
CA VAL A 56 8.10 17.85 -4.79
C VAL A 56 8.06 18.63 -6.08
N THR A 57 9.18 19.22 -6.45
CA THR A 57 9.22 20.09 -7.58
C THR A 57 9.08 19.27 -8.82
N ALA A 58 9.85 18.20 -8.91
CA ALA A 58 9.75 17.28 -9.99
C ALA A 58 8.36 16.76 -10.11
N LEU A 59 7.72 16.54 -8.98
CA LEU A 59 6.38 16.01 -8.97
C LEU A 59 5.42 17.05 -9.54
N GLN A 60 5.58 18.27 -9.07
CA GLN A 60 4.80 19.38 -9.57
C GLN A 60 5.07 19.63 -11.01
N GLN A 61 6.29 19.38 -11.40
CA GLN A 61 6.71 19.47 -12.78
C GLN A 61 5.86 18.52 -13.62
N ARG A 62 5.75 17.28 -13.16
CA ARG A 62 4.83 16.31 -13.75
C ARG A 62 3.38 16.83 -13.73
N LEU A 63 2.96 17.48 -12.65
CA LEU A 63 1.59 17.98 -12.55
C LEU A 63 1.40 19.16 -13.47
N ASP A 64 2.45 19.95 -13.61
CA ASP A 64 2.52 21.05 -14.55
C ASP A 64 2.29 20.56 -15.97
N GLN A 65 2.83 19.37 -16.24
CA GLN A 65 2.66 18.75 -17.54
C GLN A 65 1.22 18.26 -17.72
N GLU A 66 0.58 17.94 -16.58
CA GLU A 66 -0.87 17.65 -16.50
C GLU A 66 -1.44 16.91 -17.73
N ILE A 67 -1.58 15.60 -17.61
CA ILE A 67 -2.19 14.82 -18.69
C ILE A 67 -3.69 15.05 -18.73
N ASP A 68 -4.26 15.28 -17.56
CA ASP A 68 -5.69 15.50 -17.38
C ASP A 68 -5.89 15.96 -15.95
N ASP A 69 -7.08 15.80 -15.42
CA ASP A 69 -7.27 15.94 -13.99
C ASP A 69 -7.02 14.59 -13.35
N GLN A 70 -7.80 13.60 -13.78
CA GLN A 70 -7.73 12.25 -13.23
C GLN A 70 -6.42 11.57 -13.55
N THR A 71 -5.86 11.85 -14.71
CA THR A 71 -4.67 11.13 -15.11
C THR A 71 -3.47 11.56 -14.30
N ARG A 72 -3.53 12.76 -13.73
CA ARG A 72 -2.50 13.19 -12.80
C ARG A 72 -2.42 12.15 -11.70
N ALA A 73 -3.58 11.90 -11.11
CA ALA A 73 -3.73 10.85 -10.09
C ALA A 73 -3.35 9.47 -10.62
N GLU A 74 -3.87 9.11 -11.79
CA GLU A 74 -3.62 7.80 -12.39
C GLU A 74 -2.13 7.48 -12.44
N THR A 75 -1.34 8.50 -12.71
CA THR A 75 0.08 8.34 -12.88
C THR A 75 0.86 9.12 -11.82
N PHE A 76 0.18 9.53 -10.75
CA PHE A 76 0.75 10.44 -9.76
C PHE A 76 2.03 9.89 -9.15
N ILE A 77 2.00 8.63 -8.75
CA ILE A 77 3.16 7.97 -8.17
C ILE A 77 4.15 7.59 -9.25
N GLN A 78 3.65 7.27 -10.42
CA GLN A 78 4.50 7.07 -11.59
C GLN A 78 5.30 8.35 -11.84
N HIS A 79 4.66 9.47 -11.55
CA HIS A 79 5.27 10.77 -11.69
C HIS A 79 6.24 11.03 -10.55
N LEU A 80 5.99 10.41 -9.41
CA LEU A 80 6.86 10.53 -8.23
C LEU A 80 8.13 9.72 -8.47
N ASN A 81 7.96 8.61 -9.17
CA ASN A 81 9.09 7.77 -9.55
C ASN A 81 9.87 8.47 -10.66
N ALA A 82 9.12 9.11 -11.53
CA ALA A 82 9.68 10.02 -12.53
C ALA A 82 10.51 11.09 -11.83
N VAL A 83 10.05 11.48 -10.66
CA VAL A 83 10.76 12.44 -9.84
C VAL A 83 12.11 11.86 -9.50
N TYR A 84 12.07 10.62 -8.98
CA TYR A 84 13.27 9.88 -8.63
C TYR A 84 14.24 9.82 -9.80
N GLU A 85 13.71 9.91 -11.01
CA GLU A 85 14.53 9.82 -12.20
C GLU A 85 15.13 11.18 -12.51
N ILE A 86 14.31 12.19 -12.30
CA ILE A 86 14.69 13.58 -12.45
C ILE A 86 15.85 13.97 -11.51
N LEU A 87 15.65 13.75 -10.21
CA LEU A 87 16.62 14.21 -9.21
C LEU A 87 17.58 13.11 -8.70
N GLY A 88 17.31 11.86 -9.02
CA GLY A 88 18.20 10.80 -8.57
C GLY A 88 17.78 10.15 -7.25
N LEU A 89 16.48 10.09 -6.96
CA LEU A 89 16.01 9.45 -5.73
C LEU A 89 15.73 7.97 -5.93
N ASN A 90 15.57 7.27 -4.83
CA ASN A 90 15.08 5.89 -4.84
C ASN A 90 13.63 5.87 -4.34
N ALA A 91 13.02 4.70 -4.35
CA ALA A 91 11.60 4.56 -4.03
C ALA A 91 11.28 4.80 -2.56
N ARG A 92 12.31 4.95 -1.76
CA ARG A 92 12.13 5.14 -0.32
C ARG A 92 12.07 6.62 0.01
N GLY A 93 12.19 7.46 -1.00
CA GLY A 93 12.24 8.88 -0.78
C GLY A 93 13.60 9.32 -0.29
N GLN A 94 14.56 8.41 -0.39
CA GLN A 94 15.94 8.70 -0.04
C GLN A 94 16.73 8.96 -1.30
N SER A 95 17.84 9.66 -1.18
CA SER A 95 18.62 10.00 -2.35
C SER A 95 19.71 9.01 -2.64
N ILE A 96 19.63 8.42 -3.81
CA ILE A 96 20.77 7.75 -4.40
C ILE A 96 21.50 8.82 -5.20
N ARG A 97 22.59 8.50 -5.85
CA ARG A 97 23.36 9.57 -6.45
C ARG A 97 23.46 9.39 -7.96
N LEU A 98 22.68 10.20 -8.66
CA LEU A 98 22.60 10.15 -10.12
C LEU A 98 23.87 10.67 -10.77
N GLU A 99 23.90 10.59 -12.09
CA GLU A 99 25.04 11.05 -12.86
C GLU A 99 25.03 12.57 -12.97
N ARG B 1 5.47 -7.62 17.76
CA ARG B 1 5.27 -6.24 17.27
C ARG B 1 4.05 -6.16 16.37
N THR B 2 3.23 -5.15 16.60
CA THR B 2 2.05 -4.94 15.77
C THR B 2 2.30 -3.85 14.74
N HIS B 3 3.24 -2.96 15.00
CA HIS B 3 3.47 -1.84 14.11
C HIS B 3 4.76 -1.11 14.43
N GLY B 4 5.26 -0.37 13.45
CA GLY B 4 6.40 0.48 13.66
C GLY B 4 6.01 1.95 13.63
N THR B 5 6.44 2.66 12.59
CA THR B 5 6.15 4.08 12.44
C THR B 5 4.64 4.32 12.26
N PHE B 6 3.98 3.42 11.56
CA PHE B 6 2.55 3.52 11.32
C PHE B 6 1.78 2.97 12.53
N PRO B 7 0.82 3.76 13.04
CA PRO B 7 0.01 3.47 14.26
C PRO B 7 -0.72 2.12 14.25
N MET B 8 -1.49 1.82 13.19
CA MET B 8 -1.98 0.47 12.91
C MET B 8 -3.14 0.01 13.82
N HIS B 9 -3.80 0.94 14.53
CA HIS B 9 -4.86 0.57 15.51
C HIS B 9 -4.26 -0.25 16.65
N GLN B 10 -2.93 -0.36 16.67
CA GLN B 10 -2.22 -1.26 17.56
C GLN B 10 -2.50 -2.73 17.22
N LEU B 11 -2.88 -3.01 15.97
CA LEU B 11 -3.00 -4.38 15.49
C LEU B 11 -3.05 -4.48 13.96
N GLY B 12 -3.97 -3.75 13.32
CA GLY B 12 -4.11 -3.86 11.89
C GLY B 12 -5.13 -2.90 11.27
N ASN B 13 -5.05 -1.61 11.62
CA ASN B 13 -5.94 -0.59 11.05
C ASN B 13 -5.87 -0.63 9.54
N VAL B 14 -4.66 -0.75 9.05
CA VAL B 14 -4.44 -0.75 7.64
C VAL B 14 -5.25 -1.88 7.06
N ILE B 15 -5.18 -3.03 7.69
CA ILE B 15 -5.83 -4.19 7.16
C ILE B 15 -7.31 -4.00 6.95
N LYS B 16 -8.10 -3.56 7.94
CA LYS B 16 -9.55 -3.48 7.72
C LYS B 16 -9.91 -2.49 6.65
N GLY B 17 -9.36 -1.29 6.77
CA GLY B 17 -9.69 -0.26 5.84
C GLY B 17 -9.44 -0.70 4.41
N ILE B 18 -8.30 -1.34 4.23
CA ILE B 18 -7.89 -1.80 2.92
C ILE B 18 -8.70 -2.98 2.41
N VAL B 19 -9.13 -3.89 3.29
CA VAL B 19 -9.79 -5.09 2.80
C VAL B 19 -11.07 -4.68 2.09
N ASP B 20 -11.76 -3.72 2.67
CA ASP B 20 -12.95 -3.16 2.06
C ASP B 20 -12.67 -2.41 0.76
N GLN B 21 -11.59 -1.63 0.75
CA GLN B 21 -11.36 -0.69 -0.35
C GLN B 21 -10.53 -1.30 -1.47
N GLU B 22 -9.44 -1.95 -1.12
CA GLU B 22 -8.48 -2.44 -2.10
C GLU B 22 -8.42 -3.96 -2.11
N GLY B 23 -8.85 -4.56 -1.00
CA GLY B 23 -8.88 -5.99 -0.91
C GLY B 23 -7.81 -6.56 -0.01
N VAL B 24 -8.01 -7.81 0.39
CA VAL B 24 -7.13 -8.49 1.33
C VAL B 24 -5.66 -8.49 0.93
N ALA B 25 -5.35 -8.72 -0.32
CA ALA B 25 -3.96 -8.81 -0.71
C ALA B 25 -3.24 -7.46 -0.63
N THR B 26 -3.96 -6.36 -0.81
CA THR B 26 -3.36 -5.05 -0.57
C THR B 26 -3.29 -4.77 0.92
N ALA B 27 -4.36 -5.09 1.65
CA ALA B 27 -4.39 -4.94 3.09
C ALA B 27 -3.27 -5.75 3.70
N TYR B 28 -3.06 -6.91 3.10
CA TYR B 28 -2.01 -7.81 3.46
C TYR B 28 -0.67 -7.18 3.18
N THR B 29 -0.51 -6.71 1.95
CA THR B 29 0.71 -6.05 1.51
C THR B 29 1.10 -4.87 2.40
N LEU B 30 0.14 -4.01 2.69
CA LEU B 30 0.41 -2.81 3.45
C LEU B 30 0.69 -3.15 4.89
N GLY B 31 0.00 -4.15 5.40
CA GLY B 31 0.31 -4.65 6.71
C GLY B 31 1.75 -5.14 6.77
N MET B 32 2.22 -5.70 5.66
CA MET B 32 3.59 -6.18 5.56
C MET B 32 4.60 -5.03 5.59
N MET B 33 4.38 -3.99 4.81
CA MET B 33 5.34 -2.88 4.82
C MET B 33 5.28 -2.09 6.13
N LEU B 34 4.09 -1.72 6.54
CA LEU B 34 3.88 -0.89 7.72
C LEU B 34 4.22 -1.58 9.04
N SER B 35 3.79 -2.81 9.20
CA SER B 35 3.96 -3.51 10.47
C SER B 35 5.32 -4.18 10.50
N GLY B 36 5.83 -4.45 9.32
CA GLY B 36 7.03 -5.21 9.19
C GLY B 36 6.74 -6.54 8.57
N GLN B 37 7.75 -7.36 8.46
CA GLN B 37 7.66 -8.62 7.73
C GLN B 37 7.00 -9.70 8.58
N ASN B 38 6.24 -9.25 9.58
CA ASN B 38 5.54 -10.14 10.49
C ASN B 38 4.34 -10.80 9.80
N TYR B 39 4.64 -11.77 8.95
CA TYR B 39 3.61 -12.52 8.23
C TYR B 39 2.60 -13.14 9.19
N GLN B 40 3.08 -13.60 10.33
CA GLN B 40 2.22 -14.15 11.37
C GLN B 40 1.12 -13.18 11.75
N LEU B 41 1.50 -11.93 11.95
CA LEU B 41 0.55 -10.92 12.37
C LEU B 41 -0.44 -10.60 11.26
N VAL B 42 0.04 -10.38 10.04
CA VAL B 42 -0.85 -10.05 8.94
C VAL B 42 -1.79 -11.19 8.61
N SER B 43 -1.27 -12.40 8.68
CA SER B 43 -2.07 -13.57 8.37
C SER B 43 -3.13 -13.74 9.44
N GLY B 44 -2.76 -13.46 10.68
CA GLY B 44 -3.70 -13.49 11.76
C GLY B 44 -4.76 -12.40 11.64
N ILE B 45 -4.33 -11.21 11.23
CA ILE B 45 -5.24 -10.09 11.12
C ILE B 45 -6.18 -10.26 9.93
N ILE B 46 -5.63 -10.51 8.74
CA ILE B 46 -6.40 -10.54 7.51
C ILE B 46 -7.27 -11.79 7.48
N ARG B 47 -6.88 -12.78 8.26
CA ARG B 47 -7.59 -14.05 8.32
C ARG B 47 -9.06 -13.82 8.66
N GLY B 48 -9.31 -12.77 9.42
CA GLY B 48 -10.67 -12.42 9.77
C GLY B 48 -11.33 -11.60 8.70
N TYR B 49 -10.52 -11.12 7.75
CA TYR B 49 -11.02 -10.25 6.71
C TYR B 49 -10.90 -10.92 5.36
N LEU B 50 -10.42 -12.16 5.39
CA LEU B 50 -10.30 -12.93 4.18
C LEU B 50 -11.70 -13.22 3.65
N PRO B 51 -11.93 -12.92 2.35
CA PRO B 51 -13.20 -13.12 1.64
C PRO B 51 -14.12 -14.16 2.26
N GLY B 52 -13.74 -15.41 2.11
CA GLY B 52 -14.46 -16.49 2.72
C GLY B 52 -13.49 -17.43 3.40
N GLN B 53 -13.95 -18.61 3.78
CA GLN B 53 -13.06 -19.58 4.39
C GLN B 53 -12.07 -20.13 3.37
N ALA B 54 -12.47 -20.15 2.11
CA ALA B 54 -11.66 -20.75 1.07
C ALA B 54 -10.40 -19.94 0.77
N VAL B 55 -10.50 -18.61 0.83
CA VAL B 55 -9.36 -17.75 0.50
C VAL B 55 -8.27 -17.90 1.56
N VAL B 56 -8.67 -17.97 2.82
CA VAL B 56 -7.75 -18.22 3.90
C VAL B 56 -7.13 -19.60 3.78
N THR B 57 -7.92 -20.54 3.29
CA THR B 57 -7.48 -21.90 3.23
C THR B 57 -6.43 -22.03 2.18
N ALA B 58 -6.71 -21.49 1.02
CA ALA B 58 -5.75 -21.46 -0.05
C ALA B 58 -4.49 -20.81 0.40
N LEU B 59 -4.62 -19.77 1.22
CA LEU B 59 -3.48 -19.04 1.69
C LEU B 59 -2.67 -19.92 2.62
N GLN B 60 -3.36 -20.58 3.53
CA GLN B 60 -2.76 -21.51 4.43
C GLN B 60 -2.16 -22.67 3.71
N GLN B 61 -2.80 -23.04 2.62
CA GLN B 61 -2.31 -24.06 1.74
C GLN B 61 -0.93 -23.69 1.23
N ARG B 62 -0.81 -22.45 0.75
CA ARG B 62 0.49 -21.88 0.41
C ARG B 62 1.45 -21.88 1.60
N LEU B 63 0.96 -21.58 2.81
CA LEU B 63 1.83 -21.54 3.98
C LEU B 63 2.23 -22.95 4.37
N ASP B 64 1.30 -23.87 4.17
CA ASP B 64 1.55 -25.29 4.35
C ASP B 64 2.68 -25.76 3.46
N GLN B 65 2.73 -25.19 2.28
CA GLN B 65 3.80 -25.51 1.32
C GLN B 65 5.12 -24.89 1.79
N GLU B 66 5.01 -23.79 2.55
CA GLU B 66 6.14 -23.16 3.27
C GLU B 66 7.49 -23.24 2.54
N ILE B 67 7.86 -22.17 1.86
CA ILE B 67 9.16 -22.11 1.19
C ILE B 67 10.28 -21.93 2.23
N ASP B 68 9.95 -21.22 3.29
CA ASP B 68 10.88 -20.92 4.37
C ASP B 68 10.06 -20.31 5.48
N ASP B 69 10.68 -19.58 6.37
CA ASP B 69 9.94 -18.73 7.29
C ASP B 69 9.71 -17.39 6.61
N GLN B 70 10.81 -16.74 6.25
CA GLN B 70 10.76 -15.42 5.64
C GLN B 70 10.12 -15.43 4.26
N THR B 71 10.31 -16.51 3.52
CA THR B 71 9.83 -16.53 2.16
C THR B 71 8.32 -16.62 2.12
N ARG B 72 7.73 -17.15 3.20
CA ARG B 72 6.28 -17.14 3.32
C ARG B 72 5.83 -15.72 3.17
N ALA B 73 6.41 -14.86 4.00
CA ALA B 73 6.18 -13.41 3.95
C ALA B 73 6.54 -12.81 2.59
N GLU B 74 7.74 -13.15 2.08
CA GLU B 74 8.23 -12.62 0.81
C GLU B 74 7.21 -12.79 -0.30
N THR B 75 6.51 -13.91 -0.26
CA THR B 75 5.57 -14.24 -1.30
C THR B 75 4.14 -14.36 -0.74
N PHE B 76 3.92 -13.81 0.45
CA PHE B 76 2.67 -14.02 1.18
C PHE B 76 1.47 -13.55 0.36
N ILE B 77 1.58 -12.36 -0.19
CA ILE B 77 0.50 -11.80 -1.01
C ILE B 77 0.48 -12.43 -2.38
N GLN B 78 1.65 -12.81 -2.87
CA GLN B 78 1.75 -13.60 -4.08
C GLN B 78 0.98 -14.90 -3.89
N HIS B 79 1.01 -15.40 -2.67
CA HIS B 79 0.30 -16.60 -2.29
C HIS B 79 -1.19 -16.32 -2.14
N LEU B 80 -1.53 -15.08 -1.80
CA LEU B 80 -2.92 -14.65 -1.66
C LEU B 80 -3.54 -14.52 -3.05
N ASN B 81 -2.73 -14.09 -3.98
CA ASN B 81 -3.15 -14.00 -5.38
C ASN B 81 -3.25 -15.38 -5.96
N ALA B 82 -2.31 -16.22 -5.54
CA ALA B 82 -2.37 -17.65 -5.82
C ALA B 82 -3.68 -18.22 -5.30
N VAL B 83 -4.13 -17.66 -4.19
CA VAL B 83 -5.40 -18.04 -3.61
C VAL B 83 -6.48 -17.73 -4.60
N TYR B 84 -6.45 -16.48 -5.09
CA TYR B 84 -7.40 -16.01 -6.10
C TYR B 84 -7.43 -16.95 -7.30
N GLU B 85 -6.32 -17.63 -7.54
CA GLU B 85 -6.22 -18.52 -8.69
C GLU B 85 -6.82 -19.87 -8.34
N ILE B 86 -6.56 -20.28 -7.11
CA ILE B 86 -7.13 -21.49 -6.55
C ILE B 86 -8.65 -21.48 -6.53
N LEU B 87 -9.24 -20.46 -5.90
CA LEU B 87 -10.69 -20.42 -5.70
C LEU B 87 -11.45 -19.54 -6.69
N GLY B 88 -10.75 -18.73 -7.48
CA GLY B 88 -11.43 -17.88 -8.44
C GLY B 88 -11.73 -16.47 -7.92
N LEU B 89 -10.90 -15.93 -7.05
CA LEU B 89 -11.11 -14.56 -6.55
C LEU B 89 -10.41 -13.53 -7.41
N ASN B 90 -10.78 -12.27 -7.20
CA ASN B 90 -10.05 -11.15 -7.77
C ASN B 90 -9.24 -10.46 -6.67
N ALA B 91 -8.49 -9.44 -7.05
CA ALA B 91 -7.55 -8.80 -6.12
C ALA B 91 -8.25 -7.97 -5.04
N ARG B 92 -9.57 -7.84 -5.15
CA ARG B 92 -10.33 -7.04 -4.22
C ARG B 92 -10.85 -7.89 -3.08
N GLY B 93 -10.54 -9.18 -3.14
CA GLY B 93 -11.06 -10.11 -2.17
C GLY B 93 -12.51 -10.45 -2.46
N GLN B 94 -12.94 -10.09 -3.66
CA GLN B 94 -14.29 -10.44 -4.13
C GLN B 94 -14.20 -11.62 -5.07
N SER B 95 -15.29 -12.34 -5.24
CA SER B 95 -15.27 -13.52 -6.08
C SER B 95 -15.68 -13.23 -7.50
N ILE B 96 -14.77 -13.51 -8.40
CA ILE B 96 -15.11 -13.67 -9.79
C ILE B 96 -15.46 -15.13 -9.96
N ARG B 97 -15.82 -15.58 -11.14
CA ARG B 97 -16.31 -16.94 -11.25
C ARG B 97 -15.45 -17.78 -12.16
N LEU B 98 -14.63 -18.62 -11.55
CA LEU B 98 -13.68 -19.46 -12.25
C LEU B 98 -14.39 -20.58 -13.01
N GLU B 99 -13.61 -21.36 -13.75
CA GLU B 99 -14.14 -22.46 -14.54
C GLU B 99 -14.44 -23.65 -13.62
N ARG A 1 -12.18 16.59 2.03
CA ARG A 1 -12.33 15.16 2.35
C ARG A 1 -10.96 14.52 2.57
N THR A 2 -10.91 13.53 3.44
CA THR A 2 -9.63 12.92 3.80
C THR A 2 -9.66 11.40 3.74
N HIS A 3 -10.74 10.76 4.17
CA HIS A 3 -10.73 9.30 4.28
C HIS A 3 -12.10 8.68 4.14
N GLY A 4 -12.11 7.40 3.82
CA GLY A 4 -13.33 6.63 3.83
C GLY A 4 -13.26 5.53 4.88
N THR A 5 -13.22 4.28 4.43
CA THR A 5 -13.17 3.14 5.35
C THR A 5 -11.93 3.20 6.26
N PHE A 6 -10.79 3.54 5.68
CA PHE A 6 -9.54 3.63 6.45
C PHE A 6 -9.56 4.89 7.31
N PRO A 7 -9.43 4.74 8.64
CA PRO A 7 -9.53 5.85 9.61
C PRO A 7 -8.74 7.09 9.24
N MET A 8 -7.40 7.02 9.32
CA MET A 8 -6.52 8.13 8.96
C MET A 8 -6.64 9.29 9.98
N HIS A 9 -5.53 9.99 10.28
CA HIS A 9 -5.52 11.06 11.31
C HIS A 9 -6.70 12.01 11.09
N GLN A 10 -6.55 12.86 10.08
CA GLN A 10 -7.59 13.75 9.64
C GLN A 10 -7.18 14.33 8.30
N LEU A 11 -6.25 13.64 7.65
CA LEU A 11 -5.62 14.14 6.44
C LEU A 11 -4.79 13.08 5.74
N GLY A 12 -3.89 12.41 6.48
CA GLY A 12 -3.03 11.43 5.85
C GLY A 12 -2.11 10.70 6.82
N ASN A 13 -2.71 9.98 7.78
CA ASN A 13 -1.94 9.13 8.70
C ASN A 13 -1.16 8.11 7.90
N VAL A 14 -1.84 7.57 6.91
CA VAL A 14 -1.25 6.55 6.06
C VAL A 14 0.02 7.15 5.52
N ILE A 15 -0.07 8.37 5.04
CA ILE A 15 1.06 8.99 4.41
C ILE A 15 2.28 9.07 5.29
N LYS A 16 2.22 9.62 6.52
CA LYS A 16 3.46 9.81 7.28
C LYS A 16 4.14 8.50 7.58
N GLY A 17 3.36 7.57 8.13
CA GLY A 17 3.92 6.32 8.55
C GLY A 17 4.68 5.67 7.43
N ILE A 18 4.09 5.74 6.27
CA ILE A 18 4.66 5.17 5.07
C ILE A 18 5.88 5.94 4.56
N VAL A 19 5.91 7.26 4.69
CA VAL A 19 7.01 8.00 4.07
C VAL A 19 8.31 7.58 4.74
N ASP A 20 8.26 7.39 6.04
CA ASP A 20 9.40 6.91 6.80
C ASP A 20 9.75 5.46 6.49
N GLN A 21 8.75 4.61 6.30
CA GLN A 21 9.00 3.17 6.19
C GLN A 21 9.18 2.71 4.75
N GLU A 22 8.26 3.13 3.88
CA GLU A 22 8.22 2.63 2.52
C GLU A 22 8.55 3.74 1.52
N GLY A 23 8.42 4.97 1.96
CA GLY A 23 8.74 6.10 1.11
C GLY A 23 7.52 6.82 0.59
N VAL A 24 7.73 8.04 0.14
CA VAL A 24 6.66 8.92 -0.33
C VAL A 24 5.79 8.31 -1.43
N ALA A 25 6.37 7.68 -2.42
CA ALA A 25 5.57 7.13 -3.50
C ALA A 25 4.62 6.02 -3.03
N THR A 26 5.00 5.27 -2.02
CA THR A 26 4.08 4.28 -1.43
C THR A 26 3.06 4.98 -0.54
N ALA A 27 3.53 5.94 0.26
CA ALA A 27 2.64 6.73 1.09
C ALA A 27 1.62 7.42 0.22
N TYR A 28 2.11 7.83 -0.93
CA TYR A 28 1.33 8.45 -1.96
C TYR A 28 0.33 7.46 -2.52
N THR A 29 0.84 6.29 -2.91
CA THR A 29 0.02 5.21 -3.45
C THR A 29 -1.09 4.79 -2.50
N LEU A 30 -0.75 4.61 -1.24
CA LEU A 30 -1.71 4.14 -0.28
C LEU A 30 -2.71 5.23 0.04
N GLY A 31 -2.23 6.47 0.04
CA GLY A 31 -3.14 7.59 0.13
C GLY A 31 -4.12 7.60 -1.03
N MET A 32 -3.66 7.15 -2.19
CA MET A 32 -4.53 7.05 -3.36
C MET A 32 -5.61 5.99 -3.16
N MET A 33 -5.23 4.79 -2.70
CA MET A 33 -6.24 3.76 -2.50
C MET A 33 -7.16 4.04 -1.31
N LEU A 34 -6.56 4.31 -0.16
CA LEU A 34 -7.31 4.49 1.08
C LEU A 34 -8.20 5.73 1.09
N SER A 35 -7.65 6.85 0.68
CA SER A 35 -8.32 8.11 0.80
C SER A 35 -9.01 8.49 -0.52
N GLY A 36 -9.06 7.53 -1.41
CA GLY A 36 -9.67 7.77 -2.70
C GLY A 36 -8.68 8.41 -3.66
N GLN A 37 -9.15 8.66 -4.87
CA GLN A 37 -8.30 9.15 -5.95
C GLN A 37 -8.06 10.64 -5.81
N ASN A 38 -8.22 11.13 -4.59
CA ASN A 38 -8.06 12.54 -4.27
C ASN A 38 -6.60 12.94 -4.31
N TYR A 39 -6.10 13.11 -5.53
CA TYR A 39 -4.74 13.61 -5.79
C TYR A 39 -4.48 14.87 -4.99
N GLN A 40 -5.49 15.72 -4.88
CA GLN A 40 -5.37 16.95 -4.09
C GLN A 40 -4.91 16.64 -2.68
N LEU A 41 -5.55 15.66 -2.06
CA LEU A 41 -5.26 15.33 -0.69
C LEU A 41 -3.86 14.73 -0.56
N VAL A 42 -3.54 13.76 -1.40
CA VAL A 42 -2.24 13.09 -1.30
C VAL A 42 -1.12 14.05 -1.61
N SER A 43 -1.31 14.88 -2.62
CA SER A 43 -0.27 15.80 -3.02
C SER A 43 -0.09 16.86 -1.95
N GLY A 44 -1.19 17.28 -1.35
CA GLY A 44 -1.12 18.24 -0.27
C GLY A 44 -0.46 17.63 0.95
N ILE A 45 -0.78 16.38 1.23
CA ILE A 45 -0.25 15.70 2.40
C ILE A 45 1.22 15.35 2.22
N ILE A 46 1.59 14.69 1.12
CA ILE A 46 2.94 14.16 0.93
C ILE A 46 3.91 15.29 0.61
N ARG A 47 3.39 16.39 0.09
CA ARG A 47 4.22 17.53 -0.32
C ARG A 47 5.08 18.01 0.82
N GLY A 48 4.57 17.85 2.02
CA GLY A 48 5.31 18.24 3.20
C GLY A 48 6.21 17.13 3.66
N TYR A 49 6.01 15.93 3.11
CA TYR A 49 6.71 14.74 3.55
C TYR A 49 7.64 14.29 2.43
N LEU A 50 7.60 15.04 1.33
CA LEU A 50 8.45 14.79 0.20
C LEU A 50 9.90 15.04 0.60
N PRO A 51 10.81 14.08 0.30
CA PRO A 51 12.24 14.14 0.58
C PRO A 51 12.81 15.55 0.71
N GLY A 52 12.84 16.27 -0.40
CA GLY A 52 13.29 17.64 -0.41
C GLY A 52 12.44 18.45 -1.36
N GLN A 53 12.85 19.66 -1.68
CA GLN A 53 12.09 20.47 -2.62
C GLN A 53 12.19 19.90 -4.03
N ALA A 54 13.29 19.21 -4.31
CA ALA A 54 13.52 18.63 -5.63
C ALA A 54 12.49 17.57 -5.98
N VAL A 55 12.14 16.71 -5.02
CA VAL A 55 11.21 15.62 -5.28
C VAL A 55 9.81 16.18 -5.54
N VAL A 56 9.40 17.16 -4.75
CA VAL A 56 8.12 17.83 -4.95
C VAL A 56 8.15 18.63 -6.24
N THR A 57 9.31 19.13 -6.59
CA THR A 57 9.47 19.93 -7.77
C THR A 57 9.22 19.05 -8.96
N ALA A 58 9.93 17.95 -9.01
CA ALA A 58 9.80 16.98 -10.05
C ALA A 58 8.39 16.44 -10.15
N LEU A 59 7.77 16.21 -9.01
CA LEU A 59 6.44 15.66 -9.00
C LEU A 59 5.49 16.69 -9.57
N GLN A 60 5.61 17.90 -9.06
CA GLN A 60 4.85 19.04 -9.56
C GLN A 60 5.15 19.29 -11.01
N GLN A 61 6.37 19.04 -11.40
CA GLN A 61 6.83 19.24 -12.76
C GLN A 61 5.95 18.52 -13.75
N ARG A 62 5.69 17.24 -13.52
CA ARG A 62 4.76 16.52 -14.37
C ARG A 62 3.29 16.82 -14.03
N LEU A 63 2.99 17.25 -12.80
CA LEU A 63 1.62 17.70 -12.50
C LEU A 63 1.28 18.92 -13.32
N ASP A 64 2.31 19.67 -13.67
CA ASP A 64 2.15 20.86 -14.48
C ASP A 64 1.69 20.49 -15.87
N GLN A 65 2.21 19.37 -16.33
CA GLN A 65 1.88 18.85 -17.64
C GLN A 65 0.55 18.13 -17.58
N GLU A 66 0.29 17.56 -16.40
CA GLU A 66 -0.92 16.74 -16.08
C GLU A 66 -1.68 16.28 -17.32
N ILE A 67 -1.53 14.99 -17.63
CA ILE A 67 -2.15 14.38 -18.82
C ILE A 67 -3.64 14.69 -18.88
N ASP A 68 -4.25 14.75 -17.72
CA ASP A 68 -5.65 15.05 -17.55
C ASP A 68 -5.86 15.50 -16.13
N ASP A 69 -7.09 15.71 -15.74
CA ASP A 69 -7.38 16.03 -14.35
C ASP A 69 -7.21 14.76 -13.51
N GLN A 70 -8.01 13.75 -13.79
CA GLN A 70 -7.90 12.46 -13.10
C GLN A 70 -6.63 11.69 -13.48
N THR A 71 -6.10 11.90 -14.69
CA THR A 71 -4.95 11.12 -15.12
C THR A 71 -3.70 11.57 -14.37
N ARG A 72 -3.75 12.79 -13.87
CA ARG A 72 -2.75 13.32 -13.01
C ARG A 72 -2.61 12.38 -11.80
N ALA A 73 -3.75 12.10 -11.16
CA ALA A 73 -3.84 11.09 -10.11
C ALA A 73 -3.45 9.69 -10.61
N GLU A 74 -3.99 9.30 -11.76
CA GLU A 74 -3.78 7.96 -12.31
C GLU A 74 -2.30 7.60 -12.38
N THR A 75 -1.49 8.59 -12.69
CA THR A 75 -0.07 8.39 -12.86
C THR A 75 0.73 9.14 -11.80
N PHE A 76 0.04 9.59 -10.76
CA PHE A 76 0.63 10.48 -9.76
C PHE A 76 1.90 9.87 -9.14
N ILE A 77 1.82 8.60 -8.77
CA ILE A 77 2.96 7.91 -8.16
C ILE A 77 3.97 7.49 -9.23
N GLN A 78 3.49 7.16 -10.40
CA GLN A 78 4.37 6.93 -11.54
C GLN A 78 5.20 8.18 -11.79
N HIS A 79 4.58 9.31 -11.50
CA HIS A 79 5.22 10.61 -11.62
C HIS A 79 6.20 10.83 -10.48
N LEU A 80 5.92 10.23 -9.32
CA LEU A 80 6.79 10.34 -8.15
C LEU A 80 8.04 9.50 -8.37
N ASN A 81 7.85 8.39 -9.05
CA ASN A 81 8.97 7.52 -9.40
C ASN A 81 9.78 8.17 -10.51
N ALA A 82 9.05 8.82 -11.40
CA ALA A 82 9.65 9.70 -12.40
C ALA A 82 10.50 10.76 -11.73
N VAL A 83 10.03 11.17 -10.56
CA VAL A 83 10.74 12.13 -9.75
C VAL A 83 12.07 11.53 -9.36
N TYR A 84 11.98 10.31 -8.81
CA TYR A 84 13.16 9.55 -8.43
C TYR A 84 14.15 9.46 -9.59
N GLU A 85 13.62 9.50 -10.81
CA GLU A 85 14.45 9.36 -11.99
C GLU A 85 15.09 10.70 -12.34
N ILE A 86 14.28 11.74 -12.18
CA ILE A 86 14.71 13.11 -12.36
C ILE A 86 15.89 13.48 -11.44
N LEU A 87 15.70 13.31 -10.14
CA LEU A 87 16.68 13.79 -9.16
C LEU A 87 17.62 12.71 -8.60
N GLY A 88 17.33 11.43 -8.86
CA GLY A 88 18.19 10.38 -8.33
C GLY A 88 17.75 9.82 -6.99
N LEU A 89 16.45 9.77 -6.73
CA LEU A 89 15.93 9.17 -5.49
C LEU A 89 15.70 7.68 -5.66
N ASN A 90 15.58 6.98 -4.55
CA ASN A 90 15.19 5.57 -4.55
C ASN A 90 13.74 5.43 -4.09
N ALA A 91 13.26 4.20 -4.01
CA ALA A 91 11.87 3.92 -3.66
C ALA A 91 11.53 4.34 -2.23
N ARG A 92 12.56 4.58 -1.42
CA ARG A 92 12.35 4.90 -0.01
C ARG A 92 12.16 6.40 0.20
N GLY A 93 12.24 7.15 -0.89
CA GLY A 93 12.16 8.60 -0.77
C GLY A 93 13.49 9.18 -0.33
N GLN A 94 14.51 8.34 -0.34
CA GLN A 94 15.86 8.74 0.00
C GLN A 94 16.67 8.92 -1.27
N SER A 95 17.71 9.72 -1.20
CA SER A 95 18.49 10.02 -2.40
C SER A 95 19.67 9.07 -2.52
N ILE A 96 19.90 8.62 -3.74
CA ILE A 96 21.00 7.70 -4.04
C ILE A 96 21.99 8.38 -4.98
N ARG A 97 21.49 9.43 -5.64
CA ARG A 97 22.27 10.32 -6.52
C ARG A 97 23.58 9.72 -7.05
N LEU A 98 23.46 8.65 -7.86
CA LEU A 98 24.60 7.94 -8.41
C LEU A 98 25.50 7.40 -7.31
N GLU A 99 25.14 6.24 -6.78
CA GLU A 99 25.90 5.59 -5.72
C GLU A 99 27.25 5.12 -6.25
N ARG B 1 3.93 -7.99 18.67
CA ARG B 1 4.21 -6.69 18.03
C ARG B 1 3.19 -6.42 16.93
N THR B 2 2.87 -5.15 16.72
CA THR B 2 1.84 -4.79 15.76
C THR B 2 2.27 -3.70 14.79
N HIS B 3 3.00 -2.69 15.26
CA HIS B 3 3.29 -1.54 14.39
C HIS B 3 4.57 -0.83 14.76
N GLY B 4 5.09 -0.08 13.80
CA GLY B 4 6.20 0.80 14.04
C GLY B 4 5.80 2.25 13.85
N THR B 5 6.34 2.90 12.82
CA THR B 5 6.04 4.29 12.54
C THR B 5 4.53 4.52 12.29
N PHE B 6 3.92 3.62 11.52
CA PHE B 6 2.50 3.71 11.22
C PHE B 6 1.68 3.32 12.46
N PRO B 7 0.82 4.24 12.96
CA PRO B 7 0.05 4.05 14.20
C PRO B 7 -0.64 2.69 14.31
N MET B 8 -1.70 2.47 13.51
CA MET B 8 -2.42 1.19 13.50
C MET B 8 -3.23 1.00 14.81
N HIS B 9 -4.43 0.40 14.72
CA HIS B 9 -5.32 0.24 15.89
C HIS B 9 -4.53 -0.31 17.08
N GLN B 10 -4.26 -1.60 17.02
CA GLN B 10 -3.41 -2.28 17.98
C GLN B 10 -3.06 -3.64 17.41
N LEU B 11 -3.22 -3.77 16.10
CA LEU B 11 -3.10 -5.05 15.44
C LEU B 11 -3.05 -4.91 13.92
N GLY B 12 -4.01 -4.18 13.34
CA GLY B 12 -4.05 -4.05 11.90
C GLY B 12 -5.14 -3.13 11.38
N ASN B 13 -5.08 -1.86 11.77
CA ASN B 13 -6.01 -0.85 11.24
C ASN B 13 -5.87 -0.78 9.74
N VAL B 14 -4.61 -0.83 9.31
CA VAL B 14 -4.32 -0.76 7.90
C VAL B 14 -5.11 -1.85 7.23
N ILE B 15 -5.05 -3.04 7.81
CA ILE B 15 -5.68 -4.17 7.20
C ILE B 15 -7.16 -3.98 6.98
N LYS B 16 -7.99 -3.61 7.97
CA LYS B 16 -9.44 -3.58 7.72
C LYS B 16 -9.82 -2.59 6.65
N GLY B 17 -9.32 -1.37 6.81
CA GLY B 17 -9.69 -0.32 5.91
C GLY B 17 -9.43 -0.72 4.48
N ILE B 18 -8.30 -1.36 4.30
CA ILE B 18 -7.88 -1.82 3.00
C ILE B 18 -8.68 -3.01 2.49
N VAL B 19 -9.12 -3.92 3.37
CA VAL B 19 -9.78 -5.13 2.87
C VAL B 19 -11.06 -4.73 2.15
N ASP B 20 -11.75 -3.75 2.72
CA ASP B 20 -12.95 -3.21 2.11
C ASP B 20 -12.67 -2.41 0.85
N GLN B 21 -11.58 -1.65 0.82
CA GLN B 21 -11.35 -0.72 -0.28
C GLN B 21 -10.51 -1.33 -1.40
N GLU B 22 -9.40 -1.94 -1.03
CA GLU B 22 -8.43 -2.41 -2.00
C GLU B 22 -8.35 -3.94 -2.01
N GLY B 23 -8.83 -4.55 -0.94
CA GLY B 23 -8.84 -6.00 -0.85
C GLY B 23 -7.77 -6.55 0.06
N VAL B 24 -7.97 -7.79 0.48
CA VAL B 24 -7.09 -8.47 1.42
C VAL B 24 -5.63 -8.48 1.02
N ALA B 25 -5.32 -8.78 -0.22
CA ALA B 25 -3.92 -8.84 -0.63
C ALA B 25 -3.20 -7.50 -0.51
N THR B 26 -3.92 -6.39 -0.71
CA THR B 26 -3.32 -5.08 -0.47
C THR B 26 -3.26 -4.78 1.02
N ALA B 27 -4.32 -5.11 1.73
CA ALA B 27 -4.34 -4.96 3.18
C ALA B 27 -3.22 -5.77 3.78
N TYR B 28 -3.00 -6.91 3.16
CA TYR B 28 -1.95 -7.81 3.52
C TYR B 28 -0.60 -7.17 3.21
N THR B 29 -0.47 -6.68 1.97
CA THR B 29 0.74 -6.01 1.52
C THR B 29 1.13 -4.83 2.41
N LEU B 30 0.17 -4.00 2.73
CA LEU B 30 0.43 -2.80 3.48
C LEU B 30 0.73 -3.17 4.92
N GLY B 31 0.07 -4.20 5.41
CA GLY B 31 0.41 -4.76 6.70
C GLY B 31 1.86 -5.24 6.70
N MET B 32 2.32 -5.75 5.56
CA MET B 32 3.71 -6.19 5.43
C MET B 32 4.67 -5.01 5.52
N MET B 33 4.40 -3.93 4.79
CA MET B 33 5.31 -2.79 4.84
C MET B 33 5.22 -2.03 6.16
N LEU B 34 4.02 -1.66 6.56
CA LEU B 34 3.80 -0.82 7.73
C LEU B 34 4.15 -1.51 9.04
N SER B 35 3.70 -2.74 9.20
CA SER B 35 3.84 -3.44 10.46
C SER B 35 5.04 -4.35 10.44
N GLY B 36 5.86 -4.20 9.42
CA GLY B 36 7.03 -5.03 9.29
C GLY B 36 6.70 -6.35 8.62
N GLN B 37 7.72 -7.17 8.45
CA GLN B 37 7.59 -8.41 7.70
C GLN B 37 6.96 -9.50 8.56
N ASN B 38 6.23 -9.06 9.57
CA ASN B 38 5.56 -9.94 10.52
C ASN B 38 4.38 -10.63 9.87
N TYR B 39 4.69 -11.64 9.06
CA TYR B 39 3.70 -12.51 8.44
C TYR B 39 2.69 -13.01 9.47
N GLN B 40 3.19 -13.32 10.66
CA GLN B 40 2.32 -13.77 11.75
C GLN B 40 1.20 -12.77 11.99
N LEU B 41 1.57 -11.50 12.08
CA LEU B 41 0.60 -10.47 12.38
C LEU B 41 -0.39 -10.30 11.24
N VAL B 42 0.11 -10.18 10.01
CA VAL B 42 -0.78 -9.95 8.88
C VAL B 42 -1.69 -11.13 8.64
N SER B 43 -1.14 -12.32 8.77
CA SER B 43 -1.92 -13.52 8.52
C SER B 43 -2.96 -13.68 9.61
N GLY B 44 -2.59 -13.34 10.84
CA GLY B 44 -3.54 -13.40 11.93
C GLY B 44 -4.61 -12.34 11.78
N ILE B 45 -4.22 -11.17 11.32
CA ILE B 45 -5.15 -10.06 11.16
C ILE B 45 -6.09 -10.29 9.98
N ILE B 46 -5.54 -10.57 8.79
CA ILE B 46 -6.32 -10.64 7.56
C ILE B 46 -7.15 -11.91 7.53
N ARG B 47 -6.72 -12.92 8.26
CA ARG B 47 -7.39 -14.23 8.27
C ARG B 47 -8.85 -14.08 8.64
N GLY B 48 -9.14 -13.09 9.44
CA GLY B 48 -10.50 -12.83 9.82
C GLY B 48 -11.19 -11.94 8.82
N TYR B 49 -10.41 -11.36 7.92
CA TYR B 49 -10.91 -10.38 6.98
C TYR B 49 -10.84 -10.96 5.58
N LEU B 50 -10.33 -12.19 5.52
CA LEU B 50 -10.24 -12.93 4.29
C LEU B 50 -11.64 -13.24 3.78
N PRO B 51 -11.92 -12.92 2.49
CA PRO B 51 -13.20 -13.15 1.81
C PRO B 51 -14.05 -14.26 2.41
N GLY B 52 -13.58 -15.49 2.28
CA GLY B 52 -14.26 -16.63 2.86
C GLY B 52 -13.25 -17.61 3.39
N GLN B 53 -13.68 -18.81 3.75
CA GLN B 53 -12.74 -19.80 4.23
C GLN B 53 -11.83 -20.28 3.11
N ALA B 54 -12.33 -20.22 1.88
CA ALA B 54 -11.57 -20.68 0.73
C ALA B 54 -10.30 -19.85 0.50
N VAL B 55 -10.41 -18.53 0.66
CA VAL B 55 -9.26 -17.65 0.40
C VAL B 55 -8.17 -17.87 1.47
N VAL B 56 -8.58 -18.00 2.71
CA VAL B 56 -7.65 -18.31 3.80
C VAL B 56 -7.11 -19.72 3.64
N THR B 57 -7.91 -20.59 3.07
CA THR B 57 -7.52 -21.96 2.89
C THR B 57 -6.40 -22.00 1.88
N ALA B 58 -6.64 -21.38 0.74
CA ALA B 58 -5.67 -21.28 -0.31
C ALA B 58 -4.41 -20.59 0.16
N LEU B 59 -4.56 -19.55 0.96
CA LEU B 59 -3.42 -18.81 1.42
C LEU B 59 -2.60 -19.69 2.35
N GLN B 60 -3.31 -20.30 3.28
CA GLN B 60 -2.71 -21.26 4.19
C GLN B 60 -2.13 -22.44 3.45
N GLN B 61 -2.77 -22.80 2.36
CA GLN B 61 -2.36 -23.91 1.54
C GLN B 61 -0.91 -23.77 1.12
N ARG B 62 -0.53 -22.61 0.58
CA ARG B 62 0.86 -22.38 0.27
C ARG B 62 1.70 -22.03 1.49
N LEU B 63 1.10 -21.51 2.57
CA LEU B 63 1.83 -21.31 3.82
C LEU B 63 2.28 -22.65 4.38
N ASP B 64 1.52 -23.67 4.05
CA ASP B 64 1.83 -25.03 4.48
C ASP B 64 3.11 -25.49 3.82
N GLN B 65 3.27 -25.09 2.58
CA GLN B 65 4.44 -25.43 1.81
C GLN B 65 5.60 -24.53 2.18
N GLU B 66 5.23 -23.30 2.58
CA GLU B 66 6.15 -22.21 2.94
C GLU B 66 7.60 -22.44 2.49
N ILE B 67 7.99 -21.72 1.44
CA ILE B 67 9.31 -21.86 0.83
C ILE B 67 10.41 -21.75 1.88
N ASP B 68 10.16 -20.92 2.87
CA ASP B 68 11.06 -20.69 3.97
C ASP B 68 10.26 -20.09 5.09
N ASP B 69 10.90 -19.69 6.16
CA ASP B 69 10.22 -18.98 7.23
C ASP B 69 9.89 -17.57 6.75
N GLN B 70 10.93 -16.79 6.47
CA GLN B 70 10.74 -15.44 5.94
C GLN B 70 10.20 -15.42 4.50
N THR B 71 10.47 -16.46 3.71
CA THR B 71 10.04 -16.44 2.32
C THR B 71 8.54 -16.60 2.23
N ARG B 72 7.96 -17.20 3.28
CA ARG B 72 6.57 -17.29 3.44
C ARG B 72 5.97 -15.88 3.38
N ALA B 73 6.51 -14.99 4.20
CA ALA B 73 6.21 -13.56 4.15
C ALA B 73 6.55 -12.93 2.80
N GLU B 74 7.75 -13.23 2.30
CA GLU B 74 8.25 -12.63 1.06
C GLU B 74 7.26 -12.77 -0.09
N THR B 75 6.59 -13.90 -0.10
CA THR B 75 5.65 -14.21 -1.17
C THR B 75 4.23 -14.31 -0.65
N PHE B 76 4.01 -13.82 0.58
CA PHE B 76 2.74 -14.00 1.28
C PHE B 76 1.55 -13.48 0.45
N ILE B 77 1.71 -12.29 -0.11
CA ILE B 77 0.66 -11.69 -0.92
C ILE B 77 0.62 -12.29 -2.32
N GLN B 78 1.79 -12.66 -2.83
CA GLN B 78 1.85 -13.43 -4.07
C GLN B 78 1.05 -14.72 -3.91
N HIS B 79 1.08 -15.21 -2.70
CA HIS B 79 0.34 -16.40 -2.32
C HIS B 79 -1.15 -16.09 -2.20
N LEU B 80 -1.48 -14.85 -1.83
CA LEU B 80 -2.87 -14.43 -1.69
C LEU B 80 -3.48 -14.26 -3.08
N ASN B 81 -2.66 -13.81 -3.99
CA ASN B 81 -3.08 -13.66 -5.38
C ASN B 81 -3.19 -15.03 -6.01
N ALA B 82 -2.27 -15.90 -5.62
CA ALA B 82 -2.34 -17.32 -5.93
C ALA B 82 -3.65 -17.89 -5.44
N VAL B 83 -4.10 -17.35 -4.33
CA VAL B 83 -5.36 -17.74 -3.74
C VAL B 83 -6.45 -17.38 -4.72
N TYR B 84 -6.42 -16.12 -5.15
CA TYR B 84 -7.36 -15.60 -6.13
C TYR B 84 -7.39 -16.51 -7.37
N GLU B 85 -6.27 -17.17 -7.64
CA GLU B 85 -6.15 -18.01 -8.82
C GLU B 85 -6.77 -19.36 -8.54
N ILE B 86 -6.50 -19.84 -7.34
CA ILE B 86 -7.07 -21.08 -6.82
C ILE B 86 -8.60 -21.07 -6.83
N LEU B 87 -9.20 -20.09 -6.17
CA LEU B 87 -10.65 -20.08 -5.97
C LEU B 87 -11.43 -19.16 -6.92
N GLY B 88 -10.75 -18.31 -7.67
CA GLY B 88 -11.46 -17.42 -8.58
C GLY B 88 -11.78 -16.04 -8.00
N LEU B 89 -10.93 -15.53 -7.11
CA LEU B 89 -11.13 -14.18 -6.56
C LEU B 89 -10.48 -13.12 -7.43
N ASN B 90 -10.88 -11.88 -7.24
CA ASN B 90 -10.24 -10.75 -7.88
C ASN B 90 -9.36 -9.99 -6.87
N ALA B 91 -8.75 -8.90 -7.31
CA ALA B 91 -7.83 -8.15 -6.48
C ALA B 91 -8.53 -7.47 -5.30
N ARG B 92 -9.85 -7.40 -5.35
CA ARG B 92 -10.62 -6.70 -4.33
C ARG B 92 -10.97 -7.63 -3.17
N GLY B 93 -10.57 -8.89 -3.30
CA GLY B 93 -10.94 -9.87 -2.29
C GLY B 93 -12.36 -10.35 -2.50
N GLN B 94 -12.92 -9.99 -3.64
CA GLN B 94 -14.25 -10.41 -4.02
C GLN B 94 -14.16 -11.55 -5.03
N SER B 95 -15.19 -12.36 -5.13
CA SER B 95 -15.14 -13.51 -6.01
C SER B 95 -15.74 -13.18 -7.37
N ILE B 96 -15.06 -13.66 -8.41
CA ILE B 96 -15.49 -13.45 -9.78
C ILE B 96 -15.85 -14.77 -10.41
N ARG B 97 -15.34 -15.85 -9.80
CA ARG B 97 -15.64 -17.25 -10.15
C ARG B 97 -16.16 -17.47 -11.58
N LEU B 98 -15.32 -17.14 -12.56
CA LEU B 98 -15.68 -17.24 -13.97
C LEU B 98 -16.89 -16.38 -14.29
N GLU B 99 -16.64 -15.10 -14.56
CA GLU B 99 -17.71 -14.15 -14.87
C GLU B 99 -18.29 -14.47 -16.24
N ARG A 1 -10.98 10.07 1.09
CA ARG A 1 -11.30 11.37 1.69
C ARG A 1 -10.66 11.48 3.07
N THR A 2 -10.74 12.65 3.69
CA THR A 2 -10.16 12.87 5.01
C THR A 2 -10.64 11.83 6.04
N HIS A 3 -11.94 11.55 6.04
CA HIS A 3 -12.49 10.51 6.90
C HIS A 3 -13.55 9.69 6.21
N GLY A 4 -13.31 8.41 6.09
CA GLY A 4 -14.23 7.52 5.42
C GLY A 4 -13.57 6.23 5.05
N THR A 5 -13.55 5.28 5.99
CA THR A 5 -12.88 4.00 5.83
C THR A 5 -11.36 4.17 5.91
N PHE A 6 -10.75 3.45 6.85
CA PHE A 6 -9.33 3.61 7.19
C PHE A 6 -9.13 4.96 7.92
N PRO A 7 -8.80 4.93 9.23
CA PRO A 7 -8.68 6.12 10.09
C PRO A 7 -8.01 7.31 9.40
N MET A 8 -6.75 7.15 9.01
CA MET A 8 -6.03 8.16 8.23
C MET A 8 -5.95 9.52 8.96
N HIS A 9 -5.76 9.47 10.29
CA HIS A 9 -5.73 10.67 11.15
C HIS A 9 -6.97 11.52 10.91
N GLN A 10 -6.80 12.52 10.07
CA GLN A 10 -7.88 13.32 9.57
C GLN A 10 -7.50 13.85 8.20
N LEU A 11 -6.59 13.13 7.54
CA LEU A 11 -6.01 13.60 6.30
C LEU A 11 -5.06 12.58 5.67
N GLY A 12 -4.15 12.01 6.46
CA GLY A 12 -3.13 11.15 5.87
C GLY A 12 -2.25 10.43 6.88
N ASN A 13 -2.84 9.66 7.78
CA ASN A 13 -2.06 8.82 8.72
C ASN A 13 -1.26 7.83 7.93
N VAL A 14 -1.90 7.35 6.87
CA VAL A 14 -1.28 6.40 5.99
C VAL A 14 -0.01 7.03 5.47
N ILE A 15 -0.14 8.27 4.99
CA ILE A 15 0.98 8.91 4.38
C ILE A 15 2.19 9.01 5.29
N LYS A 16 2.12 9.54 6.51
CA LYS A 16 3.35 9.72 7.29
C LYS A 16 4.03 8.40 7.59
N GLY A 17 3.23 7.47 8.09
CA GLY A 17 3.78 6.21 8.50
C GLY A 17 4.57 5.58 7.38
N ILE A 18 3.99 5.63 6.19
CA ILE A 18 4.60 5.08 5.01
C ILE A 18 5.81 5.86 4.53
N VAL A 19 5.83 7.19 4.68
CA VAL A 19 6.93 7.95 4.09
C VAL A 19 8.22 7.52 4.76
N ASP A 20 8.15 7.31 6.07
CA ASP A 20 9.27 6.80 6.84
C ASP A 20 9.58 5.33 6.54
N GLN A 21 8.56 4.52 6.34
CA GLN A 21 8.75 3.07 6.24
C GLN A 21 9.04 2.63 4.81
N GLU A 22 8.23 3.10 3.88
CA GLU A 22 8.27 2.60 2.51
C GLU A 22 8.63 3.71 1.54
N GLY A 23 8.44 4.95 1.97
CA GLY A 23 8.78 6.07 1.14
C GLY A 23 7.55 6.76 0.60
N VAL A 24 7.75 8.00 0.17
CA VAL A 24 6.68 8.87 -0.30
C VAL A 24 5.82 8.27 -1.40
N ALA A 25 6.43 7.67 -2.41
CA ALA A 25 5.63 7.14 -3.52
C ALA A 25 4.69 6.01 -3.07
N THR A 26 5.08 5.24 -2.05
CA THR A 26 4.15 4.25 -1.49
C THR A 26 3.13 4.94 -0.61
N ALA A 27 3.58 5.90 0.20
CA ALA A 27 2.68 6.66 1.04
C ALA A 27 1.66 7.36 0.18
N TYR A 28 2.15 7.80 -0.96
CA TYR A 28 1.36 8.42 -1.98
C TYR A 28 0.38 7.43 -2.56
N THR A 29 0.90 6.28 -2.96
CA THR A 29 0.10 5.20 -3.51
C THR A 29 -1.04 4.77 -2.58
N LEU A 30 -0.70 4.57 -1.32
CA LEU A 30 -1.65 4.06 -0.36
C LEU A 30 -2.67 5.14 -0.04
N GLY A 31 -2.21 6.38 0.00
CA GLY A 31 -3.13 7.49 0.15
C GLY A 31 -4.15 7.51 -0.98
N MET A 32 -3.69 7.11 -2.16
CA MET A 32 -4.55 7.05 -3.34
C MET A 32 -5.60 5.94 -3.22
N MET A 33 -5.19 4.74 -2.83
CA MET A 33 -6.18 3.66 -2.72
C MET A 33 -7.12 3.86 -1.53
N LEU A 34 -6.55 4.22 -0.39
CA LEU A 34 -7.32 4.39 0.85
C LEU A 34 -8.24 5.60 0.82
N SER A 35 -7.70 6.73 0.38
CA SER A 35 -8.43 7.98 0.46
C SER A 35 -9.05 8.31 -0.89
N GLY A 36 -9.13 7.31 -1.74
CA GLY A 36 -9.69 7.53 -3.05
C GLY A 36 -8.73 8.26 -3.96
N GLN A 37 -9.18 8.55 -5.15
CA GLN A 37 -8.33 9.11 -6.19
C GLN A 37 -8.14 10.61 -6.01
N ASN A 38 -8.34 11.06 -4.77
CA ASN A 38 -8.20 12.46 -4.41
C ASN A 38 -6.74 12.88 -4.44
N TYR A 39 -6.22 13.09 -5.64
CA TYR A 39 -4.84 13.51 -5.86
C TYR A 39 -4.53 14.79 -5.11
N GLN A 40 -5.49 15.71 -5.07
CA GLN A 40 -5.30 16.96 -4.35
C GLN A 40 -4.93 16.70 -2.89
N LEU A 41 -5.61 15.74 -2.27
CA LEU A 41 -5.36 15.43 -0.89
C LEU A 41 -3.98 14.81 -0.70
N VAL A 42 -3.64 13.81 -1.50
CA VAL A 42 -2.36 13.14 -1.35
C VAL A 42 -1.21 14.07 -1.67
N SER A 43 -1.39 14.88 -2.69
CA SER A 43 -0.35 15.80 -3.10
C SER A 43 -0.14 16.85 -2.04
N GLY A 44 -1.23 17.28 -1.44
CA GLY A 44 -1.15 18.22 -0.33
C GLY A 44 -0.52 17.59 0.90
N ILE A 45 -0.86 16.34 1.16
CA ILE A 45 -0.36 15.65 2.34
C ILE A 45 1.12 15.30 2.20
N ILE A 46 1.50 14.64 1.09
CA ILE A 46 2.85 14.12 0.91
C ILE A 46 3.83 15.24 0.60
N ARG A 47 3.32 16.35 0.08
CA ARG A 47 4.14 17.50 -0.30
C ARG A 47 5.00 17.97 0.86
N GLY A 48 4.49 17.81 2.05
CA GLY A 48 5.23 18.18 3.23
C GLY A 48 6.11 17.07 3.71
N TYR A 49 5.90 15.88 3.15
CA TYR A 49 6.59 14.69 3.60
C TYR A 49 7.53 14.23 2.51
N LEU A 50 7.48 14.97 1.41
CA LEU A 50 8.34 14.74 0.27
C LEU A 50 9.78 15.02 0.66
N PRO A 51 10.71 14.17 0.17
CA PRO A 51 12.14 14.20 0.53
C PRO A 51 12.71 15.60 0.70
N GLY A 52 12.94 16.28 -0.40
CA GLY A 52 13.42 17.64 -0.36
C GLY A 52 12.58 18.52 -1.25
N GLN A 53 13.08 19.69 -1.63
CA GLN A 53 12.34 20.54 -2.56
C GLN A 53 12.35 19.94 -3.97
N ALA A 54 13.40 19.19 -4.28
CA ALA A 54 13.58 18.64 -5.62
C ALA A 54 12.53 17.59 -5.96
N VAL A 55 12.17 16.76 -4.98
CA VAL A 55 11.20 15.69 -5.22
C VAL A 55 9.82 16.27 -5.52
N VAL A 56 9.42 17.25 -4.71
CA VAL A 56 8.15 17.93 -4.92
C VAL A 56 8.19 18.72 -6.22
N THR A 57 9.36 19.20 -6.56
CA THR A 57 9.52 20.01 -7.74
C THR A 57 9.29 19.13 -8.94
N ALA A 58 9.99 18.02 -8.98
CA ALA A 58 9.85 17.06 -10.04
C ALA A 58 8.44 16.55 -10.16
N LEU A 59 7.79 16.31 -9.03
CA LEU A 59 6.45 15.78 -9.05
C LEU A 59 5.52 16.84 -9.60
N GLN A 60 5.66 18.03 -9.07
CA GLN A 60 4.92 19.19 -9.56
C GLN A 60 5.22 19.46 -11.02
N GLN A 61 6.45 19.19 -11.40
CA GLN A 61 6.93 19.41 -12.74
C GLN A 61 6.04 18.72 -13.76
N ARG A 62 5.74 17.44 -13.55
CA ARG A 62 4.79 16.78 -14.43
C ARG A 62 3.34 17.15 -14.15
N LEU A 63 3.01 17.56 -12.91
CA LEU A 63 1.64 18.02 -12.63
C LEU A 63 1.35 19.29 -13.40
N ASP A 64 2.41 20.04 -13.69
CA ASP A 64 2.31 21.25 -14.48
C ASP A 64 1.81 20.92 -15.87
N GLN A 65 2.27 19.79 -16.36
CA GLN A 65 1.85 19.29 -17.66
C GLN A 65 0.48 18.64 -17.60
N GLU A 66 0.14 18.11 -16.40
CA GLU A 66 -1.16 17.43 -16.13
C GLU A 66 -1.84 16.83 -17.37
N ILE A 67 -1.72 15.51 -17.52
CA ILE A 67 -2.29 14.81 -18.68
C ILE A 67 -3.80 15.02 -18.76
N ASP A 68 -4.42 15.12 -17.59
CA ASP A 68 -5.85 15.30 -17.47
C ASP A 68 -6.12 15.81 -16.07
N ASP A 69 -7.35 15.65 -15.59
CA ASP A 69 -7.62 15.88 -14.19
C ASP A 69 -7.33 14.61 -13.40
N GLN A 70 -8.09 13.55 -13.66
CA GLN A 70 -7.89 12.27 -12.98
C GLN A 70 -6.58 11.59 -13.38
N THR A 71 -6.05 11.88 -14.57
CA THR A 71 -4.86 11.17 -15.03
C THR A 71 -3.64 11.63 -14.25
N ARG A 72 -3.71 12.83 -13.67
CA ARG A 72 -2.67 13.28 -12.76
C ARG A 72 -2.53 12.23 -11.68
N ALA A 73 -3.67 11.92 -11.06
CA ALA A 73 -3.78 10.85 -10.08
C ALA A 73 -3.37 9.49 -10.63
N GLU A 74 -3.91 9.14 -11.80
CA GLU A 74 -3.66 7.84 -12.43
C GLU A 74 -2.17 7.53 -12.49
N THR A 75 -1.39 8.56 -12.73
CA THR A 75 0.04 8.41 -12.90
C THR A 75 0.82 9.17 -11.84
N PHE A 76 0.13 9.57 -10.78
CA PHE A 76 0.70 10.47 -9.77
C PHE A 76 1.97 9.88 -9.15
N ILE A 77 1.92 8.63 -8.76
CA ILE A 77 3.05 7.94 -8.17
C ILE A 77 4.07 7.56 -9.23
N GLN A 78 3.58 7.25 -10.42
CA GLN A 78 4.45 7.03 -11.55
C GLN A 78 5.29 8.28 -11.78
N HIS A 79 4.66 9.41 -11.52
CA HIS A 79 5.30 10.70 -11.63
C HIS A 79 6.27 10.93 -10.47
N LEU A 80 5.98 10.32 -9.32
CA LEU A 80 6.83 10.43 -8.13
C LEU A 80 8.09 9.60 -8.37
N ASN A 81 7.91 8.49 -9.05
CA ASN A 81 9.02 7.63 -9.41
C ASN A 81 9.83 8.29 -10.50
N ALA A 82 9.12 8.96 -11.39
CA ALA A 82 9.72 9.84 -12.39
C ALA A 82 10.58 10.88 -11.69
N VAL A 83 10.08 11.30 -10.54
CA VAL A 83 10.78 12.24 -9.70
C VAL A 83 12.08 11.60 -9.29
N TYR A 84 11.96 10.38 -8.76
CA TYR A 84 13.10 9.59 -8.34
C TYR A 84 14.14 9.50 -9.46
N GLU A 85 13.68 9.58 -10.69
CA GLU A 85 14.56 9.45 -11.85
C GLU A 85 15.21 10.79 -12.15
N ILE A 86 14.41 11.82 -12.02
CA ILE A 86 14.86 13.20 -12.20
C ILE A 86 16.00 13.57 -11.25
N LEU A 87 15.77 13.39 -9.95
CA LEU A 87 16.72 13.85 -8.94
C LEU A 87 17.64 12.75 -8.37
N GLY A 88 17.36 11.49 -8.66
CA GLY A 88 18.20 10.43 -8.14
C GLY A 88 17.71 9.82 -6.84
N LEU A 89 16.40 9.77 -6.63
CA LEU A 89 15.85 9.09 -5.44
C LEU A 89 15.60 7.61 -5.73
N ASN A 90 15.52 6.82 -4.66
CA ASN A 90 15.11 5.43 -4.77
C ASN A 90 13.69 5.28 -4.23
N ALA A 91 13.17 4.04 -4.22
CA ALA A 91 11.77 3.78 -3.87
C ALA A 91 11.40 4.33 -2.49
N ARG A 92 12.37 4.44 -1.59
CA ARG A 92 12.09 4.75 -0.19
C ARG A 92 11.99 6.26 0.02
N GLY A 93 12.02 7.02 -1.06
CA GLY A 93 11.98 8.46 -0.94
C GLY A 93 13.30 9.02 -0.46
N GLN A 94 14.31 8.16 -0.44
CA GLN A 94 15.64 8.56 -0.05
C GLN A 94 16.49 8.76 -1.30
N SER A 95 17.52 9.60 -1.18
CA SER A 95 18.37 9.88 -2.31
C SER A 95 19.53 8.90 -2.39
N ILE A 96 19.74 8.35 -3.56
CA ILE A 96 20.86 7.44 -3.79
C ILE A 96 22.06 8.23 -4.30
N ARG A 97 21.83 9.51 -4.54
CA ARG A 97 22.88 10.43 -4.93
C ARG A 97 23.85 10.65 -3.78
N LEU A 98 23.29 10.82 -2.59
CA LEU A 98 24.09 11.04 -1.39
C LEU A 98 23.35 10.48 -0.18
N GLU A 99 24.10 10.05 0.82
CA GLU A 99 23.52 9.49 2.03
C GLU A 99 23.39 10.55 3.10
N ARG B 1 5.19 -4.02 13.41
CA ARG B 1 4.75 -4.53 14.72
C ARG B 1 3.42 -3.91 15.09
N THR B 2 2.82 -4.37 16.19
CA THR B 2 1.53 -3.85 16.64
C THR B 2 1.54 -2.33 16.79
N HIS B 3 2.60 -1.80 17.39
CA HIS B 3 2.75 -0.35 17.50
C HIS B 3 4.18 0.09 17.28
N GLY B 4 4.39 0.91 16.27
CA GLY B 4 5.72 1.38 15.93
C GLY B 4 5.76 1.94 14.53
N THR B 5 5.41 3.21 14.41
CA THR B 5 5.32 3.90 13.12
C THR B 5 4.07 3.44 12.36
N PHE B 6 3.22 4.42 12.02
CA PHE B 6 1.90 4.16 11.45
C PHE B 6 0.98 3.57 12.53
N PRO B 7 -0.05 4.33 12.97
CA PRO B 7 -0.96 3.94 14.07
C PRO B 7 -1.35 2.47 14.07
N MET B 8 -2.03 2.03 13.02
CA MET B 8 -2.37 0.61 12.83
C MET B 8 -3.20 0.05 14.00
N HIS B 9 -4.14 0.87 14.52
CA HIS B 9 -4.97 0.51 15.68
C HIS B 9 -4.10 0.04 16.83
N GLN B 10 -3.97 -1.26 16.94
CA GLN B 10 -3.04 -1.90 17.85
C GLN B 10 -2.65 -3.24 17.25
N LEU B 11 -2.78 -3.35 15.93
CA LEU B 11 -2.59 -4.63 15.25
C LEU B 11 -2.67 -4.49 13.73
N GLY B 12 -3.70 -3.81 13.22
CA GLY B 12 -3.90 -3.80 11.78
C GLY B 12 -5.00 -2.85 11.31
N ASN B 13 -4.90 -1.57 11.63
CA ASN B 13 -5.84 -0.57 11.11
C ASN B 13 -5.73 -0.52 9.61
N VAL B 14 -4.50 -0.67 9.17
CA VAL B 14 -4.20 -0.67 7.77
C VAL B 14 -5.01 -1.78 7.15
N ILE B 15 -4.95 -2.95 7.75
CA ILE B 15 -5.59 -4.10 7.17
C ILE B 15 -7.07 -3.91 6.96
N LYS B 16 -7.89 -3.52 7.96
CA LYS B 16 -9.34 -3.47 7.72
C LYS B 16 -9.70 -2.48 6.64
N GLY B 17 -9.17 -1.27 6.79
CA GLY B 17 -9.51 -0.23 5.87
C GLY B 17 -9.29 -0.66 4.44
N ILE B 18 -8.15 -1.30 4.23
CA ILE B 18 -7.77 -1.77 2.93
C ILE B 18 -8.59 -2.96 2.45
N VAL B 19 -9.03 -3.85 3.34
CA VAL B 19 -9.70 -5.04 2.86
C VAL B 19 -10.98 -4.64 2.16
N ASP B 20 -11.65 -3.65 2.73
CA ASP B 20 -12.84 -3.07 2.12
C ASP B 20 -12.54 -2.25 0.87
N GLN B 21 -11.44 -1.52 0.87
CA GLN B 21 -11.16 -0.56 -0.20
C GLN B 21 -10.41 -1.19 -1.37
N GLU B 22 -9.36 -1.92 -1.05
CA GLU B 22 -8.45 -2.42 -2.07
C GLU B 22 -8.41 -3.94 -2.08
N GLY B 23 -8.84 -4.53 -0.98
CA GLY B 23 -8.88 -5.98 -0.89
C GLY B 23 -7.78 -6.52 0.00
N VAL B 24 -7.99 -7.75 0.45
CA VAL B 24 -7.10 -8.42 1.39
C VAL B 24 -5.65 -8.45 0.98
N ALA B 25 -5.36 -8.79 -0.27
CA ALA B 25 -3.96 -8.88 -0.68
C ALA B 25 -3.24 -7.54 -0.60
N THR B 26 -3.93 -6.42 -0.80
CA THR B 26 -3.32 -5.11 -0.58
C THR B 26 -3.25 -4.81 0.91
N ALA B 27 -4.31 -5.13 1.65
CA ALA B 27 -4.32 -4.95 3.09
C ALA B 27 -3.20 -5.75 3.69
N TYR B 28 -3.00 -6.91 3.10
CA TYR B 28 -1.95 -7.81 3.46
C TYR B 28 -0.60 -7.18 3.13
N THR B 29 -0.47 -6.72 1.89
CA THR B 29 0.74 -6.06 1.43
C THR B 29 1.14 -4.88 2.30
N LEU B 30 0.18 -4.04 2.62
CA LEU B 30 0.46 -2.82 3.34
C LEU B 30 0.77 -3.16 4.78
N GLY B 31 0.10 -4.16 5.31
CA GLY B 31 0.43 -4.66 6.63
C GLY B 31 1.87 -5.13 6.68
N MET B 32 2.34 -5.69 5.56
CA MET B 32 3.71 -6.17 5.46
C MET B 32 4.71 -5.00 5.44
N MET B 33 4.46 -3.98 4.64
CA MET B 33 5.42 -2.87 4.61
C MET B 33 5.37 -2.04 5.90
N LEU B 34 4.17 -1.73 6.36
CA LEU B 34 3.98 -0.88 7.54
C LEU B 34 4.38 -1.58 8.83
N SER B 35 3.96 -2.82 9.01
CA SER B 35 4.16 -3.51 10.26
C SER B 35 5.36 -4.45 10.17
N GLY B 36 6.17 -4.22 9.17
CA GLY B 36 7.33 -5.06 8.97
C GLY B 36 6.96 -6.40 8.40
N GLN B 37 7.94 -7.25 8.25
CA GLN B 37 7.78 -8.53 7.58
C GLN B 37 7.15 -9.57 8.49
N ASN B 38 6.45 -9.08 9.51
CA ASN B 38 5.78 -9.94 10.49
C ASN B 38 4.58 -10.63 9.86
N TYR B 39 4.86 -11.65 9.07
CA TYR B 39 3.83 -12.44 8.40
C TYR B 39 2.82 -13.00 9.40
N GLN B 40 3.30 -13.42 10.55
CA GLN B 40 2.42 -13.94 11.59
C GLN B 40 1.33 -12.93 11.93
N LEU B 41 1.72 -11.67 12.06
CA LEU B 41 0.78 -10.63 12.41
C LEU B 41 -0.24 -10.40 11.29
N VAL B 42 0.23 -10.24 10.06
CA VAL B 42 -0.67 -9.97 8.95
C VAL B 42 -1.59 -11.14 8.68
N SER B 43 -1.04 -12.35 8.78
CA SER B 43 -1.82 -13.54 8.53
C SER B 43 -2.87 -13.70 9.60
N GLY B 44 -2.51 -13.37 10.82
CA GLY B 44 -3.46 -13.39 11.91
C GLY B 44 -4.52 -12.32 11.76
N ILE B 45 -4.11 -11.14 11.31
CA ILE B 45 -5.03 -10.01 11.17
C ILE B 45 -5.98 -10.23 9.99
N ILE B 46 -5.44 -10.53 8.80
CA ILE B 46 -6.23 -10.59 7.58
C ILE B 46 -7.07 -11.86 7.54
N ARG B 47 -6.65 -12.86 8.27
CA ARG B 47 -7.34 -14.16 8.31
C ARG B 47 -8.80 -14.00 8.66
N GLY B 48 -9.07 -13.01 9.47
CA GLY B 48 -10.44 -12.75 9.86
C GLY B 48 -11.13 -11.84 8.87
N TYR B 49 -10.34 -11.25 7.97
CA TYR B 49 -10.83 -10.25 7.04
C TYR B 49 -10.78 -10.83 5.65
N LEU B 50 -10.27 -12.05 5.58
CA LEU B 50 -10.18 -12.81 4.35
C LEU B 50 -11.58 -13.14 3.86
N PRO B 51 -11.79 -13.05 2.54
CA PRO B 51 -13.10 -13.19 1.88
C PRO B 51 -13.99 -14.28 2.49
N GLY B 52 -13.67 -15.53 2.22
CA GLY B 52 -14.39 -16.63 2.80
C GLY B 52 -13.43 -17.63 3.41
N GLN B 53 -13.87 -18.85 3.65
CA GLN B 53 -12.97 -19.87 4.17
C GLN B 53 -11.99 -20.30 3.08
N ALA B 54 -12.41 -20.22 1.83
CA ALA B 54 -11.61 -20.70 0.71
C ALA B 54 -10.35 -19.86 0.51
N VAL B 55 -10.45 -18.55 0.70
CA VAL B 55 -9.31 -17.67 0.49
C VAL B 55 -8.23 -17.93 1.53
N VAL B 56 -8.64 -18.06 2.78
CA VAL B 56 -7.72 -18.38 3.87
C VAL B 56 -7.17 -19.78 3.68
N THR B 57 -7.98 -20.64 3.11
CA THR B 57 -7.60 -22.01 2.93
C THR B 57 -6.48 -22.06 1.93
N ALA B 58 -6.71 -21.45 0.78
CA ALA B 58 -5.73 -21.35 -0.27
C ALA B 58 -4.45 -20.69 0.20
N LEU B 59 -4.59 -19.66 1.00
CA LEU B 59 -3.43 -18.94 1.47
C LEU B 59 -2.65 -19.83 2.41
N GLN B 60 -3.37 -20.43 3.34
CA GLN B 60 -2.81 -21.40 4.26
C GLN B 60 -2.23 -22.58 3.52
N GLN B 61 -2.87 -22.94 2.42
CA GLN B 61 -2.48 -24.05 1.60
C GLN B 61 -1.03 -23.95 1.19
N ARG B 62 -0.60 -22.79 0.68
CA ARG B 62 0.82 -22.62 0.39
C ARG B 62 1.66 -22.36 1.64
N LEU B 63 1.08 -21.82 2.71
CA LEU B 63 1.82 -21.63 3.96
C LEU B 63 2.19 -22.98 4.54
N ASP B 64 1.37 -23.97 4.23
CA ASP B 64 1.61 -25.35 4.64
C ASP B 64 2.92 -25.83 4.05
N GLN B 65 3.14 -25.42 2.82
CA GLN B 65 4.35 -25.77 2.10
C GLN B 65 5.53 -24.90 2.54
N GLU B 66 5.21 -23.68 3.02
CA GLU B 66 6.19 -22.68 3.51
C GLU B 66 7.60 -22.84 2.92
N ILE B 67 7.93 -21.99 1.95
CA ILE B 67 9.23 -22.05 1.27
C ILE B 67 10.38 -21.89 2.26
N ASP B 68 10.13 -21.08 3.28
CA ASP B 68 11.10 -20.78 4.32
C ASP B 68 10.35 -20.20 5.50
N ASP B 69 11.03 -19.48 6.36
CA ASP B 69 10.35 -18.71 7.38
C ASP B 69 9.96 -17.35 6.80
N GLN B 70 10.96 -16.54 6.45
CA GLN B 70 10.72 -15.23 5.88
C GLN B 70 10.13 -15.29 4.48
N THR B 71 10.38 -16.38 3.75
CA THR B 71 9.91 -16.45 2.36
C THR B 71 8.41 -16.59 2.30
N ARG B 72 7.81 -17.12 3.39
CA ARG B 72 6.36 -17.13 3.51
C ARG B 72 5.88 -15.71 3.30
N ALA B 73 6.45 -14.81 4.10
CA ALA B 73 6.21 -13.37 4.00
C ALA B 73 6.57 -12.82 2.62
N GLU B 74 7.77 -13.15 2.14
CA GLU B 74 8.28 -12.65 0.86
C GLU B 74 7.26 -12.83 -0.26
N THR B 75 6.55 -13.94 -0.20
CA THR B 75 5.60 -14.29 -1.23
C THR B 75 4.18 -14.38 -0.69
N PHE B 76 3.97 -13.84 0.50
CA PHE B 76 2.70 -14.02 1.23
C PHE B 76 1.51 -13.52 0.41
N ILE B 77 1.65 -12.33 -0.15
CA ILE B 77 0.59 -11.74 -0.95
C ILE B 77 0.55 -12.37 -2.34
N GLN B 78 1.70 -12.76 -2.84
CA GLN B 78 1.78 -13.53 -4.07
C GLN B 78 0.96 -14.80 -3.90
N HIS B 79 1.00 -15.32 -2.68
CA HIS B 79 0.26 -16.50 -2.31
C HIS B 79 -1.23 -16.19 -2.17
N LEU B 80 -1.54 -14.95 -1.79
CA LEU B 80 -2.93 -14.50 -1.65
C LEU B 80 -3.54 -14.34 -3.03
N ASN B 81 -2.72 -13.91 -3.96
CA ASN B 81 -3.13 -13.78 -5.35
C ASN B 81 -3.26 -15.15 -5.97
N ALA B 82 -2.34 -16.03 -5.57
CA ALA B 82 -2.43 -17.44 -5.88
C ALA B 82 -3.76 -17.99 -5.38
N VAL B 83 -4.18 -17.46 -4.25
CA VAL B 83 -5.45 -17.81 -3.67
C VAL B 83 -6.52 -17.40 -4.63
N TYR B 84 -6.44 -16.14 -5.06
CA TYR B 84 -7.37 -15.57 -6.03
C TYR B 84 -7.47 -16.46 -7.27
N GLU B 85 -6.40 -17.18 -7.57
CA GLU B 85 -6.36 -18.02 -8.75
C GLU B 85 -7.00 -19.36 -8.46
N ILE B 86 -6.72 -19.86 -7.26
CA ILE B 86 -7.30 -21.10 -6.76
C ILE B 86 -8.83 -21.05 -6.73
N LEU B 87 -9.39 -20.06 -6.05
CA LEU B 87 -10.83 -20.01 -5.83
C LEU B 87 -11.59 -19.07 -6.78
N GLY B 88 -10.89 -18.25 -7.55
CA GLY B 88 -11.58 -17.35 -8.46
C GLY B 88 -11.84 -15.96 -7.89
N LEU B 89 -10.95 -15.45 -7.03
CA LEU B 89 -11.07 -14.08 -6.53
C LEU B 89 -10.34 -13.11 -7.45
N ASN B 90 -10.73 -11.83 -7.37
CA ASN B 90 -10.00 -10.77 -8.04
C ASN B 90 -9.20 -9.96 -7.02
N ALA B 91 -8.51 -8.93 -7.47
CA ALA B 91 -7.59 -8.16 -6.63
C ALA B 91 -8.26 -7.60 -5.37
N ARG B 92 -9.56 -7.36 -5.43
CA ARG B 92 -10.27 -6.65 -4.37
C ARG B 92 -10.70 -7.60 -3.25
N GLY B 93 -10.26 -8.85 -3.34
CA GLY B 93 -10.66 -9.83 -2.35
C GLY B 93 -12.09 -10.27 -2.55
N GLN B 94 -12.66 -9.87 -3.67
CA GLN B 94 -14.01 -10.27 -4.03
C GLN B 94 -13.97 -11.40 -5.04
N SER B 95 -15.01 -12.20 -5.08
CA SER B 95 -15.06 -13.33 -5.97
C SER B 95 -15.66 -12.95 -7.32
N ILE B 96 -14.98 -13.33 -8.39
CA ILE B 96 -15.47 -13.08 -9.73
C ILE B 96 -16.26 -14.27 -10.22
N ARG B 97 -16.27 -15.31 -9.40
CA ARG B 97 -17.06 -16.49 -9.65
C ARG B 97 -18.54 -16.18 -9.52
N LEU B 98 -18.88 -15.43 -8.48
CA LEU B 98 -20.26 -15.04 -8.20
C LEU B 98 -20.28 -13.68 -7.52
N GLU B 99 -21.35 -12.93 -7.73
CA GLU B 99 -21.47 -11.62 -7.14
C GLU B 99 -22.27 -11.69 -5.85
N ARG A 1 -12.71 16.25 1.81
CA ARG A 1 -12.66 14.85 2.28
C ARG A 1 -11.22 14.39 2.46
N THR A 2 -10.99 13.62 3.51
CA THR A 2 -9.64 13.17 3.84
C THR A 2 -9.51 11.65 3.76
N HIS A 3 -10.60 10.92 3.97
CA HIS A 3 -10.50 9.49 4.05
C HIS A 3 -11.85 8.82 3.78
N GLY A 4 -11.79 7.56 3.38
CA GLY A 4 -13.00 6.78 3.27
C GLY A 4 -13.12 5.81 4.42
N THR A 5 -13.08 4.51 4.12
CA THR A 5 -13.22 3.48 5.15
C THR A 5 -12.03 3.48 6.11
N PHE A 6 -10.86 3.85 5.60
CA PHE A 6 -9.65 3.91 6.41
C PHE A 6 -9.62 5.21 7.23
N PRO A 7 -9.57 5.10 8.56
CA PRO A 7 -9.67 6.25 9.50
C PRO A 7 -8.79 7.46 9.19
N MET A 8 -7.47 7.29 9.36
CA MET A 8 -6.50 8.39 9.26
C MET A 8 -6.59 9.33 10.46
N HIS A 9 -5.50 10.05 10.74
CA HIS A 9 -5.51 11.04 11.82
C HIS A 9 -6.66 12.01 11.59
N GLN A 10 -6.60 12.68 10.45
CA GLN A 10 -7.65 13.59 10.00
C GLN A 10 -7.27 14.12 8.63
N LEU A 11 -6.38 13.40 7.94
CA LEU A 11 -5.73 13.94 6.75
C LEU A 11 -4.94 12.87 5.99
N GLY A 12 -3.97 12.25 6.65
CA GLY A 12 -3.07 11.35 5.95
C GLY A 12 -2.13 10.60 6.89
N ASN A 13 -2.69 9.96 7.91
CA ASN A 13 -1.89 9.19 8.86
C ASN A 13 -1.11 8.13 8.11
N VAL A 14 -1.77 7.57 7.10
CA VAL A 14 -1.15 6.56 6.29
C VAL A 14 0.13 7.14 5.73
N ILE A 15 0.04 8.35 5.22
CA ILE A 15 1.19 8.95 4.59
C ILE A 15 2.38 9.04 5.50
N LYS A 16 2.29 9.60 6.72
CA LYS A 16 3.50 9.80 7.51
C LYS A 16 4.17 8.49 7.85
N GLY A 17 3.36 7.56 8.35
CA GLY A 17 3.88 6.28 8.74
C GLY A 17 4.63 5.64 7.59
N ILE A 18 4.03 5.70 6.42
CA ILE A 18 4.59 5.10 5.24
C ILE A 18 5.83 5.81 4.71
N VAL A 19 5.91 7.13 4.84
CA VAL A 19 7.05 7.82 4.25
C VAL A 19 8.31 7.35 4.94
N ASP A 20 8.21 7.18 6.25
CA ASP A 20 9.31 6.64 7.04
C ASP A 20 9.56 5.14 6.77
N GLN A 21 8.50 4.39 6.54
CA GLN A 21 8.61 2.93 6.43
C GLN A 21 8.90 2.47 5.00
N GLU A 22 8.14 2.99 4.05
CA GLU A 22 8.17 2.49 2.69
C GLU A 22 8.57 3.59 1.69
N GLY A 23 8.40 4.84 2.11
CA GLY A 23 8.75 5.95 1.25
C GLY A 23 7.53 6.68 0.70
N VAL A 24 7.77 7.89 0.22
CA VAL A 24 6.73 8.79 -0.26
C VAL A 24 5.84 8.19 -1.34
N ALA A 25 6.40 7.49 -2.30
CA ALA A 25 5.58 6.97 -3.38
C ALA A 25 4.61 5.88 -2.93
N THR A 26 4.97 5.12 -1.91
CA THR A 26 4.03 4.17 -1.32
C THR A 26 3.04 4.90 -0.43
N ALA A 27 3.53 5.84 0.36
CA ALA A 27 2.67 6.66 1.20
C ALA A 27 1.66 7.37 0.33
N TYR A 28 2.16 7.79 -0.80
CA TYR A 28 1.38 8.44 -1.82
C TYR A 28 0.34 7.48 -2.37
N THR A 29 0.82 6.31 -2.78
CA THR A 29 -0.03 5.26 -3.31
C THR A 29 -1.16 4.88 -2.36
N LEU A 30 -0.82 4.69 -1.10
CA LEU A 30 -1.79 4.22 -0.15
C LEU A 30 -2.78 5.31 0.17
N GLY A 31 -2.31 6.54 0.23
CA GLY A 31 -3.19 7.65 0.38
C GLY A 31 -4.18 7.70 -0.77
N MET A 32 -3.71 7.29 -1.95
CA MET A 32 -4.56 7.22 -3.14
C MET A 32 -5.64 6.16 -3.00
N MET A 33 -5.29 4.96 -2.54
CA MET A 33 -6.32 3.93 -2.40
C MET A 33 -7.28 4.25 -1.25
N LEU A 34 -6.74 4.45 -0.08
CA LEU A 34 -7.52 4.59 1.14
C LEU A 34 -8.40 5.84 1.17
N SER A 35 -7.86 6.95 0.73
CA SER A 35 -8.59 8.20 0.76
C SER A 35 -9.44 8.34 -0.49
N GLY A 36 -9.05 7.60 -1.50
CA GLY A 36 -9.65 7.77 -2.79
C GLY A 36 -8.69 8.51 -3.70
N GLN A 37 -9.15 8.80 -4.88
CA GLN A 37 -8.29 9.35 -5.92
C GLN A 37 -8.06 10.85 -5.73
N ASN A 38 -8.21 11.30 -4.48
CA ASN A 38 -8.00 12.70 -4.12
C ASN A 38 -6.53 13.04 -4.16
N TYR A 39 -6.02 13.19 -5.39
CA TYR A 39 -4.65 13.62 -5.63
C TYR A 39 -4.34 14.90 -4.87
N GLN A 40 -5.33 15.79 -4.78
CA GLN A 40 -5.19 17.03 -4.04
C GLN A 40 -4.74 16.75 -2.61
N LEU A 41 -5.40 15.80 -1.97
CA LEU A 41 -5.11 15.48 -0.59
C LEU A 41 -3.73 14.86 -0.44
N VAL A 42 -3.42 13.87 -1.26
CA VAL A 42 -2.14 13.16 -1.14
C VAL A 42 -0.99 14.08 -1.47
N SER A 43 -1.16 14.89 -2.50
CA SER A 43 -0.10 15.79 -2.92
C SER A 43 0.13 16.83 -1.84
N GLY A 44 -0.96 17.27 -1.23
CA GLY A 44 -0.86 18.21 -0.13
C GLY A 44 -0.24 17.59 1.10
N ILE A 45 -0.57 16.33 1.37
CA ILE A 45 -0.05 15.64 2.54
C ILE A 45 1.43 15.26 2.36
N ILE A 46 1.76 14.60 1.25
CA ILE A 46 3.10 14.05 1.04
C ILE A 46 4.09 15.15 0.72
N ARG A 47 3.57 16.28 0.25
CA ARG A 47 4.41 17.43 -0.10
C ARG A 47 5.27 17.83 1.08
N GLY A 48 4.75 17.60 2.27
CA GLY A 48 5.47 17.92 3.48
C GLY A 48 6.37 16.78 3.91
N TYR A 49 6.27 15.66 3.21
CA TYR A 49 7.08 14.48 3.52
C TYR A 49 7.96 14.13 2.34
N LEU A 50 7.80 14.90 1.28
CA LEU A 50 8.57 14.72 0.08
C LEU A 50 10.03 15.05 0.38
N PRO A 51 10.93 14.18 -0.11
CA PRO A 51 12.37 14.22 0.20
C PRO A 51 12.95 15.62 0.34
N GLY A 52 12.94 16.37 -0.75
CA GLY A 52 13.40 17.73 -0.74
C GLY A 52 12.56 18.58 -1.67
N GLN A 53 13.01 19.77 -2.02
CA GLN A 53 12.26 20.60 -2.94
C GLN A 53 12.30 20.00 -4.35
N ALA A 54 13.36 19.27 -4.64
CA ALA A 54 13.56 18.69 -5.96
C ALA A 54 12.52 17.61 -6.28
N VAL A 55 12.18 16.78 -5.29
CA VAL A 55 11.22 15.70 -5.52
C VAL A 55 9.83 16.26 -5.78
N VAL A 56 9.42 17.24 -4.97
CA VAL A 56 8.14 17.92 -5.17
C VAL A 56 8.16 18.71 -6.46
N THR A 57 9.33 19.16 -6.85
CA THR A 57 9.48 19.91 -8.07
C THR A 57 9.23 18.99 -9.22
N ALA A 58 9.94 17.89 -9.23
CA ALA A 58 9.79 16.87 -10.23
C ALA A 58 8.39 16.35 -10.28
N LEU A 59 7.76 16.21 -9.13
CA LEU A 59 6.41 15.70 -9.08
C LEU A 59 5.47 16.73 -9.66
N GLN A 60 5.64 17.96 -9.22
CA GLN A 60 4.91 19.09 -9.76
C GLN A 60 5.12 19.22 -11.27
N GLN A 61 6.34 18.99 -11.69
CA GLN A 61 6.71 18.93 -13.09
C GLN A 61 5.83 17.93 -13.83
N ARG A 62 5.72 16.73 -13.29
CA ARG A 62 4.78 15.74 -13.79
C ARG A 62 3.34 16.26 -13.81
N LEU A 63 2.97 17.01 -12.78
CA LEU A 63 1.62 17.54 -12.68
C LEU A 63 1.39 18.65 -13.70
N ASP A 64 2.45 19.38 -14.01
CA ASP A 64 2.42 20.35 -15.11
C ASP A 64 2.03 19.66 -16.40
N GLN A 65 2.54 18.45 -16.55
CA GLN A 65 2.27 17.64 -17.72
C GLN A 65 0.88 17.01 -17.65
N GLU A 66 0.36 16.83 -16.41
CA GLU A 66 -0.96 16.21 -16.11
C GLU A 66 -1.72 15.73 -17.34
N ILE A 67 -1.75 14.42 -17.52
CA ILE A 67 -2.45 13.80 -18.63
C ILE A 67 -3.93 14.19 -18.63
N ASP A 68 -4.47 14.30 -17.43
CA ASP A 68 -5.87 14.63 -17.22
C ASP A 68 -6.05 15.07 -15.77
N ASP A 69 -7.27 15.34 -15.37
CA ASP A 69 -7.56 15.62 -13.97
C ASP A 69 -7.32 14.38 -13.12
N GLN A 70 -8.15 13.36 -13.33
CA GLN A 70 -8.00 12.11 -12.59
C GLN A 70 -6.75 11.33 -13.01
N THR A 71 -6.29 11.50 -14.25
CA THR A 71 -5.15 10.74 -14.72
C THR A 71 -3.87 11.23 -14.06
N ARG A 72 -3.89 12.49 -13.61
CA ARG A 72 -2.85 13.02 -12.81
C ARG A 72 -2.65 12.10 -11.60
N ALA A 73 -3.75 11.85 -10.89
CA ALA A 73 -3.81 10.87 -9.81
C ALA A 73 -3.41 9.46 -10.26
N GLU A 74 -3.98 9.02 -11.38
CA GLU A 74 -3.76 7.67 -11.90
C GLU A 74 -2.27 7.37 -12.01
N THR A 75 -1.52 8.37 -12.43
CA THR A 75 -0.10 8.21 -12.65
C THR A 75 0.71 8.99 -11.64
N PHE A 76 0.05 9.48 -10.59
CA PHE A 76 0.67 10.38 -9.62
C PHE A 76 1.95 9.77 -9.02
N ILE A 77 1.86 8.52 -8.61
CA ILE A 77 3.00 7.82 -8.01
C ILE A 77 3.98 7.38 -9.08
N GLN A 78 3.47 7.01 -10.24
CA GLN A 78 4.32 6.73 -11.38
C GLN A 78 5.16 7.96 -11.70
N HIS A 79 4.54 9.11 -11.47
CA HIS A 79 5.19 10.40 -11.64
C HIS A 79 6.18 10.66 -10.51
N LEU A 80 5.91 10.09 -9.34
CA LEU A 80 6.78 10.25 -8.17
C LEU A 80 8.04 9.40 -8.38
N ASN A 81 7.85 8.28 -9.02
CA ASN A 81 8.96 7.40 -9.37
C ASN A 81 9.75 8.02 -10.49
N ALA A 82 9.02 8.64 -11.41
CA ALA A 82 9.61 9.47 -12.45
C ALA A 82 10.44 10.57 -11.81
N VAL A 83 9.96 11.04 -10.67
CA VAL A 83 10.66 12.02 -9.89
C VAL A 83 12.00 11.44 -9.51
N TYR A 84 11.95 10.22 -8.96
CA TYR A 84 13.15 9.49 -8.57
C TYR A 84 14.12 9.37 -9.74
N GLU A 85 13.58 9.37 -10.96
CA GLU A 85 14.41 9.23 -12.14
C GLU A 85 15.03 10.57 -12.50
N ILE A 86 14.21 11.59 -12.38
CA ILE A 86 14.62 12.98 -12.61
C ILE A 86 15.81 13.38 -11.73
N LEU A 87 15.66 13.21 -10.42
CA LEU A 87 16.66 13.71 -9.47
C LEU A 87 17.59 12.63 -8.91
N GLY A 88 17.29 11.36 -9.14
CA GLY A 88 18.17 10.31 -8.63
C GLY A 88 17.74 9.76 -7.26
N LEU A 89 16.44 9.73 -6.97
CA LEU A 89 15.95 9.16 -5.71
C LEU A 89 15.69 7.66 -5.83
N ASN A 90 15.56 7.01 -4.68
CA ASN A 90 15.11 5.62 -4.63
C ASN A 90 13.66 5.56 -4.14
N ALA A 91 13.13 4.36 -3.97
CA ALA A 91 11.73 4.19 -3.58
C ALA A 91 11.44 4.66 -2.16
N ARG A 92 12.49 4.89 -1.38
CA ARG A 92 12.33 5.26 0.01
C ARG A 92 12.22 6.77 0.18
N GLY A 93 12.30 7.49 -0.93
CA GLY A 93 12.33 8.93 -0.85
C GLY A 93 13.70 9.43 -0.46
N GLN A 94 14.68 8.54 -0.50
CA GLN A 94 16.06 8.87 -0.22
C GLN A 94 16.81 9.04 -1.52
N SER A 95 17.84 9.86 -1.52
CA SER A 95 18.58 10.13 -2.74
C SER A 95 19.76 9.17 -2.88
N ILE A 96 19.93 8.67 -4.09
CA ILE A 96 21.00 7.73 -4.36
C ILE A 96 21.99 8.34 -5.35
N ARG A 97 21.45 9.23 -6.20
CA ARG A 97 22.18 9.98 -7.23
C ARG A 97 23.57 9.42 -7.58
N LEU A 98 23.59 8.28 -8.24
CA LEU A 98 24.84 7.61 -8.59
C LEU A 98 25.36 8.07 -9.94
N GLU A 99 25.24 9.37 -10.19
CA GLU A 99 25.72 9.94 -11.44
C GLU A 99 26.44 11.26 -11.15
N ARG B 1 4.54 -7.74 18.65
CA ARG B 1 4.58 -6.42 18.01
C ARG B 1 3.50 -6.32 16.94
N THR B 2 2.87 -5.16 16.85
CA THR B 2 1.76 -4.95 15.93
C THR B 2 2.09 -3.91 14.86
N HIS B 3 2.98 -2.97 15.16
CA HIS B 3 3.22 -1.87 14.24
C HIS B 3 4.56 -1.22 14.50
N GLY B 4 5.08 -0.56 13.47
CA GLY B 4 6.25 0.26 13.66
C GLY B 4 5.89 1.73 13.69
N THR B 5 6.37 2.49 12.72
CA THR B 5 6.12 3.92 12.66
C THR B 5 4.63 4.23 12.42
N PHE B 6 3.95 3.34 11.71
CA PHE B 6 2.53 3.51 11.43
C PHE B 6 1.70 3.05 12.64
N PRO B 7 0.90 3.95 13.21
CA PRO B 7 0.12 3.72 14.45
C PRO B 7 -0.67 2.41 14.52
N MET B 8 -1.73 2.31 13.72
CA MET B 8 -2.68 1.19 13.77
C MET B 8 -3.57 1.27 15.02
N HIS B 9 -4.74 0.65 14.96
CA HIS B 9 -5.62 0.58 16.13
C HIS B 9 -4.85 0.00 17.31
N GLN B 10 -4.38 -1.21 17.11
CA GLN B 10 -3.55 -1.91 18.08
C GLN B 10 -3.13 -3.26 17.50
N LEU B 11 -3.23 -3.36 16.17
CA LEU B 11 -3.14 -4.66 15.53
C LEU B 11 -3.03 -4.56 14.01
N GLY B 12 -4.01 -3.92 13.36
CA GLY B 12 -4.06 -3.93 11.91
C GLY B 12 -5.13 -3.02 11.35
N ASN B 13 -5.16 -1.76 11.80
CA ASN B 13 -6.15 -0.78 11.31
C ASN B 13 -6.03 -0.67 9.80
N VAL B 14 -4.78 -0.73 9.34
CA VAL B 14 -4.52 -0.64 7.94
C VAL B 14 -5.30 -1.74 7.26
N ILE B 15 -5.23 -2.94 7.81
CA ILE B 15 -5.88 -4.05 7.18
C ILE B 15 -7.35 -3.85 6.98
N LYS B 16 -8.15 -3.49 7.99
CA LYS B 16 -9.59 -3.43 7.79
C LYS B 16 -9.97 -2.41 6.74
N GLY B 17 -9.43 -1.22 6.90
CA GLY B 17 -9.74 -0.16 5.98
C GLY B 17 -9.46 -0.58 4.56
N ILE B 18 -8.33 -1.21 4.37
CA ILE B 18 -7.89 -1.64 3.06
C ILE B 18 -8.70 -2.81 2.50
N VAL B 19 -9.17 -3.73 3.35
CA VAL B 19 -9.85 -4.90 2.80
C VAL B 19 -11.12 -4.43 2.10
N ASP B 20 -11.78 -3.45 2.71
CA ASP B 20 -12.95 -2.83 2.10
C ASP B 20 -12.61 -1.96 0.90
N GLN B 21 -11.47 -1.28 0.93
CA GLN B 21 -11.14 -0.29 -0.10
C GLN B 21 -10.39 -0.90 -1.27
N GLU B 22 -9.38 -1.70 -0.98
CA GLU B 22 -8.45 -2.20 -2.00
C GLU B 22 -8.43 -3.72 -2.04
N GLY B 23 -8.86 -4.35 -0.95
CA GLY B 23 -8.89 -5.80 -0.89
C GLY B 23 -7.82 -6.39 0.01
N VAL B 24 -8.02 -7.64 0.39
CA VAL B 24 -7.16 -8.35 1.32
C VAL B 24 -5.69 -8.36 0.95
N ALA B 25 -5.37 -8.57 -0.31
CA ALA B 25 -3.95 -8.68 -0.69
C ALA B 25 -3.23 -7.33 -0.56
N THR B 26 -3.93 -6.22 -0.74
CA THR B 26 -3.32 -4.92 -0.47
C THR B 26 -3.28 -4.65 1.03
N ALA B 27 -4.36 -4.97 1.71
CA ALA B 27 -4.41 -4.84 3.17
C ALA B 27 -3.30 -5.66 3.79
N TYR B 28 -3.09 -6.81 3.17
CA TYR B 28 -2.06 -7.73 3.54
C TYR B 28 -0.70 -7.11 3.28
N THR B 29 -0.53 -6.61 2.06
CA THR B 29 0.70 -5.95 1.64
C THR B 29 1.08 -4.80 2.56
N LEU B 30 0.12 -3.96 2.87
CA LEU B 30 0.40 -2.77 3.63
C LEU B 30 0.70 -3.13 5.07
N GLY B 31 -0.01 -4.12 5.57
CA GLY B 31 0.30 -4.64 6.88
C GLY B 31 1.73 -5.15 6.92
N MET B 32 2.18 -5.70 5.80
CA MET B 32 3.55 -6.18 5.67
C MET B 32 4.55 -5.03 5.71
N MET B 33 4.31 -3.94 4.99
CA MET B 33 5.27 -2.84 5.03
C MET B 33 5.25 -2.12 6.37
N LEU B 34 4.07 -1.67 6.77
CA LEU B 34 3.90 -0.81 7.95
C LEU B 34 4.25 -1.50 9.26
N SER B 35 3.81 -2.74 9.41
CA SER B 35 4.04 -3.45 10.65
C SER B 35 5.40 -4.13 10.62
N GLY B 36 5.89 -4.31 9.41
CA GLY B 36 7.08 -5.10 9.23
C GLY B 36 6.72 -6.45 8.67
N GLN B 37 7.70 -7.30 8.53
CA GLN B 37 7.53 -8.56 7.84
C GLN B 37 6.87 -9.61 8.74
N ASN B 38 6.12 -9.12 9.73
CA ASN B 38 5.40 -9.97 10.65
C ASN B 38 4.21 -10.63 9.97
N TYR B 39 4.52 -11.63 9.14
CA TYR B 39 3.52 -12.44 8.47
C TYR B 39 2.51 -13.00 9.47
N GLN B 40 2.99 -13.35 10.65
CA GLN B 40 2.12 -13.83 11.72
C GLN B 40 1.00 -12.84 12.00
N LEU B 41 1.36 -11.57 12.12
CA LEU B 41 0.39 -10.56 12.44
C LEU B 41 -0.60 -10.35 11.30
N VAL B 42 -0.09 -10.20 10.08
CA VAL B 42 -0.96 -9.92 8.94
C VAL B 42 -1.88 -11.09 8.65
N SER B 43 -1.33 -12.30 8.74
CA SER B 43 -2.10 -13.48 8.46
C SER B 43 -3.18 -13.65 9.52
N GLY B 44 -2.83 -13.31 10.75
CA GLY B 44 -3.80 -13.34 11.82
C GLY B 44 -4.86 -12.27 11.67
N ILE B 45 -4.45 -11.09 11.22
CA ILE B 45 -5.38 -9.97 11.08
C ILE B 45 -6.31 -10.18 9.87
N ILE B 46 -5.74 -10.47 8.69
CA ILE B 46 -6.48 -10.51 7.45
C ILE B 46 -7.33 -11.78 7.39
N ARG B 47 -6.92 -12.78 8.15
CA ARG B 47 -7.63 -14.06 8.20
C ARG B 47 -9.10 -13.83 8.53
N GLY B 48 -9.35 -12.78 9.29
CA GLY B 48 -10.71 -12.44 9.66
C GLY B 48 -11.37 -11.56 8.63
N TYR B 49 -10.60 -11.13 7.63
CA TYR B 49 -11.10 -10.28 6.57
C TYR B 49 -10.98 -10.97 5.23
N LEU B 50 -10.42 -12.16 5.28
CA LEU B 50 -10.25 -12.98 4.11
C LEU B 50 -11.61 -13.39 3.59
N PRO B 51 -11.79 -13.29 2.27
CA PRO B 51 -13.08 -13.48 1.58
C PRO B 51 -13.96 -14.58 2.18
N GLY B 52 -13.49 -15.80 2.10
CA GLY B 52 -14.19 -16.93 2.70
C GLY B 52 -13.19 -17.92 3.26
N GLN B 53 -13.63 -19.13 3.55
CA GLN B 53 -12.70 -20.13 4.06
C GLN B 53 -11.74 -20.58 2.95
N ALA B 54 -12.19 -20.48 1.72
CA ALA B 54 -11.41 -20.94 0.57
C ALA B 54 -10.16 -20.08 0.36
N VAL B 55 -10.29 -18.76 0.54
CA VAL B 55 -9.15 -17.87 0.32
C VAL B 55 -8.07 -18.09 1.38
N VAL B 56 -8.49 -18.21 2.63
CA VAL B 56 -7.58 -18.51 3.73
C VAL B 56 -7.01 -19.91 3.57
N THR B 57 -7.78 -20.79 2.95
CA THR B 57 -7.35 -22.14 2.73
C THR B 57 -6.25 -22.12 1.72
N ALA B 58 -6.51 -21.47 0.60
CA ALA B 58 -5.55 -21.32 -0.44
C ALA B 58 -4.32 -20.62 0.04
N LEU B 59 -4.48 -19.64 0.90
CA LEU B 59 -3.36 -18.89 1.42
C LEU B 59 -2.56 -19.79 2.33
N GLN B 60 -3.26 -20.46 3.22
CA GLN B 60 -2.65 -21.46 4.09
C GLN B 60 -1.95 -22.53 3.29
N GLN B 61 -2.57 -22.93 2.21
CA GLN B 61 -2.00 -23.86 1.25
C GLN B 61 -0.63 -23.37 0.78
N ARG B 62 -0.57 -22.12 0.37
CA ARG B 62 0.69 -21.46 0.06
C ARG B 62 1.66 -21.50 1.24
N LEU B 63 1.14 -21.32 2.45
CA LEU B 63 1.99 -21.31 3.64
C LEU B 63 2.49 -22.71 3.95
N ASP B 64 1.69 -23.71 3.62
CA ASP B 64 2.13 -25.10 3.69
C ASP B 64 3.37 -25.30 2.84
N GLN B 65 3.36 -24.64 1.71
CA GLN B 65 4.48 -24.69 0.78
C GLN B 65 5.66 -23.84 1.25
N GLU B 66 5.35 -22.80 2.06
CA GLU B 66 6.33 -21.84 2.63
C GLU B 66 7.77 -22.06 2.17
N ILE B 67 8.22 -21.18 1.28
CA ILE B 67 9.58 -21.26 0.75
C ILE B 67 10.61 -21.17 1.87
N ASP B 68 10.27 -20.37 2.88
CA ASP B 68 11.14 -20.13 4.02
C ASP B 68 10.29 -19.51 5.12
N ASP B 69 10.92 -19.15 6.23
CA ASP B 69 10.22 -18.42 7.28
C ASP B 69 9.84 -17.03 6.78
N GLN B 70 10.85 -16.20 6.53
CA GLN B 70 10.60 -14.85 6.03
C GLN B 70 10.11 -14.84 4.59
N THR B 71 10.45 -15.86 3.81
CA THR B 71 10.05 -15.88 2.41
C THR B 71 8.56 -16.15 2.29
N ARG B 72 7.99 -16.77 3.31
CA ARG B 72 6.59 -16.93 3.42
C ARG B 72 5.95 -15.55 3.33
N ALA B 73 6.43 -14.65 4.18
CA ALA B 73 6.05 -13.23 4.14
C ALA B 73 6.38 -12.57 2.82
N GLU B 74 7.59 -12.80 2.32
CA GLU B 74 8.07 -12.18 1.08
C GLU B 74 7.08 -12.40 -0.05
N THR B 75 6.51 -13.58 -0.09
CA THR B 75 5.60 -13.96 -1.16
C THR B 75 4.18 -14.11 -0.64
N PHE B 76 3.93 -13.65 0.58
CA PHE B 76 2.66 -13.86 1.26
C PHE B 76 1.48 -13.35 0.42
N ILE B 77 1.62 -12.15 -0.11
CA ILE B 77 0.57 -11.55 -0.93
C ILE B 77 0.57 -12.13 -2.33
N GLN B 78 1.74 -12.45 -2.83
CA GLN B 78 1.85 -13.17 -4.09
C GLN B 78 1.09 -14.49 -3.98
N HIS B 79 1.14 -15.04 -2.79
CA HIS B 79 0.43 -16.26 -2.45
C HIS B 79 -1.07 -15.99 -2.32
N LEU B 80 -1.42 -14.77 -1.91
CA LEU B 80 -2.83 -14.39 -1.76
C LEU B 80 -3.44 -14.20 -3.13
N ASN B 81 -2.64 -13.72 -4.05
CA ASN B 81 -3.06 -13.56 -5.43
C ASN B 81 -3.15 -14.92 -6.09
N ALA B 82 -2.19 -15.77 -5.72
CA ALA B 82 -2.23 -17.18 -6.07
C ALA B 82 -3.51 -17.80 -5.56
N VAL B 83 -3.95 -17.31 -4.41
CA VAL B 83 -5.20 -17.73 -3.84
C VAL B 83 -6.29 -17.40 -4.81
N TYR B 84 -6.29 -16.14 -5.26
CA TYR B 84 -7.24 -15.65 -6.24
C TYR B 84 -7.26 -16.54 -7.48
N GLU B 85 -6.13 -17.16 -7.76
CA GLU B 85 -6.01 -18.00 -8.94
C GLU B 85 -6.60 -19.38 -8.66
N ILE B 86 -6.30 -19.86 -7.47
CA ILE B 86 -6.81 -21.12 -6.97
C ILE B 86 -8.36 -21.16 -6.99
N LEU B 87 -8.98 -20.19 -6.33
CA LEU B 87 -10.43 -20.22 -6.16
C LEU B 87 -11.21 -19.29 -7.11
N GLY B 88 -10.53 -18.42 -7.84
CA GLY B 88 -11.25 -17.54 -8.76
C GLY B 88 -11.60 -16.17 -8.16
N LEU B 89 -10.77 -15.65 -7.26
CA LEU B 89 -11.01 -14.31 -6.68
C LEU B 89 -10.37 -13.22 -7.53
N ASN B 90 -10.79 -11.98 -7.28
CA ASN B 90 -10.14 -10.81 -7.85
C ASN B 90 -9.32 -10.10 -6.78
N ALA B 91 -8.71 -8.97 -7.12
CA ALA B 91 -7.82 -8.26 -6.20
C ALA B 91 -8.58 -7.65 -5.02
N ARG B 92 -9.89 -7.59 -5.11
CA ARG B 92 -10.70 -6.95 -4.08
C ARG B 92 -11.09 -7.93 -2.99
N GLY B 93 -10.68 -9.18 -3.15
CA GLY B 93 -11.10 -10.21 -2.23
C GLY B 93 -12.51 -10.67 -2.54
N GLN B 94 -12.99 -10.28 -3.70
CA GLN B 94 -14.30 -10.70 -4.17
C GLN B 94 -14.14 -11.83 -5.18
N SER B 95 -15.13 -12.69 -5.28
CA SER B 95 -15.03 -13.83 -6.17
C SER B 95 -15.61 -13.51 -7.54
N ILE B 96 -14.90 -13.92 -8.57
CA ILE B 96 -15.32 -13.68 -9.94
C ILE B 96 -15.63 -14.99 -10.63
N ARG B 97 -14.92 -16.04 -10.18
CA ARG B 97 -15.05 -17.43 -10.66
C ARG B 97 -15.76 -17.58 -12.02
N LEU B 98 -15.09 -17.14 -13.08
CA LEU B 98 -15.67 -17.17 -14.42
C LEU B 98 -15.37 -18.50 -15.12
N GLU B 99 -15.45 -19.59 -14.37
CA GLU B 99 -15.22 -20.91 -14.92
C GLU B 99 -16.26 -21.88 -14.38
N ARG A 1 -13.63 15.47 1.28
CA ARG A 1 -13.40 14.18 1.99
C ARG A 1 -11.91 13.90 2.12
N THR A 2 -11.52 13.34 3.24
CA THR A 2 -10.12 12.99 3.47
C THR A 2 -9.90 11.49 3.46
N HIS A 3 -10.95 10.71 3.67
CA HIS A 3 -10.79 9.27 3.77
C HIS A 3 -12.10 8.53 3.53
N GLY A 4 -12.01 7.22 3.44
CA GLY A 4 -13.20 6.40 3.36
C GLY A 4 -13.28 5.45 4.55
N THR A 5 -13.16 4.16 4.27
CA THR A 5 -13.24 3.14 5.31
C THR A 5 -12.02 3.19 6.23
N PHE A 6 -10.84 3.37 5.63
CA PHE A 6 -9.59 3.45 6.39
C PHE A 6 -9.60 4.71 7.28
N PRO A 7 -9.37 4.54 8.59
CA PRO A 7 -9.45 5.62 9.58
C PRO A 7 -8.74 6.91 9.17
N MET A 8 -7.40 6.88 9.15
CA MET A 8 -6.58 8.02 8.69
C MET A 8 -6.61 9.19 9.70
N HIS A 9 -5.56 10.03 9.64
CA HIS A 9 -5.32 11.10 10.63
C HIS A 9 -6.21 12.31 10.42
N GLN A 10 -7.40 12.10 9.85
CA GLN A 10 -8.26 13.19 9.35
C GLN A 10 -7.65 13.80 8.09
N LEU A 11 -6.54 13.21 7.63
CA LEU A 11 -5.89 13.72 6.44
C LEU A 11 -4.88 12.72 5.85
N GLY A 12 -4.05 12.09 6.67
CA GLY A 12 -3.04 11.21 6.09
C GLY A 12 -2.19 10.44 7.08
N ASN A 13 -2.80 9.67 7.98
CA ASN A 13 -2.03 8.82 8.92
C ASN A 13 -1.23 7.84 8.13
N VAL A 14 -1.84 7.40 7.06
CA VAL A 14 -1.21 6.47 6.16
C VAL A 14 0.06 7.12 5.65
N ILE A 15 -0.04 8.36 5.17
CA ILE A 15 1.10 8.98 4.56
C ILE A 15 2.29 9.06 5.47
N LYS A 16 2.22 9.60 6.69
CA LYS A 16 3.43 9.78 7.48
C LYS A 16 4.08 8.46 7.82
N GLY A 17 3.26 7.55 8.30
CA GLY A 17 3.77 6.26 8.68
C GLY A 17 4.54 5.62 7.53
N ILE A 18 3.95 5.70 6.36
CA ILE A 18 4.54 5.11 5.18
C ILE A 18 5.77 5.85 4.68
N VAL A 19 5.83 7.17 4.82
CA VAL A 19 6.96 7.89 4.24
C VAL A 19 8.23 7.42 4.93
N ASP A 20 8.14 7.22 6.24
CA ASP A 20 9.25 6.68 7.00
C ASP A 20 9.51 5.20 6.73
N GLN A 21 8.45 4.43 6.49
CA GLN A 21 8.58 2.98 6.38
C GLN A 21 8.89 2.53 4.94
N GLU A 22 8.14 3.05 4.00
CA GLU A 22 8.16 2.57 2.63
C GLU A 22 8.55 3.68 1.65
N GLY A 23 8.37 4.92 2.06
CA GLY A 23 8.71 6.05 1.22
C GLY A 23 7.51 6.78 0.67
N VAL A 24 7.74 8.00 0.21
CA VAL A 24 6.70 8.90 -0.30
C VAL A 24 5.83 8.30 -1.37
N ALA A 25 6.39 7.58 -2.32
CA ALA A 25 5.58 7.06 -3.41
C ALA A 25 4.61 5.98 -2.94
N THR A 26 4.99 5.22 -1.93
CA THR A 26 4.06 4.25 -1.35
C THR A 26 3.05 4.96 -0.45
N ALA A 27 3.53 5.91 0.34
CA ALA A 27 2.65 6.71 1.19
C ALA A 27 1.64 7.43 0.32
N TYR A 28 2.14 7.84 -0.84
CA TYR A 28 1.34 8.47 -1.85
C TYR A 28 0.33 7.48 -2.40
N THR A 29 0.83 6.31 -2.80
CA THR A 29 0.00 5.25 -3.35
C THR A 29 -1.12 4.84 -2.40
N LEU A 30 -0.78 4.64 -1.14
CA LEU A 30 -1.74 4.14 -0.19
C LEU A 30 -2.74 5.22 0.15
N GLY A 31 -2.28 6.47 0.22
CA GLY A 31 -3.20 7.57 0.38
C GLY A 31 -4.19 7.61 -0.75
N MET A 32 -3.74 7.24 -1.94
CA MET A 32 -4.60 7.19 -3.12
C MET A 32 -5.65 6.10 -2.99
N MET A 33 -5.27 4.89 -2.62
CA MET A 33 -6.27 3.82 -2.52
C MET A 33 -7.20 4.02 -1.32
N LEU A 34 -6.63 4.37 -0.18
CA LEU A 34 -7.38 4.53 1.06
C LEU A 34 -8.33 5.73 1.06
N SER A 35 -7.84 6.86 0.60
CA SER A 35 -8.64 8.08 0.63
C SER A 35 -9.52 8.16 -0.61
N GLY A 36 -9.06 7.50 -1.64
CA GLY A 36 -9.66 7.67 -2.93
C GLY A 36 -8.73 8.42 -3.84
N GLN A 37 -9.20 8.73 -5.01
CA GLN A 37 -8.35 9.29 -6.04
C GLN A 37 -8.13 10.79 -5.83
N ASN A 38 -8.30 11.22 -4.59
CA ASN A 38 -8.12 12.62 -4.20
C ASN A 38 -6.64 13.00 -4.22
N TYR A 39 -6.12 13.18 -5.42
CA TYR A 39 -4.75 13.63 -5.64
C TYR A 39 -4.44 14.88 -4.84
N GLN A 40 -5.41 15.80 -4.76
CA GLN A 40 -5.21 17.03 -4.01
C GLN A 40 -4.81 16.74 -2.58
N LEU A 41 -5.47 15.77 -1.96
CA LEU A 41 -5.19 15.45 -0.58
C LEU A 41 -3.81 14.83 -0.44
N VAL A 42 -3.50 13.83 -1.27
CA VAL A 42 -2.23 13.14 -1.15
C VAL A 42 -1.07 14.06 -1.49
N SER A 43 -1.26 14.87 -2.51
CA SER A 43 -0.20 15.77 -2.93
C SER A 43 0.02 16.82 -1.88
N GLY A 44 -1.06 17.26 -1.25
CA GLY A 44 -0.96 18.21 -0.17
C GLY A 44 -0.33 17.60 1.07
N ILE A 45 -0.67 16.34 1.35
CA ILE A 45 -0.16 15.66 2.53
C ILE A 45 1.32 15.30 2.36
N ILE A 46 1.67 14.64 1.25
CA ILE A 46 3.01 14.09 1.04
C ILE A 46 3.97 15.23 0.72
N ARG A 47 3.44 16.33 0.24
CA ARG A 47 4.24 17.49 -0.13
C ARG A 47 5.10 17.94 1.04
N GLY A 48 4.61 17.69 2.23
CA GLY A 48 5.35 18.03 3.43
C GLY A 48 6.26 16.91 3.87
N TYR A 49 6.14 15.76 3.20
CA TYR A 49 6.93 14.59 3.53
C TYR A 49 7.83 14.22 2.37
N LEU A 50 7.72 15.00 1.30
CA LEU A 50 8.55 14.79 0.13
C LEU A 50 9.99 15.08 0.50
N PRO A 51 10.92 14.14 0.18
CA PRO A 51 12.36 14.24 0.44
C PRO A 51 12.90 15.67 0.54
N GLY A 52 12.91 16.37 -0.58
CA GLY A 52 13.35 17.74 -0.62
C GLY A 52 12.52 18.52 -1.60
N GLN A 53 12.96 19.71 -1.98
CA GLN A 53 12.20 20.51 -2.93
C GLN A 53 12.24 19.88 -4.32
N ALA A 54 13.31 19.15 -4.60
CA ALA A 54 13.50 18.55 -5.92
C ALA A 54 12.46 17.46 -6.21
N VAL A 55 12.13 16.65 -5.21
CA VAL A 55 11.20 15.54 -5.40
C VAL A 55 9.79 16.08 -5.65
N VAL A 56 9.38 17.07 -4.85
CA VAL A 56 8.10 17.73 -5.06
C VAL A 56 8.12 18.52 -6.36
N THR A 57 9.27 19.01 -6.73
CA THR A 57 9.41 19.79 -7.92
C THR A 57 9.15 18.91 -9.11
N ALA A 58 9.87 17.80 -9.15
CA ALA A 58 9.72 16.83 -10.19
C ALA A 58 8.30 16.29 -10.28
N LEU A 59 7.69 16.08 -9.13
CA LEU A 59 6.35 15.55 -9.09
C LEU A 59 5.40 16.60 -9.65
N GLN A 60 5.56 17.80 -9.14
CA GLN A 60 4.82 18.96 -9.62
C GLN A 60 5.08 19.20 -11.09
N GLN A 61 6.30 18.93 -11.50
CA GLN A 61 6.74 19.13 -12.86
C GLN A 61 5.81 18.44 -13.85
N ARG A 62 5.51 17.16 -13.62
CA ARG A 62 4.55 16.49 -14.47
C ARG A 62 3.10 16.89 -14.16
N LEU A 63 2.80 17.33 -12.94
CA LEU A 63 1.45 17.81 -12.63
C LEU A 63 1.17 19.07 -13.42
N ASP A 64 2.22 19.85 -13.64
CA ASP A 64 2.14 21.11 -14.36
C ASP A 64 1.88 20.85 -15.82
N GLN A 65 2.45 19.76 -16.30
CA GLN A 65 2.29 19.34 -17.66
C GLN A 65 0.90 18.75 -17.83
N GLU A 66 0.41 18.16 -16.73
CA GLU A 66 -0.98 17.69 -16.61
C GLU A 66 -1.46 16.88 -17.82
N ILE A 67 -1.43 15.55 -17.71
CA ILE A 67 -1.92 14.70 -18.79
C ILE A 67 -3.43 14.90 -18.96
N ASP A 68 -4.07 15.09 -17.82
CA ASP A 68 -5.50 15.26 -17.70
C ASP A 68 -5.77 15.72 -16.28
N ASP A 69 -7.02 15.86 -15.90
CA ASP A 69 -7.31 16.17 -14.51
C ASP A 69 -7.05 14.94 -13.65
N GLN A 70 -7.87 13.92 -13.83
CA GLN A 70 -7.73 12.66 -13.09
C GLN A 70 -6.45 11.90 -13.43
N THR A 71 -5.89 12.09 -14.62
CA THR A 71 -4.75 11.29 -15.03
C THR A 71 -3.51 11.66 -14.24
N ARG A 72 -3.49 12.89 -13.70
CA ARG A 72 -2.44 13.26 -12.77
C ARG A 72 -2.43 12.25 -11.65
N ALA A 73 -3.60 12.09 -11.04
CA ALA A 73 -3.82 11.07 -10.01
C ALA A 73 -3.50 9.66 -10.51
N GLU A 74 -4.03 9.32 -11.69
CA GLU A 74 -3.85 7.98 -12.26
C GLU A 74 -2.39 7.56 -12.28
N THR A 75 -1.53 8.52 -12.55
CA THR A 75 -0.12 8.25 -12.70
C THR A 75 0.70 9.01 -11.67
N PHE A 76 0.03 9.49 -10.63
CA PHE A 76 0.64 10.39 -9.65
C PHE A 76 1.92 9.79 -9.04
N ILE A 77 1.82 8.54 -8.63
CA ILE A 77 2.97 7.85 -8.03
C ILE A 77 3.96 7.41 -9.09
N GLN A 78 3.46 7.04 -10.26
CA GLN A 78 4.33 6.76 -11.39
C GLN A 78 5.17 8.00 -11.69
N HIS A 79 4.56 9.15 -11.45
CA HIS A 79 5.21 10.43 -11.61
C HIS A 79 6.19 10.68 -10.47
N LEU A 80 5.91 10.11 -9.31
CA LEU A 80 6.78 10.25 -8.15
C LEU A 80 8.03 9.39 -8.36
N ASN A 81 7.82 8.28 -9.04
CA ASN A 81 8.92 7.40 -9.41
C ASN A 81 9.72 8.03 -10.52
N ALA A 82 8.99 8.68 -11.42
CA ALA A 82 9.58 9.54 -12.44
C ALA A 82 10.44 10.60 -11.78
N VAL A 83 9.99 11.02 -10.61
CA VAL A 83 10.71 11.99 -9.82
C VAL A 83 12.04 11.39 -9.44
N TYR A 84 11.97 10.16 -8.92
CA TYR A 84 13.16 9.42 -8.53
C TYR A 84 14.14 9.31 -9.69
N GLU A 85 13.61 9.36 -10.92
CA GLU A 85 14.44 9.23 -12.10
C GLU A 85 15.07 10.58 -12.43
N ILE A 86 14.26 11.61 -12.28
CA ILE A 86 14.68 12.98 -12.46
C ILE A 86 15.85 13.37 -11.56
N LEU A 87 15.69 13.18 -10.25
CA LEU A 87 16.67 13.66 -9.28
C LEU A 87 17.59 12.57 -8.72
N GLY A 88 17.31 11.30 -8.96
CA GLY A 88 18.18 10.26 -8.43
C GLY A 88 17.74 9.71 -7.08
N LEU A 89 16.43 9.66 -6.82
CA LEU A 89 15.92 9.06 -5.57
C LEU A 89 15.70 7.56 -5.71
N ASN A 90 15.61 6.90 -4.57
CA ASN A 90 15.18 5.51 -4.52
C ASN A 90 13.72 5.43 -4.10
N ALA A 91 13.19 4.22 -3.96
CA ALA A 91 11.78 4.04 -3.64
C ALA A 91 11.43 4.48 -2.21
N ARG A 92 12.45 4.71 -1.40
CA ARG A 92 12.23 5.06 -0.01
C ARG A 92 12.07 6.55 0.19
N GLY A 93 12.12 7.29 -0.92
CA GLY A 93 12.07 8.74 -0.84
C GLY A 93 13.42 9.29 -0.41
N GLN A 94 14.41 8.43 -0.44
CA GLN A 94 15.78 8.82 -0.10
C GLN A 94 16.58 9.01 -1.38
N SER A 95 17.56 9.88 -1.35
CA SER A 95 18.42 10.03 -2.51
C SER A 95 19.54 9.02 -2.45
N ILE A 96 19.84 8.44 -3.58
CA ILE A 96 20.91 7.48 -3.69
C ILE A 96 22.13 8.12 -4.36
N ARG A 97 21.87 9.29 -4.96
CA ARG A 97 22.89 10.11 -5.63
C ARG A 97 23.57 9.33 -6.77
N LEU A 98 24.54 8.51 -6.41
CA LEU A 98 25.24 7.68 -7.37
C LEU A 98 25.57 6.34 -6.73
N GLU A 99 24.60 5.44 -6.75
CA GLU A 99 24.74 4.14 -6.13
C GLU A 99 25.36 3.14 -7.12
N ARG B 1 5.76 -7.23 18.45
CA ARG B 1 5.50 -5.91 17.87
C ARG B 1 4.35 -5.99 16.86
N THR B 2 3.52 -4.95 16.84
CA THR B 2 2.40 -4.91 15.90
C THR B 2 2.61 -3.86 14.82
N HIS B 3 3.48 -2.88 15.07
CA HIS B 3 3.65 -1.79 14.13
C HIS B 3 4.97 -1.07 14.34
N GLY B 4 5.28 -0.18 13.41
CA GLY B 4 6.42 0.68 13.57
C GLY B 4 6.02 2.13 13.61
N THR B 5 6.41 2.89 12.60
CA THR B 5 6.10 4.32 12.53
C THR B 5 4.61 4.55 12.29
N PHE B 6 4.02 3.75 11.41
CA PHE B 6 2.59 3.84 11.10
C PHE B 6 1.76 3.47 12.32
N PRO B 7 0.85 4.35 12.74
CA PRO B 7 0.04 4.19 13.97
C PRO B 7 -0.58 2.80 14.13
N MET B 8 -1.58 2.47 13.31
CA MET B 8 -2.20 1.14 13.30
C MET B 8 -3.07 0.90 14.56
N HIS B 9 -4.05 -0.01 14.42
CA HIS B 9 -5.09 -0.25 15.45
C HIS B 9 -4.57 -1.05 16.64
N GLN B 10 -3.27 -0.96 16.92
CA GLN B 10 -2.58 -1.86 17.87
C GLN B 10 -2.44 -3.24 17.26
N LEU B 11 -2.87 -3.38 16.00
CA LEU B 11 -2.77 -4.67 15.32
C LEU B 11 -2.95 -4.55 13.80
N GLY B 12 -3.92 -3.77 13.33
CA GLY B 12 -4.12 -3.74 11.89
C GLY B 12 -5.18 -2.76 11.38
N ASN B 13 -5.06 -1.48 11.73
CA ASN B 13 -6.00 -0.45 11.22
C ASN B 13 -5.90 -0.43 9.71
N VAL B 14 -4.67 -0.61 9.27
CA VAL B 14 -4.39 -0.65 7.86
C VAL B 14 -5.22 -1.76 7.25
N ILE B 15 -5.16 -2.94 7.84
CA ILE B 15 -5.81 -4.08 7.24
C ILE B 15 -7.29 -3.88 7.03
N LYS B 16 -8.09 -3.49 8.03
CA LYS B 16 -9.54 -3.44 7.82
C LYS B 16 -9.91 -2.41 6.78
N GLY B 17 -9.34 -1.22 6.94
CA GLY B 17 -9.64 -0.16 6.01
C GLY B 17 -9.39 -0.60 4.59
N ILE B 18 -8.25 -1.25 4.39
CA ILE B 18 -7.85 -1.69 3.09
C ILE B 18 -8.67 -2.86 2.56
N VAL B 19 -9.14 -3.77 3.41
CA VAL B 19 -9.82 -4.94 2.90
C VAL B 19 -11.09 -4.49 2.20
N ASP B 20 -11.75 -3.50 2.78
CA ASP B 20 -12.93 -2.90 2.17
C ASP B 20 -12.60 -2.04 0.95
N GLN B 21 -11.46 -1.36 0.98
CA GLN B 21 -11.13 -0.38 -0.07
C GLN B 21 -10.40 -1.02 -1.25
N GLU B 22 -9.38 -1.80 -0.95
CA GLU B 22 -8.46 -2.31 -1.95
C GLU B 22 -8.43 -3.84 -1.99
N GLY B 23 -8.85 -4.46 -0.88
CA GLY B 23 -8.89 -5.90 -0.81
C GLY B 23 -7.82 -6.48 0.09
N VAL B 24 -8.03 -7.73 0.48
CA VAL B 24 -7.16 -8.44 1.41
C VAL B 24 -5.68 -8.45 1.02
N ALA B 25 -5.38 -8.65 -0.24
CA ALA B 25 -3.97 -8.75 -0.63
C ALA B 25 -3.25 -7.42 -0.50
N THR B 26 -3.96 -6.31 -0.68
CA THR B 26 -3.36 -5.00 -0.44
C THR B 26 -3.31 -4.72 1.05
N ALA B 27 -4.38 -5.04 1.76
CA ALA B 27 -4.41 -4.89 3.21
C ALA B 27 -3.30 -5.71 3.82
N TYR B 28 -3.09 -6.85 3.20
CA TYR B 28 -2.03 -7.75 3.56
C TYR B 28 -0.69 -7.12 3.27
N THR B 29 -0.54 -6.63 2.04
CA THR B 29 0.67 -5.97 1.59
C THR B 29 1.07 -4.80 2.48
N LEU B 30 0.11 -3.95 2.80
CA LEU B 30 0.38 -2.75 3.53
C LEU B 30 0.67 -3.09 4.98
N GLY B 31 -0.03 -4.08 5.50
CA GLY B 31 0.30 -4.56 6.83
C GLY B 31 1.74 -5.04 6.88
N MET B 32 2.19 -5.62 5.78
CA MET B 32 3.56 -6.11 5.66
C MET B 32 4.57 -4.95 5.68
N MET B 33 4.35 -3.92 4.89
CA MET B 33 5.31 -2.82 4.86
C MET B 33 5.26 -1.99 6.14
N LEU B 34 4.05 -1.68 6.59
CA LEU B 34 3.84 -0.83 7.76
C LEU B 34 4.26 -1.48 9.08
N SER B 35 3.89 -2.74 9.27
CA SER B 35 4.18 -3.42 10.52
C SER B 35 5.56 -4.03 10.46
N GLY B 36 6.00 -4.30 9.27
CA GLY B 36 7.19 -5.07 9.08
C GLY B 36 6.85 -6.42 8.54
N GLN B 37 7.83 -7.27 8.43
CA GLN B 37 7.66 -8.55 7.75
C GLN B 37 7.00 -9.58 8.66
N ASN B 38 6.28 -9.08 9.66
CA ASN B 38 5.57 -9.92 10.62
C ASN B 38 4.35 -10.58 9.98
N TYR B 39 4.63 -11.59 9.17
CA TYR B 39 3.62 -12.41 8.52
C TYR B 39 2.59 -12.92 9.51
N GLN B 40 3.05 -13.30 10.70
CA GLN B 40 2.15 -13.79 11.75
C GLN B 40 1.05 -12.79 12.04
N LEU B 41 1.43 -11.53 12.14
CA LEU B 41 0.47 -10.49 12.46
C LEU B 41 -0.52 -10.29 11.32
N VAL B 42 -0.01 -10.15 10.10
CA VAL B 42 -0.88 -9.89 8.96
C VAL B 42 -1.79 -11.06 8.68
N SER B 43 -1.23 -12.25 8.78
CA SER B 43 -2.00 -13.45 8.49
C SER B 43 -3.07 -13.63 9.56
N GLY B 44 -2.72 -13.29 10.80
CA GLY B 44 -3.68 -13.34 11.87
C GLY B 44 -4.75 -12.27 11.74
N ILE B 45 -4.35 -11.09 11.29
CA ILE B 45 -5.28 -9.98 11.15
C ILE B 45 -6.22 -10.19 9.96
N ILE B 46 -5.66 -10.47 8.78
CA ILE B 46 -6.42 -10.54 7.54
C ILE B 46 -7.23 -11.81 7.51
N ARG B 47 -6.81 -12.80 8.27
CA ARG B 47 -7.50 -14.10 8.34
C ARG B 47 -8.96 -13.91 8.68
N GLY B 48 -9.24 -12.86 9.43
CA GLY B 48 -10.60 -12.56 9.80
C GLY B 48 -11.28 -11.68 8.77
N TYR B 49 -10.50 -11.22 7.79
CA TYR B 49 -11.03 -10.34 6.76
C TYR B 49 -10.92 -11.01 5.40
N LEU B 50 -10.39 -12.23 5.41
CA LEU B 50 -10.27 -13.01 4.21
C LEU B 50 -11.66 -13.36 3.71
N PRO B 51 -11.94 -13.09 2.41
CA PRO B 51 -13.22 -13.37 1.75
C PRO B 51 -14.04 -14.49 2.37
N GLY B 52 -13.55 -15.71 2.23
CA GLY B 52 -14.20 -16.87 2.82
C GLY B 52 -13.17 -17.86 3.30
N GLN B 53 -13.58 -19.08 3.59
CA GLN B 53 -12.63 -20.07 4.07
C GLN B 53 -11.66 -20.48 2.95
N ALA B 54 -12.13 -20.38 1.71
CA ALA B 54 -11.33 -20.80 0.56
C ALA B 54 -10.10 -19.92 0.36
N VAL B 55 -10.25 -18.61 0.54
CA VAL B 55 -9.16 -17.68 0.31
C VAL B 55 -8.06 -17.88 1.38
N VAL B 56 -8.48 -18.02 2.63
CA VAL B 56 -7.55 -18.31 3.71
C VAL B 56 -6.97 -19.70 3.54
N THR B 57 -7.75 -20.60 2.97
CA THR B 57 -7.32 -21.96 2.78
C THR B 57 -6.20 -21.97 1.78
N ALA B 58 -6.45 -21.36 0.64
CA ALA B 58 -5.47 -21.25 -0.41
C ALA B 58 -4.22 -20.56 0.06
N LEU B 59 -4.38 -19.53 0.87
CA LEU B 59 -3.25 -18.78 1.36
C LEU B 59 -2.45 -19.66 2.30
N GLN B 60 -3.16 -20.27 3.21
CA GLN B 60 -2.61 -21.24 4.14
C GLN B 60 -1.99 -22.40 3.40
N GLN B 61 -2.60 -22.77 2.29
CA GLN B 61 -2.18 -23.87 1.48
C GLN B 61 -0.71 -23.73 1.10
N ARG B 62 -0.30 -22.58 0.59
CA ARG B 62 1.12 -22.37 0.32
C ARG B 62 1.94 -22.11 1.59
N LEU B 63 1.32 -21.60 2.65
CA LEU B 63 2.05 -21.42 3.92
C LEU B 63 2.43 -22.79 4.47
N ASP B 64 1.57 -23.75 4.23
CA ASP B 64 1.75 -25.11 4.71
C ASP B 64 2.88 -25.77 3.96
N GLN B 65 3.00 -25.40 2.70
CA GLN B 65 4.04 -25.90 1.85
C GLN B 65 5.35 -25.22 2.22
N GLU B 66 5.21 -23.98 2.69
CA GLU B 66 6.31 -23.21 3.29
C GLU B 66 7.60 -23.24 2.46
N ILE B 67 7.84 -22.19 1.67
CA ILE B 67 9.08 -22.11 0.90
C ILE B 67 10.27 -21.98 1.83
N ASP B 68 10.03 -21.26 2.90
CA ASP B 68 11.01 -20.95 3.94
C ASP B 68 10.25 -20.34 5.08
N ASP B 69 10.93 -19.89 6.12
CA ASP B 69 10.25 -19.18 7.19
C ASP B 69 9.83 -17.80 6.69
N GLN B 70 10.82 -16.94 6.45
CA GLN B 70 10.58 -15.59 5.95
C GLN B 70 10.00 -15.56 4.54
N THR B 71 10.24 -16.59 3.73
CA THR B 71 9.82 -16.52 2.34
C THR B 71 8.30 -16.63 2.23
N ARG B 72 7.66 -17.21 3.25
CA ARG B 72 6.22 -17.17 3.32
C ARG B 72 5.78 -15.72 3.25
N ALA B 73 6.35 -14.92 4.15
CA ALA B 73 6.15 -13.47 4.16
C ALA B 73 6.55 -12.81 2.84
N GLU B 74 7.74 -13.17 2.35
CA GLU B 74 8.28 -12.58 1.11
C GLU B 74 7.27 -12.65 -0.02
N THR B 75 6.56 -13.74 -0.07
CA THR B 75 5.64 -14.00 -1.16
C THR B 75 4.21 -14.12 -0.65
N PHE B 76 3.97 -13.66 0.57
CA PHE B 76 2.70 -13.86 1.26
C PHE B 76 1.51 -13.36 0.44
N ILE B 77 1.64 -12.15 -0.09
CA ILE B 77 0.59 -11.55 -0.90
C ILE B 77 0.57 -12.15 -2.31
N GLN B 78 1.74 -12.47 -2.82
CA GLN B 78 1.83 -13.19 -4.08
C GLN B 78 1.06 -14.50 -3.96
N HIS B 79 1.11 -15.05 -2.77
CA HIS B 79 0.39 -16.26 -2.42
C HIS B 79 -1.10 -15.99 -2.28
N LEU B 80 -1.44 -14.76 -1.89
CA LEU B 80 -2.84 -14.35 -1.74
C LEU B 80 -3.44 -14.17 -3.12
N ASN B 81 -2.62 -13.72 -4.04
CA ASN B 81 -3.02 -13.57 -5.43
C ASN B 81 -3.12 -14.95 -6.07
N ALA B 82 -2.18 -15.81 -5.68
CA ALA B 82 -2.23 -17.22 -6.01
C ALA B 82 -3.54 -17.81 -5.53
N VAL B 83 -4.00 -17.28 -4.41
CA VAL B 83 -5.26 -17.69 -3.84
C VAL B 83 -6.34 -17.33 -4.82
N TYR B 84 -6.32 -16.09 -5.28
CA TYR B 84 -7.27 -15.58 -6.27
C TYR B 84 -7.30 -16.49 -7.49
N GLU B 85 -6.17 -17.15 -7.76
CA GLU B 85 -6.07 -18.01 -8.94
C GLU B 85 -6.68 -19.36 -8.64
N ILE B 86 -6.41 -19.83 -7.43
CA ILE B 86 -6.95 -21.07 -6.91
C ILE B 86 -8.48 -21.08 -6.92
N LEU B 87 -9.09 -20.08 -6.28
CA LEU B 87 -10.53 -20.08 -6.08
C LEU B 87 -11.32 -19.16 -7.03
N GLY B 88 -10.64 -18.29 -7.77
CA GLY B 88 -11.37 -17.42 -8.67
C GLY B 88 -11.69 -16.04 -8.08
N LEU B 89 -10.84 -15.52 -7.21
CA LEU B 89 -11.06 -14.17 -6.65
C LEU B 89 -10.43 -13.10 -7.52
N ASN B 90 -10.88 -11.87 -7.31
CA ASN B 90 -10.26 -10.70 -7.90
C ASN B 90 -9.36 -10.01 -6.87
N ALA B 91 -8.75 -8.90 -7.24
CA ALA B 91 -7.82 -8.21 -6.34
C ALA B 91 -8.53 -7.55 -5.16
N ARG B 92 -9.84 -7.49 -5.20
CA ARG B 92 -10.61 -6.81 -4.16
C ARG B 92 -10.96 -7.77 -3.03
N GLY B 93 -10.51 -9.00 -3.14
CA GLY B 93 -10.88 -10.01 -2.17
C GLY B 93 -12.29 -10.50 -2.41
N GLN B 94 -12.83 -10.13 -3.56
CA GLN B 94 -14.16 -10.55 -3.96
C GLN B 94 -14.06 -11.68 -4.96
N SER B 95 -15.04 -12.55 -4.99
CA SER B 95 -15.03 -13.61 -5.99
C SER B 95 -15.69 -13.11 -7.26
N ILE B 96 -15.09 -13.47 -8.38
CA ILE B 96 -15.60 -13.08 -9.67
C ILE B 96 -16.28 -14.27 -10.33
N ARG B 97 -16.01 -15.45 -9.75
CA ARG B 97 -16.59 -16.73 -10.18
C ARG B 97 -16.24 -17.04 -11.64
N LEU B 98 -16.99 -16.45 -12.56
CA LEU B 98 -16.74 -16.61 -13.98
C LEU B 98 -17.04 -15.31 -14.69
N GLU B 99 -16.07 -14.40 -14.68
CA GLU B 99 -16.23 -13.09 -15.28
C GLU B 99 -15.88 -13.13 -16.76
N ARG A 1 -12.43 13.25 1.72
CA ARG A 1 -12.76 12.04 2.51
C ARG A 1 -11.51 11.39 3.09
N THR A 2 -11.04 11.91 4.20
CA THR A 2 -9.89 11.32 4.87
C THR A 2 -10.31 10.07 5.65
N HIS A 3 -11.40 10.16 6.39
CA HIS A 3 -11.91 9.04 7.17
C HIS A 3 -12.82 8.16 6.33
N GLY A 4 -12.28 7.69 5.22
CA GLY A 4 -13.06 6.88 4.31
C GLY A 4 -12.77 5.41 4.51
N THR A 5 -13.53 4.78 5.42
CA THR A 5 -13.37 3.37 5.75
C THR A 5 -12.09 3.15 6.56
N PHE A 6 -10.96 3.48 5.97
CA PHE A 6 -9.68 3.47 6.65
C PHE A 6 -9.61 4.70 7.57
N PRO A 7 -9.33 4.49 8.86
CA PRO A 7 -9.34 5.56 9.87
C PRO A 7 -8.67 6.86 9.41
N MET A 8 -7.33 6.86 9.36
CA MET A 8 -6.56 8.05 8.96
C MET A 8 -6.71 9.16 10.01
N HIS A 9 -5.64 9.93 10.26
CA HIS A 9 -5.67 10.94 11.34
C HIS A 9 -6.84 11.88 11.14
N GLN A 10 -6.65 12.82 10.24
CA GLN A 10 -7.71 13.69 9.77
C GLN A 10 -7.35 14.14 8.38
N LEU A 11 -6.45 13.38 7.76
CA LEU A 11 -5.85 13.80 6.51
C LEU A 11 -4.95 12.73 5.88
N GLY A 12 -4.04 12.14 6.67
CA GLY A 12 -3.05 11.27 6.06
C GLY A 12 -2.18 10.51 7.04
N ASN A 13 -2.76 9.77 7.99
CA ASN A 13 -1.96 8.94 8.91
C ASN A 13 -1.13 7.97 8.11
N VAL A 14 -1.76 7.50 7.05
CA VAL A 14 -1.13 6.58 6.16
C VAL A 14 0.12 7.24 5.62
N ILE A 15 -0.02 8.47 5.14
CA ILE A 15 1.11 9.11 4.52
C ILE A 15 2.31 9.23 5.41
N LYS A 16 2.22 9.78 6.64
CA LYS A 16 3.45 10.01 7.41
C LYS A 16 4.15 8.72 7.76
N GLY A 17 3.38 7.77 8.29
CA GLY A 17 3.96 6.51 8.68
C GLY A 17 4.74 5.88 7.55
N ILE A 18 4.13 5.90 6.39
CA ILE A 18 4.70 5.30 5.22
C ILE A 18 5.89 6.07 4.67
N VAL A 19 5.90 7.41 4.76
CA VAL A 19 6.97 8.16 4.11
C VAL A 19 8.28 7.79 4.76
N ASP A 20 8.25 7.64 6.08
CA ASP A 20 9.42 7.20 6.81
C ASP A 20 9.82 5.76 6.49
N GLN A 21 8.84 4.88 6.36
CA GLN A 21 9.14 3.45 6.26
C GLN A 21 9.28 2.97 4.82
N GLU A 22 8.29 3.27 3.98
CA GLU A 22 8.25 2.73 2.64
C GLU A 22 8.55 3.81 1.62
N GLY A 23 8.38 5.05 2.04
CA GLY A 23 8.69 6.17 1.18
C GLY A 23 7.46 6.85 0.63
N VAL A 24 7.67 8.07 0.15
CA VAL A 24 6.61 8.93 -0.35
C VAL A 24 5.72 8.30 -1.40
N ALA A 25 6.28 7.63 -2.38
CA ALA A 25 5.46 7.06 -3.44
C ALA A 25 4.52 5.96 -2.93
N THR A 26 4.91 5.24 -1.89
CA THR A 26 3.99 4.28 -1.28
C THR A 26 2.99 5.01 -0.40
N ALA A 27 3.46 6.00 0.37
CA ALA A 27 2.59 6.80 1.20
C ALA A 27 1.56 7.48 0.33
N TYR A 28 2.04 7.87 -0.84
CA TYR A 28 1.25 8.48 -1.85
C TYR A 28 0.23 7.49 -2.37
N THR A 29 0.72 6.32 -2.76
CA THR A 29 -0.11 5.25 -3.28
C THR A 29 -1.22 4.85 -2.30
N LEU A 30 -0.85 4.67 -1.06
CA LEU A 30 -1.79 4.20 -0.07
C LEU A 30 -2.79 5.29 0.27
N GLY A 31 -2.33 6.53 0.30
CA GLY A 31 -3.24 7.64 0.45
C GLY A 31 -4.24 7.67 -0.69
N MET A 32 -3.79 7.29 -1.88
CA MET A 32 -4.64 7.23 -3.06
C MET A 32 -5.69 6.13 -2.94
N MET A 33 -5.31 4.93 -2.52
CA MET A 33 -6.29 3.87 -2.40
C MET A 33 -7.24 4.13 -1.22
N LEU A 34 -6.68 4.42 -0.06
CA LEU A 34 -7.45 4.60 1.16
C LEU A 34 -8.34 5.85 1.15
N SER A 35 -7.80 6.98 0.74
CA SER A 35 -8.54 8.23 0.83
C SER A 35 -9.28 8.49 -0.46
N GLY A 36 -9.10 7.61 -1.42
CA GLY A 36 -9.69 7.79 -2.71
C GLY A 36 -8.74 8.49 -3.64
N GLN A 37 -9.19 8.75 -4.84
CA GLN A 37 -8.34 9.29 -5.89
C GLN A 37 -8.14 10.79 -5.72
N ASN A 38 -8.31 11.26 -4.50
CA ASN A 38 -8.15 12.67 -4.15
C ASN A 38 -6.68 13.06 -4.19
N TYR A 39 -6.17 13.22 -5.41
CA TYR A 39 -4.82 13.66 -5.67
C TYR A 39 -4.49 14.93 -4.91
N GLN A 40 -5.46 15.83 -4.82
CA GLN A 40 -5.27 17.07 -4.08
C GLN A 40 -4.86 16.78 -2.65
N LEU A 41 -5.51 15.81 -2.02
CA LEU A 41 -5.23 15.49 -0.65
C LEU A 41 -3.84 14.88 -0.51
N VAL A 42 -3.53 13.89 -1.34
CA VAL A 42 -2.25 13.21 -1.22
C VAL A 42 -1.11 14.13 -1.58
N SER A 43 -1.30 14.93 -2.61
CA SER A 43 -0.26 15.84 -3.04
C SER A 43 -0.03 16.90 -1.98
N GLY A 44 -1.11 17.35 -1.36
CA GLY A 44 -1.01 18.29 -0.28
C GLY A 44 -0.36 17.69 0.95
N ILE A 45 -0.70 16.43 1.24
CA ILE A 45 -0.19 15.77 2.43
C ILE A 45 1.28 15.40 2.25
N ILE A 46 1.63 14.74 1.15
CA ILE A 46 2.97 14.19 0.95
C ILE A 46 3.95 15.30 0.63
N ARG A 47 3.43 16.41 0.13
CA ARG A 47 4.24 17.56 -0.25
C ARG A 47 5.11 18.02 0.91
N GLY A 48 4.61 17.81 2.11
CA GLY A 48 5.35 18.15 3.30
C GLY A 48 6.26 17.02 3.74
N TYR A 49 6.13 15.87 3.07
CA TYR A 49 6.90 14.69 3.41
C TYR A 49 7.79 14.29 2.26
N LEU A 50 7.73 15.05 1.19
CA LEU A 50 8.54 14.78 0.03
C LEU A 50 10.00 15.00 0.40
N PRO A 51 10.87 13.98 0.11
CA PRO A 51 12.31 13.99 0.38
C PRO A 51 12.94 15.38 0.50
N GLY A 52 13.00 16.07 -0.62
CA GLY A 52 13.47 17.44 -0.63
C GLY A 52 12.62 18.26 -1.56
N GLN A 53 13.05 19.46 -1.90
CA GLN A 53 12.27 20.27 -2.83
C GLN A 53 12.35 19.67 -4.24
N ALA A 54 13.43 18.97 -4.53
CA ALA A 54 13.64 18.40 -5.85
C ALA A 54 12.59 17.34 -6.19
N VAL A 55 12.22 16.51 -5.21
CA VAL A 55 11.26 15.44 -5.45
C VAL A 55 9.87 16.02 -5.71
N VAL A 56 9.48 17.01 -4.90
CA VAL A 56 8.22 17.72 -5.10
C VAL A 56 8.25 18.52 -6.38
N THR A 57 9.44 18.98 -6.75
CA THR A 57 9.60 19.76 -7.94
C THR A 57 9.34 18.88 -9.12
N ALA A 58 10.01 17.74 -9.13
CA ALA A 58 9.83 16.76 -10.16
C ALA A 58 8.39 16.33 -10.23
N LEU A 59 7.77 16.09 -9.07
CA LEU A 59 6.41 15.60 -9.06
C LEU A 59 5.51 16.66 -9.65
N GLN A 60 5.71 17.88 -9.17
CA GLN A 60 5.00 19.04 -9.70
C GLN A 60 5.25 19.20 -11.19
N GLN A 61 6.47 18.95 -11.60
CA GLN A 61 6.87 18.98 -12.99
C GLN A 61 6.00 18.02 -13.81
N ARG A 62 5.90 16.79 -13.35
CA ARG A 62 4.99 15.81 -13.95
C ARG A 62 3.53 16.30 -13.93
N LEU A 63 3.15 17.05 -12.90
CA LEU A 63 1.79 17.57 -12.79
C LEU A 63 1.60 18.70 -13.80
N ASP A 64 2.64 19.48 -14.00
CA ASP A 64 2.65 20.54 -15.01
C ASP A 64 2.38 19.96 -16.39
N GLN A 65 2.93 18.78 -16.61
CA GLN A 65 2.73 18.06 -17.87
C GLN A 65 1.31 17.50 -17.96
N GLU A 66 0.71 17.23 -16.79
CA GLU A 66 -0.70 16.80 -16.63
C GLU A 66 -1.31 16.13 -17.87
N ILE A 67 -1.42 14.81 -17.82
CA ILE A 67 -2.07 14.06 -18.90
C ILE A 67 -3.53 14.48 -19.03
N ASP A 68 -4.11 14.79 -17.89
CA ASP A 68 -5.49 15.24 -17.76
C ASP A 68 -5.61 15.88 -16.38
N ASP A 69 -6.82 15.98 -15.87
CA ASP A 69 -7.00 16.42 -14.50
C ASP A 69 -6.85 15.23 -13.55
N GLN A 70 -7.79 14.29 -13.63
CA GLN A 70 -7.78 13.10 -12.79
C GLN A 70 -6.65 12.14 -13.18
N THR A 71 -6.21 12.19 -14.43
CA THR A 71 -5.16 11.30 -14.90
C THR A 71 -3.83 11.61 -14.22
N ARG A 72 -3.70 12.84 -13.72
CA ARG A 72 -2.56 13.18 -12.88
C ARG A 72 -2.53 12.20 -11.73
N ALA A 73 -3.68 12.07 -11.06
CA ALA A 73 -3.89 11.07 -10.01
C ALA A 73 -3.55 9.66 -10.48
N GLU A 74 -4.13 9.27 -11.61
CA GLU A 74 -3.93 7.94 -12.19
C GLU A 74 -2.45 7.59 -12.32
N THR A 75 -1.65 8.60 -12.55
CA THR A 75 -0.23 8.39 -12.79
C THR A 75 0.60 9.13 -11.75
N PHE A 76 -0.05 9.55 -10.67
CA PHE A 76 0.58 10.43 -9.69
C PHE A 76 1.83 9.80 -9.09
N ILE A 77 1.72 8.55 -8.68
CA ILE A 77 2.84 7.83 -8.10
C ILE A 77 3.81 7.37 -9.18
N GLN A 78 3.29 7.08 -10.37
CA GLN A 78 4.16 6.84 -11.52
C GLN A 78 5.06 8.05 -11.71
N HIS A 79 4.47 9.19 -11.50
CA HIS A 79 5.13 10.46 -11.66
C HIS A 79 6.12 10.70 -10.52
N LEU A 80 5.82 10.11 -9.36
CA LEU A 80 6.68 10.22 -8.19
C LEU A 80 7.91 9.34 -8.40
N ASN A 81 7.69 8.22 -9.04
CA ASN A 81 8.77 7.31 -9.37
C ASN A 81 9.60 7.90 -10.50
N ALA A 82 8.89 8.55 -11.41
CA ALA A 82 9.50 9.37 -12.44
C ALA A 82 10.35 10.45 -11.79
N VAL A 83 9.90 10.89 -10.63
CA VAL A 83 10.64 11.85 -9.84
C VAL A 83 11.95 11.22 -9.46
N TYR A 84 11.85 10.01 -8.92
CA TYR A 84 13.01 9.23 -8.52
C TYR A 84 14.00 9.10 -9.68
N GLU A 85 13.48 9.15 -10.90
CA GLU A 85 14.30 8.99 -12.09
C GLU A 85 14.96 10.32 -12.43
N ILE A 86 14.18 11.36 -12.30
CA ILE A 86 14.63 12.73 -12.50
C ILE A 86 15.83 13.09 -11.60
N LEU A 87 15.66 12.91 -10.29
CA LEU A 87 16.65 13.39 -9.34
C LEU A 87 17.56 12.30 -8.75
N GLY A 88 17.25 11.02 -8.99
CA GLY A 88 18.11 9.97 -8.47
C GLY A 88 17.66 9.42 -7.11
N LEU A 89 16.35 9.39 -6.85
CA LEU A 89 15.84 8.82 -5.61
C LEU A 89 15.57 7.32 -5.75
N ASN A 90 15.39 6.66 -4.61
CA ASN A 90 14.94 5.28 -4.60
C ASN A 90 13.47 5.23 -4.19
N ALA A 91 12.90 4.03 -4.11
CA ALA A 91 11.49 3.87 -3.79
C ALA A 91 11.13 4.43 -2.41
N ARG A 92 12.13 4.54 -1.55
CA ARG A 92 11.90 4.90 -0.15
C ARG A 92 11.89 6.40 0.04
N GLY A 93 11.98 7.15 -1.05
CA GLY A 93 12.04 8.59 -0.96
C GLY A 93 13.40 9.04 -0.50
N GLN A 94 14.36 8.14 -0.57
CA GLN A 94 15.74 8.42 -0.21
C GLN A 94 16.55 8.65 -1.48
N SER A 95 17.60 9.44 -1.39
CA SER A 95 18.42 9.71 -2.56
C SER A 95 19.55 8.69 -2.69
N ILE A 96 19.69 8.13 -3.89
CA ILE A 96 20.70 7.12 -4.13
C ILE A 96 21.79 7.64 -5.07
N ARG A 97 21.40 8.59 -5.92
CA ARG A 97 22.29 9.22 -6.91
C ARG A 97 22.84 8.21 -7.91
N LEU A 98 23.81 7.43 -7.48
CA LEU A 98 24.40 6.40 -8.34
C LEU A 98 23.87 5.03 -7.94
N GLU A 99 23.04 4.44 -8.79
CA GLU A 99 22.47 3.14 -8.51
C GLU A 99 23.23 2.05 -9.28
N ARG B 1 5.13 -5.62 16.55
CA ARG B 1 5.23 -4.15 16.40
C ARG B 1 4.09 -3.62 15.53
N THR B 2 2.93 -3.43 16.14
CA THR B 2 1.80 -2.85 15.42
C THR B 2 1.96 -1.34 15.28
N HIS B 3 2.34 -0.68 16.36
CA HIS B 3 2.53 0.77 16.36
C HIS B 3 3.93 1.12 15.93
N GLY B 4 4.31 0.64 14.76
CA GLY B 4 5.64 0.87 14.25
C GLY B 4 5.67 2.02 13.26
N THR B 5 5.87 3.23 13.78
CA THR B 5 5.89 4.45 12.96
C THR B 5 4.49 4.79 12.46
N PHE B 6 3.90 3.89 11.70
CA PHE B 6 2.51 4.01 11.28
C PHE B 6 1.62 3.65 12.46
N PRO B 7 0.67 4.54 12.82
CA PRO B 7 -0.19 4.39 14.00
C PRO B 7 -0.74 2.97 14.18
N MET B 8 -1.74 2.60 13.35
CA MET B 8 -2.38 1.28 13.43
C MET B 8 -3.16 1.14 14.75
N HIS B 9 -4.32 0.47 14.72
CA HIS B 9 -5.20 0.39 15.91
C HIS B 9 -4.42 -0.13 17.10
N GLN B 10 -4.25 -1.43 17.12
CA GLN B 10 -3.38 -2.09 18.07
C GLN B 10 -2.93 -3.39 17.42
N LEU B 11 -3.07 -3.43 16.10
CA LEU B 11 -2.87 -4.68 15.38
C LEU B 11 -2.92 -4.50 13.87
N GLY B 12 -3.94 -3.81 13.34
CA GLY B 12 -4.10 -3.78 11.90
C GLY B 12 -5.17 -2.83 11.38
N ASN B 13 -5.11 -1.55 11.76
CA ASN B 13 -6.07 -0.55 11.23
C ASN B 13 -5.98 -0.55 9.72
N VAL B 14 -4.75 -0.70 9.27
CA VAL B 14 -4.47 -0.74 7.86
C VAL B 14 -5.26 -1.88 7.26
N ILE B 15 -5.18 -3.05 7.87
CA ILE B 15 -5.82 -4.19 7.29
C ILE B 15 -7.31 -4.03 7.10
N LYS B 16 -8.10 -3.64 8.10
CA LYS B 16 -9.55 -3.64 7.91
C LYS B 16 -9.98 -2.64 6.85
N GLY B 17 -9.48 -1.42 6.98
CA GLY B 17 -9.85 -0.39 6.06
C GLY B 17 -9.61 -0.82 4.62
N ILE B 18 -8.44 -1.41 4.42
CA ILE B 18 -8.03 -1.84 3.11
C ILE B 18 -8.81 -3.06 2.61
N VAL B 19 -9.19 -3.98 3.49
CA VAL B 19 -9.81 -5.21 3.00
C VAL B 19 -11.11 -4.86 2.30
N ASP B 20 -11.83 -3.93 2.89
CA ASP B 20 -13.06 -3.44 2.28
C ASP B 20 -12.82 -2.67 0.99
N GLN B 21 -11.77 -1.85 0.95
CA GLN B 21 -11.59 -0.94 -0.18
C GLN B 21 -10.71 -1.51 -1.28
N GLU B 22 -9.54 -2.01 -0.92
CA GLU B 22 -8.56 -2.43 -1.91
C GLU B 22 -8.45 -3.95 -1.93
N GLY B 23 -8.88 -4.56 -0.84
CA GLY B 23 -8.88 -6.01 -0.75
C GLY B 23 -7.78 -6.55 0.13
N VAL B 24 -7.95 -7.80 0.53
CA VAL B 24 -7.07 -8.49 1.45
C VAL B 24 -5.59 -8.45 1.06
N ALA B 25 -5.28 -8.70 -0.19
CA ALA B 25 -3.87 -8.74 -0.59
C ALA B 25 -3.19 -7.38 -0.46
N THR B 26 -3.93 -6.28 -0.62
CA THR B 26 -3.36 -4.96 -0.35
C THR B 26 -3.29 -4.70 1.14
N ALA B 27 -4.36 -5.07 1.84
CA ALA B 27 -4.40 -4.93 3.30
C ALA B 27 -3.26 -5.73 3.90
N TYR B 28 -3.03 -6.86 3.27
CA TYR B 28 -1.95 -7.74 3.61
C TYR B 28 -0.62 -7.08 3.34
N THR B 29 -0.47 -6.58 2.11
CA THR B 29 0.73 -5.89 1.69
C THR B 29 1.09 -4.72 2.58
N LEU B 30 0.11 -3.90 2.89
CA LEU B 30 0.34 -2.70 3.65
C LEU B 30 0.63 -3.05 5.09
N GLY B 31 -0.04 -4.06 5.61
CA GLY B 31 0.29 -4.56 6.92
C GLY B 31 1.73 -5.04 6.97
N MET B 32 2.20 -5.61 5.86
CA MET B 32 3.56 -6.09 5.75
C MET B 32 4.56 -4.94 5.75
N MET B 33 4.32 -3.89 4.98
CA MET B 33 5.26 -2.78 4.97
C MET B 33 5.22 -1.99 6.28
N LEU B 34 4.02 -1.64 6.71
CA LEU B 34 3.83 -0.81 7.91
C LEU B 34 4.20 -1.51 9.21
N SER B 35 3.76 -2.75 9.38
CA SER B 35 3.96 -3.43 10.65
C SER B 35 5.23 -4.25 10.61
N GLY B 36 5.87 -4.23 9.46
CA GLY B 36 7.05 -5.03 9.29
C GLY B 36 6.71 -6.36 8.69
N GLN B 37 7.72 -7.21 8.53
CA GLN B 37 7.57 -8.46 7.83
C GLN B 37 6.94 -9.52 8.74
N ASN B 38 6.22 -9.06 9.75
CA ASN B 38 5.55 -9.92 10.69
C ASN B 38 4.36 -10.61 10.05
N TYR B 39 4.67 -11.61 9.22
CA TYR B 39 3.67 -12.44 8.56
C TYR B 39 2.65 -12.99 9.55
N GLN B 40 3.12 -13.36 10.73
CA GLN B 40 2.22 -13.85 11.77
C GLN B 40 1.11 -12.85 12.06
N LEU B 41 1.48 -11.59 12.15
CA LEU B 41 0.51 -10.57 12.48
C LEU B 41 -0.47 -10.37 11.33
N VAL B 42 0.04 -10.23 10.12
CA VAL B 42 -0.84 -9.97 8.98
C VAL B 42 -1.72 -11.17 8.70
N SER B 43 -1.16 -12.36 8.80
CA SER B 43 -1.92 -13.55 8.53
C SER B 43 -2.99 -13.73 9.59
N GLY B 44 -2.64 -13.42 10.83
CA GLY B 44 -3.60 -13.46 11.90
C GLY B 44 -4.67 -12.41 11.75
N ILE B 45 -4.28 -11.21 11.31
CA ILE B 45 -5.22 -10.11 11.18
C ILE B 45 -6.15 -10.32 9.99
N ILE B 46 -5.59 -10.60 8.81
CA ILE B 46 -6.35 -10.65 7.57
C ILE B 46 -7.18 -11.93 7.52
N ARG B 47 -6.76 -12.92 8.28
CA ARG B 47 -7.45 -14.22 8.31
C ARG B 47 -8.92 -14.04 8.65
N GLY B 48 -9.19 -13.01 9.43
CA GLY B 48 -10.56 -12.71 9.79
C GLY B 48 -11.22 -11.83 8.77
N TYR B 49 -10.45 -11.36 7.79
CA TYR B 49 -10.95 -10.47 6.76
C TYR B 49 -10.83 -11.11 5.40
N LEU B 50 -10.33 -12.33 5.38
CA LEU B 50 -10.20 -13.06 4.15
C LEU B 50 -11.59 -13.35 3.59
N PRO B 51 -11.82 -13.01 2.30
CA PRO B 51 -13.09 -13.20 1.59
C PRO B 51 -13.98 -14.31 2.14
N GLY B 52 -13.54 -15.54 1.97
CA GLY B 52 -14.22 -16.67 2.54
C GLY B 52 -13.21 -17.64 3.10
N GLN B 53 -13.63 -18.86 3.42
CA GLN B 53 -12.68 -19.83 3.91
C GLN B 53 -11.75 -20.29 2.79
N ALA B 54 -12.23 -20.23 1.56
CA ALA B 54 -11.45 -20.68 0.41
C ALA B 54 -10.19 -19.84 0.21
N VAL B 55 -10.30 -18.53 0.40
CA VAL B 55 -9.15 -17.65 0.19
C VAL B 55 -8.09 -17.89 1.25
N VAL B 56 -8.51 -18.02 2.50
CA VAL B 56 -7.60 -18.35 3.60
C VAL B 56 -7.07 -19.76 3.44
N THR B 57 -7.87 -20.63 2.84
CA THR B 57 -7.47 -21.99 2.62
C THR B 57 -6.34 -22.00 1.64
N ALA B 58 -6.56 -21.34 0.52
CA ALA B 58 -5.57 -21.20 -0.49
C ALA B 58 -4.33 -20.57 0.05
N LEU B 59 -4.48 -19.52 0.85
CA LEU B 59 -3.33 -18.80 1.37
C LEU B 59 -2.56 -19.72 2.28
N GLN B 60 -3.30 -20.38 3.16
CA GLN B 60 -2.73 -21.39 4.04
C GLN B 60 -2.06 -22.50 3.25
N GLN B 61 -2.69 -22.89 2.16
CA GLN B 61 -2.16 -23.87 1.24
C GLN B 61 -0.77 -23.46 0.74
N ARG B 62 -0.68 -22.23 0.27
CA ARG B 62 0.63 -21.66 -0.10
C ARG B 62 1.60 -21.64 1.08
N LEU B 63 1.09 -21.46 2.30
CA LEU B 63 1.93 -21.45 3.49
C LEU B 63 2.41 -22.85 3.81
N ASP B 64 1.53 -23.82 3.57
CA ASP B 64 1.87 -25.23 3.71
C ASP B 64 3.05 -25.59 2.82
N GLN B 65 3.05 -24.99 1.65
CA GLN B 65 4.13 -25.20 0.69
C GLN B 65 5.41 -24.49 1.14
N GLU B 66 5.23 -23.41 1.92
CA GLU B 66 6.31 -22.65 2.57
C GLU B 66 7.69 -22.76 1.89
N ILE B 67 8.08 -21.73 1.15
CA ILE B 67 9.40 -21.68 0.53
C ILE B 67 10.48 -21.71 1.61
N ASP B 68 10.16 -21.08 2.72
CA ASP B 68 11.02 -20.98 3.88
C ASP B 68 10.15 -20.58 5.05
N ASP B 69 10.73 -20.02 6.10
CA ASP B 69 9.93 -19.45 7.16
C ASP B 69 9.55 -18.01 6.81
N GLN B 70 10.55 -17.14 6.73
CA GLN B 70 10.33 -15.73 6.41
C GLN B 70 9.94 -15.54 4.94
N THR B 71 10.34 -16.47 4.09
CA THR B 71 10.04 -16.36 2.65
C THR B 71 8.54 -16.50 2.40
N ARG B 72 7.83 -17.14 3.34
CA ARG B 72 6.38 -17.14 3.30
C ARG B 72 5.92 -15.71 3.25
N ALA B 73 6.43 -14.91 4.18
CA ALA B 73 6.20 -13.47 4.21
C ALA B 73 6.58 -12.80 2.89
N GLU B 74 7.79 -13.07 2.42
CA GLU B 74 8.31 -12.49 1.18
C GLU B 74 7.35 -12.68 0.02
N THR B 75 6.63 -13.78 0.03
CA THR B 75 5.75 -14.13 -1.05
C THR B 75 4.30 -14.23 -0.57
N PHE B 76 4.04 -13.72 0.63
CA PHE B 76 2.76 -13.91 1.31
C PHE B 76 1.61 -13.38 0.46
N ILE B 77 1.76 -12.18 -0.04
CA ILE B 77 0.73 -11.56 -0.88
C ILE B 77 0.75 -12.14 -2.28
N GLN B 78 1.92 -12.55 -2.75
CA GLN B 78 2.01 -13.29 -4.00
C GLN B 78 1.14 -14.53 -3.88
N HIS B 79 1.19 -15.10 -2.70
CA HIS B 79 0.46 -16.31 -2.39
C HIS B 79 -1.03 -16.02 -2.25
N LEU B 80 -1.35 -14.78 -1.86
CA LEU B 80 -2.74 -14.35 -1.73
C LEU B 80 -3.33 -14.13 -3.11
N ASN B 81 -2.50 -13.65 -4.01
CA ASN B 81 -2.90 -13.46 -5.39
C ASN B 81 -3.00 -14.81 -6.07
N ALA B 82 -2.07 -15.67 -5.71
CA ALA B 82 -2.13 -17.08 -6.06
C ALA B 82 -3.43 -17.70 -5.57
N VAL B 83 -3.89 -17.18 -4.45
CA VAL B 83 -5.16 -17.58 -3.89
C VAL B 83 -6.23 -17.20 -4.88
N TYR B 84 -6.18 -15.95 -5.30
CA TYR B 84 -7.12 -15.41 -6.29
C TYR B 84 -7.14 -16.28 -7.54
N GLU B 85 -6.02 -16.95 -7.81
CA GLU B 85 -5.91 -17.78 -9.00
C GLU B 85 -6.53 -19.14 -8.74
N ILE B 86 -6.27 -19.64 -7.55
CA ILE B 86 -6.83 -20.89 -7.06
C ILE B 86 -8.37 -20.89 -7.10
N LEU B 87 -8.98 -19.91 -6.45
CA LEU B 87 -10.44 -19.91 -6.27
C LEU B 87 -11.18 -18.96 -7.21
N GLY B 88 -10.49 -18.10 -7.93
CA GLY B 88 -11.20 -17.20 -8.84
C GLY B 88 -11.53 -15.83 -8.24
N LEU B 89 -10.68 -15.32 -7.34
CA LEU B 89 -10.91 -13.99 -6.77
C LEU B 89 -10.25 -12.91 -7.63
N ASN B 90 -10.62 -11.66 -7.37
CA ASN B 90 -9.95 -10.51 -7.95
C ASN B 90 -9.06 -9.86 -6.90
N ALA B 91 -8.39 -8.77 -7.26
CA ALA B 91 -7.46 -8.11 -6.36
C ALA B 91 -8.15 -7.57 -5.10
N ARG B 92 -9.45 -7.37 -5.19
CA ARG B 92 -10.21 -6.70 -4.14
C ARG B 92 -10.68 -7.70 -3.09
N GLY B 93 -10.28 -8.95 -3.22
CA GLY B 93 -10.74 -9.97 -2.31
C GLY B 93 -12.17 -10.37 -2.61
N GLN B 94 -12.64 -9.98 -3.78
CA GLN B 94 -13.97 -10.31 -4.25
C GLN B 94 -13.89 -11.47 -5.23
N SER B 95 -14.93 -12.26 -5.32
CA SER B 95 -14.93 -13.40 -6.23
C SER B 95 -15.46 -13.00 -7.60
N ILE B 96 -14.71 -13.37 -8.63
CA ILE B 96 -15.08 -13.03 -10.00
C ILE B 96 -15.47 -14.28 -10.79
N ARG B 97 -14.90 -15.42 -10.39
CA ARG B 97 -15.14 -16.73 -11.02
C ARG B 97 -14.71 -16.73 -12.49
N LEU B 98 -15.52 -16.14 -13.35
CA LEU B 98 -15.20 -16.05 -14.77
C LEU B 98 -14.70 -14.65 -15.10
N GLU B 99 -13.41 -14.53 -15.41
CA GLU B 99 -12.82 -13.25 -15.74
C GLU B 99 -12.68 -13.13 -17.26
N ARG A 1 -12.52 16.43 2.36
CA ARG A 1 -12.64 14.96 2.54
C ARG A 1 -11.26 14.36 2.76
N THR A 2 -11.21 13.24 3.46
CA THR A 2 -9.95 12.55 3.70
C THR A 2 -10.17 11.04 3.86
N HIS A 3 -10.96 10.65 4.86
CA HIS A 3 -11.04 9.24 5.21
C HIS A 3 -12.48 8.73 5.19
N GLY A 4 -12.65 7.52 4.66
CA GLY A 4 -13.95 6.89 4.65
C GLY A 4 -13.98 5.63 5.51
N THR A 5 -13.26 4.60 5.07
CA THR A 5 -13.17 3.36 5.83
C THR A 5 -11.90 3.33 6.67
N PHE A 6 -10.83 3.91 6.14
CA PHE A 6 -9.52 3.90 6.81
C PHE A 6 -9.37 5.16 7.68
N PRO A 7 -9.10 4.98 8.98
CA PRO A 7 -8.77 6.08 9.91
C PRO A 7 -7.46 6.77 9.55
N MET A 8 -7.55 7.96 9.00
CA MET A 8 -6.41 8.61 8.38
C MET A 8 -6.12 9.97 9.04
N HIS A 9 -5.95 9.96 10.37
CA HIS A 9 -5.82 11.17 11.20
C HIS A 9 -6.98 12.11 10.93
N GLN A 10 -6.73 13.10 10.09
CA GLN A 10 -7.76 13.98 9.57
C GLN A 10 -7.35 14.40 8.18
N LEU A 11 -6.39 13.65 7.61
CA LEU A 11 -5.78 14.04 6.35
C LEU A 11 -4.97 12.88 5.74
N GLY A 12 -3.93 12.42 6.43
CA GLY A 12 -3.04 11.45 5.84
C GLY A 12 -2.15 10.71 6.83
N ASN A 13 -2.77 10.00 7.77
CA ASN A 13 -2.02 9.15 8.71
C ASN A 13 -1.20 8.13 7.95
N VAL A 14 -1.85 7.57 6.94
CA VAL A 14 -1.20 6.56 6.13
C VAL A 14 0.07 7.18 5.59
N ILE A 15 -0.05 8.40 5.10
CA ILE A 15 1.07 9.03 4.48
C ILE A 15 2.27 9.15 5.37
N LYS A 16 2.20 9.71 6.60
CA LYS A 16 3.42 9.90 7.39
C LYS A 16 4.10 8.59 7.72
N GLY A 17 3.30 7.67 8.24
CA GLY A 17 3.83 6.41 8.66
C GLY A 17 4.63 5.76 7.56
N ILE A 18 4.06 5.80 6.38
CA ILE A 18 4.66 5.22 5.21
C ILE A 18 5.88 5.99 4.70
N VAL A 19 5.90 7.32 4.82
CA VAL A 19 7.01 8.05 4.23
C VAL A 19 8.30 7.63 4.92
N ASP A 20 8.21 7.46 6.22
CA ASP A 20 9.30 6.93 7.02
C ASP A 20 9.69 5.50 6.66
N GLN A 21 8.71 4.65 6.45
CA GLN A 21 8.96 3.22 6.33
C GLN A 21 9.16 2.77 4.89
N GLU A 22 8.26 3.19 4.02
CA GLU A 22 8.24 2.70 2.65
C GLU A 22 8.57 3.81 1.66
N GLY A 23 8.42 5.05 2.09
CA GLY A 23 8.75 6.17 1.26
C GLY A 23 7.52 6.87 0.69
N VAL A 24 7.74 8.09 0.23
CA VAL A 24 6.68 8.94 -0.28
C VAL A 24 5.82 8.31 -1.36
N ALA A 25 6.41 7.67 -2.33
CA ALA A 25 5.62 7.10 -3.43
C ALA A 25 4.68 6.00 -2.95
N THR A 26 5.06 5.24 -1.92
CA THR A 26 4.14 4.27 -1.34
C THR A 26 3.11 4.97 -0.46
N ALA A 27 3.56 5.93 0.33
CA ALA A 27 2.66 6.72 1.16
C ALA A 27 1.65 7.41 0.28
N TYR A 28 2.15 7.81 -0.88
CA TYR A 28 1.36 8.43 -1.90
C TYR A 28 0.37 7.43 -2.45
N THR A 29 0.88 6.26 -2.84
CA THR A 29 0.07 5.18 -3.38
C THR A 29 -1.06 4.78 -2.43
N LEU A 30 -0.73 4.61 -1.17
CA LEU A 30 -1.70 4.13 -0.21
C LEU A 30 -2.71 5.21 0.11
N GLY A 31 -2.25 6.45 0.14
CA GLY A 31 -3.17 7.55 0.28
C GLY A 31 -4.17 7.57 -0.86
N MET A 32 -3.70 7.18 -2.04
CA MET A 32 -4.55 7.09 -3.23
C MET A 32 -5.61 6.02 -3.07
N MET A 33 -5.24 4.82 -2.65
CA MET A 33 -6.25 3.77 -2.51
C MET A 33 -7.17 4.03 -1.32
N LEU A 34 -6.59 4.37 -0.19
CA LEU A 34 -7.34 4.56 1.05
C LEU A 34 -8.25 5.78 1.04
N SER A 35 -7.74 6.91 0.57
CA SER A 35 -8.52 8.14 0.61
C SER A 35 -9.39 8.24 -0.62
N GLY A 36 -9.00 7.52 -1.65
CA GLY A 36 -9.62 7.65 -2.93
C GLY A 36 -8.69 8.36 -3.88
N GLN A 37 -9.16 8.62 -5.06
CA GLN A 37 -8.31 9.16 -6.12
C GLN A 37 -8.09 10.65 -5.96
N ASN A 38 -8.24 11.12 -4.72
CA ASN A 38 -8.05 12.51 -4.36
C ASN A 38 -6.58 12.89 -4.41
N TYR A 39 -6.07 13.03 -5.63
CA TYR A 39 -4.71 13.50 -5.86
C TYR A 39 -4.45 14.80 -5.11
N GLN A 40 -5.46 15.65 -5.07
CA GLN A 40 -5.37 16.92 -4.34
C GLN A 40 -4.93 16.69 -2.90
N LEU A 41 -5.56 15.72 -2.25
CA LEU A 41 -5.26 15.44 -0.87
C LEU A 41 -3.87 14.85 -0.72
N VAL A 42 -3.53 13.83 -1.50
CA VAL A 42 -2.26 13.16 -1.34
C VAL A 42 -1.11 14.08 -1.68
N SER A 43 -1.29 14.89 -2.71
CA SER A 43 -0.26 15.79 -3.14
C SER A 43 -0.03 16.84 -2.08
N GLY A 44 -1.11 17.31 -1.47
CA GLY A 44 -1.00 18.25 -0.39
C GLY A 44 -0.37 17.65 0.84
N ILE A 45 -0.73 16.40 1.13
CA ILE A 45 -0.25 15.72 2.33
C ILE A 45 1.23 15.36 2.19
N ILE A 46 1.59 14.68 1.10
CA ILE A 46 2.94 14.15 0.93
C ILE A 46 3.90 15.29 0.61
N ARG A 47 3.38 16.38 0.09
CA ARG A 47 4.18 17.53 -0.31
C ARG A 47 5.04 18.02 0.84
N GLY A 48 4.52 17.87 2.04
CA GLY A 48 5.25 18.27 3.21
C GLY A 48 6.15 17.16 3.68
N TYR A 49 5.97 15.97 3.11
CA TYR A 49 6.70 14.79 3.55
C TYR A 49 7.63 14.33 2.46
N LEU A 50 7.59 15.07 1.36
CA LEU A 50 8.45 14.80 0.22
C LEU A 50 9.91 15.04 0.61
N PRO A 51 10.79 14.07 0.34
CA PRO A 51 12.24 14.10 0.62
C PRO A 51 12.84 15.50 0.75
N GLY A 52 12.84 16.22 -0.34
CA GLY A 52 13.31 17.58 -0.37
C GLY A 52 12.52 18.40 -1.34
N GLN A 53 12.99 19.59 -1.69
CA GLN A 53 12.26 20.43 -2.62
C GLN A 53 12.32 19.83 -4.03
N ALA A 54 13.38 19.08 -4.31
CA ALA A 54 13.58 18.51 -5.63
C ALA A 54 12.53 17.46 -5.97
N VAL A 55 12.18 16.61 -4.99
CA VAL A 55 11.23 15.53 -5.23
C VAL A 55 9.83 16.10 -5.50
N VAL A 56 9.43 17.07 -4.70
CA VAL A 56 8.17 17.76 -4.90
C VAL A 56 8.18 18.54 -6.20
N THR A 57 9.35 19.04 -6.57
CA THR A 57 9.50 19.83 -7.75
C THR A 57 9.25 18.94 -8.93
N ALA A 58 9.96 17.83 -8.97
CA ALA A 58 9.82 16.85 -10.01
C ALA A 58 8.41 16.32 -10.10
N LEU A 59 7.76 16.12 -8.97
CA LEU A 59 6.43 15.60 -8.98
C LEU A 59 5.50 16.65 -9.54
N GLN A 60 5.65 17.86 -9.03
CA GLN A 60 4.90 19.01 -9.51
C GLN A 60 5.17 19.25 -10.98
N GLN A 61 6.39 19.00 -11.39
CA GLN A 61 6.81 19.15 -12.77
C GLN A 61 5.95 18.29 -13.68
N ARG A 62 5.82 17.02 -13.34
CA ARG A 62 4.94 16.12 -14.06
C ARG A 62 3.48 16.56 -13.99
N LEU A 63 3.10 17.16 -12.88
CA LEU A 63 1.73 17.69 -12.73
C LEU A 63 1.52 18.86 -13.66
N ASP A 64 2.57 19.69 -13.77
CA ASP A 64 2.60 20.80 -14.71
C ASP A 64 2.38 20.32 -16.13
N GLN A 65 2.91 19.15 -16.40
CA GLN A 65 2.76 18.52 -17.70
C GLN A 65 1.34 17.98 -17.88
N GLU A 66 0.69 17.66 -16.75
CA GLU A 66 -0.74 17.28 -16.67
C GLU A 66 -1.29 16.53 -17.90
N ILE A 67 -1.48 15.22 -17.76
CA ILE A 67 -2.09 14.44 -18.83
C ILE A 67 -3.58 14.75 -18.92
N ASP A 68 -4.16 14.99 -17.75
CA ASP A 68 -5.58 15.25 -17.58
C ASP A 68 -5.79 15.82 -16.18
N ASP A 69 -7.00 15.72 -15.66
CA ASP A 69 -7.23 16.01 -14.25
C ASP A 69 -7.02 14.75 -13.43
N GLN A 70 -7.90 13.77 -13.62
CA GLN A 70 -7.80 12.50 -12.90
C GLN A 70 -6.57 11.69 -13.29
N THR A 71 -6.04 11.90 -14.51
CA THR A 71 -4.91 11.10 -14.96
C THR A 71 -3.66 11.49 -14.21
N ARG A 72 -3.63 12.72 -13.67
CA ARG A 72 -2.55 13.10 -12.78
C ARG A 72 -2.48 12.08 -11.67
N ALA A 73 -3.63 11.89 -11.02
CA ALA A 73 -3.79 10.87 -10.00
C ALA A 73 -3.45 9.47 -10.50
N GLU A 74 -4.00 9.11 -11.65
CA GLU A 74 -3.81 7.78 -12.24
C GLU A 74 -2.33 7.43 -12.34
N THR A 75 -1.52 8.43 -12.58
CA THR A 75 -0.09 8.23 -12.77
C THR A 75 0.73 8.99 -11.74
N PHE A 76 0.06 9.45 -10.68
CA PHE A 76 0.67 10.35 -9.71
C PHE A 76 1.95 9.77 -9.12
N ILE A 77 1.88 8.53 -8.67
CA ILE A 77 3.02 7.85 -8.09
C ILE A 77 4.01 7.44 -9.16
N GLN A 78 3.52 7.13 -10.35
CA GLN A 78 4.38 6.89 -11.48
C GLN A 78 5.23 8.12 -11.74
N HIS A 79 4.63 9.28 -11.52
CA HIS A 79 5.30 10.55 -11.66
C HIS A 79 6.28 10.75 -10.51
N LEU A 80 5.98 10.16 -9.35
CA LEU A 80 6.83 10.28 -8.16
C LEU A 80 8.06 9.41 -8.36
N ASN A 81 7.88 8.29 -9.02
CA ASN A 81 8.98 7.40 -9.34
C ASN A 81 9.81 8.03 -10.44
N ALA A 82 9.11 8.66 -11.36
CA ALA A 82 9.73 9.51 -12.37
C ALA A 82 10.55 10.60 -11.70
N VAL A 83 10.05 11.03 -10.55
CA VAL A 83 10.75 11.99 -9.73
C VAL A 83 12.07 11.39 -9.32
N TYR A 84 11.98 10.17 -8.78
CA TYR A 84 13.14 9.41 -8.36
C TYR A 84 14.16 9.31 -9.50
N GLU A 85 13.66 9.37 -10.74
CA GLU A 85 14.53 9.25 -11.90
C GLU A 85 15.14 10.61 -12.24
N ILE A 86 14.33 11.63 -12.08
CA ILE A 86 14.74 13.01 -12.26
C ILE A 86 15.89 13.39 -11.32
N LEU A 87 15.68 13.22 -10.03
CA LEU A 87 16.65 13.70 -9.03
C LEU A 87 17.58 12.62 -8.46
N GLY A 88 17.31 11.35 -8.75
CA GLY A 88 18.17 10.30 -8.25
C GLY A 88 17.70 9.69 -6.92
N LEU A 89 16.40 9.66 -6.67
CA LEU A 89 15.88 9.03 -5.45
C LEU A 89 15.62 7.55 -5.66
N ASN A 90 15.55 6.81 -4.56
CA ASN A 90 15.15 5.41 -4.61
C ASN A 90 13.73 5.26 -4.07
N ALA A 91 13.23 4.03 -4.01
CA ALA A 91 11.84 3.77 -3.62
C ALA A 91 11.48 4.34 -2.25
N ARG A 92 12.46 4.49 -1.38
CA ARG A 92 12.19 4.86 0.01
C ARG A 92 12.09 6.36 0.19
N GLY A 93 12.13 7.10 -0.91
CA GLY A 93 12.10 8.55 -0.82
C GLY A 93 13.44 9.11 -0.39
N GLN A 94 14.43 8.24 -0.36
CA GLN A 94 15.80 8.62 -0.04
C GLN A 94 16.60 8.74 -1.32
N SER A 95 17.68 9.49 -1.31
CA SER A 95 18.47 9.69 -2.52
C SER A 95 19.62 8.69 -2.58
N ILE A 96 19.94 8.25 -3.79
CA ILE A 96 21.03 7.32 -4.01
C ILE A 96 22.22 8.05 -4.60
N ARG A 97 22.15 9.37 -4.55
CA ARG A 97 23.21 10.24 -5.00
C ARG A 97 24.47 10.01 -4.17
N LEU A 98 25.54 9.63 -4.83
CA LEU A 98 26.80 9.41 -4.17
C LEU A 98 27.82 10.42 -4.70
N GLU A 99 27.37 11.67 -4.81
CA GLU A 99 28.18 12.72 -5.39
C GLU A 99 27.89 14.03 -4.68
N ARG B 1 4.04 -7.55 18.95
CA ARG B 1 4.38 -6.32 18.18
C ARG B 1 3.35 -6.09 17.09
N THR B 2 3.17 -4.84 16.72
CA THR B 2 2.25 -4.49 15.65
C THR B 2 2.69 -3.22 14.93
N HIS B 3 2.78 -2.10 15.65
CA HIS B 3 2.99 -0.83 14.99
C HIS B 3 4.22 -0.10 15.53
N GLY B 4 4.96 0.51 14.61
CA GLY B 4 6.10 1.31 14.99
C GLY B 4 5.92 2.77 14.66
N THR B 5 5.90 3.08 13.37
CA THR B 5 5.68 4.45 12.91
C THR B 5 4.21 4.68 12.55
N PHE B 6 3.57 3.65 12.00
CA PHE B 6 2.19 3.75 11.56
C PHE B 6 1.23 3.32 12.68
N PRO B 7 0.30 4.20 13.07
CA PRO B 7 -0.79 3.88 14.02
C PRO B 7 -1.74 2.81 13.48
N MET B 8 -1.63 1.61 14.00
CA MET B 8 -2.29 0.46 13.42
C MET B 8 -3.24 -0.22 14.44
N HIS B 9 -4.16 0.59 14.99
CA HIS B 9 -5.05 0.17 16.09
C HIS B 9 -4.24 -0.40 17.24
N GLN B 10 -4.18 -1.72 17.28
CA GLN B 10 -3.30 -2.44 18.18
C GLN B 10 -2.88 -3.73 17.50
N LEU B 11 -3.07 -3.76 16.18
CA LEU B 11 -2.90 -4.98 15.42
C LEU B 11 -2.86 -4.71 13.91
N GLY B 12 -3.96 -4.19 13.35
CA GLY B 12 -4.03 -4.07 11.90
C GLY B 12 -5.12 -3.12 11.41
N ASN B 13 -5.05 -1.86 11.82
CA ASN B 13 -5.97 -0.83 11.31
C ASN B 13 -5.88 -0.77 9.80
N VAL B 14 -4.65 -0.80 9.32
CA VAL B 14 -4.41 -0.73 7.89
C VAL B 14 -5.21 -1.84 7.26
N ILE B 15 -5.12 -3.02 7.85
CA ILE B 15 -5.75 -4.16 7.26
C ILE B 15 -7.24 -3.99 7.07
N LYS B 16 -8.05 -3.62 8.07
CA LYS B 16 -9.50 -3.58 7.85
C LYS B 16 -9.89 -2.57 6.80
N GLY B 17 -9.37 -1.36 6.97
CA GLY B 17 -9.72 -0.29 6.07
C GLY B 17 -9.50 -0.70 4.64
N ILE B 18 -8.37 -1.32 4.41
CA ILE B 18 -7.98 -1.78 3.10
C ILE B 18 -8.79 -2.97 2.60
N VAL B 19 -9.22 -3.88 3.47
CA VAL B 19 -9.88 -5.07 2.97
C VAL B 19 -11.17 -4.66 2.29
N ASP B 20 -11.86 -3.69 2.88
CA ASP B 20 -13.04 -3.08 2.30
C ASP B 20 -12.75 -2.34 0.99
N GLN B 21 -11.67 -1.59 0.96
CA GLN B 21 -11.44 -0.67 -0.16
C GLN B 21 -10.61 -1.29 -1.29
N GLU B 22 -9.52 -1.92 -0.92
CA GLU B 22 -8.56 -2.41 -1.90
C GLU B 22 -8.48 -3.93 -1.90
N GLY B 23 -8.94 -4.53 -0.82
CA GLY B 23 -8.96 -5.97 -0.73
C GLY B 23 -7.87 -6.53 0.14
N VAL B 24 -8.06 -7.78 0.55
CA VAL B 24 -7.16 -8.47 1.46
C VAL B 24 -5.69 -8.45 1.04
N ALA B 25 -5.41 -8.74 -0.22
CA ALA B 25 -4.00 -8.80 -0.63
C ALA B 25 -3.30 -7.44 -0.53
N THR B 26 -4.03 -6.35 -0.71
CA THR B 26 -3.44 -5.02 -0.47
C THR B 26 -3.35 -4.74 1.01
N ALA B 27 -4.40 -5.07 1.75
CA ALA B 27 -4.41 -4.91 3.20
C ALA B 27 -3.28 -5.72 3.79
N TYR B 28 -3.08 -6.86 3.16
CA TYR B 28 -2.00 -7.76 3.50
C TYR B 28 -0.67 -7.11 3.19
N THR B 29 -0.54 -6.63 1.96
CA THR B 29 0.65 -5.95 1.50
C THR B 29 1.05 -4.79 2.41
N LEU B 30 0.09 -3.95 2.74
CA LEU B 30 0.38 -2.76 3.49
C LEU B 30 0.69 -3.10 4.93
N GLY B 31 0.01 -4.12 5.45
CA GLY B 31 0.36 -4.62 6.77
C GLY B 31 1.80 -5.09 6.80
N MET B 32 2.24 -5.66 5.68
CA MET B 32 3.61 -6.12 5.53
C MET B 32 4.60 -4.96 5.58
N MET B 33 4.36 -3.90 4.81
CA MET B 33 5.30 -2.79 4.83
C MET B 33 5.24 -2.00 6.14
N LEU B 34 4.03 -1.69 6.57
CA LEU B 34 3.80 -0.88 7.77
C LEU B 34 4.20 -1.57 9.07
N SER B 35 3.83 -2.82 9.23
CA SER B 35 4.09 -3.52 10.49
C SER B 35 5.46 -4.14 10.46
N GLY B 36 5.96 -4.34 9.25
CA GLY B 36 7.16 -5.09 9.07
C GLY B 36 6.85 -6.43 8.47
N GLN B 37 7.84 -7.25 8.32
CA GLN B 37 7.71 -8.51 7.61
C GLN B 37 7.07 -9.57 8.50
N ASN B 38 6.34 -9.10 9.50
CA ASN B 38 5.64 -9.97 10.45
C ASN B 38 4.45 -10.64 9.78
N TYR B 39 4.75 -11.64 8.95
CA TYR B 39 3.73 -12.47 8.31
C TYR B 39 2.77 -13.03 9.35
N GLN B 40 3.30 -13.39 10.50
CA GLN B 40 2.49 -13.89 11.60
C GLN B 40 1.36 -12.94 11.92
N LEU B 41 1.68 -11.66 12.02
CA LEU B 41 0.70 -10.66 12.35
C LEU B 41 -0.32 -10.46 11.24
N VAL B 42 0.15 -10.29 10.00
CA VAL B 42 -0.76 -10.01 8.90
C VAL B 42 -1.66 -11.19 8.62
N SER B 43 -1.09 -12.39 8.71
CA SER B 43 -1.84 -13.58 8.44
C SER B 43 -2.92 -13.76 9.50
N GLY B 44 -2.57 -13.45 10.74
CA GLY B 44 -3.54 -13.51 11.81
C GLY B 44 -4.60 -12.44 11.69
N ILE B 45 -4.19 -11.25 11.26
CA ILE B 45 -5.10 -10.12 11.15
C ILE B 45 -6.06 -10.31 9.97
N ILE B 46 -5.53 -10.58 8.78
CA ILE B 46 -6.32 -10.64 7.56
C ILE B 46 -7.14 -11.92 7.53
N ARG B 47 -6.69 -12.91 8.28
CA ARG B 47 -7.35 -14.22 8.30
C ARG B 47 -8.82 -14.07 8.67
N GLY B 48 -9.10 -13.09 9.49
CA GLY B 48 -10.45 -12.84 9.90
C GLY B 48 -11.16 -11.94 8.90
N TYR B 49 -10.38 -11.37 7.98
CA TYR B 49 -10.90 -10.41 7.03
C TYR B 49 -10.84 -10.99 5.64
N LEU B 50 -10.35 -12.22 5.56
CA LEU B 50 -10.25 -12.94 4.32
C LEU B 50 -11.66 -13.24 3.79
N PRO B 51 -11.92 -12.91 2.50
CA PRO B 51 -13.20 -13.11 1.81
C PRO B 51 -14.08 -14.22 2.39
N GLY B 52 -13.60 -15.44 2.30
CA GLY B 52 -14.29 -16.57 2.86
C GLY B 52 -13.29 -17.60 3.35
N GLN B 53 -13.74 -18.80 3.64
CA GLN B 53 -12.84 -19.84 4.13
C GLN B 53 -11.89 -20.29 3.01
N ALA B 54 -12.35 -20.17 1.77
CA ALA B 54 -11.57 -20.62 0.63
C ALA B 54 -10.31 -19.77 0.43
N VAL B 55 -10.42 -18.45 0.60
CA VAL B 55 -9.28 -17.58 0.37
C VAL B 55 -8.19 -17.80 1.42
N VAL B 56 -8.61 -17.93 2.67
CA VAL B 56 -7.69 -18.25 3.75
C VAL B 56 -7.12 -19.64 3.58
N THR B 57 -7.93 -20.52 3.01
CA THR B 57 -7.52 -21.88 2.81
C THR B 57 -6.40 -21.91 1.82
N ALA B 58 -6.64 -21.29 0.68
CA ALA B 58 -5.67 -21.17 -0.37
C ALA B 58 -4.41 -20.48 0.10
N LEU B 59 -4.55 -19.47 0.93
CA LEU B 59 -3.40 -18.75 1.40
C LEU B 59 -2.61 -19.65 2.32
N GLN B 60 -3.33 -20.26 3.24
CA GLN B 60 -2.75 -21.23 4.18
C GLN B 60 -2.14 -22.40 3.43
N GLN B 61 -2.77 -22.77 2.33
CA GLN B 61 -2.30 -23.84 1.49
C GLN B 61 -0.88 -23.56 1.00
N ARG B 62 -0.67 -22.38 0.46
CA ARG B 62 0.65 -21.94 0.06
C ARG B 62 1.62 -21.85 1.23
N LEU B 63 1.09 -21.51 2.41
CA LEU B 63 1.91 -21.47 3.62
C LEU B 63 2.34 -22.87 4.02
N ASP B 64 1.41 -23.80 3.85
CA ASP B 64 1.67 -25.22 4.05
C ASP B 64 2.81 -25.69 3.17
N GLN B 65 2.85 -25.13 1.99
CA GLN B 65 3.91 -25.43 1.02
C GLN B 65 5.22 -24.80 1.46
N GLU B 66 5.13 -23.69 2.20
CA GLU B 66 6.26 -23.00 2.87
C GLU B 66 7.60 -23.07 2.11
N ILE B 67 7.98 -21.97 1.47
CA ILE B 67 9.28 -21.90 0.82
C ILE B 67 10.39 -21.80 1.86
N ASP B 68 10.07 -21.11 2.94
CA ASP B 68 10.99 -20.85 4.04
C ASP B 68 10.17 -20.34 5.20
N ASP B 69 10.81 -19.64 6.14
CA ASP B 69 10.07 -18.93 7.17
C ASP B 69 9.72 -17.54 6.66
N GLN B 70 10.74 -16.71 6.49
CA GLN B 70 10.56 -15.35 5.99
C GLN B 70 10.05 -15.31 4.56
N THR B 71 10.33 -16.35 3.77
CA THR B 71 9.94 -16.32 2.37
C THR B 71 8.43 -16.45 2.24
N ARG B 72 7.78 -17.03 3.25
CA ARG B 72 6.34 -17.03 3.29
C ARG B 72 5.87 -15.60 3.17
N ALA B 73 6.40 -14.76 4.06
CA ALA B 73 6.17 -13.32 4.04
C ALA B 73 6.55 -12.68 2.70
N GLU B 74 7.76 -13.00 2.23
CA GLU B 74 8.29 -12.43 0.99
C GLU B 74 7.31 -12.60 -0.16
N THR B 75 6.58 -13.70 -0.15
CA THR B 75 5.66 -14.03 -1.22
C THR B 75 4.24 -14.15 -0.71
N PHE B 76 3.99 -13.67 0.50
CA PHE B 76 2.72 -13.88 1.20
C PHE B 76 1.53 -13.40 0.36
N ILE B 77 1.64 -12.19 -0.15
CA ILE B 77 0.59 -11.60 -0.96
C ILE B 77 0.56 -12.22 -2.36
N GLN B 78 1.73 -12.60 -2.85
CA GLN B 78 1.81 -13.36 -4.08
C GLN B 78 1.02 -14.64 -3.95
N HIS B 79 1.06 -15.20 -2.75
CA HIS B 79 0.31 -16.40 -2.43
C HIS B 79 -1.17 -16.08 -2.31
N LEU B 80 -1.48 -14.84 -1.91
CA LEU B 80 -2.87 -14.40 -1.76
C LEU B 80 -3.49 -14.19 -3.13
N ASN B 81 -2.67 -13.73 -4.05
CA ASN B 81 -3.10 -13.55 -5.42
C ASN B 81 -3.22 -14.90 -6.09
N ALA B 82 -2.30 -15.77 -5.73
CA ALA B 82 -2.38 -17.19 -6.09
C ALA B 82 -3.67 -17.78 -5.55
N VAL B 83 -4.09 -17.25 -4.42
CA VAL B 83 -5.35 -17.64 -3.82
C VAL B 83 -6.45 -17.26 -4.78
N TYR B 84 -6.40 -16.00 -5.21
CA TYR B 84 -7.35 -15.46 -6.17
C TYR B 84 -7.41 -16.36 -7.42
N GLU B 85 -6.32 -17.05 -7.70
CA GLU B 85 -6.24 -17.90 -8.87
C GLU B 85 -6.84 -19.26 -8.56
N ILE B 86 -6.57 -19.72 -7.36
CA ILE B 86 -7.12 -20.96 -6.84
C ILE B 86 -8.65 -20.95 -6.80
N LEU B 87 -9.24 -19.96 -6.14
CA LEU B 87 -10.69 -19.94 -5.92
C LEU B 87 -11.46 -19.02 -6.87
N GLY B 88 -10.76 -18.19 -7.64
CA GLY B 88 -11.47 -17.31 -8.56
C GLY B 88 -11.77 -15.91 -7.99
N LEU B 89 -10.91 -15.41 -7.11
CA LEU B 89 -11.09 -14.06 -6.58
C LEU B 89 -10.40 -13.02 -7.45
N ASN B 90 -10.82 -11.78 -7.32
CA ASN B 90 -10.14 -10.66 -7.98
C ASN B 90 -9.35 -9.86 -6.96
N ALA B 91 -8.71 -8.79 -7.40
CA ALA B 91 -7.81 -8.01 -6.54
C ALA B 91 -8.49 -7.49 -5.28
N ARG B 92 -9.80 -7.30 -5.33
CA ARG B 92 -10.51 -6.64 -4.24
C ARG B 92 -10.93 -7.62 -3.15
N GLY B 93 -10.48 -8.85 -3.26
CA GLY B 93 -10.86 -9.87 -2.30
C GLY B 93 -12.28 -10.35 -2.54
N GLN B 94 -12.84 -9.94 -3.65
CA GLN B 94 -14.17 -10.36 -4.06
C GLN B 94 -14.04 -11.45 -5.12
N SER B 95 -15.06 -12.27 -5.29
CA SER B 95 -14.98 -13.36 -6.25
C SER B 95 -15.57 -12.94 -7.59
N ILE B 96 -14.98 -13.45 -8.65
CA ILE B 96 -15.46 -13.18 -10.01
C ILE B 96 -16.19 -14.39 -10.55
N ARG B 97 -16.48 -15.32 -9.66
CA ARG B 97 -17.24 -16.51 -9.99
C ARG B 97 -18.65 -16.14 -10.45
N LEU B 98 -18.96 -16.52 -11.67
CA LEU B 98 -20.28 -16.27 -12.23
C LEU B 98 -20.98 -17.60 -12.47
N GLU B 99 -20.87 -18.48 -11.49
CA GLU B 99 -21.41 -19.82 -11.60
C GLU B 99 -21.95 -20.30 -10.25
N ARG A 1 -9.90 11.90 0.99
CA ARG A 1 -9.96 13.33 1.39
C ARG A 1 -9.54 13.50 2.85
N THR A 2 -9.91 12.56 3.70
CA THR A 2 -9.58 12.65 5.12
C THR A 2 -10.01 11.39 5.87
N HIS A 3 -11.27 11.01 5.73
CA HIS A 3 -11.77 9.79 6.33
C HIS A 3 -12.53 8.96 5.30
N GLY A 4 -12.37 7.66 5.38
CA GLY A 4 -13.03 6.77 4.44
C GLY A 4 -12.68 5.32 4.70
N THR A 5 -13.39 4.73 5.66
CA THR A 5 -13.16 3.34 6.10
C THR A 5 -11.86 3.24 6.91
N PHE A 6 -10.77 3.66 6.29
CA PHE A 6 -9.46 3.69 6.92
C PHE A 6 -9.32 4.99 7.73
N PRO A 7 -8.98 4.90 9.04
CA PRO A 7 -8.88 6.04 9.96
C PRO A 7 -8.19 7.26 9.34
N MET A 8 -6.88 7.16 9.11
CA MET A 8 -6.12 8.18 8.39
C MET A 8 -6.04 9.52 9.18
N HIS A 9 -5.97 9.41 10.52
CA HIS A 9 -5.95 10.58 11.41
C HIS A 9 -7.14 11.49 11.13
N GLN A 10 -6.89 12.49 10.31
CA GLN A 10 -7.92 13.38 9.84
C GLN A 10 -7.55 13.87 8.46
N LEU A 11 -6.65 13.15 7.80
CA LEU A 11 -6.06 13.64 6.58
C LEU A 11 -5.16 12.59 5.89
N GLY A 12 -4.17 12.06 6.61
CA GLY A 12 -3.16 11.25 5.96
C GLY A 12 -2.26 10.46 6.91
N ASN A 13 -2.84 9.78 7.89
CA ASN A 13 -2.06 8.91 8.81
C ASN A 13 -1.26 7.92 8.00
N VAL A 14 -1.90 7.46 6.94
CA VAL A 14 -1.29 6.53 6.05
C VAL A 14 -0.01 7.16 5.54
N ILE A 15 -0.10 8.38 5.05
CA ILE A 15 1.04 9.00 4.45
C ILE A 15 2.24 9.09 5.36
N LYS A 16 2.16 9.64 6.59
CA LYS A 16 3.37 9.85 7.38
C LYS A 16 4.03 8.53 7.74
N GLY A 17 3.22 7.62 8.24
CA GLY A 17 3.73 6.34 8.64
C GLY A 17 4.52 5.69 7.53
N ILE A 18 3.94 5.74 6.35
CA ILE A 18 4.52 5.13 5.17
C ILE A 18 5.75 5.88 4.66
N VAL A 19 5.81 7.20 4.78
CA VAL A 19 6.92 7.92 4.17
C VAL A 19 8.20 7.48 4.84
N ASP A 20 8.14 7.30 6.15
CA ASP A 20 9.27 6.81 6.90
C ASP A 20 9.55 5.32 6.63
N GLN A 21 8.50 4.53 6.46
CA GLN A 21 8.64 3.08 6.39
C GLN A 21 8.93 2.60 4.97
N GLU A 22 8.15 3.09 4.01
CA GLU A 22 8.17 2.58 2.65
C GLU A 22 8.56 3.67 1.67
N GLY A 23 8.38 4.92 2.07
CA GLY A 23 8.75 6.03 1.23
C GLY A 23 7.54 6.76 0.66
N VAL A 24 7.78 7.98 0.20
CA VAL A 24 6.73 8.87 -0.29
C VAL A 24 5.86 8.27 -1.38
N ALA A 25 6.43 7.56 -2.32
CA ALA A 25 5.63 7.05 -3.42
C ALA A 25 4.67 5.94 -2.95
N THR A 26 5.03 5.20 -1.92
CA THR A 26 4.09 4.24 -1.34
C THR A 26 3.08 4.96 -0.46
N ALA A 27 3.55 5.91 0.33
CA ALA A 27 2.67 6.73 1.16
C ALA A 27 1.68 7.44 0.28
N TYR A 28 2.17 7.84 -0.87
CA TYR A 28 1.40 8.47 -1.89
C TYR A 28 0.38 7.48 -2.44
N THR A 29 0.86 6.32 -2.83
CA THR A 29 0.03 5.25 -3.36
C THR A 29 -1.09 4.85 -2.41
N LEU A 30 -0.75 4.66 -1.16
CA LEU A 30 -1.71 4.18 -0.19
C LEU A 30 -2.69 5.28 0.15
N GLY A 31 -2.21 6.52 0.17
CA GLY A 31 -3.10 7.65 0.31
C GLY A 31 -4.12 7.67 -0.81
N MET A 32 -3.69 7.24 -2.00
CA MET A 32 -4.58 7.19 -3.16
C MET A 32 -5.65 6.11 -2.99
N MET A 33 -5.27 4.89 -2.62
CA MET A 33 -6.26 3.83 -2.49
C MET A 33 -7.17 4.04 -1.28
N LEU A 34 -6.59 4.42 -0.16
CA LEU A 34 -7.35 4.62 1.08
C LEU A 34 -8.19 5.89 1.08
N SER A 35 -7.59 6.99 0.64
CA SER A 35 -8.24 8.30 0.78
C SER A 35 -8.88 8.73 -0.52
N GLY A 36 -9.08 7.77 -1.41
CA GLY A 36 -9.68 8.06 -2.68
C GLY A 36 -8.69 8.67 -3.64
N GLN A 37 -9.15 8.94 -4.84
CA GLN A 37 -8.29 9.39 -5.91
C GLN A 37 -8.01 10.88 -5.82
N ASN A 38 -8.18 11.44 -4.63
CA ASN A 38 -7.95 12.86 -4.41
C ASN A 38 -6.46 13.18 -4.41
N TYR A 39 -5.92 13.30 -5.61
CA TYR A 39 -4.53 13.68 -5.84
C TYR A 39 -4.15 14.95 -5.08
N GLN A 40 -5.08 15.90 -5.03
CA GLN A 40 -4.86 17.14 -4.28
C GLN A 40 -4.51 16.83 -2.83
N LEU A 41 -5.23 15.89 -2.23
CA LEU A 41 -5.01 15.55 -0.84
C LEU A 41 -3.66 14.88 -0.65
N VAL A 42 -3.36 13.88 -1.47
CA VAL A 42 -2.10 13.15 -1.32
C VAL A 42 -0.92 14.04 -1.60
N SER A 43 -1.02 14.84 -2.64
CA SER A 43 0.07 15.72 -3.00
C SER A 43 0.21 16.80 -1.94
N GLY A 44 -0.91 17.24 -1.39
CA GLY A 44 -0.88 18.19 -0.32
C GLY A 44 -0.28 17.61 0.96
N ILE A 45 -0.63 16.37 1.25
CA ILE A 45 -0.13 15.71 2.45
C ILE A 45 1.35 15.34 2.31
N ILE A 46 1.71 14.69 1.20
CA ILE A 46 3.05 14.14 0.99
C ILE A 46 4.04 15.25 0.71
N ARG A 47 3.54 16.38 0.24
CA ARG A 47 4.36 17.54 -0.11
C ARG A 47 5.23 17.96 1.06
N GLY A 48 4.75 17.70 2.26
CA GLY A 48 5.52 18.02 3.45
C GLY A 48 6.39 16.87 3.87
N TYR A 49 6.22 15.72 3.22
CA TYR A 49 6.98 14.54 3.55
C TYR A 49 7.87 14.17 2.38
N LEU A 50 7.73 14.94 1.32
CA LEU A 50 8.52 14.77 0.13
C LEU A 50 9.97 15.08 0.46
N PRO A 51 10.88 14.22 -0.04
CA PRO A 51 12.32 14.26 0.30
C PRO A 51 12.89 15.65 0.48
N GLY A 52 12.91 16.42 -0.60
CA GLY A 52 13.34 17.79 -0.56
C GLY A 52 12.48 18.63 -1.47
N GLN A 53 12.91 19.84 -1.78
CA GLN A 53 12.15 20.68 -2.71
C GLN A 53 12.23 20.11 -4.12
N ALA A 54 13.32 19.40 -4.41
CA ALA A 54 13.55 18.85 -5.75
C ALA A 54 12.52 17.77 -6.11
N VAL A 55 12.17 16.91 -5.16
CA VAL A 55 11.22 15.83 -5.41
C VAL A 55 9.82 16.38 -5.67
N VAL A 56 9.40 17.34 -4.85
CA VAL A 56 8.12 18.02 -5.03
C VAL A 56 8.14 18.83 -6.32
N THR A 57 9.32 19.27 -6.69
CA THR A 57 9.49 20.04 -7.88
C THR A 57 9.25 19.15 -9.06
N ALA A 58 9.96 18.05 -9.08
CA ALA A 58 9.84 17.06 -10.11
C ALA A 58 8.43 16.52 -10.18
N LEU A 59 7.79 16.35 -9.04
CA LEU A 59 6.44 15.82 -9.01
C LEU A 59 5.50 16.87 -9.58
N GLN A 60 5.68 18.08 -9.10
CA GLN A 60 4.93 19.22 -9.61
C GLN A 60 5.15 19.40 -11.10
N GLN A 61 6.38 19.19 -11.52
CA GLN A 61 6.76 19.20 -12.92
C GLN A 61 5.88 18.24 -13.73
N ARG A 62 5.76 17.02 -13.23
CA ARG A 62 4.83 16.04 -13.78
C ARG A 62 3.40 16.58 -13.81
N LEU A 63 3.01 17.29 -12.76
CA LEU A 63 1.66 17.84 -12.66
C LEU A 63 1.48 18.99 -13.65
N ASP A 64 2.55 19.75 -13.84
CA ASP A 64 2.59 20.80 -14.84
C ASP A 64 2.32 20.25 -16.22
N GLN A 65 2.82 19.05 -16.44
CA GLN A 65 2.61 18.37 -17.71
C GLN A 65 1.17 17.86 -17.81
N GLU A 66 0.57 17.59 -16.64
CA GLU A 66 -0.86 17.24 -16.49
C GLU A 66 -1.48 16.53 -17.70
N ILE A 67 -1.53 15.20 -17.65
CA ILE A 67 -2.14 14.45 -18.75
C ILE A 67 -3.64 14.69 -18.80
N ASP A 68 -4.22 14.86 -17.63
CA ASP A 68 -5.66 15.10 -17.46
C ASP A 68 -5.88 15.56 -16.04
N ASP A 69 -7.12 15.66 -15.61
CA ASP A 69 -7.38 15.97 -14.21
C ASP A 69 -7.15 14.72 -13.36
N GLN A 70 -7.92 13.67 -13.61
CA GLN A 70 -7.77 12.41 -12.89
C GLN A 70 -6.50 11.67 -13.28
N THR A 71 -5.98 11.89 -14.48
CA THR A 71 -4.83 11.13 -14.94
C THR A 71 -3.57 11.57 -14.19
N ARG A 72 -3.58 12.78 -13.64
CA ARG A 72 -2.51 13.19 -12.74
C ARG A 72 -2.42 12.15 -11.64
N ALA A 73 -3.56 11.92 -11.01
CA ALA A 73 -3.72 10.89 -9.99
C ALA A 73 -3.36 9.50 -10.50
N GLU A 74 -3.90 9.15 -11.66
CA GLU A 74 -3.69 7.83 -12.26
C GLU A 74 -2.21 7.47 -12.34
N THR A 75 -1.40 8.48 -12.60
CA THR A 75 0.02 8.27 -12.77
C THR A 75 0.82 9.05 -11.73
N PHE A 76 0.16 9.48 -10.68
CA PHE A 76 0.75 10.39 -9.69
C PHE A 76 2.03 9.80 -9.09
N ILE A 77 1.96 8.56 -8.65
CA ILE A 77 3.11 7.89 -8.06
C ILE A 77 4.10 7.47 -9.13
N GLN A 78 3.60 7.12 -10.30
CA GLN A 78 4.45 6.87 -11.45
C GLN A 78 5.29 8.11 -11.73
N HIS A 79 4.67 9.25 -11.51
CA HIS A 79 5.30 10.54 -11.67
C HIS A 79 6.28 10.80 -10.52
N LEU A 80 6.00 10.22 -9.36
CA LEU A 80 6.86 10.38 -8.18
C LEU A 80 8.13 9.53 -8.38
N ASN A 81 7.95 8.41 -9.03
CA ASN A 81 9.07 7.54 -9.36
C ASN A 81 9.87 8.17 -10.48
N ALA A 82 9.13 8.79 -11.39
CA ALA A 82 9.71 9.64 -12.41
C ALA A 82 10.54 10.75 -11.76
N VAL A 83 10.04 11.20 -10.62
CA VAL A 83 10.76 12.18 -9.84
C VAL A 83 12.09 11.59 -9.46
N TYR A 84 12.04 10.37 -8.91
CA TYR A 84 13.23 9.64 -8.52
C TYR A 84 14.21 9.53 -9.69
N GLU A 85 13.67 9.55 -10.90
CA GLU A 85 14.50 9.39 -12.09
C GLU A 85 15.10 10.75 -12.47
N ILE A 86 14.28 11.77 -12.32
CA ILE A 86 14.67 13.14 -12.55
C ILE A 86 15.85 13.56 -11.65
N LEU A 87 15.70 13.40 -10.34
CA LEU A 87 16.70 13.91 -9.40
C LEU A 87 17.63 12.84 -8.82
N GLY A 88 17.36 11.57 -9.03
CA GLY A 88 18.24 10.56 -8.47
C GLY A 88 17.81 10.02 -7.11
N LEU A 89 16.51 9.96 -6.86
CA LEU A 89 16.00 9.39 -5.60
C LEU A 89 15.77 7.88 -5.73
N ASN A 90 15.58 7.23 -4.58
CA ASN A 90 15.14 5.84 -4.55
C ASN A 90 13.68 5.78 -4.11
N ALA A 91 13.13 4.58 -3.98
CA ALA A 91 11.71 4.40 -3.66
C ALA A 91 11.40 4.78 -2.21
N ARG A 92 12.43 5.02 -1.41
CA ARG A 92 12.23 5.33 0.00
C ARG A 92 12.07 6.82 0.20
N GLY A 93 12.13 7.57 -0.89
CA GLY A 93 12.13 9.01 -0.79
C GLY A 93 13.48 9.51 -0.32
N GLN A 94 14.47 8.64 -0.41
CA GLN A 94 15.83 8.97 -0.05
C GLN A 94 16.65 9.26 -1.30
N SER A 95 17.69 10.03 -1.13
CA SER A 95 18.56 10.37 -2.25
C SER A 95 19.73 9.41 -2.33
N ILE A 96 19.85 8.74 -3.45
CA ILE A 96 20.89 7.74 -3.64
C ILE A 96 22.17 8.38 -4.16
N ARG A 97 22.03 9.16 -5.23
CA ARG A 97 23.16 9.88 -5.83
C ARG A 97 24.36 8.96 -6.00
N LEU A 98 24.21 7.94 -6.85
CA LEU A 98 25.22 6.89 -7.00
C LEU A 98 25.44 6.17 -5.67
N GLU A 99 24.46 5.37 -5.29
CA GLU A 99 24.51 4.65 -4.02
C GLU A 99 25.43 3.44 -4.11
N ARG B 1 3.99 -5.72 13.84
CA ARG B 1 3.44 -6.51 14.98
C ARG B 1 2.21 -5.83 15.55
N THR B 2 2.21 -4.51 15.63
CA THR B 2 1.09 -3.77 16.19
C THR B 2 1.27 -2.27 16.04
N HIS B 3 2.42 -1.76 16.49
CA HIS B 3 2.74 -0.35 16.33
C HIS B 3 4.13 -0.18 15.74
N GLY B 4 4.29 0.79 14.87
CA GLY B 4 5.57 1.02 14.23
C GLY B 4 5.51 2.17 13.26
N THR B 5 5.63 3.38 13.79
CA THR B 5 5.53 4.62 13.01
C THR B 5 4.08 4.87 12.58
N PHE B 6 3.52 3.91 11.87
CA PHE B 6 2.14 3.95 11.43
C PHE B 6 1.22 3.46 12.57
N PRO B 7 0.21 4.27 12.96
CA PRO B 7 -0.70 3.96 14.08
C PRO B 7 -1.17 2.50 14.11
N MET B 8 -2.00 2.11 13.14
CA MET B 8 -2.40 0.71 12.98
C MET B 8 -3.27 0.20 14.16
N HIS B 9 -4.09 1.09 14.73
CA HIS B 9 -4.94 0.79 15.89
C HIS B 9 -4.09 0.23 17.03
N GLN B 10 -4.03 -1.08 17.09
CA GLN B 10 -3.19 -1.78 18.03
C GLN B 10 -2.77 -3.10 17.43
N LEU B 11 -2.88 -3.19 16.11
CA LEU B 11 -2.71 -4.47 15.43
C LEU B 11 -2.73 -4.35 13.90
N GLY B 12 -3.78 -3.75 13.34
CA GLY B 12 -3.96 -3.82 11.90
C GLY B 12 -5.01 -2.86 11.35
N ASN B 13 -4.99 -1.59 11.77
CA ASN B 13 -5.92 -0.58 11.22
C ASN B 13 -5.80 -0.55 9.71
N VAL B 14 -4.57 -0.71 9.27
CA VAL B 14 -4.27 -0.73 7.87
C VAL B 14 -5.09 -1.84 7.25
N ILE B 15 -5.04 -3.02 7.83
CA ILE B 15 -5.71 -4.15 7.24
C ILE B 15 -7.19 -3.93 7.03
N LYS B 16 -7.99 -3.56 8.03
CA LYS B 16 -9.43 -3.53 7.84
C LYS B 16 -9.83 -2.50 6.80
N GLY B 17 -9.29 -1.30 6.97
CA GLY B 17 -9.61 -0.23 6.07
C GLY B 17 -9.37 -0.64 4.63
N ILE B 18 -8.23 -1.27 4.41
CA ILE B 18 -7.82 -1.70 3.10
C ILE B 18 -8.64 -2.87 2.57
N VAL B 19 -9.08 -3.80 3.42
CA VAL B 19 -9.74 -4.99 2.90
C VAL B 19 -11.00 -4.56 2.20
N ASP B 20 -11.70 -3.60 2.78
CA ASP B 20 -12.89 -3.04 2.16
C ASP B 20 -12.57 -2.19 0.93
N GLN B 21 -11.48 -1.43 0.99
CA GLN B 21 -11.18 -0.44 -0.05
C GLN B 21 -10.42 -1.05 -1.22
N GLU B 22 -9.39 -1.82 -0.92
CA GLU B 22 -8.46 -2.30 -1.95
C GLU B 22 -8.44 -3.82 -1.99
N GLY B 23 -8.86 -4.45 -0.90
CA GLY B 23 -8.91 -5.89 -0.84
C GLY B 23 -7.83 -6.47 0.04
N VAL B 24 -8.04 -7.73 0.44
CA VAL B 24 -7.17 -8.43 1.36
C VAL B 24 -5.71 -8.45 0.98
N ALA B 25 -5.39 -8.66 -0.29
CA ALA B 25 -3.99 -8.75 -0.68
C ALA B 25 -3.27 -7.41 -0.56
N THR B 26 -3.98 -6.30 -0.72
CA THR B 26 -3.38 -5.00 -0.47
C THR B 26 -3.31 -4.73 1.02
N ALA B 27 -4.39 -5.06 1.74
CA ALA B 27 -4.41 -4.92 3.18
C ALA B 27 -3.30 -5.75 3.79
N TYR B 28 -3.09 -6.89 3.16
CA TYR B 28 -2.04 -7.80 3.50
C TYR B 28 -0.70 -7.16 3.22
N THR B 29 -0.54 -6.66 1.99
CA THR B 29 0.67 -5.99 1.56
C THR B 29 1.06 -4.83 2.47
N LEU B 30 0.10 -3.99 2.77
CA LEU B 30 0.37 -2.79 3.53
C LEU B 30 0.64 -3.14 4.97
N GLY B 31 -0.05 -4.17 5.47
CA GLY B 31 0.27 -4.69 6.78
C GLY B 31 1.71 -5.16 6.84
N MET B 32 2.20 -5.69 5.72
CA MET B 32 3.59 -6.15 5.63
C MET B 32 4.57 -4.97 5.69
N MET B 33 4.35 -3.94 4.90
CA MET B 33 5.29 -2.83 4.88
C MET B 33 5.22 -1.99 6.16
N LEU B 34 4.01 -1.73 6.62
CA LEU B 34 3.79 -0.92 7.82
C LEU B 34 4.11 -1.65 9.11
N SER B 35 3.66 -2.88 9.24
CA SER B 35 3.73 -3.60 10.50
C SER B 35 4.90 -4.57 10.49
N GLY B 36 5.82 -4.36 9.58
CA GLY B 36 6.96 -5.22 9.48
C GLY B 36 6.64 -6.52 8.79
N GLN B 37 7.64 -7.35 8.63
CA GLN B 37 7.52 -8.57 7.85
C GLN B 37 6.87 -9.69 8.66
N ASN B 38 6.15 -9.31 9.71
CA ASN B 38 5.50 -10.28 10.57
C ASN B 38 4.28 -10.89 9.89
N TYR B 39 4.56 -11.87 9.03
CA TYR B 39 3.54 -12.63 8.32
C TYR B 39 2.49 -13.20 9.28
N GLN B 40 2.93 -13.63 10.45
CA GLN B 40 2.01 -14.14 11.46
C GLN B 40 0.94 -13.10 11.78
N LEU B 41 1.38 -11.85 11.93
CA LEU B 41 0.46 -10.78 12.28
C LEU B 41 -0.52 -10.50 11.15
N VAL B 42 -0.01 -10.36 9.94
CA VAL B 42 -0.88 -10.03 8.81
C VAL B 42 -1.84 -11.17 8.52
N SER B 43 -1.33 -12.39 8.56
CA SER B 43 -2.17 -13.53 8.27
C SER B 43 -3.18 -13.71 9.39
N GLY B 44 -2.76 -13.40 10.61
CA GLY B 44 -3.67 -13.45 11.73
C GLY B 44 -4.73 -12.37 11.65
N ILE B 45 -4.34 -11.17 11.22
CA ILE B 45 -5.27 -10.06 11.12
C ILE B 45 -6.23 -10.25 9.93
N ILE B 46 -5.67 -10.55 8.76
CA ILE B 46 -6.43 -10.60 7.51
C ILE B 46 -7.30 -11.85 7.47
N ARG B 47 -6.90 -12.86 8.24
CA ARG B 47 -7.61 -14.13 8.29
C ARG B 47 -9.09 -13.94 8.63
N GLY B 48 -9.38 -12.88 9.35
CA GLY B 48 -10.75 -12.56 9.70
C GLY B 48 -11.38 -11.67 8.66
N TYR B 49 -10.57 -11.18 7.72
CA TYR B 49 -11.06 -10.29 6.68
C TYR B 49 -10.94 -10.97 5.34
N LEU B 50 -10.40 -12.17 5.38
CA LEU B 50 -10.24 -12.98 4.20
C LEU B 50 -11.62 -13.37 3.69
N PRO B 51 -11.81 -13.27 2.36
CA PRO B 51 -13.11 -13.44 1.69
C PRO B 51 -14.00 -14.50 2.31
N GLY B 52 -13.55 -15.74 2.23
CA GLY B 52 -14.25 -16.85 2.86
C GLY B 52 -13.26 -17.82 3.44
N GLN B 53 -13.70 -19.03 3.78
CA GLN B 53 -12.78 -20.03 4.29
C GLN B 53 -11.85 -20.51 3.18
N ALA B 54 -12.32 -20.44 1.95
CA ALA B 54 -11.56 -20.92 0.79
C ALA B 54 -10.30 -20.10 0.55
N VAL B 55 -10.38 -18.78 0.71
CA VAL B 55 -9.24 -17.90 0.47
C VAL B 55 -8.16 -18.12 1.52
N VAL B 56 -8.56 -18.21 2.78
CA VAL B 56 -7.66 -18.51 3.87
C VAL B 56 -7.10 -19.91 3.72
N THR B 57 -7.89 -20.77 3.11
CA THR B 57 -7.49 -22.13 2.90
C THR B 57 -6.39 -22.15 1.90
N ALA B 58 -6.64 -21.51 0.76
CA ALA B 58 -5.68 -21.39 -0.29
C ALA B 58 -4.43 -20.69 0.18
N LEU B 59 -4.58 -19.69 1.03
CA LEU B 59 -3.45 -18.95 1.51
C LEU B 59 -2.65 -19.84 2.44
N GLN B 60 -3.36 -20.48 3.34
CA GLN B 60 -2.78 -21.46 4.24
C GLN B 60 -2.10 -22.57 3.47
N GLN B 61 -2.72 -22.99 2.40
CA GLN B 61 -2.18 -23.97 1.47
C GLN B 61 -0.79 -23.54 0.99
N ARG B 62 -0.70 -22.29 0.55
CA ARG B 62 0.58 -21.68 0.21
C ARG B 62 1.55 -21.74 1.40
N LEU B 63 1.05 -21.52 2.60
CA LEU B 63 1.88 -21.52 3.80
C LEU B 63 2.32 -22.94 4.13
N ASP B 64 1.43 -23.88 3.87
CA ASP B 64 1.74 -25.31 4.00
C ASP B 64 2.91 -25.68 3.13
N GLN B 65 2.95 -25.07 1.96
CA GLN B 65 4.05 -25.30 1.03
C GLN B 65 5.33 -24.63 1.52
N GLU B 66 5.15 -23.54 2.29
CA GLU B 66 6.24 -22.83 3.01
C GLU B 66 7.61 -22.91 2.31
N ILE B 67 7.95 -21.89 1.55
CA ILE B 67 9.25 -21.86 0.88
C ILE B 67 10.38 -21.71 1.92
N ASP B 68 10.07 -20.95 2.96
CA ASP B 68 11.01 -20.66 4.05
C ASP B 68 10.20 -20.07 5.18
N ASP B 69 10.87 -19.56 6.21
CA ASP B 69 10.16 -18.85 7.27
C ASP B 69 9.78 -17.45 6.77
N GLN B 70 10.77 -16.63 6.45
CA GLN B 70 10.55 -15.29 5.94
C GLN B 70 9.99 -15.30 4.51
N THR B 71 10.26 -16.35 3.74
CA THR B 71 9.84 -16.36 2.34
C THR B 71 8.33 -16.52 2.24
N ARG B 72 7.71 -17.08 3.28
CA ARG B 72 6.25 -17.09 3.35
C ARG B 72 5.78 -15.66 3.19
N ALA B 73 6.33 -14.80 4.05
CA ALA B 73 6.10 -13.36 4.01
C ALA B 73 6.48 -12.74 2.67
N GLU B 74 7.68 -13.07 2.19
CA GLU B 74 8.19 -12.52 0.94
C GLU B 74 7.20 -12.68 -0.21
N THR B 75 6.50 -13.78 -0.19
CA THR B 75 5.57 -14.10 -1.26
C THR B 75 4.14 -14.23 -0.74
N PHE B 76 3.91 -13.71 0.47
CA PHE B 76 2.63 -13.93 1.17
C PHE B 76 1.44 -13.44 0.35
N ILE B 77 1.55 -12.23 -0.18
CA ILE B 77 0.48 -11.65 -0.98
C ILE B 77 0.47 -12.25 -2.37
N GLN B 78 1.64 -12.60 -2.87
CA GLN B 78 1.74 -13.34 -4.12
C GLN B 78 0.98 -14.65 -3.99
N HIS B 79 1.03 -15.19 -2.80
CA HIS B 79 0.32 -16.41 -2.44
C HIS B 79 -1.18 -16.14 -2.30
N LEU B 80 -1.52 -14.90 -1.90
CA LEU B 80 -2.92 -14.50 -1.73
C LEU B 80 -3.54 -14.32 -3.11
N ASN B 81 -2.75 -13.85 -4.04
CA ASN B 81 -3.19 -13.70 -5.42
C ASN B 81 -3.28 -15.06 -6.05
N ALA B 82 -2.33 -15.90 -5.69
CA ALA B 82 -2.37 -17.32 -6.01
C ALA B 82 -3.65 -17.93 -5.49
N VAL B 83 -4.08 -17.42 -4.34
CA VAL B 83 -5.33 -17.84 -3.76
C VAL B 83 -6.43 -17.50 -4.74
N TYR B 84 -6.43 -16.25 -5.18
CA TYR B 84 -7.38 -15.76 -6.17
C TYR B 84 -7.40 -16.66 -7.40
N GLU B 85 -6.27 -17.29 -7.68
CA GLU B 85 -6.15 -18.13 -8.86
C GLU B 85 -6.72 -19.51 -8.57
N ILE B 86 -6.43 -19.96 -7.37
CA ILE B 86 -6.94 -21.23 -6.85
C ILE B 86 -8.47 -21.27 -6.85
N LEU B 87 -9.10 -20.30 -6.21
CA LEU B 87 -10.55 -20.34 -6.00
C LEU B 87 -11.35 -19.42 -6.94
N GLY B 88 -10.70 -18.53 -7.68
CA GLY B 88 -11.46 -17.66 -8.57
C GLY B 88 -11.81 -16.31 -7.96
N LEU B 89 -10.95 -15.77 -7.09
CA LEU B 89 -11.17 -14.44 -6.52
C LEU B 89 -10.54 -13.35 -7.38
N ASN B 90 -10.94 -12.10 -7.11
CA ASN B 90 -10.27 -10.94 -7.69
C ASN B 90 -9.41 -10.26 -6.63
N ALA B 91 -8.76 -9.16 -7.00
CA ALA B 91 -7.84 -8.47 -6.10
C ALA B 91 -8.55 -7.76 -4.95
N ARG B 92 -9.87 -7.69 -5.00
CA ARG B 92 -10.64 -7.00 -3.99
C ARG B 92 -11.02 -7.94 -2.85
N GLY B 93 -10.60 -9.19 -2.97
CA GLY B 93 -11.02 -10.18 -2.01
C GLY B 93 -12.45 -10.60 -2.28
N GLN B 94 -12.93 -10.27 -3.46
CA GLN B 94 -14.27 -10.62 -3.89
C GLN B 94 -14.21 -11.82 -4.81
N SER B 95 -15.30 -12.56 -4.89
CA SER B 95 -15.38 -13.72 -5.75
C SER B 95 -15.99 -13.36 -7.09
N ILE B 96 -15.23 -13.59 -8.15
CA ILE B 96 -15.67 -13.23 -9.48
C ILE B 96 -16.48 -14.34 -10.11
N ARG B 97 -15.94 -15.55 -10.08
CA ARG B 97 -16.61 -16.74 -10.59
C ARG B 97 -17.19 -16.46 -11.97
N LEU B 98 -16.32 -16.21 -12.95
CA LEU B 98 -16.74 -15.77 -14.28
C LEU B 98 -17.52 -14.47 -14.20
N GLU B 99 -16.81 -13.38 -13.93
CA GLU B 99 -17.43 -12.07 -13.75
C GLU B 99 -17.78 -11.46 -15.11
N ARG A 1 -12.29 16.38 2.08
CA ARG A 1 -12.40 14.94 2.40
C ARG A 1 -11.02 14.35 2.65
N THR A 2 -10.96 13.30 3.44
CA THR A 2 -9.68 12.70 3.79
C THR A 2 -9.74 11.18 3.87
N HIS A 3 -10.82 10.62 4.40
CA HIS A 3 -10.87 9.18 4.63
C HIS A 3 -12.29 8.68 4.89
N GLY A 4 -12.53 7.43 4.54
CA GLY A 4 -13.78 6.79 4.85
C GLY A 4 -13.60 5.58 5.75
N THR A 5 -13.33 4.44 5.16
CA THR A 5 -13.15 3.20 5.92
C THR A 5 -11.85 3.23 6.73
N PHE A 6 -10.80 3.75 6.13
CA PHE A 6 -9.48 3.79 6.78
C PHE A 6 -9.33 5.08 7.60
N PRO A 7 -9.03 4.94 8.91
CA PRO A 7 -8.70 6.06 9.80
C PRO A 7 -7.40 6.76 9.41
N MET A 8 -7.49 7.99 8.94
CA MET A 8 -6.34 8.64 8.35
C MET A 8 -5.99 9.95 9.08
N HIS A 9 -5.93 9.89 10.40
CA HIS A 9 -5.80 11.07 11.28
C HIS A 9 -6.95 12.02 11.01
N GLN A 10 -6.72 12.92 10.07
CA GLN A 10 -7.72 13.86 9.60
C GLN A 10 -7.28 14.38 8.24
N LEU A 11 -6.34 13.66 7.61
CA LEU A 11 -5.70 14.14 6.41
C LEU A 11 -4.89 13.03 5.71
N GLY A 12 -3.90 12.47 6.40
CA GLY A 12 -2.99 11.55 5.74
C GLY A 12 -2.12 10.75 6.70
N ASN A 13 -2.74 10.07 7.66
CA ASN A 13 -1.99 9.21 8.60
C ASN A 13 -1.20 8.17 7.85
N VAL A 14 -1.86 7.59 6.85
CA VAL A 14 -1.23 6.56 6.06
C VAL A 14 0.04 7.14 5.52
N ILE A 15 -0.06 8.36 5.02
CA ILE A 15 1.07 8.98 4.41
C ILE A 15 2.27 9.10 5.31
N LYS A 16 2.20 9.65 6.53
CA LYS A 16 3.42 9.84 7.31
C LYS A 16 4.10 8.54 7.64
N GLY A 17 3.29 7.62 8.16
CA GLY A 17 3.83 6.36 8.57
C GLY A 17 4.63 5.71 7.46
N ILE A 18 4.05 5.77 6.28
CA ILE A 18 4.65 5.19 5.10
C ILE A 18 5.87 5.97 4.60
N VAL A 19 5.88 7.29 4.72
CA VAL A 19 6.98 8.05 4.12
C VAL A 19 8.26 7.65 4.81
N ASP A 20 8.19 7.49 6.12
CA ASP A 20 9.31 7.00 6.91
C ASP A 20 9.71 5.58 6.57
N GLN A 21 8.74 4.71 6.37
CA GLN A 21 9.04 3.28 6.24
C GLN A 21 9.24 2.85 4.79
N GLU A 22 8.31 3.22 3.93
CA GLU A 22 8.29 2.72 2.56
C GLU A 22 8.61 3.83 1.57
N GLY A 23 8.44 5.06 2.00
CA GLY A 23 8.75 6.20 1.15
C GLY A 23 7.52 6.87 0.59
N VAL A 24 7.71 8.10 0.12
CA VAL A 24 6.64 8.95 -0.36
C VAL A 24 5.77 8.33 -1.44
N ALA A 25 6.37 7.69 -2.44
CA ALA A 25 5.56 7.15 -3.52
C ALA A 25 4.61 6.03 -3.04
N THR A 26 5.02 5.26 -2.04
CA THR A 26 4.11 4.28 -1.46
C THR A 26 3.09 4.96 -0.57
N ALA A 27 3.54 5.92 0.22
CA ALA A 27 2.64 6.70 1.07
C ALA A 27 1.62 7.39 0.19
N TYR A 28 2.10 7.81 -0.95
CA TYR A 28 1.30 8.43 -1.96
C TYR A 28 0.30 7.44 -2.53
N THR A 29 0.80 6.30 -2.97
CA THR A 29 -0.03 5.23 -3.51
C THR A 29 -1.12 4.79 -2.54
N LEU A 30 -0.76 4.59 -1.29
CA LEU A 30 -1.70 4.09 -0.31
C LEU A 30 -2.71 5.17 0.02
N GLY A 31 -2.25 6.42 0.07
CA GLY A 31 -3.17 7.52 0.22
C GLY A 31 -4.17 7.55 -0.91
N MET A 32 -3.71 7.16 -2.10
CA MET A 32 -4.56 7.09 -3.28
C MET A 32 -5.61 6.00 -3.14
N MET A 33 -5.22 4.79 -2.74
CA MET A 33 -6.21 3.72 -2.61
C MET A 33 -7.14 3.97 -1.42
N LEU A 34 -6.56 4.30 -0.29
CA LEU A 34 -7.32 4.47 0.96
C LEU A 34 -8.25 5.67 0.96
N SER A 35 -7.78 6.81 0.49
CA SER A 35 -8.58 8.03 0.54
C SER A 35 -9.41 8.15 -0.71
N GLY A 36 -9.05 7.39 -1.71
CA GLY A 36 -9.65 7.54 -3.00
C GLY A 36 -8.72 8.29 -3.92
N GLN A 37 -9.18 8.58 -5.10
CA GLN A 37 -8.33 9.13 -6.14
C GLN A 37 -8.12 10.63 -5.96
N ASN A 38 -8.29 11.09 -4.72
CA ASN A 38 -8.14 12.49 -4.37
C ASN A 38 -6.67 12.91 -4.40
N TYR A 39 -6.17 13.12 -5.62
CA TYR A 39 -4.81 13.59 -5.84
C TYR A 39 -4.52 14.86 -5.07
N GLN A 40 -5.51 15.75 -4.99
CA GLN A 40 -5.34 17.00 -4.24
C GLN A 40 -4.95 16.71 -2.80
N LEU A 41 -5.61 15.74 -2.19
CA LEU A 41 -5.33 15.41 -0.81
C LEU A 41 -3.94 14.81 -0.65
N VAL A 42 -3.61 13.82 -1.47
CA VAL A 42 -2.33 13.15 -1.32
C VAL A 42 -1.19 14.08 -1.64
N SER A 43 -1.36 14.91 -2.65
CA SER A 43 -0.32 15.82 -3.06
C SER A 43 -0.11 16.88 -1.99
N GLY A 44 -1.20 17.31 -1.39
CA GLY A 44 -1.11 18.26 -0.30
C GLY A 44 -0.50 17.64 0.94
N ILE A 45 -0.82 16.38 1.20
CA ILE A 45 -0.32 15.68 2.37
C ILE A 45 1.17 15.34 2.21
N ILE A 46 1.53 14.67 1.11
CA ILE A 46 2.88 14.15 0.92
C ILE A 46 3.84 15.28 0.63
N ARG A 47 3.32 16.39 0.13
CA ARG A 47 4.13 17.55 -0.23
C ARG A 47 4.97 18.00 0.96
N GLY A 48 4.44 17.81 2.14
CA GLY A 48 5.15 18.17 3.34
C GLY A 48 6.05 17.06 3.80
N TYR A 49 5.92 15.90 3.16
CA TYR A 49 6.67 14.72 3.55
C TYR A 49 7.61 14.30 2.44
N LEU A 50 7.57 15.07 1.35
CA LEU A 50 8.41 14.81 0.21
C LEU A 50 9.88 15.04 0.60
N PRO A 51 10.76 14.04 0.30
CA PRO A 51 12.20 14.07 0.59
C PRO A 51 12.81 15.47 0.72
N GLY A 52 12.86 16.18 -0.39
CA GLY A 52 13.36 17.53 -0.39
C GLY A 52 12.56 18.37 -1.35
N GLN A 53 12.98 19.59 -1.63
CA GLN A 53 12.25 20.43 -2.55
C GLN A 53 12.32 19.88 -3.97
N ALA A 54 13.37 19.14 -4.26
CA ALA A 54 13.58 18.58 -5.58
C ALA A 54 12.51 17.53 -5.93
N VAL A 55 12.16 16.67 -4.98
CA VAL A 55 11.20 15.60 -5.24
C VAL A 55 9.80 16.18 -5.49
N VAL A 56 9.41 17.14 -4.65
CA VAL A 56 8.16 17.85 -4.83
C VAL A 56 8.18 18.66 -6.10
N THR A 57 9.35 19.12 -6.48
CA THR A 57 9.50 19.93 -7.65
C THR A 57 9.26 19.08 -8.85
N ALA A 58 9.96 17.97 -8.90
CA ALA A 58 9.81 17.01 -9.96
C ALA A 58 8.40 16.50 -10.05
N LEU A 59 7.75 16.32 -8.91
CA LEU A 59 6.39 15.81 -8.90
C LEU A 59 5.47 16.90 -9.44
N GLN A 60 5.67 18.09 -8.93
CA GLN A 60 4.96 19.27 -9.41
C GLN A 60 5.19 19.48 -10.90
N GLN A 61 6.41 19.23 -11.33
CA GLN A 61 6.78 19.27 -12.73
C GLN A 61 5.85 18.37 -13.56
N ARG A 62 5.69 17.14 -13.09
CA ARG A 62 4.72 16.20 -13.65
C ARG A 62 3.30 16.77 -13.63
N LEU A 63 2.94 17.45 -12.54
CA LEU A 63 1.61 18.01 -12.40
C LEU A 63 1.44 19.23 -13.30
N ASP A 64 2.55 19.86 -13.60
CA ASP A 64 2.59 21.00 -14.50
C ASP A 64 2.32 20.56 -15.91
N GLN A 65 2.82 19.39 -16.23
CA GLN A 65 2.62 18.78 -17.53
C GLN A 65 1.21 18.24 -17.62
N GLU A 66 0.70 17.85 -16.45
CA GLU A 66 -0.69 17.38 -16.24
C GLU A 66 -1.32 16.75 -17.49
N ILE A 67 -1.27 15.42 -17.56
CA ILE A 67 -1.81 14.70 -18.71
C ILE A 67 -3.29 15.00 -18.90
N ASP A 68 -3.98 15.17 -17.79
CA ASP A 68 -5.41 15.44 -17.75
C ASP A 68 -5.73 15.97 -16.36
N ASP A 69 -6.98 15.86 -15.93
CA ASP A 69 -7.32 16.19 -14.56
C ASP A 69 -7.12 14.95 -13.68
N GLN A 70 -7.95 13.93 -13.90
CA GLN A 70 -7.83 12.67 -13.17
C GLN A 70 -6.54 11.92 -13.50
N THR A 71 -5.97 12.15 -14.68
CA THR A 71 -4.80 11.37 -15.09
C THR A 71 -3.58 11.79 -14.27
N ARG A 72 -3.61 12.99 -13.72
CA ARG A 72 -2.59 13.41 -12.78
C ARG A 72 -2.51 12.36 -11.69
N ALA A 73 -3.68 12.11 -11.09
CA ALA A 73 -3.86 11.05 -10.10
C ALA A 73 -3.48 9.67 -10.64
N GLU A 74 -4.02 9.33 -11.81
CA GLU A 74 -3.82 8.02 -12.42
C GLU A 74 -2.35 7.63 -12.48
N THR A 75 -1.51 8.63 -12.71
CA THR A 75 -0.09 8.41 -12.86
C THR A 75 0.70 9.16 -11.81
N PHE A 76 0.03 9.61 -10.76
CA PHE A 76 0.62 10.49 -9.75
C PHE A 76 1.89 9.89 -9.15
N ILE A 77 1.81 8.63 -8.76
CA ILE A 77 2.95 7.94 -8.17
C ILE A 77 3.94 7.52 -9.24
N GLN A 78 3.44 7.20 -10.42
CA GLN A 78 4.31 6.95 -11.56
C GLN A 78 5.16 8.19 -11.82
N HIS A 79 4.55 9.33 -11.59
CA HIS A 79 5.19 10.61 -11.71
C HIS A 79 6.17 10.85 -10.56
N LEU A 80 5.87 10.26 -9.40
CA LEU A 80 6.74 10.37 -8.22
C LEU A 80 7.98 9.52 -8.42
N ASN A 81 7.78 8.40 -9.10
CA ASN A 81 8.89 7.52 -9.45
C ASN A 81 9.71 8.17 -10.55
N ALA A 82 9.00 8.82 -11.45
CA ALA A 82 9.60 9.69 -12.44
C ALA A 82 10.43 10.77 -11.75
N VAL A 83 9.96 11.18 -10.59
CA VAL A 83 10.67 12.12 -9.78
C VAL A 83 11.98 11.50 -9.38
N TYR A 84 11.89 10.28 -8.87
CA TYR A 84 13.06 9.49 -8.48
C TYR A 84 14.05 9.39 -9.64
N GLU A 85 13.54 9.49 -10.86
CA GLU A 85 14.38 9.37 -12.05
C GLU A 85 15.01 10.72 -12.37
N ILE A 86 14.21 11.74 -12.21
CA ILE A 86 14.63 13.13 -12.38
C ILE A 86 15.80 13.49 -11.46
N LEU A 87 15.63 13.30 -10.17
CA LEU A 87 16.62 13.75 -9.19
C LEU A 87 17.54 12.64 -8.65
N GLY A 88 17.22 11.38 -8.92
CA GLY A 88 18.07 10.31 -8.42
C GLY A 88 17.63 9.72 -7.08
N LEU A 89 16.33 9.70 -6.81
CA LEU A 89 15.81 9.09 -5.57
C LEU A 89 15.55 7.62 -5.78
N ASN A 90 15.50 6.87 -4.68
CA ASN A 90 15.10 5.47 -4.72
C ASN A 90 13.68 5.32 -4.18
N ALA A 91 13.18 4.10 -4.14
CA ALA A 91 11.78 3.83 -3.78
C ALA A 91 11.41 4.40 -2.41
N ARG A 92 12.39 4.52 -1.52
CA ARG A 92 12.12 4.87 -0.13
C ARG A 92 12.06 6.38 0.07
N GLY A 93 12.14 7.13 -1.02
CA GLY A 93 12.13 8.57 -0.92
C GLY A 93 13.47 9.12 -0.47
N GLN A 94 14.47 8.25 -0.49
CA GLN A 94 15.83 8.63 -0.13
C GLN A 94 16.66 8.82 -1.40
N SER A 95 17.73 9.57 -1.31
CA SER A 95 18.54 9.88 -2.49
C SER A 95 19.75 8.95 -2.60
N ILE A 96 19.83 8.26 -3.72
CA ILE A 96 20.95 7.36 -3.98
C ILE A 96 22.11 8.12 -4.58
N ARG A 97 21.84 9.37 -4.90
CA ARG A 97 22.86 10.29 -5.39
C ARG A 97 23.82 10.65 -4.26
N LEU A 98 23.32 10.53 -3.04
CA LEU A 98 24.08 10.89 -1.86
C LEU A 98 24.49 9.64 -1.08
N GLU A 99 23.50 8.80 -0.78
CA GLU A 99 23.75 7.58 -0.02
C GLU A 99 23.22 6.36 -0.77
N ARG B 1 4.04 -7.74 18.62
CA ARG B 1 4.29 -6.45 17.95
C ARG B 1 3.24 -6.21 16.88
N THR B 2 2.98 -4.96 16.58
CA THR B 2 1.94 -4.62 15.62
C THR B 2 2.32 -3.42 14.75
N HIS B 3 2.97 -2.41 15.32
CA HIS B 3 3.23 -1.19 14.55
C HIS B 3 4.27 -0.31 15.22
N GLY B 4 4.97 0.47 14.41
CA GLY B 4 5.90 1.45 14.90
C GLY B 4 5.52 2.85 14.49
N THR B 5 5.95 3.28 13.32
CA THR B 5 5.67 4.61 12.81
C THR B 5 4.18 4.78 12.48
N PHE B 6 3.61 3.76 11.88
CA PHE B 6 2.21 3.80 11.43
C PHE B 6 1.29 3.32 12.55
N PRO B 7 0.31 4.17 12.94
CA PRO B 7 -0.75 3.81 13.90
C PRO B 7 -1.69 2.73 13.36
N MET B 8 -1.64 1.54 13.94
CA MET B 8 -2.32 0.40 13.37
C MET B 8 -3.35 -0.20 14.35
N HIS B 9 -4.18 0.67 14.94
CA HIS B 9 -5.10 0.30 16.04
C HIS B 9 -4.28 -0.29 17.19
N GLN B 10 -4.12 -1.60 17.15
CA GLN B 10 -3.31 -2.33 18.08
C GLN B 10 -2.94 -3.68 17.46
N LEU B 11 -3.12 -3.76 16.15
CA LEU B 11 -3.01 -5.03 15.45
C LEU B 11 -2.93 -4.86 13.93
N GLY B 12 -3.96 -4.25 13.32
CA GLY B 12 -4.04 -4.22 11.88
C GLY B 12 -5.07 -3.24 11.33
N ASN B 13 -5.01 -1.98 11.77
CA ASN B 13 -5.92 -0.94 11.26
C ASN B 13 -5.82 -0.84 9.75
N VAL B 14 -4.58 -0.87 9.28
CA VAL B 14 -4.33 -0.77 7.86
C VAL B 14 -5.12 -1.86 7.20
N ILE B 15 -5.05 -3.04 7.77
CA ILE B 15 -5.69 -4.17 7.18
C ILE B 15 -7.18 -3.98 6.99
N LYS B 16 -7.99 -3.61 8.00
CA LYS B 16 -9.44 -3.58 7.77
C LYS B 16 -9.82 -2.57 6.72
N GLY B 17 -9.29 -1.37 6.88
CA GLY B 17 -9.64 -0.30 5.98
C GLY B 17 -9.43 -0.73 4.54
N ILE B 18 -8.29 -1.37 4.33
CA ILE B 18 -7.91 -1.83 3.02
C ILE B 18 -8.71 -3.02 2.53
N VAL B 19 -9.13 -3.93 3.41
CA VAL B 19 -9.79 -5.13 2.92
C VAL B 19 -11.08 -4.73 2.25
N ASP B 20 -11.78 -3.77 2.85
CA ASP B 20 -12.98 -3.21 2.28
C ASP B 20 -12.73 -2.45 0.98
N GLN B 21 -11.65 -1.70 0.90
CA GLN B 21 -11.46 -0.80 -0.23
C GLN B 21 -10.63 -1.43 -1.35
N GLU B 22 -9.50 -2.01 -0.99
CA GLU B 22 -8.54 -2.49 -1.97
C GLU B 22 -8.46 -4.01 -1.97
N GLY B 23 -8.90 -4.61 -0.87
CA GLY B 23 -8.91 -6.06 -0.79
C GLY B 23 -7.80 -6.60 0.10
N VAL B 24 -7.97 -7.85 0.51
CA VAL B 24 -7.07 -8.51 1.44
C VAL B 24 -5.62 -8.50 1.03
N ALA B 25 -5.32 -8.81 -0.22
CA ALA B 25 -3.91 -8.87 -0.63
C ALA B 25 -3.22 -7.52 -0.52
N THR B 26 -3.92 -6.42 -0.74
CA THR B 26 -3.33 -5.10 -0.52
C THR B 26 -3.26 -4.80 0.97
N ALA B 27 -4.32 -5.13 1.69
CA ALA B 27 -4.32 -4.95 3.14
C ALA B 27 -3.19 -5.75 3.74
N TYR B 28 -2.98 -6.90 3.14
CA TYR B 28 -1.92 -7.80 3.50
C TYR B 28 -0.57 -7.16 3.20
N THR B 29 -0.41 -6.70 1.96
CA THR B 29 0.81 -6.05 1.51
C THR B 29 1.17 -4.84 2.38
N LEU B 30 0.19 -4.01 2.66
CA LEU B 30 0.44 -2.79 3.41
C LEU B 30 0.75 -3.14 4.86
N GLY B 31 0.07 -4.14 5.38
CA GLY B 31 0.40 -4.63 6.70
C GLY B 31 1.84 -5.11 6.74
N MET B 32 2.29 -5.68 5.63
CA MET B 32 3.66 -6.16 5.50
C MET B 32 4.66 -4.99 5.51
N MET B 33 4.42 -3.96 4.72
CA MET B 33 5.36 -2.84 4.73
C MET B 33 5.29 -2.03 6.02
N LEU B 34 4.09 -1.71 6.46
CA LEU B 34 3.87 -0.88 7.63
C LEU B 34 4.29 -1.53 8.95
N SER B 35 3.92 -2.79 9.14
CA SER B 35 4.20 -3.46 10.40
C SER B 35 5.56 -4.12 10.36
N GLY B 36 6.08 -4.27 9.17
CA GLY B 36 7.26 -5.04 8.97
C GLY B 36 6.92 -6.39 8.42
N GLN B 37 7.92 -7.24 8.28
CA GLN B 37 7.75 -8.50 7.59
C GLN B 37 7.11 -9.55 8.50
N ASN B 38 6.39 -9.08 9.49
CA ASN B 38 5.71 -9.94 10.46
C ASN B 38 4.52 -10.63 9.85
N TYR B 39 4.80 -11.66 9.06
CA TYR B 39 3.78 -12.50 8.42
C TYR B 39 2.78 -13.03 9.44
N GLN B 40 3.27 -13.40 10.63
CA GLN B 40 2.39 -13.89 11.69
C GLN B 40 1.30 -12.88 11.99
N LEU B 41 1.67 -11.61 12.09
CA LEU B 41 0.71 -10.58 12.42
C LEU B 41 -0.29 -10.38 11.28
N VAL B 42 0.19 -10.24 10.05
CA VAL B 42 -0.70 -9.97 8.93
C VAL B 42 -1.62 -11.15 8.67
N SER B 43 -1.08 -12.34 8.79
CA SER B 43 -1.85 -13.54 8.54
C SER B 43 -2.91 -13.71 9.61
N GLY B 44 -2.55 -13.37 10.84
CA GLY B 44 -3.50 -13.42 11.92
C GLY B 44 -4.57 -12.34 11.79
N ILE B 45 -4.16 -11.17 11.32
CA ILE B 45 -5.07 -10.04 11.17
C ILE B 45 -6.02 -10.26 10.00
N ILE B 46 -5.48 -10.55 8.81
CA ILE B 46 -6.26 -10.62 7.59
C ILE B 46 -7.11 -11.88 7.57
N ARG B 47 -6.68 -12.88 8.33
CA ARG B 47 -7.37 -14.17 8.39
C ARG B 47 -8.83 -13.97 8.76
N GLY B 48 -9.08 -12.95 9.55
CA GLY B 48 -10.43 -12.65 9.95
C GLY B 48 -11.12 -11.76 8.95
N TYR B 49 -10.36 -11.27 7.97
CA TYR B 49 -10.88 -10.34 6.99
C TYR B 49 -10.81 -10.96 5.61
N LEU B 50 -10.33 -12.19 5.56
CA LEU B 50 -10.22 -12.93 4.33
C LEU B 50 -11.62 -13.22 3.79
N PRO B 51 -11.87 -12.90 2.49
CA PRO B 51 -13.15 -13.10 1.80
C PRO B 51 -14.03 -14.20 2.39
N GLY B 52 -13.60 -15.44 2.22
CA GLY B 52 -14.30 -16.56 2.78
C GLY B 52 -13.32 -17.58 3.31
N GLN B 53 -13.79 -18.76 3.66
CA GLN B 53 -12.89 -19.78 4.18
C GLN B 53 -11.95 -20.28 3.07
N ALA B 54 -12.40 -20.18 1.83
CA ALA B 54 -11.61 -20.63 0.69
C ALA B 54 -10.34 -19.81 0.49
N VAL B 55 -10.43 -18.49 0.65
CA VAL B 55 -9.28 -17.62 0.42
C VAL B 55 -8.21 -17.85 1.50
N VAL B 56 -8.65 -17.95 2.75
CA VAL B 56 -7.76 -18.26 3.86
C VAL B 56 -7.21 -19.67 3.71
N THR B 57 -8.00 -20.54 3.12
CA THR B 57 -7.61 -21.90 2.93
C THR B 57 -6.49 -21.96 1.95
N ALA B 58 -6.72 -21.34 0.81
CA ALA B 58 -5.74 -21.25 -0.23
C ALA B 58 -4.48 -20.58 0.24
N LEU B 59 -4.62 -19.57 1.10
CA LEU B 59 -3.48 -18.86 1.59
C LEU B 59 -2.71 -19.77 2.55
N GLN B 60 -3.46 -20.39 3.44
CA GLN B 60 -2.92 -21.38 4.35
C GLN B 60 -2.28 -22.52 3.60
N GLN B 61 -2.87 -22.91 2.50
CA GLN B 61 -2.33 -23.90 1.59
C GLN B 61 -0.90 -23.53 1.17
N ARG B 62 -0.76 -22.27 0.74
CA ARG B 62 0.54 -21.70 0.45
C ARG B 62 1.48 -21.75 1.67
N LEU B 63 0.93 -21.47 2.85
CA LEU B 63 1.73 -21.47 4.07
C LEU B 63 2.09 -22.89 4.47
N ASP B 64 1.26 -23.82 4.06
CA ASP B 64 1.50 -25.25 4.31
C ASP B 64 2.67 -25.73 3.48
N GLN B 65 2.76 -25.18 2.28
CA GLN B 65 3.83 -25.49 1.36
C GLN B 65 5.10 -24.80 1.83
N GLU B 66 4.88 -23.65 2.48
CA GLU B 66 5.93 -22.82 3.12
C GLU B 66 7.31 -22.98 2.47
N ILE B 67 7.65 -22.05 1.58
CA ILE B 67 8.92 -22.11 0.87
C ILE B 67 10.10 -22.08 1.85
N ASP B 68 9.91 -21.34 2.93
CA ASP B 68 10.90 -21.15 3.97
C ASP B 68 10.20 -20.61 5.19
N ASP B 69 10.91 -19.94 6.07
CA ASP B 69 10.27 -19.24 7.17
C ASP B 69 9.90 -17.82 6.73
N GLN B 70 10.91 -17.00 6.47
CA GLN B 70 10.70 -15.64 5.97
C GLN B 70 10.10 -15.62 4.57
N THR B 71 10.31 -16.65 3.78
CA THR B 71 9.86 -16.63 2.40
C THR B 71 8.34 -16.73 2.34
N ARG B 72 7.74 -17.28 3.39
CA ARG B 72 6.28 -17.26 3.51
C ARG B 72 5.84 -15.82 3.36
N ALA B 73 6.42 -14.97 4.19
CA ALA B 73 6.23 -13.52 4.14
C ALA B 73 6.61 -12.92 2.78
N GLU B 74 7.80 -13.27 2.30
CA GLU B 74 8.33 -12.72 1.05
C GLU B 74 7.34 -12.86 -0.10
N THR B 75 6.60 -13.94 -0.10
CA THR B 75 5.67 -14.23 -1.15
C THR B 75 4.25 -14.33 -0.63
N PHE B 76 4.03 -13.83 0.58
CA PHE B 76 2.75 -14.01 1.29
C PHE B 76 1.59 -13.50 0.44
N ILE B 77 1.72 -12.30 -0.09
CA ILE B 77 0.66 -11.71 -0.91
C ILE B 77 0.65 -12.32 -2.31
N GLN B 78 1.82 -12.69 -2.80
CA GLN B 78 1.90 -13.44 -4.04
C GLN B 78 1.10 -14.73 -3.90
N HIS B 79 1.14 -15.27 -2.71
CA HIS B 79 0.41 -16.47 -2.36
C HIS B 79 -1.08 -16.16 -2.21
N LEU B 80 -1.40 -14.93 -1.82
CA LEU B 80 -2.79 -14.49 -1.67
C LEU B 80 -3.40 -14.31 -3.06
N ASN B 81 -2.58 -13.85 -3.97
CA ASN B 81 -2.99 -13.69 -5.36
C ASN B 81 -3.13 -15.05 -6.00
N ALA B 82 -2.20 -15.93 -5.62
CA ALA B 82 -2.29 -17.34 -5.93
C ALA B 82 -3.59 -17.92 -5.42
N VAL B 83 -4.02 -17.37 -4.29
CA VAL B 83 -5.29 -17.74 -3.72
C VAL B 83 -6.38 -17.37 -4.69
N TYR B 84 -6.31 -16.12 -5.13
CA TYR B 84 -7.23 -15.59 -6.13
C TYR B 84 -7.28 -16.49 -7.37
N GLU B 85 -6.18 -17.19 -7.62
CA GLU B 85 -6.09 -18.05 -8.79
C GLU B 85 -6.71 -19.41 -8.49
N ILE B 86 -6.44 -19.87 -7.28
CA ILE B 86 -6.99 -21.11 -6.76
C ILE B 86 -8.53 -21.09 -6.76
N LEU B 87 -9.13 -20.10 -6.13
CA LEU B 87 -10.58 -20.07 -5.95
C LEU B 87 -11.32 -19.14 -6.92
N GLY B 88 -10.61 -18.30 -7.66
CA GLY B 88 -11.29 -17.41 -8.58
C GLY B 88 -11.61 -16.03 -8.02
N LEU B 89 -10.77 -15.52 -7.11
CA LEU B 89 -10.98 -14.18 -6.57
C LEU B 89 -10.28 -13.13 -7.44
N ASN B 90 -10.73 -11.89 -7.33
CA ASN B 90 -10.05 -10.78 -7.98
C ASN B 90 -9.26 -9.97 -6.95
N ALA B 91 -8.59 -8.93 -7.40
CA ALA B 91 -7.68 -8.14 -6.55
C ALA B 91 -8.36 -7.62 -5.28
N ARG B 92 -9.67 -7.39 -5.34
CA ARG B 92 -10.38 -6.71 -4.26
C ARG B 92 -10.83 -7.69 -3.18
N GLY B 93 -10.42 -8.94 -3.32
CA GLY B 93 -10.83 -9.95 -2.35
C GLY B 93 -12.25 -10.41 -2.59
N GLN B 94 -12.79 -10.02 -3.73
CA GLN B 94 -14.13 -10.43 -4.14
C GLN B 94 -14.05 -11.57 -5.14
N SER B 95 -15.12 -12.35 -5.27
CA SER B 95 -15.10 -13.51 -6.16
C SER B 95 -15.72 -13.19 -7.51
N ILE B 96 -14.95 -13.39 -8.56
CA ILE B 96 -15.41 -13.17 -9.92
C ILE B 96 -16.13 -14.40 -10.44
N ARG B 97 -16.05 -15.47 -9.66
CA ARG B 97 -16.76 -16.70 -9.94
C ARG B 97 -18.25 -16.49 -9.72
N LEU B 98 -18.57 -15.52 -8.87
CA LEU B 98 -19.95 -15.25 -8.51
C LEU B 98 -20.41 -13.93 -9.14
N GLU B 99 -19.63 -12.88 -8.94
CA GLU B 99 -19.98 -11.57 -9.47
C GLU B 99 -18.83 -11.01 -10.29
N ARG A 1 -10.51 11.44 0.90
CA ARG A 1 -10.75 12.85 1.30
C ARG A 1 -10.02 13.17 2.60
N THR A 2 -10.12 12.26 3.58
CA THR A 2 -9.55 12.45 4.90
C THR A 2 -9.98 11.32 5.82
N HIS A 3 -11.27 10.99 5.77
CA HIS A 3 -11.82 9.88 6.54
C HIS A 3 -12.70 9.02 5.66
N GLY A 4 -12.48 7.71 5.73
CA GLY A 4 -13.30 6.77 4.98
C GLY A 4 -13.47 5.49 5.76
N THR A 5 -13.34 4.35 5.09
CA THR A 5 -13.32 3.08 5.79
C THR A 5 -12.04 2.98 6.60
N PHE A 6 -10.98 3.58 6.07
CA PHE A 6 -9.72 3.71 6.78
C PHE A 6 -9.74 5.04 7.55
N PRO A 7 -9.56 4.99 8.88
CA PRO A 7 -9.65 6.16 9.78
C PRO A 7 -8.88 7.40 9.31
N MET A 8 -7.54 7.35 9.46
CA MET A 8 -6.65 8.49 9.25
C MET A 8 -6.76 9.50 10.38
N HIS A 9 -5.66 10.17 10.71
CA HIS A 9 -5.65 11.20 11.76
C HIS A 9 -6.80 12.16 11.52
N GLN A 10 -6.69 12.88 10.42
CA GLN A 10 -7.75 13.75 9.95
C GLN A 10 -7.41 14.18 8.53
N LEU A 11 -6.65 13.33 7.83
CA LEU A 11 -6.04 13.75 6.58
C LEU A 11 -5.23 12.64 5.88
N GLY A 12 -4.14 12.20 6.51
CA GLY A 12 -3.19 11.34 5.84
C GLY A 12 -2.25 10.62 6.78
N ASN A 13 -2.81 10.00 7.81
CA ASN A 13 -2.01 9.23 8.78
C ASN A 13 -1.20 8.18 8.05
N VAL A 14 -1.83 7.61 7.03
CA VAL A 14 -1.18 6.61 6.23
C VAL A 14 0.10 7.22 5.69
N ILE A 15 -0.01 8.44 5.16
CA ILE A 15 1.12 9.04 4.52
C ILE A 15 2.31 9.17 5.43
N LYS A 16 2.21 9.73 6.63
CA LYS A 16 3.41 9.95 7.43
C LYS A 16 4.08 8.64 7.78
N GLY A 17 3.28 7.71 8.27
CA GLY A 17 3.81 6.43 8.67
C GLY A 17 4.55 5.78 7.52
N ILE A 18 3.94 5.83 6.35
CA ILE A 18 4.50 5.19 5.17
C ILE A 18 5.73 5.91 4.64
N VAL A 19 5.81 7.24 4.75
CA VAL A 19 6.93 7.93 4.14
C VAL A 19 8.20 7.46 4.82
N ASP A 20 8.12 7.31 6.14
CA ASP A 20 9.24 6.76 6.91
C ASP A 20 9.50 5.29 6.64
N GLN A 21 8.43 4.51 6.43
CA GLN A 21 8.55 3.06 6.35
C GLN A 21 8.86 2.59 4.92
N GLU A 22 8.10 3.10 3.98
CA GLU A 22 8.12 2.60 2.61
C GLU A 22 8.50 3.68 1.61
N GLY A 23 8.33 4.93 2.02
CA GLY A 23 8.66 6.04 1.16
C GLY A 23 7.44 6.76 0.61
N VAL A 24 7.68 7.97 0.13
CA VAL A 24 6.63 8.85 -0.37
C VAL A 24 5.74 8.24 -1.44
N ALA A 25 6.29 7.51 -2.37
CA ALA A 25 5.47 6.98 -3.45
C ALA A 25 4.51 5.89 -2.96
N THR A 26 4.88 5.16 -1.93
CA THR A 26 3.95 4.21 -1.32
C THR A 26 2.95 4.94 -0.45
N ALA A 27 3.44 5.91 0.32
CA ALA A 27 2.57 6.74 1.15
C ALA A 27 1.56 7.43 0.27
N TYR A 28 2.04 7.80 -0.89
CA TYR A 28 1.25 8.41 -1.92
C TYR A 28 0.22 7.42 -2.45
N THR A 29 0.70 6.25 -2.82
CA THR A 29 -0.15 5.18 -3.33
C THR A 29 -1.27 4.81 -2.34
N LEU A 30 -0.91 4.65 -1.08
CA LEU A 30 -1.85 4.19 -0.09
C LEU A 30 -2.85 5.28 0.23
N GLY A 31 -2.37 6.52 0.23
CA GLY A 31 -3.27 7.64 0.35
C GLY A 31 -4.28 7.65 -0.79
N MET A 32 -3.82 7.23 -1.97
CA MET A 32 -4.68 7.15 -3.14
C MET A 32 -5.76 6.08 -2.99
N MET A 33 -5.40 4.90 -2.49
CA MET A 33 -6.43 3.87 -2.35
C MET A 33 -7.41 4.21 -1.22
N LEU A 34 -6.87 4.40 -0.03
CA LEU A 34 -7.69 4.58 1.17
C LEU A 34 -8.48 5.88 1.16
N SER A 35 -7.84 6.97 0.77
CA SER A 35 -8.46 8.27 0.84
C SER A 35 -9.10 8.62 -0.49
N GLY A 36 -9.31 7.61 -1.31
CA GLY A 36 -9.86 7.84 -2.62
C GLY A 36 -8.88 8.47 -3.55
N GLN A 37 -9.31 8.75 -4.75
CA GLN A 37 -8.44 9.24 -5.80
C GLN A 37 -8.18 10.73 -5.68
N ASN A 38 -8.33 11.24 -4.46
CA ASN A 38 -8.14 12.65 -4.16
C ASN A 38 -6.66 13.01 -4.21
N TYR A 39 -6.15 13.15 -5.43
CA TYR A 39 -4.77 13.54 -5.68
C TYR A 39 -4.41 14.83 -4.95
N GLN A 40 -5.35 15.77 -4.91
CA GLN A 40 -5.14 17.02 -4.20
C GLN A 40 -4.74 16.76 -2.75
N LEU A 41 -5.42 15.81 -2.12
CA LEU A 41 -5.15 15.50 -0.74
C LEU A 41 -3.78 14.87 -0.57
N VAL A 42 -3.47 13.86 -1.38
CA VAL A 42 -2.21 13.15 -1.24
C VAL A 42 -1.04 14.05 -1.58
N SER A 43 -1.20 14.85 -2.63
CA SER A 43 -0.15 15.73 -3.06
C SER A 43 0.09 16.80 -2.01
N GLY A 44 -1.00 17.27 -1.41
CA GLY A 44 -0.88 18.22 -0.32
C GLY A 44 -0.26 17.60 0.91
N ILE A 45 -0.62 16.37 1.22
CA ILE A 45 -0.14 15.70 2.41
C ILE A 45 1.33 15.30 2.26
N ILE A 46 1.67 14.64 1.15
CA ILE A 46 3.00 14.08 0.95
C ILE A 46 4.00 15.18 0.65
N ARG A 47 3.48 16.31 0.17
CA ARG A 47 4.31 17.45 -0.21
C ARG A 47 5.19 17.89 0.96
N GLY A 48 4.68 17.67 2.16
CA GLY A 48 5.43 18.00 3.34
C GLY A 48 6.35 16.87 3.76
N TYR A 49 6.18 15.71 3.11
CA TYR A 49 6.96 14.54 3.45
C TYR A 49 7.83 14.14 2.29
N LEU A 50 7.76 14.91 1.23
CA LEU A 50 8.57 14.67 0.05
C LEU A 50 10.04 14.88 0.42
N PRO A 51 10.90 13.88 0.13
CA PRO A 51 12.34 13.88 0.42
C PRO A 51 12.96 15.27 0.57
N GLY A 52 13.14 15.96 -0.54
CA GLY A 52 13.58 17.33 -0.51
C GLY A 52 12.65 18.15 -1.37
N GLN A 53 13.02 19.37 -1.71
CA GLN A 53 12.17 20.14 -2.61
C GLN A 53 12.25 19.58 -4.02
N ALA A 54 13.37 18.94 -4.35
CA ALA A 54 13.58 18.43 -5.69
C ALA A 54 12.56 17.36 -6.06
N VAL A 55 12.19 16.51 -5.10
CA VAL A 55 11.23 15.44 -5.37
C VAL A 55 9.83 16.03 -5.60
N VAL A 56 9.44 16.99 -4.75
CA VAL A 56 8.18 17.70 -4.93
C VAL A 56 8.20 18.53 -6.20
N THR A 57 9.39 18.99 -6.56
CA THR A 57 9.55 19.81 -7.72
C THR A 57 9.29 18.97 -8.93
N ALA A 58 9.98 17.84 -8.99
CA ALA A 58 9.80 16.90 -10.05
C ALA A 58 8.38 16.45 -10.13
N LEU A 59 7.77 16.17 -8.98
CA LEU A 59 6.42 15.66 -8.98
C LEU A 59 5.50 16.74 -9.52
N GLN A 60 5.68 17.93 -9.02
CA GLN A 60 4.96 19.10 -9.50
C GLN A 60 5.20 19.31 -10.98
N GLN A 61 6.43 19.08 -11.41
CA GLN A 61 6.80 19.15 -12.80
C GLN A 61 5.96 18.21 -13.64
N ARG A 62 5.86 16.96 -13.21
CA ARG A 62 4.95 15.99 -13.84
C ARG A 62 3.50 16.48 -13.79
N LEU A 63 3.11 17.18 -12.73
CA LEU A 63 1.75 17.70 -12.61
C LEU A 63 1.54 18.85 -13.58
N ASP A 64 2.60 19.62 -13.79
CA ASP A 64 2.62 20.67 -14.79
C ASP A 64 2.31 20.10 -16.16
N GLN A 65 2.80 18.90 -16.39
CA GLN A 65 2.56 18.20 -17.63
C GLN A 65 1.12 17.69 -17.70
N GLU A 66 0.53 17.45 -16.52
CA GLU A 66 -0.91 17.14 -16.35
C GLU A 66 -1.56 16.43 -17.55
N ILE A 67 -1.65 15.10 -17.50
CA ILE A 67 -2.26 14.36 -18.60
C ILE A 67 -3.75 14.64 -18.69
N ASP A 68 -4.37 14.82 -17.53
CA ASP A 68 -5.80 15.07 -17.39
C ASP A 68 -6.02 15.56 -15.97
N ASP A 69 -7.27 15.61 -15.52
CA ASP A 69 -7.52 15.93 -14.12
C ASP A 69 -7.29 14.68 -13.27
N GLN A 70 -8.09 13.63 -13.48
CA GLN A 70 -7.94 12.38 -12.75
C GLN A 70 -6.68 11.62 -13.14
N THR A 71 -6.17 11.83 -14.34
CA THR A 71 -5.03 11.06 -14.79
C THR A 71 -3.76 11.49 -14.06
N ARG A 72 -3.77 12.71 -13.53
CA ARG A 72 -2.70 13.14 -12.62
C ARG A 72 -2.60 12.10 -11.53
N ALA A 73 -3.74 11.86 -10.89
CA ALA A 73 -3.89 10.83 -9.87
C ALA A 73 -3.53 9.43 -10.39
N GLU A 74 -4.12 9.06 -11.52
CA GLU A 74 -3.94 7.73 -12.11
C GLU A 74 -2.47 7.36 -12.20
N THR A 75 -1.65 8.34 -12.52
CA THR A 75 -0.24 8.11 -12.71
C THR A 75 0.59 8.89 -11.70
N PHE A 76 -0.06 9.37 -10.64
CA PHE A 76 0.56 10.28 -9.69
C PHE A 76 1.85 9.71 -9.11
N ILE A 77 1.78 8.47 -8.69
CA ILE A 77 2.94 7.79 -8.11
C ILE A 77 3.92 7.39 -9.20
N GLN A 78 3.41 7.08 -10.38
CA GLN A 78 4.28 6.86 -11.54
C GLN A 78 5.11 8.12 -11.79
N HIS A 79 4.48 9.25 -11.55
CA HIS A 79 5.11 10.55 -11.68
C HIS A 79 6.12 10.77 -10.56
N LEU A 80 5.84 10.16 -9.41
CA LEU A 80 6.73 10.27 -8.24
C LEU A 80 7.96 9.41 -8.48
N ASN A 81 7.76 8.31 -9.16
CA ASN A 81 8.86 7.43 -9.54
C ASN A 81 9.66 8.08 -10.64
N ALA A 82 8.93 8.73 -11.53
CA ALA A 82 9.53 9.61 -12.54
C ALA A 82 10.37 10.67 -11.87
N VAL A 83 9.93 11.06 -10.69
CA VAL A 83 10.66 12.01 -9.88
C VAL A 83 11.99 11.38 -9.53
N TYR A 84 11.91 10.15 -9.02
CA TYR A 84 13.08 9.37 -8.66
C TYR A 84 14.04 9.27 -9.83
N GLU A 85 13.51 9.35 -11.05
CA GLU A 85 14.32 9.20 -12.24
C GLU A 85 14.96 10.54 -12.58
N ILE A 86 14.17 11.57 -12.38
CA ILE A 86 14.62 12.95 -12.54
C ILE A 86 15.82 13.28 -11.63
N LEU A 87 15.66 13.08 -10.33
CA LEU A 87 16.66 13.53 -9.36
C LEU A 87 17.57 12.42 -8.81
N GLY A 88 17.26 11.16 -9.07
CA GLY A 88 18.10 10.09 -8.57
C GLY A 88 17.64 9.52 -7.23
N LEU A 89 16.35 9.50 -6.97
CA LEU A 89 15.81 8.88 -5.75
C LEU A 89 15.50 7.39 -5.97
N ASN A 90 15.34 6.68 -4.86
CA ASN A 90 14.87 5.30 -4.89
C ASN A 90 13.41 5.24 -4.42
N ALA A 91 12.85 4.04 -4.37
CA ALA A 91 11.44 3.84 -4.05
C ALA A 91 11.09 4.16 -2.60
N ARG A 92 12.12 4.43 -1.80
CA ARG A 92 11.92 4.71 -0.37
C ARG A 92 11.87 6.21 -0.12
N GLY A 93 12.00 7.00 -1.17
CA GLY A 93 12.06 8.43 -1.02
C GLY A 93 13.45 8.88 -0.60
N GLN A 94 14.40 7.96 -0.69
CA GLN A 94 15.78 8.23 -0.34
C GLN A 94 16.59 8.49 -1.61
N SER A 95 17.70 9.17 -1.48
CA SER A 95 18.53 9.50 -2.63
C SER A 95 19.64 8.49 -2.82
N ILE A 96 19.74 7.95 -4.02
CA ILE A 96 20.78 6.98 -4.34
C ILE A 96 21.93 7.66 -5.06
N ARG A 97 21.83 8.97 -5.13
CA ARG A 97 22.86 9.81 -5.71
C ARG A 97 24.13 9.76 -4.85
N LEU A 98 23.94 9.58 -3.55
CA LEU A 98 25.06 9.46 -2.61
C LEU A 98 25.99 10.67 -2.74
N GLU A 99 25.43 11.83 -2.44
CA GLU A 99 26.17 13.08 -2.51
C GLU A 99 26.82 13.38 -1.16
N ARG B 1 4.64 -5.29 13.88
CA ARG B 1 4.23 -6.01 15.09
C ARG B 1 2.81 -5.62 15.51
N THR B 2 2.54 -4.32 15.51
CA THR B 2 1.26 -3.77 15.96
C THR B 2 1.33 -2.25 15.96
N HIS B 3 2.41 -1.72 16.50
CA HIS B 3 2.64 -0.29 16.53
C HIS B 3 4.06 0.04 16.07
N GLY B 4 4.17 0.98 15.15
CA GLY B 4 5.47 1.42 14.67
C GLY B 4 5.46 2.89 14.37
N THR B 5 6.04 3.30 13.25
CA THR B 5 5.92 4.67 12.80
C THR B 5 4.48 4.93 12.36
N PHE B 6 3.85 3.88 11.85
CA PHE B 6 2.43 3.92 11.54
C PHE B 6 1.64 3.41 12.76
N PRO B 7 0.73 4.24 13.29
CA PRO B 7 -0.03 3.96 14.53
C PRO B 7 -0.65 2.55 14.61
N MET B 8 -1.74 2.36 13.85
CA MET B 8 -2.57 1.15 13.93
C MET B 8 -3.41 1.14 15.20
N HIS B 9 -4.62 0.57 15.12
CA HIS B 9 -5.51 0.46 16.28
C HIS B 9 -4.73 -0.11 17.46
N GLN B 10 -4.33 -1.35 17.28
CA GLN B 10 -3.45 -2.03 18.22
C GLN B 10 -2.97 -3.32 17.58
N LEU B 11 -2.92 -3.32 16.24
CA LEU B 11 -2.74 -4.57 15.51
C LEU B 11 -2.67 -4.38 13.98
N GLY B 12 -3.77 -3.93 13.37
CA GLY B 12 -3.87 -3.95 11.93
C GLY B 12 -4.98 -3.06 11.40
N ASN B 13 -5.02 -1.81 11.86
CA ASN B 13 -6.01 -0.84 11.39
C ASN B 13 -5.93 -0.72 9.88
N VAL B 14 -4.70 -0.78 9.39
CA VAL B 14 -4.47 -0.71 7.96
C VAL B 14 -5.28 -1.81 7.32
N ILE B 15 -5.18 -3.02 7.88
CA ILE B 15 -5.80 -4.15 7.25
C ILE B 15 -7.29 -3.97 7.09
N LYS B 16 -8.07 -3.61 8.10
CA LYS B 16 -9.52 -3.57 7.92
C LYS B 16 -9.91 -2.55 6.87
N GLY B 17 -9.37 -1.36 7.02
CA GLY B 17 -9.68 -0.30 6.10
C GLY B 17 -9.41 -0.72 4.67
N ILE B 18 -8.25 -1.32 4.48
CA ILE B 18 -7.82 -1.74 3.17
C ILE B 18 -8.62 -2.90 2.61
N VAL B 19 -9.07 -3.83 3.44
CA VAL B 19 -9.74 -5.01 2.90
C VAL B 19 -11.00 -4.56 2.19
N ASP B 20 -11.69 -3.60 2.80
CA ASP B 20 -12.86 -3.00 2.19
C ASP B 20 -12.53 -2.13 0.97
N GLN B 21 -11.41 -1.42 1.01
CA GLN B 21 -11.09 -0.43 -0.01
C GLN B 21 -10.35 -1.04 -1.19
N GLU B 22 -9.33 -1.83 -0.90
CA GLU B 22 -8.41 -2.31 -1.92
C GLU B 22 -8.37 -3.83 -1.97
N GLY B 23 -8.79 -4.46 -0.88
CA GLY B 23 -8.80 -5.91 -0.82
C GLY B 23 -7.73 -6.47 0.09
N VAL B 24 -7.92 -7.73 0.46
CA VAL B 24 -7.03 -8.43 1.38
C VAL B 24 -5.57 -8.41 1.01
N ALA B 25 -5.25 -8.59 -0.26
CA ALA B 25 -3.84 -8.68 -0.64
C ALA B 25 -3.13 -7.34 -0.48
N THR B 26 -3.85 -6.23 -0.65
CA THR B 26 -3.26 -4.92 -0.39
C THR B 26 -3.21 -4.67 1.11
N ALA B 27 -4.29 -5.03 1.80
CA ALA B 27 -4.32 -4.90 3.25
C ALA B 27 -3.20 -5.71 3.85
N TYR B 28 -2.97 -6.84 3.21
CA TYR B 28 -1.90 -7.74 3.54
C TYR B 28 -0.56 -7.08 3.28
N THR B 29 -0.40 -6.56 2.06
CA THR B 29 0.81 -5.86 1.66
C THR B 29 1.16 -4.70 2.58
N LEU B 30 0.18 -3.88 2.90
CA LEU B 30 0.42 -2.69 3.68
C LEU B 30 0.72 -3.06 5.12
N GLY B 31 0.05 -4.08 5.60
CA GLY B 31 0.38 -4.62 6.90
C GLY B 31 1.82 -5.09 6.94
N MET B 32 2.29 -5.62 5.80
CA MET B 32 3.67 -6.09 5.69
C MET B 32 4.66 -4.94 5.73
N MET B 33 4.39 -3.84 5.03
CA MET B 33 5.33 -2.73 5.07
C MET B 33 5.33 -2.03 6.43
N LEU B 34 4.16 -1.56 6.84
CA LEU B 34 4.02 -0.74 8.03
C LEU B 34 4.29 -1.51 9.32
N SER B 35 3.78 -2.72 9.42
CA SER B 35 3.88 -3.48 10.65
C SER B 35 5.09 -4.42 10.58
N GLY B 36 5.98 -4.13 9.66
CA GLY B 36 7.14 -4.97 9.48
C GLY B 36 6.77 -6.28 8.82
N GLN B 37 7.76 -7.12 8.64
CA GLN B 37 7.61 -8.36 7.89
C GLN B 37 6.96 -9.45 8.73
N ASN B 38 6.22 -9.02 9.76
CA ASN B 38 5.55 -9.93 10.67
C ASN B 38 4.36 -10.59 9.99
N TYR B 39 4.67 -11.59 9.17
CA TYR B 39 3.66 -12.37 8.46
C TYR B 39 2.65 -12.97 9.42
N GLN B 40 3.10 -13.40 10.58
CA GLN B 40 2.20 -13.94 11.60
C GLN B 40 1.10 -12.94 11.92
N LEU B 41 1.47 -11.68 12.05
CA LEU B 41 0.51 -10.65 12.39
C LEU B 41 -0.47 -10.42 11.25
N VAL B 42 0.03 -10.25 10.03
CA VAL B 42 -0.85 -9.96 8.91
C VAL B 42 -1.74 -11.13 8.61
N SER B 43 -1.20 -12.33 8.68
CA SER B 43 -1.97 -13.51 8.38
C SER B 43 -3.04 -13.70 9.44
N GLY B 44 -2.69 -13.41 10.68
CA GLY B 44 -3.67 -13.46 11.75
C GLY B 44 -4.73 -12.39 11.61
N ILE B 45 -4.31 -11.19 11.21
CA ILE B 45 -5.23 -10.07 11.11
C ILE B 45 -6.17 -10.24 9.91
N ILE B 46 -5.60 -10.53 8.73
CA ILE B 46 -6.36 -10.57 7.48
C ILE B 46 -7.20 -11.83 7.43
N ARG B 47 -6.80 -12.83 8.20
CA ARG B 47 -7.49 -14.12 8.23
C ARG B 47 -8.96 -13.93 8.56
N GLY B 48 -9.24 -12.90 9.32
CA GLY B 48 -10.61 -12.59 9.68
C GLY B 48 -11.27 -11.71 8.64
N TYR B 49 -10.48 -11.23 7.69
CA TYR B 49 -10.97 -10.34 6.66
C TYR B 49 -10.86 -10.99 5.30
N LEU B 50 -10.35 -12.21 5.30
CA LEU B 50 -10.21 -12.95 4.08
C LEU B 50 -11.60 -13.25 3.52
N PRO B 51 -11.84 -12.91 2.23
CA PRO B 51 -13.10 -13.09 1.52
C PRO B 51 -14.02 -14.17 2.09
N GLY B 52 -13.66 -15.42 1.85
CA GLY B 52 -14.35 -16.53 2.46
C GLY B 52 -13.33 -17.44 3.09
N GLN B 53 -13.72 -18.65 3.48
CA GLN B 53 -12.73 -19.56 4.00
C GLN B 53 -11.80 -20.05 2.90
N ALA B 54 -12.30 -20.06 1.67
CA ALA B 54 -11.53 -20.58 0.55
C ALA B 54 -10.26 -19.77 0.31
N VAL B 55 -10.34 -18.45 0.48
CA VAL B 55 -9.19 -17.59 0.25
C VAL B 55 -8.13 -17.80 1.34
N VAL B 56 -8.58 -17.90 2.59
CA VAL B 56 -7.67 -18.21 3.70
C VAL B 56 -7.15 -19.62 3.57
N THR B 57 -7.95 -20.49 2.96
CA THR B 57 -7.58 -21.86 2.80
C THR B 57 -6.46 -21.93 1.82
N ALA B 58 -6.67 -21.30 0.68
CA ALA B 58 -5.66 -21.22 -0.35
C ALA B 58 -4.41 -20.58 0.19
N LEU B 59 -4.56 -19.51 0.96
CA LEU B 59 -3.42 -18.79 1.45
C LEU B 59 -2.65 -19.70 2.39
N GLN B 60 -3.39 -20.32 3.28
CA GLN B 60 -2.84 -21.31 4.20
C GLN B 60 -2.19 -22.45 3.44
N GLN B 61 -2.81 -22.84 2.36
CA GLN B 61 -2.30 -23.86 1.47
C GLN B 61 -0.91 -23.48 0.97
N ARG B 62 -0.78 -22.25 0.45
CA ARG B 62 0.53 -21.72 0.08
C ARG B 62 1.50 -21.68 1.28
N LEU B 63 0.97 -21.44 2.49
CA LEU B 63 1.80 -21.40 3.68
C LEU B 63 2.26 -22.81 4.03
N ASP B 64 1.39 -23.78 3.77
CA ASP B 64 1.72 -25.19 3.91
C ASP B 64 2.92 -25.54 3.06
N GLN B 65 2.97 -24.92 1.89
CA GLN B 65 4.08 -25.11 0.98
C GLN B 65 5.34 -24.42 1.49
N GLU B 66 5.14 -23.35 2.28
CA GLU B 66 6.21 -22.66 3.04
C GLU B 66 7.60 -22.73 2.37
N ILE B 67 7.97 -21.69 1.64
CA ILE B 67 9.27 -21.67 0.97
C ILE B 67 10.39 -21.57 2.00
N ASP B 68 10.12 -20.83 3.06
CA ASP B 68 11.07 -20.56 4.14
C ASP B 68 10.28 -19.99 5.29
N ASP B 69 10.94 -19.42 6.29
CA ASP B 69 10.22 -18.72 7.34
C ASP B 69 9.84 -17.32 6.86
N GLN B 70 10.84 -16.50 6.57
CA GLN B 70 10.60 -15.14 6.07
C GLN B 70 10.05 -15.13 4.64
N THR B 71 10.34 -16.17 3.87
CA THR B 71 9.92 -16.16 2.48
C THR B 71 8.41 -16.34 2.36
N ARG B 72 7.80 -16.91 3.40
CA ARG B 72 6.35 -16.93 3.47
C ARG B 72 5.87 -15.50 3.31
N ALA B 73 6.41 -14.64 4.16
CA ALA B 73 6.17 -13.20 4.12
C ALA B 73 6.55 -12.58 2.79
N GLU B 74 7.78 -12.88 2.33
CA GLU B 74 8.32 -12.30 1.09
C GLU B 74 7.34 -12.44 -0.07
N THR B 75 6.67 -13.58 -0.10
CA THR B 75 5.76 -13.88 -1.18
C THR B 75 4.33 -14.04 -0.67
N PHE B 76 4.08 -13.56 0.54
CA PHE B 76 2.80 -13.80 1.23
C PHE B 76 1.62 -13.33 0.39
N ILE B 77 1.72 -12.13 -0.15
CA ILE B 77 0.67 -11.57 -0.97
C ILE B 77 0.67 -12.19 -2.35
N GLN B 78 1.84 -12.57 -2.84
CA GLN B 78 1.93 -13.35 -4.06
C GLN B 78 1.14 -14.64 -3.90
N HIS B 79 1.19 -15.17 -2.70
CA HIS B 79 0.47 -16.37 -2.33
C HIS B 79 -1.02 -16.09 -2.22
N LEU B 80 -1.36 -14.85 -1.87
CA LEU B 80 -2.76 -14.41 -1.74
C LEU B 80 -3.35 -14.24 -3.14
N ASN B 81 -2.51 -13.80 -4.04
CA ASN B 81 -2.91 -13.65 -5.44
C ASN B 81 -3.01 -15.02 -6.08
N ALA B 82 -2.09 -15.89 -5.68
CA ALA B 82 -2.15 -17.30 -5.99
C ALA B 82 -3.47 -17.89 -5.49
N VAL B 83 -3.93 -17.33 -4.39
CA VAL B 83 -5.21 -17.71 -3.84
C VAL B 83 -6.27 -17.35 -4.84
N TYR B 84 -6.21 -16.11 -5.30
CA TYR B 84 -7.13 -15.60 -6.31
C TYR B 84 -7.13 -16.49 -7.54
N GLU B 85 -6.02 -17.18 -7.78
CA GLU B 85 -5.88 -18.02 -8.96
C GLU B 85 -6.51 -19.38 -8.68
N ILE B 86 -6.28 -19.83 -7.46
CA ILE B 86 -6.87 -21.06 -6.94
C ILE B 86 -8.41 -21.03 -6.99
N LEU B 87 -9.01 -20.03 -6.37
CA LEU B 87 -10.47 -20.01 -6.19
C LEU B 87 -11.21 -19.07 -7.15
N GLY B 88 -10.50 -18.22 -7.89
CA GLY B 88 -11.18 -17.33 -8.81
C GLY B 88 -11.50 -15.95 -8.23
N LEU B 89 -10.66 -15.45 -7.33
CA LEU B 89 -10.83 -14.10 -6.78
C LEU B 89 -10.10 -13.06 -7.63
N ASN B 90 -10.46 -11.79 -7.43
CA ASN B 90 -9.74 -10.68 -8.03
C ASN B 90 -8.89 -9.98 -6.97
N ALA B 91 -8.20 -8.92 -7.36
CA ALA B 91 -7.27 -8.23 -6.48
C ALA B 91 -7.97 -7.47 -5.35
N ARG B 92 -9.28 -7.43 -5.38
CA ARG B 92 -10.05 -6.69 -4.37
C ARG B 92 -10.53 -7.63 -3.27
N GLY B 93 -10.18 -8.90 -3.39
CA GLY B 93 -10.68 -9.89 -2.45
C GLY B 93 -12.09 -10.29 -2.79
N GLN B 94 -12.54 -9.90 -3.97
CA GLN B 94 -13.87 -10.23 -4.45
C GLN B 94 -13.79 -11.41 -5.41
N SER B 95 -14.89 -12.12 -5.58
CA SER B 95 -14.92 -13.28 -6.45
C SER B 95 -15.41 -12.93 -7.84
N ILE B 96 -14.63 -13.31 -8.84
CA ILE B 96 -14.98 -13.04 -10.23
C ILE B 96 -15.61 -14.28 -10.85
N ARG B 97 -15.80 -15.28 -10.01
CA ARG B 97 -16.46 -16.52 -10.40
C ARG B 97 -17.92 -16.27 -10.75
N LEU B 98 -18.51 -15.28 -10.09
CA LEU B 98 -19.90 -14.88 -10.36
C LEU B 98 -20.83 -16.08 -10.22
N GLU B 99 -20.87 -16.62 -9.00
CA GLU B 99 -21.70 -17.77 -8.71
C GLU B 99 -23.08 -17.32 -8.25
N ARG A 1 -12.29 16.45 2.76
CA ARG A 1 -12.32 14.98 2.95
C ARG A 1 -10.91 14.45 3.16
N THR A 2 -10.78 13.37 3.90
CA THR A 2 -9.49 12.81 4.24
C THR A 2 -9.43 11.30 4.04
N HIS A 3 -10.55 10.62 4.23
CA HIS A 3 -10.51 9.17 4.29
C HIS A 3 -11.81 8.54 3.81
N GLY A 4 -11.74 7.28 3.45
CA GLY A 4 -12.93 6.51 3.21
C GLY A 4 -13.17 5.54 4.34
N THR A 5 -13.00 4.25 4.07
CA THR A 5 -13.15 3.23 5.10
C THR A 5 -11.96 3.24 6.07
N PHE A 6 -10.78 3.60 5.56
CA PHE A 6 -9.57 3.61 6.36
C PHE A 6 -9.57 4.82 7.30
N PRO A 7 -9.37 4.57 8.59
CA PRO A 7 -9.24 5.61 9.64
C PRO A 7 -7.92 6.38 9.60
N MET A 8 -7.98 7.65 9.21
CA MET A 8 -6.79 8.49 9.22
C MET A 8 -6.83 9.45 10.40
N HIS A 9 -5.72 10.13 10.68
CA HIS A 9 -5.66 11.12 11.76
C HIS A 9 -6.78 12.15 11.56
N GLN A 10 -6.67 12.85 10.46
CA GLN A 10 -7.70 13.76 9.99
C GLN A 10 -7.32 14.25 8.60
N LEU A 11 -6.40 13.52 7.97
CA LEU A 11 -5.75 14.02 6.77
C LEU A 11 -5.00 12.92 6.01
N GLY A 12 -3.95 12.37 6.61
CA GLY A 12 -3.10 11.43 5.89
C GLY A 12 -2.22 10.61 6.81
N ASN A 13 -2.83 9.94 7.77
CA ASN A 13 -2.11 9.07 8.72
C ASN A 13 -1.29 8.05 7.96
N VAL A 14 -1.89 7.51 6.92
CA VAL A 14 -1.23 6.52 6.11
C VAL A 14 0.06 7.13 5.60
N ILE A 15 -0.03 8.37 5.10
CA ILE A 15 1.11 8.97 4.48
C ILE A 15 2.29 9.05 5.40
N LYS A 16 2.19 9.58 6.62
CA LYS A 16 3.38 9.74 7.44
C LYS A 16 4.03 8.41 7.76
N GLY A 17 3.20 7.48 8.21
CA GLY A 17 3.71 6.18 8.56
C GLY A 17 4.47 5.56 7.42
N ILE A 18 3.88 5.64 6.24
CA ILE A 18 4.46 5.05 5.05
C ILE A 18 5.70 5.79 4.57
N VAL A 19 5.77 7.11 4.71
CA VAL A 19 6.90 7.81 4.12
C VAL A 19 8.17 7.35 4.81
N ASP A 20 8.08 7.15 6.12
CA ASP A 20 9.19 6.60 6.89
C ASP A 20 9.45 5.12 6.61
N GLN A 21 8.39 4.36 6.35
CA GLN A 21 8.51 2.91 6.24
C GLN A 21 8.83 2.46 4.82
N GLU A 22 8.08 2.98 3.86
CA GLU A 22 8.13 2.50 2.48
C GLU A 22 8.52 3.62 1.52
N GLY A 23 8.33 4.84 1.95
CA GLY A 23 8.68 5.98 1.11
C GLY A 23 7.46 6.68 0.56
N VAL A 24 7.68 7.91 0.11
CA VAL A 24 6.63 8.79 -0.37
C VAL A 24 5.75 8.19 -1.46
N ALA A 25 6.32 7.57 -2.47
CA ALA A 25 5.50 7.04 -3.55
C ALA A 25 4.55 5.93 -3.08
N THR A 26 4.93 5.17 -2.05
CA THR A 26 4.00 4.21 -1.46
C THR A 26 2.99 4.92 -0.58
N ALA A 27 3.47 5.87 0.22
CA ALA A 27 2.60 6.67 1.07
C ALA A 27 1.58 7.38 0.20
N TYR A 28 2.06 7.79 -0.95
CA TYR A 28 1.27 8.41 -1.97
C TYR A 28 0.25 7.43 -2.51
N THR A 29 0.76 6.26 -2.91
CA THR A 29 -0.07 5.19 -3.45
C THR A 29 -1.19 4.80 -2.50
N LEU A 30 -0.85 4.61 -1.24
CA LEU A 30 -1.80 4.13 -0.27
C LEU A 30 -2.81 5.22 0.06
N GLY A 31 -2.34 6.45 0.12
CA GLY A 31 -3.24 7.56 0.27
C GLY A 31 -4.25 7.60 -0.86
N MET A 32 -3.79 7.21 -2.05
CA MET A 32 -4.65 7.15 -3.23
C MET A 32 -5.72 6.07 -3.09
N MET A 33 -5.37 4.88 -2.62
CA MET A 33 -6.40 3.86 -2.46
C MET A 33 -7.35 4.19 -1.31
N LEU A 34 -6.78 4.35 -0.13
CA LEU A 34 -7.54 4.48 1.11
C LEU A 34 -8.40 5.74 1.17
N SER A 35 -7.86 6.87 0.74
CA SER A 35 -8.59 8.12 0.82
C SER A 35 -9.47 8.29 -0.41
N GLY A 36 -9.15 7.50 -1.41
CA GLY A 36 -9.76 7.68 -2.69
C GLY A 36 -8.83 8.42 -3.61
N GLN A 37 -9.30 8.73 -4.78
CA GLN A 37 -8.45 9.27 -5.83
C GLN A 37 -8.19 10.76 -5.63
N ASN A 38 -8.29 11.19 -4.39
CA ASN A 38 -8.10 12.58 -4.02
C ASN A 38 -6.63 12.98 -4.11
N TYR A 39 -6.18 13.17 -5.35
CA TYR A 39 -4.84 13.67 -5.64
C TYR A 39 -4.55 14.93 -4.84
N GLN A 40 -5.57 15.78 -4.70
CA GLN A 40 -5.43 17.02 -3.94
C GLN A 40 -4.94 16.72 -2.53
N LEU A 41 -5.54 15.73 -1.89
CA LEU A 41 -5.20 15.41 -0.53
C LEU A 41 -3.80 14.81 -0.44
N VAL A 42 -3.50 13.83 -1.28
CA VAL A 42 -2.22 13.15 -1.20
C VAL A 42 -1.08 14.08 -1.54
N SER A 43 -1.29 14.90 -2.55
CA SER A 43 -0.25 15.81 -2.98
C SER A 43 0.01 16.85 -1.91
N GLY A 44 -1.05 17.30 -1.27
CA GLY A 44 -0.91 18.25 -0.18
C GLY A 44 -0.26 17.62 1.04
N ILE A 45 -0.61 16.37 1.31
CA ILE A 45 -0.09 15.68 2.48
C ILE A 45 1.37 15.30 2.29
N ILE A 46 1.70 14.63 1.18
CA ILE A 46 3.03 14.05 0.96
C ILE A 46 4.03 15.14 0.66
N ARG A 47 3.54 16.26 0.16
CA ARG A 47 4.39 17.40 -0.18
C ARG A 47 5.24 17.81 1.02
N GLY A 48 4.71 17.58 2.21
CA GLY A 48 5.43 17.88 3.42
C GLY A 48 6.34 16.75 3.84
N TYR A 49 6.21 15.61 3.16
CA TYR A 49 7.01 14.44 3.48
C TYR A 49 7.89 14.06 2.32
N LEU A 50 7.76 14.84 1.26
CA LEU A 50 8.52 14.64 0.06
C LEU A 50 9.99 14.91 0.38
N PRO A 51 10.86 14.00 -0.06
CA PRO A 51 12.30 13.96 0.31
C PRO A 51 12.93 15.34 0.47
N GLY A 52 13.13 16.03 -0.64
CA GLY A 52 13.63 17.38 -0.61
C GLY A 52 12.78 18.28 -1.48
N GLN A 53 13.29 19.44 -1.85
CA GLN A 53 12.54 20.32 -2.74
C GLN A 53 12.51 19.75 -4.16
N ALA A 54 13.54 18.96 -4.50
CA ALA A 54 13.69 18.42 -5.84
C ALA A 54 12.61 17.39 -6.16
N VAL A 55 12.25 16.56 -5.18
CA VAL A 55 11.25 15.51 -5.40
C VAL A 55 9.88 16.13 -5.63
N VAL A 56 9.50 17.08 -4.79
CA VAL A 56 8.26 17.81 -4.95
C VAL A 56 8.27 18.60 -6.23
N THR A 57 9.45 19.03 -6.63
CA THR A 57 9.60 19.83 -7.81
C THR A 57 9.29 18.97 -8.99
N ALA A 58 9.98 17.83 -9.05
CA ALA A 58 9.80 16.87 -10.10
C ALA A 58 8.38 16.36 -10.16
N LEU A 59 7.75 16.20 -9.00
CA LEU A 59 6.40 15.71 -8.98
C LEU A 59 5.49 16.79 -9.54
N GLN A 60 5.69 17.99 -9.03
CA GLN A 60 4.97 19.16 -9.51
C GLN A 60 5.23 19.39 -10.98
N GLN A 61 6.44 19.11 -11.40
CA GLN A 61 6.86 19.24 -12.77
C GLN A 61 5.94 18.46 -13.68
N ARG A 62 5.74 17.20 -13.33
CA ARG A 62 4.80 16.34 -14.03
C ARG A 62 3.37 16.83 -13.94
N LEU A 63 3.00 17.38 -12.79
CA LEU A 63 1.65 17.91 -12.59
C LEU A 63 1.43 19.11 -13.48
N ASP A 64 2.47 19.92 -13.64
CA ASP A 64 2.46 21.04 -14.57
C ASP A 64 2.17 20.57 -15.98
N GLN A 65 2.71 19.42 -16.29
CA GLN A 65 2.51 18.80 -17.59
C GLN A 65 1.09 18.26 -17.71
N GLU A 66 0.49 17.90 -16.55
CA GLU A 66 -0.93 17.52 -16.42
C GLU A 66 -1.52 16.81 -17.65
N ILE A 67 -1.65 15.48 -17.57
CA ILE A 67 -2.23 14.72 -18.67
C ILE A 67 -3.72 15.01 -18.80
N ASP A 68 -4.36 15.20 -17.64
CA ASP A 68 -5.79 15.42 -17.53
C ASP A 68 -6.07 15.89 -16.11
N ASP A 69 -7.33 15.90 -15.71
CA ASP A 69 -7.65 16.19 -14.32
C ASP A 69 -7.38 14.96 -13.45
N GLN A 70 -8.20 13.93 -13.63
CA GLN A 70 -8.04 12.67 -12.89
C GLN A 70 -6.76 11.93 -13.28
N THR A 71 -6.24 12.14 -14.48
CA THR A 71 -5.10 11.37 -14.93
C THR A 71 -3.84 11.77 -14.17
N ARG A 72 -3.83 12.98 -13.62
CA ARG A 72 -2.76 13.38 -12.72
C ARG A 72 -2.67 12.33 -11.63
N ALA A 73 -3.81 12.09 -11.00
CA ALA A 73 -3.97 11.05 -9.98
C ALA A 73 -3.64 9.66 -10.51
N GLU A 74 -4.18 9.33 -11.68
CA GLU A 74 -3.99 8.02 -12.29
C GLU A 74 -2.51 7.66 -12.38
N THR A 75 -1.69 8.67 -12.64
CA THR A 75 -0.28 8.47 -12.85
C THR A 75 0.54 9.21 -11.80
N PHE A 76 -0.11 9.63 -10.72
CA PHE A 76 0.50 10.50 -9.72
C PHE A 76 1.78 9.89 -9.15
N ILE A 77 1.69 8.63 -8.74
CA ILE A 77 2.83 7.94 -8.17
C ILE A 77 3.81 7.52 -9.27
N GLN A 78 3.29 7.23 -10.45
CA GLN A 78 4.14 7.01 -11.60
C GLN A 78 5.02 8.23 -11.83
N HIS A 79 4.42 9.39 -11.58
CA HIS A 79 5.11 10.65 -11.71
C HIS A 79 6.10 10.84 -10.57
N LEU A 80 5.79 10.24 -9.41
CA LEU A 80 6.68 10.33 -8.25
C LEU A 80 7.89 9.45 -8.46
N ASN A 81 7.68 8.34 -9.12
CA ASN A 81 8.76 7.44 -9.48
C ASN A 81 9.58 8.06 -10.58
N ALA A 82 8.88 8.71 -11.49
CA ALA A 82 9.48 9.56 -12.50
C ALA A 82 10.33 10.63 -11.84
N VAL A 83 9.86 11.05 -10.68
CA VAL A 83 10.59 12.00 -9.88
C VAL A 83 11.89 11.36 -9.48
N TYR A 84 11.78 10.15 -8.97
CA TYR A 84 12.92 9.34 -8.57
C TYR A 84 13.91 9.23 -9.73
N GLU A 85 13.40 9.28 -10.95
CA GLU A 85 14.23 9.10 -12.13
C GLU A 85 14.88 10.44 -12.50
N ILE A 86 14.10 11.47 -12.35
CA ILE A 86 14.56 12.84 -12.54
C ILE A 86 15.75 13.19 -11.64
N LEU A 87 15.58 13.01 -10.33
CA LEU A 87 16.59 13.47 -9.37
C LEU A 87 17.50 12.37 -8.81
N GLY A 88 17.19 11.10 -9.06
CA GLY A 88 18.03 10.03 -8.55
C GLY A 88 17.56 9.45 -7.22
N LEU A 89 16.26 9.44 -6.97
CA LEU A 89 15.73 8.78 -5.76
C LEU A 89 15.41 7.31 -6.04
N ASN A 90 15.31 6.54 -4.97
CA ASN A 90 14.83 5.17 -5.06
C ASN A 90 13.40 5.08 -4.51
N ALA A 91 12.84 3.88 -4.48
CA ALA A 91 11.44 3.68 -4.10
C ALA A 91 11.11 4.23 -2.70
N ARG A 92 12.11 4.25 -1.83
CA ARG A 92 11.89 4.56 -0.41
C ARG A 92 11.89 6.07 -0.16
N GLY A 93 11.91 6.86 -1.22
CA GLY A 93 11.96 8.31 -1.07
C GLY A 93 13.33 8.78 -0.63
N GLN A 94 14.28 7.85 -0.65
CA GLN A 94 15.66 8.14 -0.30
C GLN A 94 16.46 8.32 -1.58
N SER A 95 17.56 9.04 -1.52
CA SER A 95 18.37 9.25 -2.70
C SER A 95 19.45 8.19 -2.80
N ILE A 96 19.63 7.68 -4.01
CA ILE A 96 20.63 6.66 -4.26
C ILE A 96 21.93 7.30 -4.76
N ARG A 97 21.81 8.53 -5.23
CA ARG A 97 22.95 9.32 -5.61
C ARG A 97 23.35 10.23 -4.45
N LEU A 98 24.57 10.75 -4.51
CA LEU A 98 25.07 11.59 -3.44
C LEU A 98 25.57 12.91 -4.00
N GLU A 99 25.35 13.99 -3.25
CA GLU A 99 25.84 15.29 -3.62
C GLU A 99 27.18 15.54 -2.95
N ARG B 1 3.61 -7.39 19.02
CA ARG B 1 3.88 -6.17 18.22
C ARG B 1 2.81 -6.01 17.15
N THR B 2 2.55 -4.77 16.76
CA THR B 2 1.50 -4.48 15.80
C THR B 2 1.95 -3.49 14.73
N HIS B 3 2.86 -2.59 15.07
CA HIS B 3 3.16 -1.49 14.17
C HIS B 3 4.59 -1.01 14.32
N GLY B 4 5.06 -0.31 13.30
CA GLY B 4 6.30 0.41 13.41
C GLY B 4 6.05 1.90 13.52
N THR B 5 6.41 2.64 12.47
CA THR B 5 6.16 4.07 12.44
C THR B 5 4.66 4.37 12.23
N PHE B 6 3.99 3.50 11.48
CA PHE B 6 2.57 3.68 11.17
C PHE B 6 1.71 3.37 12.40
N PRO B 7 0.85 4.32 12.77
CA PRO B 7 -0.13 4.17 13.86
C PRO B 7 -1.31 3.24 13.53
N MET B 8 -1.34 2.07 14.17
CA MET B 8 -2.47 1.16 13.99
C MET B 8 -3.38 1.20 15.21
N HIS B 9 -4.56 0.59 15.11
CA HIS B 9 -5.49 0.54 16.24
C HIS B 9 -4.78 -0.07 17.43
N GLN B 10 -4.38 -1.32 17.26
CA GLN B 10 -3.53 -2.02 18.22
C GLN B 10 -3.12 -3.35 17.60
N LEU B 11 -3.26 -3.44 16.28
CA LEU B 11 -3.16 -4.71 15.60
C LEU B 11 -3.01 -4.56 14.08
N GLY B 12 -4.03 -4.05 13.40
CA GLY B 12 -4.01 -4.01 11.95
C GLY B 12 -5.03 -3.05 11.37
N ASN B 13 -4.97 -1.79 11.80
CA ASN B 13 -5.88 -0.74 11.30
C ASN B 13 -5.79 -0.67 9.79
N VAL B 14 -4.57 -0.77 9.30
CA VAL B 14 -4.35 -0.70 7.87
C VAL B 14 -5.18 -1.80 7.23
N ILE B 15 -5.11 -2.99 7.80
CA ILE B 15 -5.76 -4.11 7.19
C ILE B 15 -7.23 -3.90 7.00
N LYS B 16 -8.02 -3.51 8.00
CA LYS B 16 -9.46 -3.41 7.80
C LYS B 16 -9.81 -2.38 6.74
N GLY B 17 -9.22 -1.21 6.88
CA GLY B 17 -9.49 -0.15 5.94
C GLY B 17 -9.23 -0.60 4.52
N ILE B 18 -8.10 -1.25 4.34
CA ILE B 18 -7.68 -1.70 3.02
C ILE B 18 -8.52 -2.85 2.49
N VAL B 19 -8.99 -3.75 3.35
CA VAL B 19 -9.67 -4.92 2.82
C VAL B 19 -10.94 -4.47 2.11
N ASP B 20 -11.60 -3.48 2.71
CA ASP B 20 -12.77 -2.88 2.09
C ASP B 20 -12.44 -2.02 0.87
N GLN B 21 -11.29 -1.35 0.89
CA GLN B 21 -10.95 -0.38 -0.14
C GLN B 21 -10.22 -1.01 -1.33
N GLU B 22 -9.21 -1.82 -1.03
CA GLU B 22 -8.30 -2.33 -2.05
C GLU B 22 -8.29 -3.84 -2.07
N GLY B 23 -8.72 -4.45 -0.98
CA GLY B 23 -8.77 -5.88 -0.90
C GLY B 23 -7.69 -6.46 -0.01
N VAL B 24 -7.89 -7.70 0.39
CA VAL B 24 -7.01 -8.39 1.34
C VAL B 24 -5.54 -8.41 0.95
N ALA B 25 -5.22 -8.72 -0.29
CA ALA B 25 -3.82 -8.79 -0.68
C ALA B 25 -3.10 -7.45 -0.56
N THR B 26 -3.82 -6.34 -0.75
CA THR B 26 -3.22 -5.03 -0.50
C THR B 26 -3.17 -4.75 0.99
N ALA B 27 -4.25 -5.08 1.71
CA ALA B 27 -4.28 -4.92 3.15
C ALA B 27 -3.16 -5.73 3.77
N TYR B 28 -2.94 -6.87 3.16
CA TYR B 28 -1.89 -7.77 3.51
C TYR B 28 -0.54 -7.13 3.23
N THR B 29 -0.39 -6.64 2.00
CA THR B 29 0.81 -5.98 1.55
C THR B 29 1.20 -4.81 2.45
N LEU B 30 0.24 -3.98 2.77
CA LEU B 30 0.51 -2.78 3.52
C LEU B 30 0.80 -3.12 4.97
N GLY B 31 0.11 -4.12 5.49
CA GLY B 31 0.42 -4.62 6.80
C GLY B 31 1.86 -5.11 6.85
N MET B 32 2.32 -5.68 5.74
CA MET B 32 3.70 -6.15 5.63
C MET B 32 4.69 -5.00 5.66
N MET B 33 4.44 -3.91 4.94
CA MET B 33 5.38 -2.80 5.00
C MET B 33 5.33 -2.08 6.35
N LEU B 34 4.15 -1.62 6.71
CA LEU B 34 3.95 -0.74 7.87
C LEU B 34 4.27 -1.42 9.19
N SER B 35 3.84 -2.66 9.37
CA SER B 35 4.03 -3.36 10.62
C SER B 35 5.38 -4.02 10.63
N GLY B 36 5.95 -4.15 9.45
CA GLY B 36 7.14 -4.92 9.29
C GLY B 36 6.79 -6.28 8.72
N GLN B 37 7.77 -7.13 8.61
CA GLN B 37 7.63 -8.40 7.92
C GLN B 37 6.93 -9.44 8.79
N ASN B 38 6.16 -8.96 9.76
CA ASN B 38 5.44 -9.81 10.69
C ASN B 38 4.29 -10.52 10.02
N TYR B 39 4.63 -11.54 9.24
CA TYR B 39 3.66 -12.43 8.61
C TYR B 39 2.65 -12.94 9.63
N GLN B 40 3.13 -13.23 10.84
CA GLN B 40 2.26 -13.69 11.91
C GLN B 40 1.11 -12.73 12.14
N LEU B 41 1.44 -11.45 12.20
CA LEU B 41 0.44 -10.43 12.48
C LEU B 41 -0.53 -10.29 11.31
N VAL B 42 -0.01 -10.17 10.08
CA VAL B 42 -0.87 -9.92 8.94
C VAL B 42 -1.77 -11.11 8.66
N SER B 43 -1.21 -12.30 8.80
CA SER B 43 -1.96 -13.51 8.52
C SER B 43 -3.06 -13.66 9.56
N GLY B 44 -2.75 -13.32 10.80
CA GLY B 44 -3.74 -13.39 11.85
C GLY B 44 -4.80 -12.33 11.70
N ILE B 45 -4.39 -11.14 11.25
CA ILE B 45 -5.31 -10.03 11.09
C ILE B 45 -6.22 -10.23 9.88
N ILE B 46 -5.63 -10.52 8.71
CA ILE B 46 -6.38 -10.54 7.45
C ILE B 46 -7.23 -11.80 7.38
N ARG B 47 -6.84 -12.81 8.13
CA ARG B 47 -7.57 -14.08 8.15
C ARG B 47 -9.04 -13.85 8.51
N GLY B 48 -9.28 -12.80 9.27
CA GLY B 48 -10.63 -12.45 9.64
C GLY B 48 -11.29 -11.58 8.60
N TYR B 49 -10.51 -11.13 7.62
CA TYR B 49 -11.01 -10.26 6.58
C TYR B 49 -10.88 -10.93 5.23
N LEU B 50 -10.35 -12.13 5.27
CA LEU B 50 -10.17 -12.93 4.08
C LEU B 50 -11.55 -13.28 3.54
N PRO B 51 -11.72 -13.10 2.21
CA PRO B 51 -13.02 -13.21 1.51
C PRO B 51 -13.95 -14.28 2.08
N GLY B 52 -13.61 -15.53 1.84
CA GLY B 52 -14.34 -16.64 2.40
C GLY B 52 -13.40 -17.64 3.03
N GLN B 53 -13.85 -18.86 3.27
CA GLN B 53 -12.96 -19.88 3.82
C GLN B 53 -11.95 -20.33 2.76
N ALA B 54 -12.33 -20.22 1.50
CA ALA B 54 -11.51 -20.70 0.40
C ALA B 54 -10.24 -19.86 0.23
N VAL B 55 -10.34 -18.55 0.42
CA VAL B 55 -9.20 -17.66 0.25
C VAL B 55 -8.16 -17.92 1.34
N VAL B 56 -8.62 -18.00 2.58
CA VAL B 56 -7.76 -18.33 3.72
C VAL B 56 -7.20 -19.72 3.54
N THR B 57 -7.97 -20.59 2.92
CA THR B 57 -7.57 -21.95 2.74
C THR B 57 -6.41 -21.96 1.78
N ALA B 58 -6.62 -21.34 0.64
CA ALA B 58 -5.62 -21.24 -0.38
C ALA B 58 -4.38 -20.55 0.12
N LEU B 59 -4.54 -19.55 0.97
CA LEU B 59 -3.40 -18.83 1.48
C LEU B 59 -2.65 -19.75 2.42
N GLN B 60 -3.41 -20.37 3.30
CA GLN B 60 -2.86 -21.36 4.23
C GLN B 60 -2.23 -22.51 3.48
N GLN B 61 -2.83 -22.86 2.37
CA GLN B 61 -2.37 -23.93 1.52
C GLN B 61 -0.92 -23.68 1.12
N ARG B 62 -0.67 -22.48 0.62
CA ARG B 62 0.68 -22.05 0.30
C ARG B 62 1.60 -22.00 1.51
N LEU B 63 1.04 -21.60 2.65
CA LEU B 63 1.82 -21.53 3.88
C LEU B 63 2.24 -22.92 4.33
N ASP B 64 1.33 -23.87 4.13
CA ASP B 64 1.62 -25.29 4.37
C ASP B 64 2.80 -25.74 3.54
N GLN B 65 2.86 -25.22 2.34
CA GLN B 65 3.94 -25.52 1.42
C GLN B 65 5.23 -24.84 1.86
N GLU B 66 5.08 -23.70 2.58
CA GLU B 66 6.18 -23.00 3.26
C GLU B 66 7.54 -23.08 2.55
N ILE B 67 7.92 -22.01 1.85
CA ILE B 67 9.22 -22.00 1.16
C ILE B 67 10.35 -21.91 2.18
N ASP B 68 10.10 -21.18 3.25
CA ASP B 68 11.07 -20.91 4.30
C ASP B 68 10.32 -20.31 5.47
N ASP B 69 11.03 -19.75 6.44
CA ASP B 69 10.37 -19.01 7.51
C ASP B 69 9.95 -17.63 7.00
N GLN B 70 10.93 -16.77 6.77
CA GLN B 70 10.68 -15.43 6.26
C GLN B 70 10.14 -15.43 4.83
N THR B 71 10.40 -16.48 4.06
CA THR B 71 9.99 -16.47 2.65
C THR B 71 8.48 -16.60 2.54
N ARG B 72 7.84 -17.16 3.57
CA ARG B 72 6.39 -17.15 3.63
C ARG B 72 5.92 -15.72 3.46
N ALA B 73 6.47 -14.87 4.32
CA ALA B 73 6.24 -13.42 4.27
C ALA B 73 6.65 -12.80 2.94
N GLU B 74 7.85 -13.16 2.47
CA GLU B 74 8.39 -12.61 1.22
C GLU B 74 7.41 -12.77 0.07
N THR B 75 6.70 -13.89 0.09
CA THR B 75 5.79 -14.22 -0.99
C THR B 75 4.35 -14.32 -0.49
N PHE B 76 4.10 -13.79 0.71
CA PHE B 76 2.83 -13.97 1.38
C PHE B 76 1.66 -13.47 0.52
N ILE B 77 1.79 -12.27 0.00
CA ILE B 77 0.76 -11.68 -0.84
C ILE B 77 0.77 -12.30 -2.23
N GLN B 78 1.95 -12.70 -2.69
CA GLN B 78 2.03 -13.46 -3.92
C GLN B 78 1.21 -14.73 -3.79
N HIS B 79 1.23 -15.28 -2.59
CA HIS B 79 0.46 -16.47 -2.28
C HIS B 79 -1.02 -16.14 -2.18
N LEU B 80 -1.33 -14.90 -1.80
CA LEU B 80 -2.72 -14.46 -1.67
C LEU B 80 -3.30 -14.24 -3.07
N ASN B 81 -2.47 -13.79 -3.96
CA ASN B 81 -2.86 -13.61 -5.35
C ASN B 81 -2.96 -14.96 -6.02
N ALA B 82 -2.06 -15.83 -5.63
CA ALA B 82 -2.11 -17.24 -5.98
C ALA B 82 -3.43 -17.83 -5.48
N VAL B 83 -3.88 -17.31 -4.35
CA VAL B 83 -5.15 -17.69 -3.79
C VAL B 83 -6.21 -17.30 -4.77
N TYR B 84 -6.13 -16.04 -5.20
CA TYR B 84 -7.04 -15.49 -6.19
C TYR B 84 -7.07 -16.38 -7.43
N GLU B 85 -5.97 -17.06 -7.71
CA GLU B 85 -5.86 -17.87 -8.91
C GLU B 85 -6.46 -19.24 -8.66
N ILE B 86 -6.21 -19.72 -7.46
CA ILE B 86 -6.79 -20.98 -6.98
C ILE B 86 -8.31 -20.96 -7.02
N LEU B 87 -8.92 -19.97 -6.37
CA LEU B 87 -10.38 -19.96 -6.21
C LEU B 87 -11.13 -19.01 -7.16
N GLY B 88 -10.43 -18.17 -7.89
CA GLY B 88 -11.11 -17.27 -8.81
C GLY B 88 -11.41 -15.88 -8.23
N LEU B 89 -10.56 -15.39 -7.32
CA LEU B 89 -10.71 -14.02 -6.81
C LEU B 89 -9.94 -13.03 -7.68
N ASN B 90 -10.31 -11.76 -7.56
CA ASN B 90 -9.55 -10.68 -8.18
C ASN B 90 -8.78 -9.91 -7.11
N ALA B 91 -8.06 -8.88 -7.51
CA ALA B 91 -7.18 -8.14 -6.60
C ALA B 91 -7.90 -7.58 -5.37
N ARG B 92 -9.20 -7.31 -5.51
CA ARG B 92 -9.95 -6.61 -4.47
C ARG B 92 -10.47 -7.56 -3.40
N GLY B 93 -10.04 -8.82 -3.45
CA GLY B 93 -10.53 -9.80 -2.49
C GLY B 93 -11.96 -10.22 -2.80
N GLN B 94 -12.44 -9.78 -3.95
CA GLN B 94 -13.77 -10.12 -4.42
C GLN B 94 -13.67 -11.25 -5.44
N SER B 95 -14.72 -12.02 -5.61
CA SER B 95 -14.68 -13.12 -6.56
C SER B 95 -15.18 -12.67 -7.92
N ILE B 96 -14.47 -13.08 -8.95
CA ILE B 96 -14.83 -12.74 -10.32
C ILE B 96 -15.68 -13.84 -10.93
N ARG B 97 -15.61 -15.02 -10.34
CA ARG B 97 -16.45 -16.13 -10.72
C ARG B 97 -17.67 -16.18 -9.81
N LEU B 98 -18.69 -16.89 -10.24
CA LEU B 98 -19.93 -16.98 -9.48
C LEU B 98 -20.31 -18.43 -9.23
N GLU B 99 -20.86 -18.70 -8.06
CA GLU B 99 -21.34 -20.02 -7.72
C GLU B 99 -22.81 -20.13 -8.03
N ARG A 1 -13.31 15.05 0.74
CA ARG A 1 -13.06 13.73 1.36
C ARG A 1 -11.58 13.54 1.64
N THR A 2 -11.26 13.30 2.90
CA THR A 2 -9.89 12.99 3.29
C THR A 2 -9.71 11.48 3.41
N HIS A 3 -10.78 10.77 3.75
CA HIS A 3 -10.68 9.34 3.96
C HIS A 3 -12.04 8.68 3.86
N GLY A 4 -12.02 7.38 3.60
CA GLY A 4 -13.24 6.60 3.59
C GLY A 4 -13.26 5.59 4.70
N THR A 5 -13.32 4.30 4.34
CA THR A 5 -13.34 3.23 5.31
C THR A 5 -12.08 3.26 6.20
N PHE A 6 -10.97 3.65 5.61
CA PHE A 6 -9.72 3.80 6.34
C PHE A 6 -9.71 5.16 7.06
N PRO A 7 -9.43 5.15 8.37
CA PRO A 7 -9.35 6.38 9.22
C PRO A 7 -8.37 7.45 8.71
N MET A 8 -7.06 7.19 8.84
CA MET A 8 -6.02 8.03 8.21
C MET A 8 -5.94 9.43 8.85
N HIS A 9 -5.64 9.48 10.16
CA HIS A 9 -5.56 10.76 10.89
C HIS A 9 -6.83 11.56 10.61
N GLN A 10 -6.71 12.85 10.39
CA GLN A 10 -7.80 13.61 9.81
C GLN A 10 -7.40 14.03 8.41
N LEU A 11 -6.44 13.30 7.82
CA LEU A 11 -5.89 13.68 6.53
C LEU A 11 -5.02 12.57 5.91
N GLY A 12 -3.94 12.18 6.57
CA GLY A 12 -2.99 11.27 5.95
C GLY A 12 -2.07 10.53 6.91
N ASN A 13 -2.65 9.76 7.83
CA ASN A 13 -1.83 8.94 8.75
C ASN A 13 -1.04 7.93 7.95
N VAL A 14 -1.69 7.38 6.93
CA VAL A 14 -1.03 6.42 6.09
C VAL A 14 0.22 7.08 5.55
N ILE A 15 0.07 8.32 5.08
CA ILE A 15 1.16 8.97 4.44
C ILE A 15 2.38 9.09 5.33
N LYS A 16 2.32 9.62 6.56
CA LYS A 16 3.56 9.79 7.33
C LYS A 16 4.21 8.48 7.64
N GLY A 17 3.40 7.57 8.15
CA GLY A 17 3.91 6.31 8.57
C GLY A 17 4.67 5.64 7.45
N ILE A 18 4.09 5.68 6.27
CA ILE A 18 4.67 5.08 5.10
C ILE A 18 5.90 5.83 4.59
N VAL A 19 5.97 7.15 4.73
CA VAL A 19 7.10 7.86 4.13
C VAL A 19 8.36 7.38 4.81
N ASP A 20 8.28 7.18 6.12
CA ASP A 20 9.39 6.63 6.88
C ASP A 20 9.63 5.15 6.61
N GLN A 21 8.57 4.38 6.38
CA GLN A 21 8.68 2.94 6.27
C GLN A 21 8.99 2.48 4.84
N GLU A 22 8.25 3.00 3.88
CA GLU A 22 8.31 2.52 2.51
C GLU A 22 8.69 3.63 1.54
N GLY A 23 8.49 4.88 1.96
CA GLY A 23 8.85 6.02 1.13
C GLY A 23 7.64 6.75 0.60
N VAL A 24 7.86 7.98 0.17
CA VAL A 24 6.79 8.87 -0.29
C VAL A 24 5.92 8.29 -1.38
N ALA A 25 6.50 7.58 -2.33
CA ALA A 25 5.69 7.06 -3.44
C ALA A 25 4.75 5.96 -2.98
N THR A 26 5.13 5.18 -1.97
CA THR A 26 4.19 4.21 -1.41
C THR A 26 3.18 4.91 -0.51
N ALA A 27 3.66 5.85 0.29
CA ALA A 27 2.78 6.65 1.13
C ALA A 27 1.76 7.35 0.27
N TYR A 28 2.24 7.78 -0.88
CA TYR A 28 1.44 8.41 -1.89
C TYR A 28 0.43 7.42 -2.44
N THR A 29 0.93 6.26 -2.87
CA THR A 29 0.09 5.21 -3.42
C THR A 29 -1.01 4.77 -2.45
N LEU A 30 -0.65 4.56 -1.20
CA LEU A 30 -1.59 4.05 -0.23
C LEU A 30 -2.57 5.14 0.13
N GLY A 31 -2.08 6.36 0.22
CA GLY A 31 -2.97 7.48 0.40
C GLY A 31 -3.97 7.54 -0.72
N MET A 32 -3.51 7.22 -1.93
CA MET A 32 -4.37 7.20 -3.11
C MET A 32 -5.47 6.15 -3.00
N MET A 33 -5.12 4.92 -2.66
CA MET A 33 -6.14 3.88 -2.63
C MET A 33 -7.11 4.05 -1.46
N LEU A 34 -6.55 4.38 -0.30
CA LEU A 34 -7.34 4.52 0.93
C LEU A 34 -8.26 5.74 0.96
N SER A 35 -7.76 6.89 0.54
CA SER A 35 -8.52 8.12 0.64
C SER A 35 -9.42 8.29 -0.56
N GLY A 36 -9.03 7.61 -1.62
CA GLY A 36 -9.63 7.85 -2.90
C GLY A 36 -8.64 8.54 -3.80
N GLN A 37 -9.04 8.81 -5.01
CA GLN A 37 -8.15 9.34 -6.02
C GLN A 37 -7.96 10.84 -5.87
N ASN A 38 -8.18 11.34 -4.65
CA ASN A 38 -8.00 12.75 -4.34
C ASN A 38 -6.52 13.11 -4.32
N TYR A 39 -5.98 13.27 -5.52
CA TYR A 39 -4.59 13.68 -5.72
C TYR A 39 -4.25 14.94 -4.94
N GLN A 40 -5.19 15.87 -4.88
CA GLN A 40 -4.99 17.10 -4.14
C GLN A 40 -4.60 16.81 -2.70
N LEU A 41 -5.32 15.88 -2.07
CA LEU A 41 -5.06 15.55 -0.70
C LEU A 41 -3.71 14.87 -0.53
N VAL A 42 -3.43 13.86 -1.36
CA VAL A 42 -2.19 13.11 -1.20
C VAL A 42 -0.99 13.99 -1.49
N SER A 43 -1.11 14.80 -2.52
CA SER A 43 -0.02 15.64 -2.92
C SER A 43 0.19 16.72 -1.88
N GLY A 44 -0.91 17.22 -1.31
CA GLY A 44 -0.80 18.20 -0.25
C GLY A 44 -0.24 17.61 1.01
N ILE A 45 -0.61 16.37 1.30
CA ILE A 45 -0.14 15.69 2.49
C ILE A 45 1.33 15.30 2.35
N ILE A 46 1.69 14.63 1.25
CA ILE A 46 3.02 14.09 1.05
C ILE A 46 3.99 15.22 0.76
N ARG A 47 3.48 16.33 0.28
CA ARG A 47 4.30 17.49 -0.11
C ARG A 47 5.19 17.93 1.03
N GLY A 48 4.69 17.77 2.23
CA GLY A 48 5.45 18.14 3.40
C GLY A 48 6.36 17.02 3.84
N TYR A 49 6.14 15.85 3.25
CA TYR A 49 6.84 14.65 3.66
C TYR A 49 7.75 14.21 2.52
N LEU A 50 7.67 14.98 1.44
CA LEU A 50 8.50 14.76 0.28
C LEU A 50 9.95 15.06 0.64
N PRO A 51 10.88 14.13 0.31
CA PRO A 51 12.31 14.23 0.55
C PRO A 51 12.84 15.67 0.69
N GLY A 52 12.79 16.40 -0.42
CA GLY A 52 13.19 17.78 -0.42
C GLY A 52 12.32 18.57 -1.37
N GLN A 53 12.70 19.80 -1.68
CA GLN A 53 11.91 20.59 -2.60
C GLN A 53 12.02 20.03 -4.02
N ALA A 54 13.13 19.36 -4.30
CA ALA A 54 13.37 18.81 -5.63
C ALA A 54 12.37 17.71 -5.98
N VAL A 55 12.04 16.85 -5.02
CA VAL A 55 11.13 15.74 -5.28
C VAL A 55 9.71 16.25 -5.51
N VAL A 56 9.27 17.20 -4.69
CA VAL A 56 7.98 17.83 -4.88
C VAL A 56 7.95 18.61 -6.17
N THR A 57 9.10 19.18 -6.53
CA THR A 57 9.20 19.98 -7.71
C THR A 57 8.99 19.10 -8.90
N ALA A 58 9.76 18.03 -8.96
CA ALA A 58 9.66 17.06 -10.02
C ALA A 58 8.28 16.46 -10.11
N LEU A 59 7.66 16.23 -8.96
CA LEU A 59 6.35 15.64 -8.95
C LEU A 59 5.37 16.64 -9.53
N GLN A 60 5.47 17.85 -9.04
CA GLN A 60 4.66 18.96 -9.53
C GLN A 60 4.94 19.21 -10.99
N GLN A 61 6.19 19.01 -11.37
CA GLN A 61 6.66 19.21 -12.71
C GLN A 61 5.81 18.45 -13.71
N ARG A 62 5.58 17.15 -13.49
CA ARG A 62 4.69 16.41 -14.36
C ARG A 62 3.20 16.71 -14.10
N LEU A 63 2.84 17.16 -12.91
CA LEU A 63 1.46 17.57 -12.67
C LEU A 63 1.14 18.77 -13.56
N ASP A 64 2.15 19.61 -13.75
CA ASP A 64 2.08 20.72 -14.68
C ASP A 64 1.76 20.22 -16.07
N GLN A 65 2.31 19.05 -16.38
CA GLN A 65 2.07 18.41 -17.67
C GLN A 65 0.66 17.85 -17.74
N GLU A 66 0.09 17.48 -16.57
CA GLU A 66 -1.33 17.10 -16.43
C GLU A 66 -1.89 16.38 -17.67
N ILE A 67 -1.79 15.06 -17.72
CA ILE A 67 -2.39 14.31 -18.81
C ILE A 67 -3.90 14.57 -18.83
N ASP A 68 -4.42 14.70 -17.62
CA ASP A 68 -5.82 14.99 -17.37
C ASP A 68 -5.92 15.39 -15.90
N ASP A 69 -7.09 15.80 -15.45
CA ASP A 69 -7.27 16.08 -14.04
C ASP A 69 -7.05 14.80 -13.23
N GLN A 70 -7.85 13.79 -13.50
CA GLN A 70 -7.73 12.51 -12.82
C GLN A 70 -6.50 11.72 -13.24
N THR A 71 -6.03 11.90 -14.48
CA THR A 71 -4.93 11.07 -14.95
C THR A 71 -3.61 11.46 -14.29
N ARG A 72 -3.50 12.70 -13.81
CA ARG A 72 -2.32 13.09 -13.08
C ARG A 72 -2.26 12.26 -11.80
N ALA A 73 -3.42 12.09 -11.16
CA ALA A 73 -3.60 11.12 -10.07
C ALA A 73 -3.29 9.70 -10.49
N GLU A 74 -3.86 9.28 -11.62
CA GLU A 74 -3.69 7.91 -12.12
C GLU A 74 -2.22 7.54 -12.25
N THR A 75 -1.42 8.54 -12.59
CA THR A 75 0.00 8.33 -12.78
C THR A 75 0.82 9.09 -11.74
N PHE A 76 0.15 9.53 -10.68
CA PHE A 76 0.77 10.43 -9.69
C PHE A 76 2.04 9.83 -9.09
N ILE A 77 1.96 8.57 -8.68
CA ILE A 77 3.09 7.88 -8.09
C ILE A 77 4.09 7.46 -9.16
N GLN A 78 3.59 7.13 -10.34
CA GLN A 78 4.46 6.89 -11.48
C GLN A 78 5.29 8.14 -11.74
N HIS A 79 4.66 9.27 -11.48
CA HIS A 79 5.29 10.57 -11.60
C HIS A 79 6.27 10.82 -10.46
N LEU A 80 6.00 10.22 -9.30
CA LEU A 80 6.86 10.36 -8.14
C LEU A 80 8.13 9.53 -8.36
N ASN A 81 7.96 8.42 -9.03
CA ASN A 81 9.08 7.57 -9.39
C ASN A 81 9.86 8.24 -10.51
N ALA A 82 9.11 8.87 -11.40
CA ALA A 82 9.67 9.75 -12.42
C ALA A 82 10.51 10.83 -11.74
N VAL A 83 10.05 11.25 -10.59
CA VAL A 83 10.75 12.23 -9.79
C VAL A 83 12.09 11.65 -9.42
N TYR A 84 12.05 10.43 -8.87
CA TYR A 84 13.26 9.70 -8.49
C TYR A 84 14.24 9.63 -9.66
N GLU A 85 13.71 9.66 -10.88
CA GLU A 85 14.53 9.54 -12.07
C GLU A 85 15.10 10.90 -12.44
N ILE A 86 14.26 11.90 -12.28
CA ILE A 86 14.63 13.30 -12.48
C ILE A 86 15.80 13.72 -11.58
N LEU A 87 15.64 13.54 -10.26
CA LEU A 87 16.62 14.06 -9.31
C LEU A 87 17.58 13.00 -8.73
N GLY A 88 17.32 11.72 -8.96
CA GLY A 88 18.21 10.70 -8.44
C GLY A 88 17.79 10.14 -7.08
N LEU A 89 16.49 10.07 -6.81
CA LEU A 89 16.01 9.45 -5.56
C LEU A 89 15.78 7.96 -5.76
N ASN A 90 15.71 7.23 -4.64
CA ASN A 90 15.30 5.83 -4.67
C ASN A 90 13.89 5.70 -4.10
N ALA A 91 13.39 4.47 -3.99
CA ALA A 91 12.00 4.23 -3.61
C ALA A 91 11.66 4.73 -2.19
N ARG A 92 12.67 4.93 -1.37
CA ARG A 92 12.44 5.29 0.03
C ARG A 92 12.29 6.79 0.22
N GLY A 93 12.35 7.53 -0.88
CA GLY A 93 12.31 8.97 -0.77
C GLY A 93 13.66 9.53 -0.33
N GLN A 94 14.66 8.66 -0.34
CA GLN A 94 16.01 9.05 -0.02
C GLN A 94 16.81 9.22 -1.32
N SER A 95 17.87 9.99 -1.25
CA SER A 95 18.66 10.29 -2.44
C SER A 95 19.84 9.33 -2.59
N ILE A 96 20.00 8.80 -3.79
CA ILE A 96 21.13 7.91 -4.08
C ILE A 96 22.27 8.69 -4.72
N ARG A 97 22.00 9.97 -4.96
CA ARG A 97 22.99 10.88 -5.49
C ARG A 97 24.04 11.19 -4.43
N LEU A 98 23.59 11.33 -3.19
CA LEU A 98 24.48 11.61 -2.07
C LEU A 98 25.31 12.87 -2.33
N GLU A 99 24.62 13.97 -2.47
CA GLU A 99 25.25 15.25 -2.73
C GLU A 99 25.26 16.10 -1.47
N ARG B 1 5.92 -7.42 17.76
CA ARG B 1 5.69 -6.12 17.10
C ARG B 1 4.44 -6.17 16.22
N THR B 2 3.51 -5.29 16.52
CA THR B 2 2.31 -5.14 15.70
C THR B 2 2.49 -4.00 14.71
N HIS B 3 3.27 -3.00 15.08
CA HIS B 3 3.44 -1.82 14.24
C HIS B 3 4.72 -1.07 14.58
N GLY B 4 5.18 -0.28 13.64
CA GLY B 4 6.32 0.59 13.89
C GLY B 4 5.92 2.04 13.82
N THR B 5 6.51 2.77 12.89
CA THR B 5 6.22 4.19 12.69
C THR B 5 4.73 4.41 12.41
N PHE B 6 4.13 3.48 11.70
CA PHE B 6 2.71 3.52 11.40
C PHE B 6 1.92 2.97 12.60
N PRO B 7 0.91 3.73 13.10
CA PRO B 7 0.05 3.33 14.23
C PRO B 7 -0.67 1.99 14.05
N MET B 8 -1.68 1.95 13.17
CA MET B 8 -2.31 0.67 12.76
C MET B 8 -3.12 0.01 13.90
N HIS B 9 -4.14 0.73 14.41
CA HIS B 9 -4.95 0.21 15.52
C HIS B 9 -4.03 -0.24 16.63
N GLN B 10 -4.32 -1.36 17.26
CA GLN B 10 -3.33 -2.02 18.09
C GLN B 10 -2.89 -3.32 17.41
N LEU B 11 -3.08 -3.38 16.09
CA LEU B 11 -2.84 -4.60 15.35
C LEU B 11 -2.84 -4.37 13.83
N GLY B 12 -3.97 -3.93 13.27
CA GLY B 12 -4.08 -3.89 11.82
C GLY B 12 -5.17 -2.97 11.29
N ASN B 13 -5.09 -1.68 11.61
CA ASN B 13 -6.04 -0.70 11.08
C ASN B 13 -5.92 -0.65 9.57
N VAL B 14 -4.68 -0.72 9.10
CA VAL B 14 -4.44 -0.70 7.68
C VAL B 14 -5.22 -1.83 7.08
N ILE B 15 -5.14 -3.00 7.70
CA ILE B 15 -5.77 -4.15 7.13
C ILE B 15 -7.25 -3.98 6.92
N LYS B 16 -8.07 -3.59 7.91
CA LYS B 16 -9.51 -3.54 7.65
C LYS B 16 -9.85 -2.53 6.59
N GLY B 17 -9.32 -1.34 6.78
CA GLY B 17 -9.63 -0.26 5.89
C GLY B 17 -9.38 -0.65 4.45
N ILE B 18 -8.24 -1.28 4.24
CA ILE B 18 -7.83 -1.71 2.93
C ILE B 18 -8.65 -2.89 2.40
N VAL B 19 -9.12 -3.80 3.25
CA VAL B 19 -9.81 -4.98 2.72
C VAL B 19 -11.06 -4.51 2.00
N ASP B 20 -11.73 -3.52 2.58
CA ASP B 20 -12.88 -2.90 1.95
C ASP B 20 -12.52 -2.03 0.74
N GLN B 21 -11.38 -1.36 0.79
CA GLN B 21 -11.04 -0.38 -0.24
C GLN B 21 -10.30 -1.00 -1.41
N GLU B 22 -9.29 -1.82 -1.12
CA GLU B 22 -8.40 -2.34 -2.15
C GLU B 22 -8.40 -3.86 -2.18
N GLY B 23 -8.82 -4.47 -1.07
CA GLY B 23 -8.88 -5.92 -0.98
C GLY B 23 -7.82 -6.50 -0.07
N VAL B 24 -8.05 -7.72 0.36
CA VAL B 24 -7.19 -8.42 1.32
C VAL B 24 -5.73 -8.46 0.93
N ALA B 25 -5.42 -8.68 -0.33
CA ALA B 25 -4.02 -8.79 -0.73
C ALA B 25 -3.29 -7.46 -0.61
N THR B 26 -3.99 -6.33 -0.82
CA THR B 26 -3.35 -5.04 -0.58
C THR B 26 -3.31 -4.75 0.90
N ALA B 27 -4.38 -5.06 1.61
CA ALA B 27 -4.42 -4.90 3.05
C ALA B 27 -3.31 -5.71 3.68
N TYR B 28 -3.10 -6.87 3.07
CA TYR B 28 -2.05 -7.77 3.44
C TYR B 28 -0.70 -7.14 3.16
N THR B 29 -0.52 -6.68 1.92
CA THR B 29 0.71 -6.03 1.49
C THR B 29 1.07 -4.83 2.37
N LEU B 30 0.11 -3.98 2.64
CA LEU B 30 0.37 -2.77 3.38
C LEU B 30 0.64 -3.11 4.83
N GLY B 31 -0.10 -4.07 5.34
CA GLY B 31 0.18 -4.56 6.67
C GLY B 31 1.60 -5.08 6.73
N MET B 32 2.05 -5.71 5.65
CA MET B 32 3.41 -6.22 5.57
C MET B 32 4.44 -5.10 5.63
N MET B 33 4.29 -4.06 4.82
CA MET B 33 5.32 -3.03 4.80
C MET B 33 5.30 -2.19 6.08
N LEU B 34 4.11 -1.83 6.53
CA LEU B 34 3.93 -0.97 7.71
C LEU B 34 4.31 -1.63 9.03
N SER B 35 3.88 -2.87 9.24
CA SER B 35 4.09 -3.53 10.52
C SER B 35 5.44 -4.20 10.55
N GLY B 36 5.96 -4.45 9.38
CA GLY B 36 7.12 -5.28 9.24
C GLY B 36 6.73 -6.60 8.64
N GLN B 37 7.69 -7.46 8.42
CA GLN B 37 7.47 -8.70 7.73
C GLN B 37 6.86 -9.76 8.62
N ASN B 38 6.17 -9.31 9.67
CA ASN B 38 5.49 -10.21 10.59
C ASN B 38 4.27 -10.83 9.95
N TYR B 39 4.52 -11.82 9.12
CA TYR B 39 3.49 -12.60 8.43
C TYR B 39 2.45 -13.13 9.41
N GLN B 40 2.90 -13.54 10.58
CA GLN B 40 1.98 -14.04 11.61
C GLN B 40 0.90 -13.01 11.91
N LEU B 41 1.30 -11.76 12.06
CA LEU B 41 0.37 -10.72 12.41
C LEU B 41 -0.59 -10.44 11.25
N VAL B 42 -0.05 -10.28 10.03
CA VAL B 42 -0.90 -9.93 8.90
C VAL B 42 -1.85 -11.06 8.58
N SER B 43 -1.35 -12.27 8.64
CA SER B 43 -2.17 -13.41 8.31
C SER B 43 -3.22 -13.61 9.37
N GLY B 44 -2.85 -13.34 10.62
CA GLY B 44 -3.81 -13.43 11.71
C GLY B 44 -4.85 -12.34 11.64
N ILE B 45 -4.41 -11.15 11.23
CA ILE B 45 -5.32 -10.02 11.13
C ILE B 45 -6.25 -10.18 9.93
N ILE B 46 -5.69 -10.47 8.75
CA ILE B 46 -6.45 -10.52 7.50
C ILE B 46 -7.31 -11.77 7.47
N ARG B 47 -6.90 -12.78 8.25
CA ARG B 47 -7.59 -14.07 8.28
C ARG B 47 -9.07 -13.90 8.57
N GLY B 48 -9.36 -12.90 9.38
CA GLY B 48 -10.74 -12.64 9.75
C GLY B 48 -11.39 -11.75 8.73
N TYR B 49 -10.58 -11.20 7.83
CA TYR B 49 -11.06 -10.23 6.86
C TYR B 49 -10.97 -10.84 5.47
N LEU B 50 -10.46 -12.06 5.45
CA LEU B 50 -10.33 -12.84 4.24
C LEU B 50 -11.73 -13.18 3.74
N PRO B 51 -12.00 -12.93 2.44
CA PRO B 51 -13.27 -13.21 1.76
C PRO B 51 -14.11 -14.31 2.39
N GLY B 52 -13.59 -15.52 2.34
CA GLY B 52 -14.24 -16.65 2.96
C GLY B 52 -13.22 -17.62 3.49
N GLN B 53 -13.64 -18.81 3.88
CA GLN B 53 -12.70 -19.79 4.39
C GLN B 53 -11.79 -20.29 3.26
N ALA B 54 -12.29 -20.24 2.03
CA ALA B 54 -11.54 -20.72 0.89
C ALA B 54 -10.29 -19.89 0.63
N VAL B 55 -10.39 -18.56 0.76
CA VAL B 55 -9.27 -17.68 0.49
C VAL B 55 -8.18 -17.87 1.55
N VAL B 56 -8.57 -17.95 2.80
CA VAL B 56 -7.64 -18.21 3.89
C VAL B 56 -7.04 -19.60 3.74
N THR B 57 -7.85 -20.52 3.23
CA THR B 57 -7.41 -21.87 3.08
C THR B 57 -6.32 -21.92 2.06
N ALA B 58 -6.60 -21.36 0.90
CA ALA B 58 -5.65 -21.28 -0.17
C ALA B 58 -4.40 -20.55 0.24
N LEU B 59 -4.55 -19.51 1.03
CA LEU B 59 -3.41 -18.75 1.46
C LEU B 59 -2.57 -19.61 2.38
N GLN B 60 -3.25 -20.23 3.33
CA GLN B 60 -2.63 -21.15 4.25
C GLN B 60 -2.03 -22.32 3.51
N GLN B 61 -2.69 -22.71 2.45
CA GLN B 61 -2.30 -23.82 1.62
C GLN B 61 -0.86 -23.68 1.15
N ARG B 62 -0.51 -22.53 0.60
CA ARG B 62 0.89 -22.31 0.24
C ARG B 62 1.79 -22.00 1.44
N LEU B 63 1.24 -21.49 2.54
CA LEU B 63 2.05 -21.31 3.74
C LEU B 63 2.52 -22.68 4.23
N ASP B 64 1.65 -23.66 4.07
CA ASP B 64 1.98 -25.06 4.33
C ASP B 64 3.17 -25.48 3.51
N GLN B 65 3.24 -24.94 2.30
CA GLN B 65 4.34 -25.22 1.41
C GLN B 65 5.61 -24.49 1.86
N GLU B 66 5.44 -23.35 2.57
CA GLU B 66 6.53 -22.64 3.24
C GLU B 66 7.87 -22.75 2.52
N ILE B 67 8.16 -21.82 1.60
CA ILE B 67 9.47 -21.80 0.95
C ILE B 67 10.55 -21.64 2.00
N ASP B 68 10.20 -20.86 3.01
CA ASP B 68 11.03 -20.57 4.17
C ASP B 68 10.14 -19.92 5.20
N ASP B 69 10.66 -19.65 6.38
CA ASP B 69 9.88 -18.92 7.37
C ASP B 69 9.56 -17.53 6.85
N GLN B 70 10.59 -16.77 6.57
CA GLN B 70 10.41 -15.42 6.04
C GLN B 70 9.93 -15.39 4.59
N THR B 71 10.25 -16.42 3.80
CA THR B 71 9.92 -16.38 2.39
C THR B 71 8.42 -16.58 2.16
N ARG B 72 7.74 -17.20 3.12
CA ARG B 72 6.30 -17.32 3.02
C ARG B 72 5.71 -15.93 3.11
N ALA B 73 6.26 -15.12 4.01
CA ALA B 73 5.98 -13.68 4.08
C ALA B 73 6.35 -12.95 2.78
N GLU B 74 7.57 -13.21 2.31
CA GLU B 74 8.09 -12.56 1.10
C GLU B 74 7.14 -12.73 -0.07
N THR B 75 6.48 -13.87 -0.12
CA THR B 75 5.57 -14.19 -1.19
C THR B 75 4.14 -14.30 -0.69
N PHE B 76 3.89 -13.79 0.52
CA PHE B 76 2.61 -13.99 1.20
C PHE B 76 1.44 -13.48 0.36
N ILE B 77 1.58 -12.27 -0.16
CA ILE B 77 0.53 -11.67 -0.98
C ILE B 77 0.51 -12.28 -2.38
N GLN B 78 1.68 -12.65 -2.88
CA GLN B 78 1.77 -13.40 -4.12
C GLN B 78 0.97 -14.69 -3.96
N HIS B 79 1.00 -15.20 -2.76
CA HIS B 79 0.27 -16.39 -2.38
C HIS B 79 -1.22 -16.11 -2.24
N LEU B 80 -1.55 -14.87 -1.88
CA LEU B 80 -2.94 -14.45 -1.73
C LEU B 80 -3.56 -14.29 -3.11
N ASN B 81 -2.75 -13.85 -4.04
CA ASN B 81 -3.17 -13.73 -5.42
C ASN B 81 -3.27 -15.11 -6.04
N ALA B 82 -2.32 -15.96 -5.64
CA ALA B 82 -2.37 -17.37 -5.94
C ALA B 82 -3.68 -17.96 -5.43
N VAL B 83 -4.13 -17.42 -4.31
CA VAL B 83 -5.38 -17.82 -3.72
C VAL B 83 -6.48 -17.50 -4.70
N TYR B 84 -6.47 -16.24 -5.17
CA TYR B 84 -7.43 -15.76 -6.16
C TYR B 84 -7.45 -16.68 -7.38
N GLU B 85 -6.33 -17.33 -7.64
CA GLU B 85 -6.21 -18.19 -8.81
C GLU B 85 -6.77 -19.57 -8.49
N ILE B 86 -6.49 -20.01 -7.28
CA ILE B 86 -7.01 -21.25 -6.74
C ILE B 86 -8.54 -21.28 -6.73
N LEU B 87 -9.16 -20.29 -6.09
CA LEU B 87 -10.60 -20.30 -5.87
C LEU B 87 -11.41 -19.40 -6.81
N GLY B 88 -10.75 -18.53 -7.58
CA GLY B 88 -11.49 -17.67 -8.49
C GLY B 88 -11.83 -16.29 -7.90
N LEU B 89 -10.99 -15.76 -7.04
CA LEU B 89 -11.20 -14.40 -6.50
C LEU B 89 -10.54 -13.36 -7.39
N ASN B 90 -10.97 -12.11 -7.24
CA ASN B 90 -10.28 -10.99 -7.87
C ASN B 90 -9.51 -10.19 -6.83
N ALA B 91 -8.88 -9.10 -7.24
CA ALA B 91 -8.00 -8.33 -6.36
C ALA B 91 -8.71 -7.74 -5.14
N ARG B 92 -10.03 -7.62 -5.21
CA ARG B 92 -10.77 -6.94 -4.15
C ARG B 92 -11.16 -7.90 -3.03
N GLY B 93 -10.73 -9.15 -3.14
CA GLY B 93 -11.13 -10.15 -2.18
C GLY B 93 -12.56 -10.60 -2.43
N GLN B 94 -13.09 -10.21 -3.56
CA GLN B 94 -14.42 -10.64 -3.97
C GLN B 94 -14.29 -11.77 -5.00
N SER B 95 -15.34 -12.56 -5.12
CA SER B 95 -15.30 -13.71 -6.01
C SER B 95 -15.86 -13.38 -7.38
N ILE B 96 -15.14 -13.79 -8.42
CA ILE B 96 -15.60 -13.59 -9.79
C ILE B 96 -16.29 -14.84 -10.30
N ARG B 97 -16.26 -15.87 -9.48
CA ARG B 97 -16.93 -17.12 -9.78
C ARG B 97 -18.44 -16.95 -9.68
N LEU B 98 -18.87 -16.16 -8.71
CA LEU B 98 -20.30 -15.88 -8.50
C LEU B 98 -21.08 -17.18 -8.35
N GLU B 99 -20.75 -17.93 -7.30
CA GLU B 99 -21.41 -19.18 -7.03
C GLU B 99 -22.39 -19.01 -5.87
N ARG A 1 -12.10 14.29 0.56
CA ARG A 1 -12.26 13.54 1.82
C ARG A 1 -10.93 12.96 2.25
N THR A 2 -10.78 12.74 3.54
CA THR A 2 -9.62 12.05 4.09
C THR A 2 -10.06 10.69 4.65
N HIS A 3 -11.18 10.70 5.36
CA HIS A 3 -11.73 9.48 5.95
C HIS A 3 -12.58 8.73 4.96
N GLY A 4 -11.95 8.09 3.99
CA GLY A 4 -12.68 7.29 3.05
C GLY A 4 -13.19 6.01 3.70
N THR A 5 -12.30 5.05 3.86
CA THR A 5 -12.59 3.83 4.60
C THR A 5 -11.36 3.46 5.45
N PHE A 6 -10.54 4.47 5.70
CA PHE A 6 -9.32 4.29 6.45
C PHE A 6 -9.15 5.48 7.40
N PRO A 7 -9.00 5.20 8.70
CA PRO A 7 -8.78 6.23 9.73
C PRO A 7 -7.50 7.05 9.53
N MET A 8 -7.66 8.27 9.03
CA MET A 8 -6.52 9.16 8.85
C MET A 8 -6.54 10.24 9.92
N HIS A 9 -5.41 10.94 10.10
CA HIS A 9 -5.33 12.03 11.10
C HIS A 9 -6.07 13.27 10.59
N GLN A 10 -7.21 13.06 9.95
CA GLN A 10 -7.95 14.11 9.26
C GLN A 10 -7.21 14.54 7.97
N LEU A 11 -6.28 13.72 7.51
CA LEU A 11 -5.59 14.04 6.26
C LEU A 11 -4.86 12.82 5.66
N GLY A 12 -3.91 12.24 6.39
CA GLY A 12 -3.10 11.19 5.80
C GLY A 12 -2.20 10.47 6.80
N ASN A 13 -2.81 9.71 7.71
CA ASN A 13 -2.05 8.89 8.66
C ASN A 13 -1.26 7.86 7.88
N VAL A 14 -1.93 7.31 6.87
CA VAL A 14 -1.30 6.33 6.02
C VAL A 14 -0.04 6.95 5.48
N ILE A 15 -0.16 8.17 4.99
CA ILE A 15 0.95 8.81 4.36
C ILE A 15 2.17 8.91 5.25
N LYS A 16 2.11 9.44 6.49
CA LYS A 16 3.36 9.60 7.26
C LYS A 16 4.07 8.30 7.50
N GLY A 17 3.31 7.34 8.02
CA GLY A 17 3.91 6.08 8.41
C GLY A 17 4.70 5.49 7.26
N ILE A 18 4.09 5.57 6.11
CA ILE A 18 4.67 5.03 4.90
C ILE A 18 5.84 5.83 4.38
N VAL A 19 5.86 7.16 4.54
CA VAL A 19 6.93 7.93 3.94
C VAL A 19 8.25 7.51 4.58
N ASP A 20 8.21 7.28 5.88
CA ASP A 20 9.37 6.77 6.61
C ASP A 20 9.71 5.33 6.27
N GLN A 21 8.70 4.48 6.08
CA GLN A 21 8.93 3.04 5.94
C GLN A 21 9.15 2.62 4.49
N GLU A 22 8.26 3.07 3.63
CA GLU A 22 8.21 2.60 2.25
C GLU A 22 8.52 3.73 1.28
N GLY A 23 8.39 4.96 1.75
CA GLY A 23 8.69 6.10 0.93
C GLY A 23 7.45 6.80 0.43
N VAL A 24 7.63 8.05 0.02
CA VAL A 24 6.55 8.91 -0.43
C VAL A 24 5.69 8.29 -1.53
N ALA A 25 6.29 7.69 -2.53
CA ALA A 25 5.50 7.13 -3.63
C ALA A 25 4.58 6.00 -3.16
N THR A 26 4.97 5.24 -2.14
CA THR A 26 4.06 4.24 -1.57
C THR A 26 3.04 4.92 -0.69
N ALA A 27 3.47 5.87 0.13
CA ALA A 27 2.57 6.63 0.98
C ALA A 27 1.55 7.33 0.11
N TYR A 28 2.04 7.77 -1.02
CA TYR A 28 1.25 8.41 -2.05
C TYR A 28 0.28 7.40 -2.64
N THR A 29 0.81 6.26 -3.04
CA THR A 29 0.01 5.18 -3.60
C THR A 29 -1.12 4.75 -2.67
N LEU A 30 -0.80 4.56 -1.40
CA LEU A 30 -1.76 4.06 -0.46
C LEU A 30 -2.80 5.13 -0.17
N GLY A 31 -2.34 6.38 -0.09
CA GLY A 31 -3.27 7.47 0.04
C GLY A 31 -4.25 7.49 -1.12
N MET A 32 -3.77 7.09 -2.28
CA MET A 32 -4.59 7.01 -3.49
C MET A 32 -5.64 5.90 -3.37
N MET A 33 -5.27 4.72 -2.87
CA MET A 33 -6.27 3.67 -2.75
C MET A 33 -7.27 3.99 -1.63
N LEU A 34 -6.75 4.20 -0.44
CA LEU A 34 -7.56 4.33 0.77
C LEU A 34 -8.49 5.54 0.77
N SER A 35 -7.99 6.69 0.33
CA SER A 35 -8.79 7.91 0.37
C SER A 35 -9.62 8.01 -0.89
N GLY A 36 -9.17 7.31 -1.91
CA GLY A 36 -9.73 7.47 -3.22
C GLY A 36 -8.74 8.20 -4.10
N GLN A 37 -9.15 8.49 -5.31
CA GLN A 37 -8.24 9.03 -6.31
C GLN A 37 -8.04 10.54 -6.11
N ASN A 38 -8.25 10.98 -4.87
CA ASN A 38 -8.13 12.38 -4.48
C ASN A 38 -6.68 12.82 -4.51
N TYR A 39 -6.17 13.03 -5.71
CA TYR A 39 -4.82 13.54 -5.93
C TYR A 39 -4.58 14.80 -5.12
N GLN A 40 -5.60 15.65 -5.03
CA GLN A 40 -5.51 16.89 -4.26
C GLN A 40 -5.08 16.59 -2.83
N LEU A 41 -5.73 15.62 -2.21
CA LEU A 41 -5.45 15.30 -0.84
C LEU A 41 -4.05 14.71 -0.69
N VAL A 42 -3.71 13.73 -1.49
CA VAL A 42 -2.42 13.07 -1.36
C VAL A 42 -1.28 14.00 -1.67
N SER A 43 -1.46 14.83 -2.68
CA SER A 43 -0.41 15.75 -3.08
C SER A 43 -0.21 16.80 -2.01
N GLY A 44 -1.31 17.21 -1.39
CA GLY A 44 -1.22 18.15 -0.29
C GLY A 44 -0.61 17.52 0.94
N ILE A 45 -0.96 16.26 1.20
CA ILE A 45 -0.47 15.56 2.38
C ILE A 45 1.02 15.23 2.23
N ILE A 46 1.39 14.59 1.12
CA ILE A 46 2.75 14.08 0.93
C ILE A 46 3.71 15.23 0.65
N ARG A 47 3.19 16.35 0.17
CA ARG A 47 3.99 17.52 -0.20
C ARG A 47 4.86 17.97 0.97
N GLY A 48 4.35 17.79 2.16
CA GLY A 48 5.10 18.15 3.34
C GLY A 48 6.03 17.04 3.74
N TYR A 49 5.80 15.85 3.19
CA TYR A 49 6.50 14.66 3.61
C TYR A 49 7.42 14.21 2.51
N LEU A 50 7.42 14.99 1.43
CA LEU A 50 8.28 14.74 0.30
C LEU A 50 9.72 14.96 0.74
N PRO A 51 10.61 13.96 0.45
CA PRO A 51 12.04 13.97 0.78
C PRO A 51 12.64 15.37 0.97
N GLY A 52 12.78 16.09 -0.13
CA GLY A 52 13.25 17.45 -0.08
C GLY A 52 12.45 18.31 -1.02
N GLN A 53 12.85 19.55 -1.23
CA GLN A 53 12.11 20.42 -2.12
C GLN A 53 12.23 19.91 -3.57
N ALA A 54 13.31 19.20 -3.85
CA ALA A 54 13.55 18.67 -5.19
C ALA A 54 12.48 17.65 -5.60
N VAL A 55 12.10 16.75 -4.70
CA VAL A 55 11.14 15.71 -5.03
C VAL A 55 9.74 16.30 -5.25
N VAL A 56 9.37 17.23 -4.39
CA VAL A 56 8.12 17.97 -4.55
C VAL A 56 8.17 18.84 -5.77
N THR A 57 9.37 19.29 -6.11
CA THR A 57 9.56 20.15 -7.24
C THR A 57 9.25 19.35 -8.47
N ALA A 58 9.92 18.22 -8.59
CA ALA A 58 9.73 17.31 -9.69
C ALA A 58 8.30 16.83 -9.75
N LEU A 59 7.69 16.67 -8.59
CA LEU A 59 6.34 16.20 -8.53
C LEU A 59 5.43 17.27 -9.13
N GLN A 60 5.62 18.47 -8.64
CA GLN A 60 4.92 19.63 -9.14
C GLN A 60 5.26 19.87 -10.60
N GLN A 61 6.48 19.55 -10.95
CA GLN A 61 7.03 19.80 -12.26
C GLN A 61 6.15 19.18 -13.33
N ARG A 62 5.80 17.91 -13.18
CA ARG A 62 4.89 17.30 -14.13
C ARG A 62 3.44 17.70 -13.89
N LEU A 63 3.09 18.05 -12.66
CA LEU A 63 1.72 18.47 -12.37
C LEU A 63 1.42 19.79 -13.06
N ASP A 64 2.48 20.56 -13.29
CA ASP A 64 2.38 21.79 -14.07
C ASP A 64 2.01 21.46 -15.50
N GLN A 65 2.59 20.38 -15.97
CA GLN A 65 2.34 19.91 -17.32
C GLN A 65 0.99 19.20 -17.42
N GLU A 66 0.53 18.64 -16.29
CA GLU A 66 -0.79 17.99 -16.15
C GLU A 66 -1.33 17.35 -17.44
N ILE A 67 -1.21 16.03 -17.54
CA ILE A 67 -1.67 15.30 -18.74
C ILE A 67 -3.16 15.52 -18.95
N ASP A 68 -3.87 15.61 -17.84
CA ASP A 68 -5.31 15.77 -17.80
C ASP A 68 -5.68 16.21 -16.40
N ASP A 69 -6.94 16.07 -16.04
CA ASP A 69 -7.36 16.29 -14.67
C ASP A 69 -7.06 15.03 -13.84
N GLN A 70 -7.86 14.00 -14.07
CA GLN A 70 -7.67 12.72 -13.38
C GLN A 70 -6.34 12.04 -13.70
N THR A 71 -5.76 12.32 -14.86
CA THR A 71 -4.56 11.58 -15.27
C THR A 71 -3.36 11.99 -14.41
N ARG A 72 -3.42 13.18 -13.82
CA ARG A 72 -2.43 13.58 -12.83
C ARG A 72 -2.38 12.49 -11.78
N ALA A 73 -3.56 12.20 -11.23
CA ALA A 73 -3.75 11.11 -10.27
C ALA A 73 -3.39 9.74 -10.84
N GLU A 74 -3.90 9.43 -12.03
CA GLU A 74 -3.70 8.12 -12.66
C GLU A 74 -2.25 7.70 -12.66
N THR A 75 -1.38 8.67 -12.87
CA THR A 75 0.03 8.41 -13.00
C THR A 75 0.82 9.17 -11.93
N PHE A 76 0.12 9.63 -10.90
CA PHE A 76 0.69 10.51 -9.89
C PHE A 76 1.95 9.90 -9.25
N ILE A 77 1.86 8.63 -8.89
CA ILE A 77 2.99 7.93 -8.27
C ILE A 77 4.02 7.50 -9.30
N GLN A 78 3.55 7.13 -10.48
CA GLN A 78 4.44 6.84 -11.60
C GLN A 78 5.30 8.05 -11.88
N HIS A 79 4.70 9.20 -11.71
CA HIS A 79 5.38 10.45 -11.87
C HIS A 79 6.28 10.73 -10.67
N LEU A 80 5.90 10.25 -9.48
CA LEU A 80 6.69 10.45 -8.27
C LEU A 80 8.00 9.66 -8.43
N ASN A 81 7.87 8.53 -9.09
CA ASN A 81 9.01 7.69 -9.41
C ASN A 81 9.82 8.34 -10.51
N ALA A 82 9.10 8.96 -11.43
CA ALA A 82 9.71 9.85 -12.42
C ALA A 82 10.50 10.96 -11.74
N VAL A 83 10.01 11.34 -10.57
CA VAL A 83 10.69 12.32 -9.75
C VAL A 83 12.00 11.74 -9.31
N TYR A 84 11.91 10.52 -8.78
CA TYR A 84 13.09 9.75 -8.37
C TYR A 84 14.10 9.70 -9.50
N GLU A 85 13.62 9.76 -10.73
CA GLU A 85 14.50 9.64 -11.90
C GLU A 85 15.10 10.99 -12.23
N ILE A 86 14.27 12.00 -12.08
CA ILE A 86 14.68 13.40 -12.24
C ILE A 86 15.83 13.77 -11.29
N LEU A 87 15.64 13.57 -9.99
CA LEU A 87 16.59 14.04 -8.99
C LEU A 87 17.54 12.97 -8.44
N GLY A 88 17.27 11.70 -8.72
CA GLY A 88 18.14 10.65 -8.20
C GLY A 88 17.68 10.04 -6.88
N LEU A 89 16.37 9.97 -6.65
CA LEU A 89 15.83 9.31 -5.46
C LEU A 89 15.58 7.84 -5.72
N ASN A 90 15.42 7.08 -4.64
CA ASN A 90 15.03 5.68 -4.72
C ASN A 90 13.56 5.52 -4.33
N ALA A 91 13.06 4.29 -4.35
CA ALA A 91 11.66 4.02 -4.05
C ALA A 91 11.26 4.48 -2.64
N ARG A 92 12.25 4.58 -1.76
CA ARG A 92 11.99 4.87 -0.35
C ARG A 92 11.92 6.37 -0.11
N GLY A 93 12.03 7.15 -1.17
CA GLY A 93 12.05 8.59 -1.03
C GLY A 93 13.38 9.06 -0.49
N GLN A 94 14.37 8.19 -0.56
CA GLN A 94 15.71 8.52 -0.11
C GLN A 94 16.59 8.84 -1.31
N SER A 95 17.58 9.70 -1.11
CA SER A 95 18.45 10.09 -2.20
C SER A 95 19.65 9.17 -2.31
N ILE A 96 19.74 8.50 -3.44
CA ILE A 96 20.84 7.58 -3.70
C ILE A 96 22.02 8.32 -4.28
N ARG A 97 21.85 9.63 -4.40
CA ARG A 97 22.93 10.52 -4.80
C ARG A 97 24.05 10.49 -3.77
N LEU A 98 23.67 10.32 -2.51
CA LEU A 98 24.63 10.27 -1.42
C LEU A 98 24.18 9.22 -0.39
N GLU A 99 24.97 8.17 -0.26
CA GLU A 99 24.67 7.11 0.69
C GLU A 99 25.96 6.55 1.26
N ARG B 1 5.32 -7.23 16.45
CA ARG B 1 4.88 -5.84 16.72
C ARG B 1 3.74 -5.47 15.76
N THR B 2 2.91 -4.54 16.19
CA THR B 2 1.88 -3.97 15.34
C THR B 2 2.23 -2.51 15.04
N HIS B 3 2.66 -1.78 16.07
CA HIS B 3 3.02 -0.39 15.92
C HIS B 3 4.46 -0.25 15.47
N GLY B 4 4.70 -0.53 14.20
CA GLY B 4 6.02 -0.34 13.67
C GLY B 4 6.34 1.13 13.50
N THR B 5 5.81 1.72 12.45
CA THR B 5 5.88 3.15 12.24
C THR B 5 4.55 3.65 11.69
N PHE B 6 3.51 2.88 11.96
CA PHE B 6 2.17 3.17 11.49
C PHE B 6 1.18 2.84 12.60
N PRO B 7 0.37 3.82 13.01
CA PRO B 7 -0.67 3.65 14.03
C PRO B 7 -1.73 2.60 13.67
N MET B 8 -1.62 1.43 14.27
CA MET B 8 -2.61 0.37 14.07
C MET B 8 -3.50 0.24 15.29
N HIS B 9 -4.65 -0.44 15.14
CA HIS B 9 -5.58 -0.65 16.26
C HIS B 9 -5.01 -1.70 17.22
N GLN B 10 -3.71 -1.65 17.45
CA GLN B 10 -3.00 -2.69 18.22
C GLN B 10 -2.89 -3.99 17.40
N LEU B 11 -3.12 -3.90 16.09
CA LEU B 11 -2.99 -5.08 15.25
C LEU B 11 -2.87 -4.75 13.76
N GLY B 12 -3.88 -4.09 13.19
CA GLY B 12 -3.89 -3.89 11.75
C GLY B 12 -4.99 -2.96 11.28
N ASN B 13 -4.89 -1.68 11.62
CA ASN B 13 -5.83 -0.66 11.12
C ASN B 13 -5.70 -0.57 9.62
N VAL B 14 -4.45 -0.64 9.16
CA VAL B 14 -4.17 -0.61 7.75
C VAL B 14 -4.97 -1.71 7.11
N ILE B 15 -4.89 -2.89 7.70
CA ILE B 15 -5.52 -4.04 7.12
C ILE B 15 -7.01 -3.85 6.90
N LYS B 16 -7.83 -3.45 7.88
CA LYS B 16 -9.28 -3.40 7.63
C LYS B 16 -9.65 -2.45 6.52
N GLY B 17 -9.13 -1.23 6.62
CA GLY B 17 -9.51 -0.23 5.67
C GLY B 17 -9.28 -0.70 4.26
N ILE B 18 -8.14 -1.32 4.09
CA ILE B 18 -7.73 -1.82 2.81
C ILE B 18 -8.51 -3.03 2.34
N VAL B 19 -8.94 -3.92 3.24
CA VAL B 19 -9.61 -5.13 2.78
C VAL B 19 -10.87 -4.74 2.04
N ASP B 20 -11.58 -3.74 2.58
CA ASP B 20 -12.77 -3.22 1.93
C ASP B 20 -12.46 -2.44 0.65
N GLN B 21 -11.37 -1.68 0.64
CA GLN B 21 -11.10 -0.76 -0.46
C GLN B 21 -10.29 -1.41 -1.58
N GLU B 22 -9.22 -2.06 -1.20
CA GLU B 22 -8.24 -2.57 -2.16
C GLU B 22 -8.17 -4.08 -2.14
N GLY B 23 -8.65 -4.66 -1.05
CA GLY B 23 -8.68 -6.09 -0.92
C GLY B 23 -7.61 -6.62 0.01
N VAL B 24 -7.83 -7.84 0.47
CA VAL B 24 -6.94 -8.48 1.43
C VAL B 24 -5.48 -8.51 1.01
N ALA B 25 -5.19 -8.84 -0.23
CA ALA B 25 -3.80 -8.91 -0.65
C ALA B 25 -3.09 -7.56 -0.58
N THR B 26 -3.80 -6.46 -0.77
CA THR B 26 -3.21 -5.14 -0.57
C THR B 26 -3.12 -4.82 0.92
N ALA B 27 -4.18 -5.13 1.65
CA ALA B 27 -4.19 -4.94 3.09
C ALA B 27 -3.06 -5.74 3.71
N TYR B 28 -2.87 -6.91 3.12
CA TYR B 28 -1.82 -7.81 3.48
C TYR B 28 -0.47 -7.20 3.15
N THR B 29 -0.34 -6.74 1.90
CA THR B 29 0.86 -6.08 1.42
C THR B 29 1.27 -4.91 2.30
N LEU B 30 0.32 -4.06 2.62
CA LEU B 30 0.61 -2.86 3.36
C LEU B 30 0.96 -3.21 4.80
N GLY B 31 0.27 -4.20 5.34
CA GLY B 31 0.62 -4.70 6.65
C GLY B 31 2.05 -5.18 6.67
N MET B 32 2.47 -5.74 5.54
CA MET B 32 3.85 -6.23 5.38
C MET B 32 4.84 -5.08 5.38
N MET B 33 4.56 -3.99 4.67
CA MET B 33 5.52 -2.88 4.68
C MET B 33 5.53 -2.16 6.03
N LEU B 34 4.36 -1.72 6.44
CA LEU B 34 4.22 -0.86 7.63
C LEU B 34 4.64 -1.52 8.93
N SER B 35 4.22 -2.76 9.13
CA SER B 35 4.51 -3.44 10.39
C SER B 35 5.87 -4.11 10.31
N GLY B 36 6.31 -4.33 9.10
CA GLY B 36 7.47 -5.13 8.87
C GLY B 36 7.08 -6.46 8.30
N GLN B 37 8.03 -7.33 8.11
CA GLN B 37 7.80 -8.59 7.42
C GLN B 37 7.16 -9.62 8.33
N ASN B 38 6.46 -9.12 9.35
CA ASN B 38 5.80 -9.94 10.35
C ASN B 38 4.58 -10.65 9.74
N TYR B 39 4.87 -11.69 8.96
CA TYR B 39 3.84 -12.54 8.37
C TYR B 39 2.86 -13.02 9.43
N GLN B 40 3.38 -13.35 10.61
CA GLN B 40 2.53 -13.80 11.71
C GLN B 40 1.43 -12.80 11.99
N LEU B 41 1.80 -11.52 12.08
CA LEU B 41 0.84 -10.50 12.40
C LEU B 41 -0.17 -10.30 11.28
N VAL B 42 0.31 -10.17 10.04
CA VAL B 42 -0.60 -9.91 8.92
C VAL B 42 -1.52 -11.09 8.67
N SER B 43 -0.98 -12.30 8.80
CA SER B 43 -1.76 -13.49 8.54
C SER B 43 -2.82 -13.65 9.62
N GLY B 44 -2.46 -13.28 10.84
CA GLY B 44 -3.41 -13.32 11.92
C GLY B 44 -4.47 -12.22 11.79
N ILE B 45 -4.04 -11.05 11.33
CA ILE B 45 -4.94 -9.92 11.20
C ILE B 45 -5.90 -10.13 10.02
N ILE B 46 -5.37 -10.45 8.85
CA ILE B 46 -6.16 -10.53 7.62
C ILE B 46 -7.01 -11.78 7.62
N ARG B 47 -6.59 -12.79 8.39
CA ARG B 47 -7.29 -14.08 8.44
C ARG B 47 -8.75 -13.91 8.80
N GLY B 48 -9.03 -12.89 9.59
CA GLY B 48 -10.40 -12.62 9.96
C GLY B 48 -11.08 -11.77 8.91
N TYR B 49 -10.27 -11.18 8.03
CA TYR B 49 -10.76 -10.20 7.08
C TYR B 49 -10.71 -10.80 5.69
N LEU B 50 -10.23 -12.04 5.63
CA LEU B 50 -10.16 -12.78 4.41
C LEU B 50 -11.58 -13.03 3.89
N PRO B 51 -11.83 -12.69 2.60
CA PRO B 51 -13.11 -12.85 1.91
C PRO B 51 -14.04 -13.91 2.51
N GLY B 52 -13.66 -15.16 2.35
CA GLY B 52 -14.39 -16.26 2.93
C GLY B 52 -13.44 -17.28 3.47
N GLN B 53 -13.93 -18.43 3.90
CA GLN B 53 -13.04 -19.45 4.44
C GLN B 53 -12.14 -20.00 3.33
N ALA B 54 -12.62 -19.92 2.09
CA ALA B 54 -11.87 -20.42 0.95
C ALA B 54 -10.56 -19.67 0.74
N VAL B 55 -10.58 -18.34 0.86
CA VAL B 55 -9.39 -17.53 0.62
C VAL B 55 -8.34 -17.77 1.71
N VAL B 56 -8.80 -17.84 2.95
CA VAL B 56 -7.94 -18.16 4.08
C VAL B 56 -7.47 -19.58 3.98
N THR B 57 -8.30 -20.43 3.38
CA THR B 57 -7.96 -21.81 3.23
C THR B 57 -6.80 -21.92 2.30
N ALA B 58 -6.96 -21.32 1.14
CA ALA B 58 -5.93 -21.29 0.13
C ALA B 58 -4.69 -20.61 0.65
N LEU B 59 -4.88 -19.62 1.50
CA LEU B 59 -3.77 -18.89 2.05
C LEU B 59 -2.99 -19.83 2.95
N GLN B 60 -3.71 -20.46 3.84
CA GLN B 60 -3.18 -21.48 4.73
C GLN B 60 -2.62 -22.65 3.94
N GLN B 61 -3.26 -22.93 2.84
CA GLN B 61 -2.95 -24.07 2.01
C GLN B 61 -1.49 -24.07 1.61
N ARG B 62 -1.00 -22.94 1.10
CA ARG B 62 0.41 -22.86 0.79
C ARG B 62 1.27 -22.63 2.03
N LEU B 63 0.72 -22.04 3.09
CA LEU B 63 1.49 -21.82 4.30
C LEU B 63 1.79 -23.17 4.96
N ASP B 64 0.93 -24.14 4.69
CA ASP B 64 1.16 -25.51 5.13
C ASP B 64 2.37 -26.08 4.43
N GLN B 65 2.49 -25.72 3.17
CA GLN B 65 3.61 -26.15 2.35
C GLN B 65 4.88 -25.37 2.67
N GLU B 66 4.69 -24.13 3.16
CA GLU B 66 5.78 -23.23 3.61
C GLU B 66 7.13 -23.43 2.88
N ILE B 67 7.43 -22.53 1.93
CA ILE B 67 8.66 -22.63 1.16
C ILE B 67 9.87 -22.55 2.08
N ASP B 68 9.73 -21.74 3.12
CA ASP B 68 10.76 -21.49 4.10
C ASP B 68 10.09 -20.85 5.30
N ASP B 69 10.87 -20.21 6.15
CA ASP B 69 10.30 -19.41 7.23
C ASP B 69 9.91 -18.03 6.68
N GLN B 70 10.90 -17.20 6.39
CA GLN B 70 10.67 -15.88 5.83
C GLN B 70 10.03 -15.91 4.45
N THR B 71 10.20 -16.98 3.69
CA THR B 71 9.72 -16.99 2.31
C THR B 71 8.19 -17.05 2.27
N ARG B 72 7.59 -17.55 3.35
CA ARG B 72 6.15 -17.48 3.50
C ARG B 72 5.75 -16.02 3.31
N ALA B 73 6.39 -15.17 4.12
CA ALA B 73 6.24 -13.72 4.03
C ALA B 73 6.64 -13.15 2.68
N GLU B 74 7.83 -13.54 2.19
CA GLU B 74 8.38 -13.02 0.94
C GLU B 74 7.36 -13.06 -0.19
N THR B 75 6.59 -14.14 -0.21
CA THR B 75 5.66 -14.37 -1.28
C THR B 75 4.23 -14.45 -0.75
N PHE B 76 4.04 -13.97 0.48
CA PHE B 76 2.76 -14.13 1.20
C PHE B 76 1.59 -13.60 0.38
N ILE B 77 1.74 -12.41 -0.17
CA ILE B 77 0.69 -11.78 -0.97
C ILE B 77 0.64 -12.37 -2.38
N GLN B 78 1.80 -12.72 -2.93
CA GLN B 78 1.85 -13.42 -4.20
C GLN B 78 1.06 -14.70 -4.10
N HIS B 79 1.15 -15.29 -2.94
CA HIS B 79 0.41 -16.50 -2.65
C HIS B 79 -1.07 -16.17 -2.40
N LEU B 80 -1.36 -14.98 -1.88
CA LEU B 80 -2.76 -14.56 -1.63
C LEU B 80 -3.46 -14.41 -2.98
N ASN B 81 -2.68 -13.96 -3.94
CA ASN B 81 -3.14 -13.81 -5.32
C ASN B 81 -3.28 -15.19 -5.94
N ALA B 82 -2.33 -16.04 -5.58
CA ALA B 82 -2.42 -17.47 -5.90
C ALA B 82 -3.71 -18.05 -5.34
N VAL B 83 -4.14 -17.49 -4.21
CA VAL B 83 -5.38 -17.88 -3.59
C VAL B 83 -6.49 -17.48 -4.52
N TYR B 84 -6.44 -16.23 -4.96
CA TYR B 84 -7.38 -15.70 -5.94
C TYR B 84 -7.47 -16.62 -7.16
N GLU B 85 -6.38 -17.32 -7.43
CA GLU B 85 -6.32 -18.17 -8.61
C GLU B 85 -6.92 -19.53 -8.30
N ILE B 86 -6.64 -19.98 -7.10
CA ILE B 86 -7.20 -21.21 -6.55
C ILE B 86 -8.73 -21.19 -6.53
N LEU B 87 -9.31 -20.17 -5.90
CA LEU B 87 -10.76 -20.14 -5.66
C LEU B 87 -11.53 -19.22 -6.63
N GLY B 88 -10.84 -18.40 -7.41
CA GLY B 88 -11.56 -17.52 -8.32
C GLY B 88 -11.83 -16.12 -7.77
N LEU B 89 -10.97 -15.61 -6.91
CA LEU B 89 -11.11 -14.24 -6.39
C LEU B 89 -10.39 -13.24 -7.30
N ASN B 90 -10.72 -11.96 -7.13
CA ASN B 90 -10.02 -10.88 -7.82
C ASN B 90 -9.10 -10.16 -6.85
N ALA B 91 -8.40 -9.14 -7.33
CA ALA B 91 -7.44 -8.40 -6.50
C ALA B 91 -8.10 -7.76 -5.27
N ARG B 92 -9.41 -7.53 -5.35
CA ARG B 92 -10.13 -6.80 -4.32
C ARG B 92 -10.60 -7.74 -3.21
N GLY B 93 -10.23 -9.01 -3.31
CA GLY B 93 -10.70 -9.99 -2.36
C GLY B 93 -12.15 -10.34 -2.59
N GLN B 94 -12.65 -9.98 -3.76
CA GLN B 94 -14.01 -10.28 -4.14
C GLN B 94 -14.05 -11.48 -5.07
N SER B 95 -15.14 -12.24 -5.02
CA SER B 95 -15.25 -13.43 -5.84
C SER B 95 -15.86 -13.11 -7.19
N ILE B 96 -15.09 -13.34 -8.23
CA ILE B 96 -15.53 -13.09 -9.59
C ILE B 96 -16.29 -14.29 -10.14
N ARG B 97 -16.41 -15.29 -9.28
CA ARG B 97 -17.20 -16.47 -9.56
C ARG B 97 -18.67 -16.08 -9.74
N LEU B 98 -19.09 -15.08 -8.98
CA LEU B 98 -20.46 -14.60 -9.04
C LEU B 98 -20.48 -13.08 -8.91
N GLU B 99 -20.89 -12.40 -9.97
CA GLU B 99 -20.97 -10.95 -9.98
C GLU B 99 -22.16 -10.50 -10.82
N ARG A 1 -13.25 14.89 1.46
CA ARG A 1 -12.73 15.49 2.71
C ARG A 1 -11.33 14.97 3.04
N THR A 2 -11.19 13.65 3.17
CA THR A 2 -9.92 13.05 3.55
C THR A 2 -9.99 11.53 3.56
N HIS A 3 -11.02 10.96 4.18
CA HIS A 3 -11.06 9.51 4.36
C HIS A 3 -12.49 9.01 4.50
N GLY A 4 -12.67 7.72 4.19
CA GLY A 4 -13.95 7.08 4.39
C GLY A 4 -13.82 5.89 5.32
N THR A 5 -13.38 4.75 4.78
CA THR A 5 -13.21 3.54 5.58
C THR A 5 -11.95 3.61 6.44
N PHE A 6 -10.80 3.80 5.80
CA PHE A 6 -9.52 3.92 6.51
C PHE A 6 -9.49 5.25 7.28
N PRO A 7 -9.16 5.20 8.59
CA PRO A 7 -9.09 6.38 9.48
C PRO A 7 -8.24 7.54 8.92
N MET A 8 -6.94 7.31 8.75
CA MET A 8 -6.08 8.28 8.05
C MET A 8 -5.99 9.63 8.80
N HIS A 9 -5.86 9.57 10.14
CA HIS A 9 -5.89 10.76 11.01
C HIS A 9 -7.09 11.62 10.67
N GLN A 10 -6.83 12.75 10.03
CA GLN A 10 -7.87 13.60 9.49
C GLN A 10 -7.42 14.12 8.14
N LEU A 11 -6.44 13.44 7.56
CA LEU A 11 -5.81 13.92 6.35
C LEU A 11 -4.96 12.84 5.68
N GLY A 12 -4.03 12.24 6.42
CA GLY A 12 -3.11 11.29 5.81
C GLY A 12 -2.23 10.54 6.79
N ASN A 13 -2.84 9.81 7.73
CA ASN A 13 -2.06 8.95 8.66
C ASN A 13 -1.29 7.93 7.86
N VAL A 14 -1.93 7.40 6.84
CA VAL A 14 -1.28 6.43 5.98
C VAL A 14 -0.02 7.08 5.45
N ILE A 15 -0.16 8.30 4.98
CA ILE A 15 0.96 8.96 4.36
C ILE A 15 2.17 9.07 5.26
N LYS A 16 2.10 9.60 6.49
CA LYS A 16 3.32 9.78 7.27
C LYS A 16 3.99 8.47 7.58
N GLY A 17 3.19 7.54 8.10
CA GLY A 17 3.72 6.28 8.51
C GLY A 17 4.51 5.64 7.40
N ILE A 18 3.95 5.70 6.22
CA ILE A 18 4.56 5.13 5.05
C ILE A 18 5.77 5.90 4.54
N VAL A 19 5.81 7.22 4.69
CA VAL A 19 6.93 7.95 4.12
C VAL A 19 8.20 7.51 4.82
N ASP A 20 8.10 7.30 6.12
CA ASP A 20 9.19 6.75 6.92
C ASP A 20 9.47 5.27 6.62
N GLN A 21 8.43 4.50 6.35
CA GLN A 21 8.59 3.05 6.21
C GLN A 21 8.91 2.61 4.78
N GLU A 22 8.15 3.13 3.83
CA GLU A 22 8.21 2.66 2.46
C GLU A 22 8.59 3.79 1.50
N GLY A 23 8.40 5.02 1.93
CA GLY A 23 8.73 6.17 1.11
C GLY A 23 7.51 6.85 0.56
N VAL A 24 7.70 8.09 0.13
CA VAL A 24 6.62 8.95 -0.34
C VAL A 24 5.76 8.34 -1.44
N ALA A 25 6.38 7.73 -2.44
CA ALA A 25 5.59 7.17 -3.54
C ALA A 25 4.64 6.07 -3.08
N THR A 26 5.02 5.29 -2.06
CA THR A 26 4.10 4.31 -1.50
C THR A 26 3.08 4.99 -0.61
N ALA A 27 3.52 5.94 0.20
CA ALA A 27 2.61 6.72 1.04
C ALA A 27 1.60 7.41 0.15
N TYR A 28 2.10 7.83 -0.99
CA TYR A 28 1.31 8.44 -2.02
C TYR A 28 0.33 7.43 -2.59
N THR A 29 0.87 6.28 -2.99
CA THR A 29 0.08 5.18 -3.52
C THR A 29 -1.06 4.76 -2.60
N LEU A 30 -0.74 4.58 -1.33
CA LEU A 30 -1.70 4.08 -0.39
C LEU A 30 -2.72 5.15 -0.08
N GLY A 31 -2.28 6.39 -0.03
CA GLY A 31 -3.22 7.48 0.11
C GLY A 31 -4.21 7.49 -1.04
N MET A 32 -3.72 7.09 -2.22
CA MET A 32 -4.56 6.99 -3.41
C MET A 32 -5.60 5.88 -3.27
N MET A 33 -5.19 4.68 -2.86
CA MET A 33 -6.17 3.60 -2.75
C MET A 33 -7.11 3.79 -1.57
N LEU A 34 -6.55 4.18 -0.43
CA LEU A 34 -7.32 4.34 0.81
C LEU A 34 -8.28 5.53 0.79
N SER A 35 -7.82 6.68 0.32
CA SER A 35 -8.63 7.88 0.33
C SER A 35 -9.47 7.96 -0.92
N GLY A 36 -9.01 7.28 -1.94
CA GLY A 36 -9.59 7.43 -3.24
C GLY A 36 -8.65 8.18 -4.14
N GLN A 37 -9.08 8.46 -5.33
CA GLN A 37 -8.22 9.02 -6.36
C GLN A 37 -8.06 10.53 -6.17
N ASN A 38 -8.28 10.98 -4.93
CA ASN A 38 -8.17 12.39 -4.56
C ASN A 38 -6.71 12.82 -4.54
N TYR A 39 -6.15 13.00 -5.74
CA TYR A 39 -4.76 13.41 -5.92
C TYR A 39 -4.44 14.70 -5.17
N GLN A 40 -5.38 15.64 -5.17
CA GLN A 40 -5.18 16.89 -4.45
C GLN A 40 -4.82 16.64 -3.00
N LEU A 41 -5.54 15.72 -2.37
CA LEU A 41 -5.31 15.43 -0.98
C LEU A 41 -3.95 14.79 -0.76
N VAL A 42 -3.63 13.75 -1.53
CA VAL A 42 -2.37 13.04 -1.34
C VAL A 42 -1.20 13.94 -1.65
N SER A 43 -1.33 14.73 -2.69
CA SER A 43 -0.24 15.57 -3.11
C SER A 43 -0.03 16.67 -2.09
N GLY A 44 -1.12 17.17 -1.52
CA GLY A 44 -1.03 18.16 -0.48
C GLY A 44 -0.47 17.59 0.81
N ILE A 45 -0.84 16.35 1.11
CA ILE A 45 -0.38 15.69 2.33
C ILE A 45 1.10 15.32 2.20
N ILE A 46 1.47 14.66 1.10
CA ILE A 46 2.82 14.14 0.93
C ILE A 46 3.79 15.28 0.64
N ARG A 47 3.27 16.38 0.13
CA ARG A 47 4.08 17.54 -0.26
C ARG A 47 4.94 18.01 0.89
N GLY A 48 4.41 17.86 2.09
CA GLY A 48 5.14 18.25 3.27
C GLY A 48 6.02 17.13 3.75
N TYR A 49 5.85 15.95 3.17
CA TYR A 49 6.55 14.76 3.60
C TYR A 49 7.49 14.31 2.50
N LEU A 50 7.46 15.07 1.42
CA LEU A 50 8.31 14.82 0.28
C LEU A 50 9.76 15.08 0.69
N PRO A 51 10.67 14.11 0.41
CA PRO A 51 12.10 14.16 0.72
C PRO A 51 12.67 15.56 0.87
N GLY A 52 12.83 16.25 -0.25
CA GLY A 52 13.30 17.61 -0.21
C GLY A 52 12.53 18.45 -1.19
N GLN A 53 12.96 19.68 -1.43
CA GLN A 53 12.24 20.55 -2.35
C GLN A 53 12.28 19.99 -3.76
N ALA A 54 13.35 19.24 -4.07
CA ALA A 54 13.55 18.70 -5.40
C ALA A 54 12.47 17.66 -5.78
N VAL A 55 12.09 16.81 -4.83
CA VAL A 55 11.14 15.75 -5.12
C VAL A 55 9.74 16.34 -5.34
N VAL A 56 9.36 17.27 -4.48
CA VAL A 56 8.11 18.00 -4.64
C VAL A 56 8.14 18.85 -5.88
N THR A 57 9.33 19.31 -6.24
CA THR A 57 9.49 20.14 -7.39
C THR A 57 9.20 19.31 -8.60
N ALA A 58 9.88 18.18 -8.70
CA ALA A 58 9.72 17.26 -9.79
C ALA A 58 8.30 16.75 -9.85
N LEU A 59 7.69 16.59 -8.69
CA LEU A 59 6.34 16.10 -8.62
C LEU A 59 5.43 17.15 -9.22
N GLN A 60 5.60 18.35 -8.73
CA GLN A 60 4.88 19.51 -9.24
C GLN A 60 5.21 19.76 -10.71
N GLN A 61 6.43 19.46 -11.06
CA GLN A 61 6.96 19.70 -12.39
C GLN A 61 6.08 19.05 -13.44
N ARG A 62 5.75 17.78 -13.27
CA ARG A 62 4.85 17.15 -14.21
C ARG A 62 3.39 17.52 -13.96
N LEU A 63 3.04 17.89 -12.73
CA LEU A 63 1.67 18.30 -12.44
C LEU A 63 1.37 19.60 -13.15
N ASP A 64 2.42 20.37 -13.40
CA ASP A 64 2.30 21.59 -14.18
C ASP A 64 1.91 21.26 -15.60
N GLN A 65 2.47 20.17 -16.08
CA GLN A 65 2.19 19.67 -17.42
C GLN A 65 0.82 18.99 -17.48
N GLU A 66 0.38 18.46 -16.33
CA GLU A 66 -0.95 17.83 -16.13
C GLU A 66 -1.53 17.20 -17.41
N ILE A 67 -1.39 15.88 -17.54
CA ILE A 67 -1.88 15.16 -18.71
C ILE A 67 -3.39 15.36 -18.86
N ASP A 68 -4.05 15.44 -17.72
CA ASP A 68 -5.49 15.59 -17.64
C ASP A 68 -5.82 16.07 -16.23
N ASP A 69 -7.06 15.90 -15.82
CA ASP A 69 -7.40 16.08 -14.42
C ASP A 69 -7.07 14.82 -13.66
N GLN A 70 -7.85 13.77 -13.91
CA GLN A 70 -7.66 12.49 -13.25
C GLN A 70 -6.34 11.80 -13.61
N THR A 71 -5.77 12.09 -14.78
CA THR A 71 -4.56 11.37 -15.19
C THR A 71 -3.37 11.78 -14.36
N ARG A 72 -3.43 12.98 -13.77
CA ARG A 72 -2.42 13.39 -12.81
C ARG A 72 -2.34 12.31 -11.76
N ALA A 73 -3.50 12.02 -11.18
CA ALA A 73 -3.68 10.94 -10.21
C ALA A 73 -3.33 9.57 -10.77
N GLU A 74 -3.86 9.26 -11.95
CA GLU A 74 -3.69 7.94 -12.58
C GLU A 74 -2.24 7.52 -12.58
N THR A 75 -1.37 8.48 -12.82
CA THR A 75 0.04 8.20 -12.94
C THR A 75 0.84 8.97 -11.89
N PHE A 76 0.15 9.47 -10.86
CA PHE A 76 0.75 10.38 -9.87
C PHE A 76 2.02 9.78 -9.25
N ILE A 77 1.92 8.53 -8.84
CA ILE A 77 3.05 7.84 -8.21
C ILE A 77 4.08 7.39 -9.25
N GLN A 78 3.61 7.00 -10.43
CA GLN A 78 4.51 6.69 -11.53
C GLN A 78 5.36 7.90 -11.83
N HIS A 79 4.74 9.04 -11.67
CA HIS A 79 5.42 10.30 -11.85
C HIS A 79 6.32 10.60 -10.65
N LEU A 80 5.95 10.13 -9.45
CA LEU A 80 6.76 10.37 -8.24
C LEU A 80 8.05 9.59 -8.39
N ASN A 81 7.93 8.46 -9.02
CA ASN A 81 9.08 7.61 -9.31
C ASN A 81 9.90 8.25 -10.42
N ALA A 82 9.18 8.84 -11.35
CA ALA A 82 9.78 9.70 -12.36
C ALA A 82 10.55 10.83 -11.69
N VAL A 83 10.05 11.26 -10.54
CA VAL A 83 10.71 12.27 -9.74
C VAL A 83 12.02 11.70 -9.30
N TYR A 84 11.96 10.49 -8.75
CA TYR A 84 13.15 9.75 -8.33
C TYR A 84 14.16 9.68 -9.48
N GLU A 85 13.67 9.73 -10.70
CA GLU A 85 14.52 9.61 -11.87
C GLU A 85 15.11 10.97 -12.21
N ILE A 86 14.27 11.98 -12.09
CA ILE A 86 14.65 13.37 -12.29
C ILE A 86 15.80 13.80 -11.37
N LEU A 87 15.62 13.61 -10.07
CA LEU A 87 16.58 14.13 -9.09
C LEU A 87 17.55 13.07 -8.53
N GLY A 88 17.30 11.79 -8.79
CA GLY A 88 18.20 10.77 -8.28
C GLY A 88 17.76 10.17 -6.94
N LEU A 89 16.46 10.09 -6.68
CA LEU A 89 15.95 9.44 -5.46
C LEU A 89 15.73 7.96 -5.67
N ASN A 90 15.57 7.23 -4.58
CA ASN A 90 15.16 5.83 -4.63
C ASN A 90 13.70 5.69 -4.21
N ALA A 91 13.21 4.47 -4.16
CA ALA A 91 11.80 4.23 -3.85
C ALA A 91 11.44 4.62 -2.41
N ARG A 92 12.47 4.81 -1.57
CA ARG A 92 12.25 5.09 -0.16
C ARG A 92 12.10 6.59 0.08
N GLY A 93 12.22 7.37 -0.98
CA GLY A 93 12.19 8.81 -0.83
C GLY A 93 13.52 9.33 -0.35
N GLN A 94 14.53 8.48 -0.42
CA GLN A 94 15.89 8.85 -0.06
C GLN A 94 16.69 9.10 -1.34
N SER A 95 17.69 9.95 -1.25
CA SER A 95 18.50 10.26 -2.42
C SER A 95 19.66 9.31 -2.52
N ILE A 96 19.90 8.81 -3.72
CA ILE A 96 20.93 7.83 -3.95
C ILE A 96 22.13 8.44 -4.65
N ARG A 97 21.87 9.29 -5.64
CA ARG A 97 22.91 9.99 -6.40
C ARG A 97 24.08 9.06 -6.72
N LEU A 98 23.77 7.96 -7.39
CA LEU A 98 24.76 6.94 -7.69
C LEU A 98 24.24 6.04 -8.81
N GLU A 99 25.03 5.88 -9.85
CA GLU A 99 24.66 5.03 -10.97
C GLU A 99 25.89 4.34 -11.53
N ARG B 1 5.49 -6.83 17.97
CA ARG B 1 4.20 -6.61 18.67
C ARG B 1 3.07 -6.37 17.67
N THR B 2 3.21 -5.35 16.84
CA THR B 2 2.16 -4.98 15.89
C THR B 2 2.59 -3.83 14.98
N HIS B 3 3.15 -2.76 15.56
CA HIS B 3 3.44 -1.58 14.77
C HIS B 3 4.57 -0.75 15.38
N GLY B 4 5.21 0.05 14.54
CA GLY B 4 6.22 0.97 15.01
C GLY B 4 5.87 2.41 14.65
N THR B 5 6.14 2.79 13.41
CA THR B 5 5.84 4.14 12.96
C THR B 5 4.35 4.32 12.67
N PHE B 6 3.81 3.48 11.78
CA PHE B 6 2.38 3.53 11.44
C PHE B 6 1.56 3.02 12.64
N PRO B 7 0.55 3.79 13.06
CA PRO B 7 -0.34 3.46 14.20
C PRO B 7 -0.94 2.04 14.14
N MET B 8 -1.77 1.78 13.13
CA MET B 8 -2.25 0.42 12.86
C MET B 8 -3.10 -0.14 14.03
N HIS B 9 -3.98 0.72 14.58
CA HIS B 9 -4.78 0.38 15.77
C HIS B 9 -3.89 -0.18 16.87
N GLN B 10 -3.98 -1.47 17.09
CA GLN B 10 -3.09 -2.18 17.98
C GLN B 10 -2.74 -3.52 17.35
N LEU B 11 -2.98 -3.63 16.06
CA LEU B 11 -2.86 -4.90 15.37
C LEU B 11 -2.82 -4.72 13.84
N GLY B 12 -3.83 -4.05 13.28
CA GLY B 12 -3.92 -3.95 11.84
C GLY B 12 -4.99 -2.99 11.33
N ASN B 13 -4.91 -1.72 11.71
CA ASN B 13 -5.83 -0.70 11.18
C ASN B 13 -5.70 -0.63 9.67
N VAL B 14 -4.46 -0.72 9.22
CA VAL B 14 -4.19 -0.70 7.79
C VAL B 14 -5.00 -1.81 7.18
N ILE B 15 -4.92 -2.99 7.79
CA ILE B 15 -5.57 -4.13 7.21
C ILE B 15 -7.06 -3.96 7.00
N LYS B 16 -7.87 -3.56 8.00
CA LYS B 16 -9.32 -3.51 7.76
C LYS B 16 -9.67 -2.50 6.69
N GLY B 17 -9.14 -1.30 6.86
CA GLY B 17 -9.48 -0.24 5.97
C GLY B 17 -9.26 -0.66 4.53
N ILE B 18 -8.13 -1.30 4.31
CA ILE B 18 -7.74 -1.76 3.01
C ILE B 18 -8.57 -2.95 2.51
N VAL B 19 -9.01 -3.84 3.39
CA VAL B 19 -9.71 -5.02 2.88
C VAL B 19 -10.98 -4.56 2.19
N ASP B 20 -11.63 -3.57 2.78
CA ASP B 20 -12.80 -2.94 2.17
C ASP B 20 -12.46 -2.10 0.94
N GLN B 21 -11.32 -1.43 0.94
CA GLN B 21 -10.99 -0.48 -0.12
C GLN B 21 -10.28 -1.13 -1.30
N GLU B 22 -9.27 -1.93 -1.01
CA GLU B 22 -8.36 -2.45 -2.02
C GLU B 22 -8.36 -3.98 -2.04
N GLY B 23 -8.78 -4.57 -0.93
CA GLY B 23 -8.82 -6.01 -0.83
C GLY B 23 -7.74 -6.57 0.07
N VAL B 24 -7.94 -7.80 0.51
CA VAL B 24 -7.05 -8.47 1.45
C VAL B 24 -5.59 -8.49 1.03
N ALA B 25 -5.31 -8.81 -0.22
CA ALA B 25 -3.91 -8.88 -0.64
C ALA B 25 -3.19 -7.54 -0.53
N THR B 26 -3.89 -6.44 -0.72
CA THR B 26 -3.27 -5.13 -0.50
C THR B 26 -3.21 -4.81 0.98
N ALA B 27 -4.27 -5.13 1.71
CA ALA B 27 -4.28 -4.96 3.16
C ALA B 27 -3.15 -5.78 3.76
N TYR B 28 -2.94 -6.92 3.14
CA TYR B 28 -1.87 -7.82 3.47
C TYR B 28 -0.54 -7.19 3.15
N THR B 29 -0.42 -6.71 1.91
CA THR B 29 0.78 -6.05 1.44
C THR B 29 1.19 -4.88 2.32
N LEU B 30 0.23 -4.04 2.65
CA LEU B 30 0.52 -2.83 3.37
C LEU B 30 0.86 -3.17 4.82
N GLY B 31 0.17 -4.18 5.36
CA GLY B 31 0.53 -4.66 6.66
C GLY B 31 1.97 -5.14 6.69
N MET B 32 2.40 -5.70 5.56
CA MET B 32 3.78 -6.16 5.40
C MET B 32 4.76 -4.99 5.40
N MET B 33 4.51 -3.96 4.61
CA MET B 33 5.46 -2.84 4.57
C MET B 33 5.41 -2.01 5.86
N LEU B 34 4.22 -1.73 6.33
CA LEU B 34 4.02 -0.89 7.51
C LEU B 34 4.46 -1.55 8.82
N SER B 35 4.10 -2.80 9.02
CA SER B 35 4.41 -3.48 10.28
C SER B 35 5.79 -4.11 10.20
N GLY B 36 6.21 -4.37 8.99
CA GLY B 36 7.39 -5.14 8.77
C GLY B 36 7.03 -6.48 8.23
N GLN B 37 8.01 -7.34 8.07
CA GLN B 37 7.83 -8.61 7.40
C GLN B 37 7.21 -9.65 8.33
N ASN B 38 6.53 -9.15 9.35
CA ASN B 38 5.87 -9.99 10.35
C ASN B 38 4.63 -10.66 9.76
N TYR B 39 4.88 -11.68 8.94
CA TYR B 39 3.83 -12.43 8.26
C TYR B 39 2.81 -13.01 9.25
N GLN B 40 3.29 -13.46 10.40
CA GLN B 40 2.40 -14.00 11.43
C GLN B 40 1.32 -12.99 11.77
N LEU B 41 1.72 -11.74 11.94
CA LEU B 41 0.78 -10.71 12.32
C LEU B 41 -0.23 -10.42 11.22
N VAL B 42 0.26 -10.22 10.00
CA VAL B 42 -0.64 -9.90 8.90
C VAL B 42 -1.58 -11.05 8.61
N SER B 43 -1.04 -12.25 8.64
CA SER B 43 -1.84 -13.40 8.31
C SER B 43 -2.88 -13.63 9.38
N GLY B 44 -2.51 -13.37 10.62
CA GLY B 44 -3.46 -13.48 11.72
C GLY B 44 -4.52 -12.40 11.67
N ILE B 45 -4.10 -11.20 11.27
CA ILE B 45 -5.02 -10.06 11.19
C ILE B 45 -5.98 -10.23 10.01
N ILE B 46 -5.44 -10.52 8.82
CA ILE B 46 -6.23 -10.58 7.60
C ILE B 46 -7.08 -11.84 7.58
N ARG B 47 -6.65 -12.84 8.32
CA ARG B 47 -7.33 -14.15 8.37
C ARG B 47 -8.79 -14.00 8.73
N GLY B 48 -9.05 -13.00 9.55
CA GLY B 48 -10.41 -12.74 9.94
C GLY B 48 -11.10 -11.82 8.96
N TYR B 49 -10.33 -11.26 8.04
CA TYR B 49 -10.82 -10.28 7.09
C TYR B 49 -10.77 -10.87 5.70
N LEU B 50 -10.28 -12.11 5.65
CA LEU B 50 -10.19 -12.85 4.41
C LEU B 50 -11.60 -13.14 3.91
N PRO B 51 -11.87 -12.81 2.61
CA PRO B 51 -13.16 -13.02 1.94
C PRO B 51 -14.04 -14.10 2.55
N GLY B 52 -13.67 -15.35 2.32
CA GLY B 52 -14.38 -16.47 2.90
C GLY B 52 -13.42 -17.50 3.41
N GLN B 53 -13.90 -18.67 3.78
CA GLN B 53 -13.02 -19.70 4.31
C GLN B 53 -12.08 -20.19 3.22
N ALA B 54 -12.51 -20.08 1.97
CA ALA B 54 -11.73 -20.56 0.84
C ALA B 54 -10.44 -19.77 0.65
N VAL B 55 -10.50 -18.44 0.81
CA VAL B 55 -9.33 -17.60 0.59
C VAL B 55 -8.29 -17.83 1.68
N VAL B 56 -8.75 -17.89 2.93
CA VAL B 56 -7.88 -18.22 4.05
C VAL B 56 -7.37 -19.64 3.93
N THR B 57 -8.18 -20.49 3.32
CA THR B 57 -7.81 -21.87 3.16
C THR B 57 -6.67 -21.93 2.21
N ALA B 58 -6.85 -21.34 1.05
CA ALA B 58 -5.83 -21.28 0.03
C ALA B 58 -4.59 -20.60 0.53
N LEU B 59 -4.79 -19.61 1.38
CA LEU B 59 -3.68 -18.87 1.92
C LEU B 59 -2.89 -19.79 2.83
N GLN B 60 -3.60 -20.42 3.71
CA GLN B 60 -3.05 -21.42 4.61
C GLN B 60 -2.48 -22.59 3.84
N GLN B 61 -3.12 -22.90 2.74
CA GLN B 61 -2.80 -24.03 1.91
C GLN B 61 -1.33 -24.00 1.50
N ARG B 62 -0.86 -22.86 0.99
CA ARG B 62 0.55 -22.76 0.66
C ARG B 62 1.41 -22.52 1.90
N LEU B 63 0.86 -21.94 2.96
CA LEU B 63 1.61 -21.72 4.17
C LEU B 63 1.94 -23.05 4.82
N ASP B 64 1.10 -24.04 4.55
CA ASP B 64 1.35 -25.41 4.98
C ASP B 64 2.57 -25.96 4.29
N GLN B 65 2.71 -25.58 3.04
CA GLN B 65 3.85 -25.98 2.23
C GLN B 65 5.10 -25.18 2.60
N GLU B 66 4.88 -23.95 3.11
CA GLU B 66 5.93 -23.03 3.61
C GLU B 66 7.30 -23.22 2.93
N ILE B 67 7.59 -22.35 1.96
CA ILE B 67 8.86 -22.43 1.21
C ILE B 67 10.04 -22.31 2.16
N ASP B 68 9.84 -21.50 3.19
CA ASP B 68 10.85 -21.18 4.18
C ASP B 68 10.14 -20.59 5.38
N ASP B 69 10.88 -19.89 6.23
CA ASP B 69 10.25 -19.07 7.25
C ASP B 69 9.86 -17.74 6.63
N GLN B 70 10.87 -16.93 6.33
CA GLN B 70 10.66 -15.62 5.75
C GLN B 70 10.03 -15.66 4.35
N THR B 71 10.23 -16.75 3.60
CA THR B 71 9.74 -16.76 2.22
C THR B 71 8.23 -16.85 2.19
N ARG B 72 7.62 -17.36 3.26
CA ARG B 72 6.18 -17.31 3.39
C ARG B 72 5.76 -15.87 3.21
N ALA B 73 6.37 -15.01 4.00
CA ALA B 73 6.20 -13.56 3.92
C ALA B 73 6.61 -12.97 2.59
N GLU B 74 7.80 -13.35 2.11
CA GLU B 74 8.38 -12.81 0.88
C GLU B 74 7.37 -12.84 -0.27
N THR B 75 6.61 -13.92 -0.31
CA THR B 75 5.67 -14.14 -1.39
C THR B 75 4.25 -14.27 -0.86
N PHE B 76 4.03 -13.82 0.38
CA PHE B 76 2.77 -14.02 1.09
C PHE B 76 1.58 -13.51 0.26
N ILE B 77 1.71 -12.30 -0.26
CA ILE B 77 0.65 -11.69 -1.06
C ILE B 77 0.60 -12.25 -2.47
N GLN B 78 1.77 -12.57 -3.02
CA GLN B 78 1.83 -13.26 -4.30
C GLN B 78 1.04 -14.55 -4.20
N HIS B 79 1.14 -15.15 -3.05
CA HIS B 79 0.41 -16.36 -2.75
C HIS B 79 -1.07 -16.06 -2.51
N LEU B 80 -1.39 -14.87 -1.98
CA LEU B 80 -2.78 -14.48 -1.70
C LEU B 80 -3.49 -14.32 -3.04
N ASN B 81 -2.73 -13.84 -4.00
CA ASN B 81 -3.21 -13.69 -5.36
C ASN B 81 -3.33 -15.05 -6.01
N ALA B 82 -2.37 -15.89 -5.68
CA ALA B 82 -2.44 -17.31 -6.00
C ALA B 82 -3.72 -17.93 -5.42
N VAL B 83 -4.13 -17.40 -4.29
CA VAL B 83 -5.36 -17.81 -3.65
C VAL B 83 -6.49 -17.44 -4.57
N TYR B 84 -6.46 -16.19 -5.01
CA TYR B 84 -7.44 -15.67 -5.98
C TYR B 84 -7.50 -16.59 -7.20
N GLU B 85 -6.40 -17.27 -7.49
CA GLU B 85 -6.32 -18.12 -8.67
C GLU B 85 -6.91 -19.49 -8.34
N ILE B 86 -6.60 -19.94 -7.15
CA ILE B 86 -7.10 -21.19 -6.61
C ILE B 86 -8.64 -21.22 -6.57
N LEU B 87 -9.24 -20.23 -5.92
CA LEU B 87 -10.69 -20.23 -5.70
C LEU B 87 -11.50 -19.33 -6.66
N GLY B 88 -10.83 -18.49 -7.43
CA GLY B 88 -11.56 -17.64 -8.34
C GLY B 88 -11.89 -16.24 -7.79
N LEU B 89 -11.03 -15.70 -6.93
CA LEU B 89 -11.22 -14.34 -6.40
C LEU B 89 -10.54 -13.32 -7.30
N ASN B 90 -10.90 -12.05 -7.11
CA ASN B 90 -10.20 -10.95 -7.77
C ASN B 90 -9.31 -10.23 -6.76
N ALA B 91 -8.66 -9.16 -7.20
CA ALA B 91 -7.71 -8.43 -6.35
C ALA B 91 -8.41 -7.75 -5.18
N ARG B 92 -9.73 -7.62 -5.26
CA ARG B 92 -10.49 -6.89 -4.24
C ARG B 92 -10.89 -7.81 -3.10
N GLY B 93 -10.53 -9.08 -3.21
CA GLY B 93 -10.96 -10.05 -2.22
C GLY B 93 -12.40 -10.48 -2.46
N GLN B 94 -12.91 -10.12 -3.63
CA GLN B 94 -14.24 -10.51 -4.04
C GLN B 94 -14.15 -11.69 -5.00
N SER B 95 -15.18 -12.52 -5.02
CA SER B 95 -15.17 -13.68 -5.90
C SER B 95 -15.76 -13.32 -7.25
N ILE B 96 -15.10 -13.76 -8.30
CA ILE B 96 -15.50 -13.42 -9.65
C ILE B 96 -16.15 -14.62 -10.33
N ARG B 97 -15.57 -15.80 -10.14
CA ARG B 97 -16.09 -17.05 -10.71
C ARG B 97 -16.55 -16.86 -12.16
N LEU B 98 -15.63 -16.39 -13.00
CA LEU B 98 -15.95 -16.05 -14.38
C LEU B 98 -14.66 -15.94 -15.18
N GLU B 99 -14.60 -16.68 -16.28
CA GLU B 99 -13.43 -16.67 -17.15
C GLU B 99 -13.87 -16.83 -18.60
#